data_1EA0
#
_entry.id   1EA0
#
_cell.length_a   233.612
_cell.length_b   233.612
_cell.length_c   305.089
_cell.angle_alpha   90.00
_cell.angle_beta   90.00
_cell.angle_gamma   120.00
#
_symmetry.space_group_name_H-M   'P 31 2 1'
#
loop_
_entity.id
_entity.type
_entity.pdbx_description
1 polymer 'GLUTAMATE SYNTHASE [NADPH] LARGE CHAIN'
2 non-polymer S-DIOXYMETHIONINE
3 non-polymer 'FLAVIN MONONUCLEOTIDE'
4 non-polymer '2-OXOGLUTARIC ACID'
5 non-polymer 'FE3-S4 CLUSTER'
#
_entity_poly.entity_id   1
_entity_poly.type   'polypeptide(L)'
_entity_poly.pdbx_seq_one_letter_code
;CGVGFIAAIDGKPRRSVVEKGIEALKAVWHRGAVDADGKTGDGAGIHVAVPQKFFKDHVKVIGHRAPDNKLAVGQVFLPR
ISLDAQEACRCIVETEILAFGYYIYGWRQVPINVDIIGEKANATRPEIEQIIVGNNKGVSDEQFELDLYIIRRRIEKAVK
GEQINDFYICSLSARSIIYKGMFLAEQLTTFYPDLLDERFESDFAIYHQRYSTNTFPTWPLAQPFRMLAHNGEINTVKGN
VNWMKAHETRMEHPAFGTHMQDLKPVIGVGLSDSGSLDTVFEVMVRAGRTAPMVKMMLVPQALTSSQTTPDNHKALIQYC
NSVMEPWDGPAALAMTDGRWVVGGMDRNGLRPMRYTITTDGLIIGGSETGMVKIDETQVIEKGRLGPGEMIAVDLQSGKL
YRDRELKDHLATLKPWDKWVQNTTHLDELVKTASLKGEPSDMDKAELRRRQQAFGLTMEDMELILHPMVEDGKEAIGSMG
DDSPIAVLSDKYRGLHHFFRQNFSQVTNPPIDSLRERRVMSLKTRLGNLGNILDEDETQTRLLQLESPVLTTAEFRAMRD
YMGDTAAEIDATFPVDGGPEALRDALRRIRQETEDAVRGGATHVILTDEAMGPARAAIPAILATGAVHTHLIRSNLRTFT
SLNVRTAEGLDTHYFAVLIGVGATTVNAYLAQEAIAERHRRGLFGSMPLEKGMANYKKAIDDGLLKIMSKMGISVISSYR
GGGNFEAIGLSRALVAEHFPAMVSRISGIGLNGIQKKVLEQHATAYNEEVVALPVGGFYRFRKSGDRHGWEGGVIHTLQQ
AVTNDSYTTFKKYSEQVNKRPPMQLRDLLELRSTKAPVPVDEVESITAIRKRFITPGMSMGALSPEAHGTLNVAMNRIGA
KSDSGEGGEDPARFRPDKNGDNWNSAIKQVASGRFGVTAEYLNQCRELEIKVAQGAKPGEGGQLPGFKVTEMIARLRHST
PGVMLISPPPHHDIYSIEDLAQLIYDLKQINPDAKVTVKLVSRSGIGTIAAGVAKANADIILISGNSGGTGASPQTSIKF
AGLPWEMGLSEVHQVLTLNRLRHRVRLRTDGGLKTGRDIVIAAMLGAEEFGIGTASLIAMGCIMVRQCHSNTCPVGVCVQ
DDKLRQKFVGTPEKVVNLFTFLAEEVREILAGLGFRSLNEVIGRTDLLHQVSRGAEHLDDLDLNPRLAQVDPGENARYCT
LQGRNEVPDTLDARIVADARPLFEEGEKMQLAYNARNTQRAIGTRLSSMVTRKFGMFGLQPGHITIRLRGTAGQSLGAFA
VQGIKLEVMGDANDYVGKGLSGGTIVVRPTTSSPLETNKNTIIGNTVLYGATAGKLFAAGQAGERFAVRNSGATVVVEGC
GSNGCEYMTGGTAVILGRVGDNFAAGMTGGMAYVYDLDDSLPLYINDESVIFQRIEVGHYESQLKHLIEEHVTETQSRFA
AEILNDWAREVTKFWQVVPKEMLNRLEVPVHLPKAISAE
;
_entity_poly.pdbx_strand_id   A,B
#
# COMPACT_ATOMS: atom_id res chain seq x y z
N CYS A 1 26.42 4.04 3.65
CA CYS A 1 25.77 4.92 4.69
C CYS A 1 26.64 6.05 5.23
N GLY A 2 25.98 7.08 5.77
CA GLY A 2 26.68 8.16 6.43
C GLY A 2 25.77 9.25 6.95
N VAL A 3 26.21 10.08 7.90
CA VAL A 3 25.48 11.31 8.16
C VAL A 3 26.64 12.20 8.09
N GLY A 4 26.34 13.48 7.86
CA GLY A 4 27.31 14.54 7.67
C GLY A 4 26.55 15.83 7.94
N PHE A 5 27.29 16.91 8.13
CA PHE A 5 26.67 18.24 8.30
C PHE A 5 27.72 19.21 8.04
N ILE A 6 27.26 20.35 7.55
CA ILE A 6 28.16 21.45 7.28
C ILE A 6 27.51 22.71 7.72
N ALA A 7 28.31 23.66 8.22
CA ALA A 7 27.73 24.93 8.69
C ALA A 7 28.68 26.08 8.57
N ALA A 8 28.15 27.23 8.18
CA ALA A 8 29.00 28.41 8.11
C ALA A 8 29.02 28.98 9.51
N ILE A 9 30.22 29.04 10.07
CA ILE A 9 30.25 29.42 11.47
C ILE A 9 29.66 30.82 11.61
N ASP A 10 29.98 31.68 10.64
CA ASP A 10 29.36 33.01 10.73
C ASP A 10 27.86 33.21 10.55
N GLY A 11 27.07 32.22 10.11
CA GLY A 11 25.61 32.36 9.96
C GLY A 11 25.16 32.76 8.57
N LYS A 12 26.10 33.26 7.79
CA LYS A 12 25.77 33.79 6.52
C LYS A 12 25.83 32.80 5.38
N PRO A 13 24.70 32.70 4.68
CA PRO A 13 24.43 31.76 3.58
C PRO A 13 25.44 31.77 2.53
N ARG A 14 25.63 30.64 1.87
CA ARG A 14 26.60 30.50 0.81
C ARG A 14 26.17 29.33 -0.04
N ARG A 15 26.68 29.32 -1.26
CA ARG A 15 26.40 28.21 -2.12
C ARG A 15 27.39 27.11 -1.70
N SER A 16 28.67 27.41 -1.48
CA SER A 16 29.54 26.26 -1.15
C SER A 16 28.99 25.27 -0.08
N VAL A 17 28.24 25.79 0.90
CA VAL A 17 27.68 24.93 1.91
C VAL A 17 26.87 23.85 1.22
N VAL A 18 26.09 24.18 0.20
CA VAL A 18 25.39 23.13 -0.48
C VAL A 18 26.39 22.42 -1.37
N GLU A 19 27.12 23.14 -2.20
CA GLU A 19 28.00 22.33 -3.00
C GLU A 19 28.83 21.36 -2.13
N LYS A 20 29.24 21.76 -0.93
CA LYS A 20 30.02 20.79 -0.17
C LYS A 20 29.11 19.60 0.16
N GLY A 21 27.94 19.90 0.71
CA GLY A 21 26.92 18.90 1.01
C GLY A 21 26.82 17.91 -0.16
N ILE A 22 26.60 18.36 -1.38
CA ILE A 22 26.71 17.32 -2.37
C ILE A 22 28.07 16.60 -2.22
N GLU A 23 29.14 17.34 -2.48
CA GLU A 23 30.47 16.75 -2.50
C GLU A 23 30.60 15.51 -1.60
N ALA A 24 30.22 15.64 -0.32
CA ALA A 24 30.15 14.56 0.63
C ALA A 24 29.44 13.36 0.02
N LEU A 25 28.12 13.48 -0.05
CA LEU A 25 27.27 12.46 -0.63
C LEU A 25 27.93 11.80 -1.84
N LYS A 26 28.96 12.38 -2.40
CA LYS A 26 29.56 11.62 -3.47
C LYS A 26 30.64 10.69 -2.98
N ALA A 27 30.92 10.76 -1.70
CA ALA A 27 31.96 9.89 -1.21
C ALA A 27 31.50 9.07 0.00
N VAL A 28 30.54 8.17 -0.22
CA VAL A 28 30.11 7.27 0.83
C VAL A 28 29.73 5.98 0.12
N TRP A 29 29.81 5.93 -1.20
CA TRP A 29 29.27 4.70 -1.74
C TRP A 29 30.12 3.54 -1.44
N HIS A 30 31.41 3.76 -1.23
CA HIS A 30 32.23 2.62 -0.88
C HIS A 30 31.61 1.93 0.33
N ARG A 31 30.64 2.49 1.05
CA ARG A 31 30.11 1.85 2.27
C ARG A 31 28.75 1.21 2.05
N GLY A 32 28.38 0.86 0.83
CA GLY A 32 27.01 0.39 0.68
C GLY A 32 26.86 -0.78 -0.27
N ALA A 33 25.64 -1.29 -0.39
CA ALA A 33 25.41 -2.40 -1.32
C ALA A 33 25.25 -1.84 -2.72
N VAL A 34 26.19 -2.20 -3.58
CA VAL A 34 26.09 -1.70 -4.93
C VAL A 34 25.18 -2.67 -5.64
N ASP A 35 24.27 -2.19 -6.46
CA ASP A 35 23.54 -3.17 -7.23
C ASP A 35 24.26 -3.42 -8.49
N ALA A 36 23.99 -4.61 -9.01
CA ALA A 36 24.54 -4.91 -10.31
C ALA A 36 23.71 -4.02 -11.24
N ASP A 37 22.55 -3.59 -10.74
CA ASP A 37 21.60 -2.78 -11.52
C ASP A 37 22.08 -1.37 -11.80
N GLY A 38 23.08 -0.90 -11.05
CA GLY A 38 23.70 0.40 -11.26
C GLY A 38 22.94 1.60 -10.70
N LYS A 39 21.70 1.34 -10.31
CA LYS A 39 20.85 2.43 -9.93
C LYS A 39 20.34 2.34 -8.54
N THR A 40 20.03 1.14 -8.13
CA THR A 40 19.27 1.03 -6.89
C THR A 40 20.00 1.23 -5.57
N GLY A 41 19.47 2.07 -4.69
CA GLY A 41 20.11 2.29 -3.41
C GLY A 41 19.04 2.45 -2.38
N ASP A 42 19.41 2.45 -1.10
CA ASP A 42 18.37 2.51 -0.07
C ASP A 42 17.80 3.89 0.27
N GLY A 43 18.56 4.96 0.05
CA GLY A 43 17.96 6.25 0.36
C GLY A 43 19.02 7.29 0.64
N ALA A 44 18.83 8.53 0.18
CA ALA A 44 19.78 9.60 0.41
C ALA A 44 18.96 10.86 0.48
N GLY A 45 19.53 11.94 0.97
CA GLY A 45 18.77 13.10 1.35
C GLY A 45 19.71 14.25 1.64
N ILE A 46 19.25 15.49 1.51
CA ILE A 46 20.11 16.62 1.88
C ILE A 46 19.09 17.56 2.36
N HIS A 47 19.35 18.12 3.54
CA HIS A 47 18.39 19.02 4.22
C HIS A 47 19.06 20.37 4.21
N VAL A 48 18.64 21.29 3.31
CA VAL A 48 19.17 22.67 3.28
C VAL A 48 18.11 23.73 3.48
N ALA A 49 18.55 24.98 3.54
CA ALA A 49 17.54 26.05 3.72
C ALA A 49 16.75 26.35 2.42
N VAL A 50 15.44 26.57 2.60
CA VAL A 50 14.58 26.93 1.47
C VAL A 50 15.29 28.13 0.79
N PRO A 51 15.64 28.12 -0.48
CA PRO A 51 16.43 29.22 -1.03
C PRO A 51 15.53 30.37 -1.57
N GLN A 52 15.29 31.40 -0.75
CA GLN A 52 14.33 32.40 -1.19
C GLN A 52 14.55 33.10 -2.55
N LYS A 53 15.78 33.26 -3.05
CA LYS A 53 15.87 33.84 -4.41
C LYS A 53 15.09 32.84 -5.29
N PHE A 54 15.80 31.80 -5.70
CA PHE A 54 15.16 30.68 -6.38
C PHE A 54 13.65 30.57 -6.21
N PHE A 55 13.14 30.47 -4.99
CA PHE A 55 11.68 30.39 -4.95
C PHE A 55 10.96 31.64 -5.34
N LYS A 56 11.22 32.73 -4.63
CA LYS A 56 10.61 34.02 -4.97
C LYS A 56 10.60 34.31 -6.51
N ASP A 57 11.77 34.29 -7.14
CA ASP A 57 11.78 34.43 -8.58
C ASP A 57 10.62 33.59 -9.06
N HIS A 58 10.69 32.29 -8.82
CA HIS A 58 9.63 31.45 -9.32
C HIS A 58 8.27 32.13 -9.20
N VAL A 59 7.92 32.61 -8.03
CA VAL A 59 6.60 33.20 -7.90
C VAL A 59 6.50 34.44 -8.81
N LYS A 60 7.64 35.09 -8.99
CA LYS A 60 7.67 36.26 -9.85
C LYS A 60 7.39 35.83 -11.27
N VAL A 61 8.15 34.86 -11.76
CA VAL A 61 7.97 34.45 -13.14
C VAL A 61 6.56 34.10 -13.54
N ILE A 62 5.75 33.72 -12.60
CA ILE A 62 4.39 33.47 -12.96
C ILE A 62 3.74 34.82 -12.92
N GLY A 63 4.44 35.80 -12.35
CA GLY A 63 3.87 37.14 -12.32
C GLY A 63 3.10 37.52 -11.08
N HIS A 64 3.69 37.19 -9.95
CA HIS A 64 3.15 37.64 -8.69
C HIS A 64 4.30 38.54 -8.32
N ARG A 65 4.15 39.19 -7.18
CA ARG A 65 5.22 40.02 -6.65
C ARG A 65 5.86 39.32 -5.45
N ALA A 66 7.18 39.35 -5.36
CA ALA A 66 7.78 38.62 -4.27
C ALA A 66 7.48 39.30 -2.96
N PRO A 67 7.07 38.56 -1.95
CA PRO A 67 6.79 39.17 -0.67
C PRO A 67 8.09 39.62 -0.06
N ASP A 68 7.97 40.37 1.01
CA ASP A 68 9.16 40.85 1.69
C ASP A 68 9.64 39.75 2.60
N ASN A 69 8.71 39.02 3.25
CA ASN A 69 9.14 37.97 4.10
C ASN A 69 9.75 36.79 3.39
N LYS A 70 9.78 35.71 4.17
CA LYS A 70 10.29 34.46 3.67
C LYS A 70 9.01 33.83 3.24
N LEU A 71 9.20 33.01 2.22
CA LEU A 71 8.16 32.32 1.49
C LEU A 71 8.31 30.86 1.89
N ALA A 72 7.22 30.18 2.29
CA ALA A 72 7.33 28.76 2.66
C ALA A 72 7.26 27.77 1.48
N VAL A 73 7.76 26.56 1.67
CA VAL A 73 7.47 25.48 0.75
C VAL A 73 7.10 24.17 1.49
N GLY A 74 6.10 23.47 0.99
CA GLY A 74 5.79 22.11 1.40
C GLY A 74 6.48 21.20 0.35
N GLN A 75 7.16 20.12 0.75
CA GLN A 75 7.79 19.22 -0.21
C GLN A 75 7.00 17.95 -0.02
N VAL A 76 6.32 17.50 -1.06
CA VAL A 76 5.36 16.49 -0.76
C VAL A 76 5.30 15.28 -1.67
N PHE A 77 5.20 14.09 -1.09
CA PHE A 77 5.12 12.90 -1.92
C PHE A 77 3.65 12.53 -2.00
N LEU A 78 3.05 12.67 -3.18
CA LEU A 78 1.67 12.27 -3.34
C LEU A 78 1.61 10.85 -3.90
N PRO A 79 0.46 10.23 -3.71
CA PRO A 79 0.20 8.91 -4.27
C PRO A 79 0.48 9.16 -5.73
N ARG A 80 1.04 8.22 -6.46
CA ARG A 80 1.35 8.56 -7.82
C ARG A 80 0.59 7.74 -8.77
N ILE A 81 -0.15 6.78 -8.27
CA ILE A 81 -0.84 5.98 -9.23
C ILE A 81 -2.33 6.22 -9.28
N SER A 82 -2.92 6.75 -8.22
CA SER A 82 -4.34 7.03 -8.22
C SER A 82 -4.57 8.52 -8.25
N LEU A 83 -4.84 9.07 -9.43
CA LEU A 83 -5.09 10.47 -9.51
C LEU A 83 -6.19 10.77 -8.49
N ASP A 84 -7.23 9.94 -8.45
CA ASP A 84 -8.27 10.23 -7.50
C ASP A 84 -7.68 10.58 -6.17
N ALA A 85 -6.65 9.87 -5.74
CA ALA A 85 -6.12 10.20 -4.44
C ALA A 85 -5.25 11.45 -4.48
N GLN A 86 -4.43 11.64 -5.52
CA GLN A 86 -3.64 12.84 -5.44
C GLN A 86 -4.49 14.07 -5.07
N GLU A 87 -5.64 14.19 -5.71
CA GLU A 87 -6.54 15.27 -5.36
C GLU A 87 -6.87 15.37 -3.89
N ALA A 88 -7.53 14.31 -3.39
CA ALA A 88 -7.97 14.28 -2.01
C ALA A 88 -6.81 14.82 -1.25
N CYS A 89 -5.64 14.36 -1.66
CA CYS A 89 -4.46 14.78 -1.03
C CYS A 89 -4.35 16.25 -1.18
N ARG A 90 -4.28 16.77 -2.39
CA ARG A 90 -4.23 18.25 -2.47
C ARG A 90 -5.36 19.11 -1.92
N CYS A 91 -6.56 18.59 -1.90
CA CYS A 91 -7.55 19.39 -1.25
C CYS A 91 -7.15 19.47 0.17
N ILE A 92 -6.76 18.34 0.74
CA ILE A 92 -6.47 18.38 2.17
C ILE A 92 -5.29 19.30 2.37
N VAL A 93 -4.27 19.10 1.55
CA VAL A 93 -3.16 19.93 1.83
C VAL A 93 -3.63 21.38 1.82
N GLU A 94 -4.44 21.76 0.83
CA GLU A 94 -4.83 23.18 0.73
C GLU A 94 -5.77 23.56 1.90
N THR A 95 -6.88 22.86 2.04
CA THR A 95 -7.71 23.21 3.15
C THR A 95 -6.91 23.59 4.40
N GLU A 96 -6.25 22.63 5.02
CA GLU A 96 -5.39 22.95 6.14
C GLU A 96 -4.50 24.22 6.03
N ILE A 97 -3.70 24.40 4.99
CA ILE A 97 -2.97 25.66 5.00
C ILE A 97 -3.97 26.82 4.97
N LEU A 98 -5.12 26.57 4.35
CA LEU A 98 -6.08 27.63 4.30
C LEU A 98 -6.69 28.00 5.57
N ALA A 99 -7.08 27.09 6.43
CA ALA A 99 -7.75 27.70 7.60
C ALA A 99 -6.81 28.42 8.49
N PHE A 100 -5.52 28.44 8.20
CA PHE A 100 -4.73 29.26 9.09
C PHE A 100 -4.68 30.56 8.39
N GLY A 101 -5.46 30.65 7.32
CA GLY A 101 -5.52 31.82 6.47
C GLY A 101 -4.22 32.27 5.84
N TYR A 102 -3.25 31.41 5.67
CA TYR A 102 -2.07 31.89 5.01
C TYR A 102 -2.43 31.88 3.54
N TYR A 103 -1.41 31.99 2.70
CA TYR A 103 -1.66 32.18 1.29
C TYR A 103 -1.02 31.21 0.33
N ILE A 104 -1.78 30.73 -0.64
CA ILE A 104 -1.18 29.85 -1.62
C ILE A 104 -0.77 30.36 -3.00
N TYR A 105 0.47 30.64 -3.28
CA TYR A 105 0.82 30.91 -4.68
C TYR A 105 0.63 29.64 -5.51
N GLY A 106 0.58 28.43 -4.91
CA GLY A 106 0.38 27.16 -5.63
C GLY A 106 1.43 26.14 -6.07
N TRP A 107 0.97 25.02 -6.62
CA TRP A 107 1.88 23.92 -6.88
C TRP A 107 3.07 23.99 -7.86
N ARG A 108 4.09 23.16 -7.73
CA ARG A 108 5.22 23.15 -8.67
C ARG A 108 5.75 21.74 -8.81
N GLN A 109 5.59 21.07 -9.95
CA GLN A 109 6.10 19.72 -10.10
C GLN A 109 7.60 19.76 -10.02
N VAL A 110 8.19 18.96 -9.13
CA VAL A 110 9.62 19.16 -9.08
C VAL A 110 10.38 18.56 -10.25
N PRO A 111 11.30 19.23 -10.91
CA PRO A 111 11.98 18.52 -12.00
C PRO A 111 12.70 17.35 -11.36
N ILE A 112 12.89 16.23 -12.07
CA ILE A 112 13.60 15.06 -11.54
C ILE A 112 13.95 14.26 -12.74
N ASN A 113 14.94 13.41 -12.66
CA ASN A 113 15.16 12.58 -13.82
C ASN A 113 15.00 11.10 -13.45
N VAL A 114 13.87 10.49 -13.72
CA VAL A 114 13.77 9.12 -13.25
C VAL A 114 14.61 8.17 -14.02
N ASP A 115 15.48 8.56 -14.93
CA ASP A 115 16.28 7.51 -15.53
C ASP A 115 17.22 6.91 -14.54
N ILE A 116 17.70 7.66 -13.56
CA ILE A 116 18.65 6.96 -12.71
C ILE A 116 18.00 6.17 -11.60
N ILE A 117 16.76 5.82 -11.75
CA ILE A 117 16.22 5.06 -10.69
C ILE A 117 16.01 3.61 -11.12
N GLY A 118 15.97 2.68 -10.20
CA GLY A 118 15.79 1.29 -10.60
C GLY A 118 14.32 1.01 -10.58
N GLU A 119 13.88 -0.11 -11.15
CA GLU A 119 12.45 -0.27 -11.19
C GLU A 119 11.78 -0.47 -9.86
N LYS A 120 12.37 -1.34 -9.07
CA LYS A 120 11.94 -1.54 -7.72
C LYS A 120 11.52 -0.17 -7.20
N ALA A 121 12.42 0.79 -7.34
CA ALA A 121 12.14 2.12 -6.85
C ALA A 121 11.20 2.94 -7.67
N ASN A 122 11.34 2.98 -9.00
CA ASN A 122 10.38 3.77 -9.76
C ASN A 122 8.98 3.25 -9.46
N ALA A 123 8.92 2.05 -8.91
CA ALA A 123 7.65 1.41 -8.70
C ALA A 123 6.92 2.07 -7.60
N THR A 124 7.71 2.40 -6.60
CA THR A 124 7.12 2.95 -5.39
C THR A 124 7.38 4.40 -5.33
N ARG A 125 7.94 4.95 -6.40
CA ARG A 125 8.11 6.40 -6.49
C ARG A 125 6.81 7.16 -6.31
N PRO A 126 6.73 8.10 -5.40
CA PRO A 126 5.53 8.90 -5.25
C PRO A 126 5.58 9.99 -6.32
N GLU A 127 4.59 10.88 -6.38
CA GLU A 127 4.64 12.01 -7.30
C GLU A 127 5.12 13.21 -6.52
N ILE A 128 6.36 13.66 -6.77
CA ILE A 128 6.98 14.70 -5.94
C ILE A 128 6.50 16.07 -6.37
N GLU A 129 5.94 16.86 -5.46
CA GLU A 129 5.42 18.21 -5.82
C GLU A 129 5.62 19.21 -4.69
N GLN A 130 5.96 20.44 -5.07
CA GLN A 130 6.10 21.50 -4.11
C GLN A 130 4.84 22.34 -4.02
N ILE A 131 4.53 22.87 -2.85
CA ILE A 131 3.41 23.81 -2.82
C ILE A 131 3.97 25.04 -2.13
N ILE A 132 3.74 26.24 -2.69
CA ILE A 132 4.34 27.44 -2.13
C ILE A 132 3.44 28.32 -1.32
N VAL A 133 3.83 28.56 -0.06
CA VAL A 133 2.94 29.35 0.79
C VAL A 133 3.54 30.67 1.19
N GLY A 134 2.69 31.65 1.50
CA GLY A 134 3.15 32.99 1.83
C GLY A 134 2.60 33.45 3.15
N ASN A 135 3.37 34.28 3.83
CA ASN A 135 3.00 34.64 5.19
C ASN A 135 2.21 35.94 5.13
N ASN A 136 1.09 35.86 4.44
CA ASN A 136 0.25 37.00 4.28
C ASN A 136 -0.05 37.55 5.66
N LYS A 137 -0.19 36.73 6.69
CA LYS A 137 -0.54 37.23 8.01
C LYS A 137 0.57 38.04 8.69
N GLY A 138 1.69 38.18 8.02
CA GLY A 138 2.78 38.95 8.58
C GLY A 138 3.25 38.50 9.94
N VAL A 139 3.30 37.21 10.19
CA VAL A 139 3.81 36.75 11.46
C VAL A 139 5.32 36.60 11.45
N SER A 140 5.87 36.13 12.58
CA SER A 140 7.32 36.05 12.72
C SER A 140 7.92 34.72 12.38
N ASP A 141 9.17 34.77 11.92
CA ASP A 141 9.86 33.52 11.64
C ASP A 141 9.40 32.43 12.60
N GLU A 142 9.71 32.56 13.88
CA GLU A 142 9.16 31.62 14.83
C GLU A 142 7.66 31.34 14.69
N GLN A 143 6.81 32.28 14.33
CA GLN A 143 5.42 31.83 14.31
C GLN A 143 5.03 31.03 13.08
N PHE A 144 5.83 31.29 12.06
CA PHE A 144 5.47 30.66 10.81
C PHE A 144 5.69 29.15 10.95
N GLU A 145 6.90 28.75 11.33
CA GLU A 145 7.15 27.33 11.53
C GLU A 145 6.18 26.80 12.58
N LEU A 146 6.02 27.49 13.68
CA LEU A 146 5.08 26.89 14.58
C LEU A 146 3.78 26.54 13.85
N ASP A 147 3.24 27.49 13.10
CA ASP A 147 1.90 27.27 12.54
C ASP A 147 1.89 26.16 11.50
N LEU A 148 2.84 26.30 10.59
CA LEU A 148 3.10 25.32 9.58
C LEU A 148 3.11 23.94 10.27
N TYR A 149 3.84 23.80 11.40
CA TYR A 149 3.91 22.55 12.17
C TYR A 149 2.49 22.23 12.49
N ILE A 150 1.79 22.99 13.29
CA ILE A 150 0.45 22.44 13.49
C ILE A 150 -0.30 22.08 12.18
N ILE A 151 0.07 22.72 11.07
CA ILE A 151 -0.70 22.43 9.88
C ILE A 151 -0.32 21.02 9.39
N ARG A 152 0.98 20.79 9.25
CA ARG A 152 1.43 19.53 8.72
C ARG A 152 0.86 18.37 9.48
N ARG A 153 0.69 18.56 10.79
CA ARG A 153 0.17 17.46 11.55
C ARG A 153 -1.26 17.29 11.21
N ARG A 154 -1.90 18.43 10.96
CA ARG A 154 -3.35 18.41 10.71
C ARG A 154 -3.66 17.66 9.45
N ILE A 155 -2.75 17.80 8.50
CA ILE A 155 -2.90 17.22 7.21
C ILE A 155 -2.73 15.74 7.42
N GLU A 156 -1.49 15.43 7.81
CA GLU A 156 -0.90 14.13 8.21
C GLU A 156 -2.12 13.43 8.85
N LYS A 157 -2.78 14.07 9.79
CA LYS A 157 -3.87 13.38 10.43
C LYS A 157 -5.07 13.06 9.57
N ALA A 158 -5.43 14.00 8.72
CA ALA A 158 -6.67 13.87 7.93
C ALA A 158 -6.48 12.83 6.82
N VAL A 159 -5.34 12.93 6.15
CA VAL A 159 -5.02 11.95 5.16
C VAL A 159 -5.20 10.60 5.88
N LYS A 160 -4.75 10.55 7.12
CA LYS A 160 -4.87 9.27 7.75
C LYS A 160 -6.35 8.97 7.91
N GLY A 161 -7.10 9.84 8.53
CA GLY A 161 -8.49 9.44 8.62
C GLY A 161 -9.15 9.01 7.30
N GLU A 162 -8.67 9.55 6.20
CA GLU A 162 -9.27 9.28 4.90
C GLU A 162 -8.90 7.89 4.46
N GLN A 163 -7.88 7.39 5.11
CA GLN A 163 -7.23 6.14 4.77
C GLN A 163 -6.46 6.33 3.48
N ILE A 164 -5.70 7.40 3.41
CA ILE A 164 -4.91 7.48 2.22
C ILE A 164 -3.48 7.04 2.33
N ASN A 165 -3.12 6.11 1.47
CA ASN A 165 -1.75 5.62 1.42
C ASN A 165 -0.76 6.40 0.58
N ASP A 166 0.50 6.39 0.96
CA ASP A 166 1.56 6.99 0.19
C ASP A 166 1.67 8.46 0.14
N PHE A 167 1.15 9.14 1.15
CA PHE A 167 1.12 10.58 1.11
C PHE A 167 2.22 10.94 2.05
N TYR A 168 2.94 12.01 1.89
CA TYR A 168 3.97 12.19 2.87
C TYR A 168 4.59 13.54 2.66
N ILE A 169 4.72 14.31 3.71
CA ILE A 169 5.32 15.60 3.50
C ILE A 169 6.76 15.64 4.00
N CYS A 170 7.78 15.46 3.16
CA CYS A 170 9.13 15.55 3.67
C CYS A 170 9.27 16.81 4.50
N SER A 171 9.28 17.99 3.91
CA SER A 171 9.41 19.20 4.70
C SER A 171 8.32 20.20 4.34
N LEU A 172 8.13 21.21 5.17
CA LEU A 172 7.10 22.19 4.95
C LEU A 172 7.36 23.32 5.95
N SER A 173 8.37 24.13 5.65
CA SER A 173 8.72 25.25 6.51
C SER A 173 9.16 26.45 5.66
N ALA A 174 9.32 27.61 6.28
CA ALA A 174 10.04 28.57 5.48
C ALA A 174 11.55 28.60 5.81
N ARG A 175 12.00 27.75 6.73
CA ARG A 175 13.47 27.76 6.86
C ARG A 175 14.19 26.68 6.12
N SER A 176 13.58 25.51 6.14
CA SER A 176 14.35 24.39 5.67
C SER A 176 13.54 23.66 4.67
N ILE A 177 14.21 22.91 3.82
CA ILE A 177 13.45 22.09 2.90
C ILE A 177 14.26 20.82 2.70
N ILE A 178 13.60 19.69 2.52
CA ILE A 178 14.40 18.49 2.32
C ILE A 178 14.34 17.80 0.96
N TYR A 179 15.49 17.51 0.38
CA TYR A 179 15.43 16.80 -0.89
C TYR A 179 15.96 15.42 -0.67
N LYS A 180 15.14 14.46 -0.26
CA LYS A 180 15.58 13.06 -0.02
C LYS A 180 14.79 12.21 -1.03
N GLY A 181 15.31 11.01 -1.28
CA GLY A 181 14.65 10.02 -2.13
C GLY A 181 15.42 8.72 -2.27
N MET A 182 14.81 7.74 -2.89
CA MET A 182 15.48 6.49 -3.02
C MET A 182 16.50 6.37 -4.08
N PHE A 183 17.58 7.12 -4.12
CA PHE A 183 18.47 6.94 -5.28
C PHE A 183 19.92 7.03 -4.79
N LEU A 184 20.91 6.47 -5.47
CA LEU A 184 22.29 6.58 -5.00
C LEU A 184 22.71 8.00 -4.62
N ALA A 185 23.30 8.18 -3.43
CA ALA A 185 23.69 9.54 -3.02
C ALA A 185 24.57 10.18 -4.09
N GLU A 186 25.55 9.51 -4.62
CA GLU A 186 26.37 10.13 -5.65
C GLU A 186 25.41 10.69 -6.68
N GLN A 187 24.19 10.20 -6.83
CA GLN A 187 23.38 10.83 -7.88
C GLN A 187 22.24 11.72 -7.43
N LEU A 188 22.38 12.41 -6.31
CA LEU A 188 21.25 13.16 -5.76
C LEU A 188 20.98 14.25 -6.79
N THR A 189 22.09 14.85 -7.20
CA THR A 189 22.07 16.00 -8.08
C THR A 189 21.43 15.70 -9.41
N THR A 190 21.62 14.46 -9.86
CA THR A 190 21.01 13.98 -11.09
C THR A 190 19.54 13.75 -10.90
N PHE A 191 19.13 13.13 -9.83
CA PHE A 191 17.70 12.94 -9.76
C PHE A 191 16.94 14.23 -9.49
N TYR A 192 17.64 15.24 -9.02
CA TYR A 192 17.01 16.49 -8.64
C TYR A 192 17.95 17.60 -9.08
N PRO A 193 17.72 18.22 -10.23
CA PRO A 193 18.62 19.28 -10.68
C PRO A 193 18.48 20.62 -9.92
N ASP A 194 17.30 20.94 -9.37
CA ASP A 194 17.22 22.21 -8.63
C ASP A 194 18.55 22.41 -7.89
N LEU A 195 19.05 21.35 -7.27
CA LEU A 195 20.20 21.43 -6.40
C LEU A 195 21.39 21.98 -7.13
N LEU A 196 21.45 21.70 -8.40
CA LEU A 196 22.55 22.28 -9.10
C LEU A 196 22.41 23.80 -9.46
N ASP A 197 21.35 24.44 -9.04
CA ASP A 197 21.17 25.86 -9.38
C ASP A 197 21.94 26.79 -8.45
N GLU A 198 22.60 27.85 -8.95
CA GLU A 198 23.30 28.71 -7.99
C GLU A 198 22.43 29.44 -7.03
N ARG A 199 21.18 29.63 -7.35
CA ARG A 199 20.41 30.20 -6.27
C ARG A 199 20.28 29.36 -4.97
N PHE A 200 20.67 28.07 -5.01
CA PHE A 200 20.56 27.22 -3.80
C PHE A 200 21.80 27.57 -2.98
N GLU A 201 21.57 28.34 -1.91
CA GLU A 201 22.62 28.85 -1.03
C GLU A 201 22.15 28.59 0.35
N SER A 202 23.06 28.53 1.34
CA SER A 202 22.61 28.13 2.69
C SER A 202 23.64 28.22 3.75
N ASP A 203 23.21 28.67 4.93
CA ASP A 203 24.13 28.63 6.05
C ASP A 203 24.37 27.19 6.59
N PHE A 204 23.59 26.17 6.19
CA PHE A 204 23.89 24.85 6.71
C PHE A 204 23.43 23.73 5.85
N ALA A 205 23.93 22.53 6.15
CA ALA A 205 23.65 21.30 5.42
C ALA A 205 23.48 20.02 6.32
N ILE A 206 22.75 19.01 5.88
CA ILE A 206 22.73 17.80 6.66
C ILE A 206 22.48 16.72 5.67
N TYR A 207 23.48 15.92 5.33
CA TYR A 207 23.18 14.84 4.42
C TYR A 207 23.06 13.50 5.12
N HIS A 208 22.73 12.42 4.39
CA HIS A 208 22.53 11.05 4.92
C HIS A 208 22.08 10.02 3.90
N GLN A 209 22.90 9.00 3.69
CA GLN A 209 22.56 7.83 2.88
C GLN A 209 22.18 6.78 3.93
N ARG A 210 21.54 5.66 3.59
CA ARG A 210 21.14 4.68 4.60
C ARG A 210 21.19 3.28 4.03
N TYR A 211 21.22 2.25 4.88
CA TYR A 211 21.36 0.85 4.42
C TYR A 211 20.14 0.16 4.87
N SER A 212 20.01 -1.09 4.48
CA SER A 212 18.90 -1.75 5.10
C SER A 212 18.94 -3.21 4.94
N THR A 213 18.10 -3.78 5.80
CA THR A 213 17.76 -5.17 5.93
C THR A 213 16.69 -5.52 4.84
N ASN A 214 16.79 -4.86 3.68
CA ASN A 214 15.75 -4.98 2.68
C ASN A 214 16.22 -4.85 1.27
N THR A 215 15.26 -5.17 0.41
CA THR A 215 15.33 -5.03 -1.05
C THR A 215 14.26 -4.01 -1.47
N PHE A 216 13.23 -3.88 -0.65
CA PHE A 216 12.15 -2.92 -0.79
C PHE A 216 12.52 -1.48 -0.40
N PRO A 217 12.22 -0.56 -1.31
CA PRO A 217 12.49 0.86 -1.06
C PRO A 217 11.25 1.65 -0.65
N THR A 218 11.06 2.08 0.60
CA THR A 218 10.00 3.07 0.83
C THR A 218 10.58 4.50 0.72
N TRP A 219 9.88 5.45 0.09
CA TRP A 219 10.49 6.80 -0.02
C TRP A 219 10.51 7.65 1.23
N PRO A 220 9.40 7.76 1.91
CA PRO A 220 9.38 8.52 3.15
C PRO A 220 10.48 8.03 4.12
N LEU A 221 10.73 6.73 4.24
CA LEU A 221 11.84 6.32 5.13
C LEU A 221 13.25 6.76 4.74
N ALA A 222 13.51 7.46 3.63
CA ALA A 222 14.87 7.96 3.53
C ALA A 222 14.94 9.22 4.38
N GLN A 223 16.13 9.49 4.91
CA GLN A 223 16.40 10.64 5.77
C GLN A 223 17.07 11.63 4.86
N PRO A 224 17.42 12.83 5.31
CA PRO A 224 17.24 13.34 6.66
C PRO A 224 15.83 13.51 6.99
N PHE A 225 15.49 13.33 8.26
CA PHE A 225 14.18 13.68 8.73
C PHE A 225 14.11 15.21 8.93
N ARG A 226 12.99 15.65 9.51
CA ARG A 226 12.71 17.05 9.62
C ARG A 226 13.61 17.86 10.46
N MET A 227 14.11 17.29 11.56
CA MET A 227 15.09 18.01 12.37
C MET A 227 16.37 17.21 12.44
N LEU A 228 16.23 15.91 12.22
CA LEU A 228 17.25 14.91 12.50
C LEU A 228 17.90 14.09 11.41
N ALA A 229 19.12 13.66 11.64
CA ALA A 229 19.60 12.60 10.75
C ALA A 229 20.44 11.63 11.61
N HIS A 230 20.18 10.35 11.46
CA HIS A 230 20.77 9.39 12.32
C HIS A 230 21.53 8.29 11.64
N ASN A 231 22.78 8.05 12.05
CA ASN A 231 23.55 6.85 11.66
C ASN A 231 23.54 5.98 12.87
N GLY A 232 23.13 4.72 12.72
CA GLY A 232 23.06 3.83 13.83
C GLY A 232 21.71 3.17 13.87
N GLU A 233 21.24 3.00 15.09
CA GLU A 233 20.01 2.26 15.36
C GLU A 233 19.61 2.52 16.82
N ILE A 234 18.34 2.44 17.15
CA ILE A 234 18.04 2.79 18.50
C ILE A 234 17.40 1.61 19.09
N ASN A 235 18.21 0.81 19.78
CA ASN A 235 17.76 -0.48 20.26
C ASN A 235 16.71 -0.35 21.32
N THR A 236 16.52 0.86 21.77
CA THR A 236 15.66 0.99 22.91
C THR A 236 14.28 1.49 22.54
N VAL A 237 14.07 1.38 21.25
CA VAL A 237 12.88 1.90 20.63
C VAL A 237 11.54 1.38 21.14
N LYS A 238 11.33 0.11 21.36
CA LYS A 238 9.92 -0.15 21.70
C LYS A 238 9.72 0.44 23.06
N GLY A 239 10.83 0.75 23.69
CA GLY A 239 10.75 1.12 25.09
C GLY A 239 10.21 2.51 25.12
N ASN A 240 10.94 3.32 24.37
CA ASN A 240 10.60 4.67 24.09
C ASN A 240 9.19 4.74 23.58
N VAL A 241 8.91 3.99 22.54
CA VAL A 241 7.61 4.14 21.97
C VAL A 241 6.49 3.96 22.95
N ASN A 242 6.61 2.98 23.85
CA ASN A 242 5.45 2.78 24.71
C ASN A 242 5.46 3.83 25.76
N TRP A 243 6.63 4.33 26.15
CA TRP A 243 6.61 5.38 27.16
C TRP A 243 5.83 6.55 26.63
N MET A 244 6.04 6.86 25.36
CA MET A 244 5.34 8.04 24.87
C MET A 244 3.86 7.82 24.97
N LYS A 245 3.40 6.62 24.69
CA LYS A 245 1.99 6.46 24.95
C LYS A 245 1.62 7.00 26.33
N ALA A 246 2.55 7.30 27.22
CA ALA A 246 1.99 7.82 28.47
C ALA A 246 2.49 9.22 28.62
N HIS A 247 3.74 9.41 28.26
CA HIS A 247 4.25 10.73 28.32
C HIS A 247 3.23 11.67 27.81
N GLU A 248 2.53 11.21 26.78
CA GLU A 248 1.56 11.99 26.02
C GLU A 248 0.33 12.22 26.86
N THR A 249 -0.08 11.22 27.58
CA THR A 249 -1.24 11.40 28.42
C THR A 249 -1.22 12.74 29.17
N ARG A 250 -0.11 13.45 29.16
CA ARG A 250 -0.06 14.62 30.02
C ARG A 250 0.57 15.76 29.36
N MET A 251 1.18 15.50 28.21
CA MET A 251 1.86 16.59 27.53
C MET A 251 0.88 17.65 27.11
N GLU A 252 1.25 18.86 27.50
CA GLU A 252 0.40 20.00 27.27
C GLU A 252 1.32 21.16 27.35
N HIS A 253 1.26 22.05 26.39
CA HIS A 253 2.09 23.20 26.50
C HIS A 253 1.23 24.23 25.85
N PRO A 254 1.52 25.47 26.14
CA PRO A 254 0.68 26.57 25.70
C PRO A 254 0.96 26.98 24.23
N ALA A 255 2.14 26.74 23.69
CA ALA A 255 2.39 27.14 22.33
C ALA A 255 1.46 26.49 21.32
N PHE A 256 0.92 25.33 21.61
CA PHE A 256 0.10 24.69 20.60
C PHE A 256 -1.31 25.14 20.80
N GLY A 257 -1.47 25.99 21.79
CA GLY A 257 -2.82 26.44 22.03
C GLY A 257 -3.76 25.28 22.16
N THR A 258 -4.88 25.38 21.47
CA THR A 258 -5.90 24.35 21.53
C THR A 258 -5.57 23.17 20.68
N HIS A 259 -4.44 23.27 20.01
CA HIS A 259 -4.05 22.23 19.11
C HIS A 259 -3.58 20.86 19.62
N MET A 260 -3.03 20.83 20.82
CA MET A 260 -2.47 19.58 21.29
C MET A 260 -3.15 18.33 20.73
N GLN A 261 -4.45 18.15 20.90
CA GLN A 261 -4.92 16.86 20.46
C GLN A 261 -4.61 16.46 19.06
N ASP A 262 -4.41 17.42 18.18
CA ASP A 262 -4.17 17.10 16.81
C ASP A 262 -2.75 16.73 16.89
N LEU A 263 -2.13 17.14 17.95
CA LEU A 263 -0.72 16.91 18.07
C LEU A 263 -0.33 15.45 18.35
N LYS A 264 -1.28 14.64 18.82
CA LYS A 264 -1.04 13.26 19.25
C LYS A 264 -1.75 12.28 18.34
N PRO A 265 -1.26 11.05 18.21
CA PRO A 265 -0.04 10.54 18.85
C PRO A 265 1.19 11.08 18.17
N VAL A 266 2.18 11.55 18.90
CA VAL A 266 3.35 12.05 18.25
C VAL A 266 4.03 11.00 17.41
N ILE A 267 3.70 9.73 17.57
CA ILE A 267 4.37 8.72 16.75
C ILE A 267 3.43 7.86 15.90
N GLY A 268 3.30 8.20 14.62
CA GLY A 268 2.39 7.45 13.76
C GLY A 268 2.94 6.11 13.31
N VAL A 269 2.05 5.27 12.80
CA VAL A 269 2.53 4.00 12.27
C VAL A 269 3.44 4.00 11.05
N GLY A 270 4.32 3.03 10.92
CA GLY A 270 5.14 2.95 9.74
C GLY A 270 6.44 3.72 9.79
N LEU A 271 6.82 4.24 10.95
CA LEU A 271 8.08 4.97 11.02
C LEU A 271 9.26 4.07 11.30
N SER A 272 10.40 4.48 10.78
CA SER A 272 11.63 3.78 11.00
C SER A 272 12.04 4.28 12.40
N ASP A 273 13.04 3.66 13.02
CA ASP A 273 13.41 4.09 14.38
C ASP A 273 13.75 5.58 14.41
N SER A 274 14.61 6.02 13.49
CA SER A 274 15.04 7.39 13.49
C SER A 274 13.87 8.26 13.20
N GLY A 275 13.00 7.78 12.35
CA GLY A 275 11.88 8.58 12.01
C GLY A 275 11.18 8.87 13.32
N SER A 276 10.98 7.87 14.16
CA SER A 276 10.21 8.13 15.39
C SER A 276 10.93 9.09 16.28
N LEU A 277 12.27 9.06 16.22
CA LEU A 277 13.02 9.94 17.08
C LEU A 277 12.68 11.37 16.66
N ASP A 278 12.85 11.67 15.37
CA ASP A 278 12.64 13.00 14.80
C ASP A 278 11.28 13.43 15.20
N THR A 279 10.38 12.48 15.21
CA THR A 279 9.09 12.87 15.65
C THR A 279 9.07 13.47 17.03
N VAL A 280 9.82 12.91 17.95
CA VAL A 280 9.69 13.41 19.30
C VAL A 280 10.52 14.65 19.39
N PHE A 281 11.74 14.53 18.92
CA PHE A 281 12.63 15.66 18.96
C PHE A 281 11.89 16.93 18.51
N GLU A 282 11.14 16.80 17.43
CA GLU A 282 10.36 17.93 16.88
C GLU A 282 9.38 18.56 17.85
N VAL A 283 8.55 17.74 18.49
CA VAL A 283 7.53 18.40 19.28
C VAL A 283 8.25 19.20 20.32
N MET A 284 9.20 18.55 20.95
CA MET A 284 9.92 19.20 21.99
C MET A 284 10.45 20.54 21.45
N VAL A 285 11.28 20.53 20.41
CA VAL A 285 11.71 21.82 19.87
C VAL A 285 10.54 22.76 19.49
N ARG A 286 9.50 22.25 18.85
CA ARG A 286 8.42 23.16 18.55
C ARG A 286 7.88 23.77 19.82
N ALA A 287 8.11 23.19 20.98
CA ALA A 287 7.52 23.84 22.14
C ALA A 287 8.45 24.78 22.89
N GLY A 288 9.60 25.03 22.30
CA GLY A 288 10.47 25.91 23.02
C GLY A 288 11.90 25.40 23.24
N ARG A 289 12.17 24.11 23.35
CA ARG A 289 13.53 23.74 23.67
C ARG A 289 14.43 23.86 22.47
N THR A 290 15.62 24.41 22.64
CA THR A 290 16.70 24.49 21.70
C THR A 290 17.02 23.09 21.20
N ALA A 291 17.92 23.05 20.22
CA ALA A 291 18.33 21.75 19.71
C ALA A 291 19.13 21.03 20.76
N PRO A 292 20.24 21.64 21.20
CA PRO A 292 21.13 21.04 22.19
C PRO A 292 20.36 20.65 23.42
N MET A 293 19.46 21.46 23.93
CA MET A 293 18.77 20.86 25.08
C MET A 293 18.13 19.52 24.74
N VAL A 294 17.61 19.38 23.53
CA VAL A 294 16.85 18.19 23.24
C VAL A 294 17.78 16.99 23.04
N LYS A 295 18.89 17.21 22.34
CA LYS A 295 19.79 16.10 22.20
C LYS A 295 19.96 15.49 23.58
N MET A 296 20.20 16.35 24.57
CA MET A 296 20.33 15.91 25.93
C MET A 296 19.11 15.31 26.52
N MET A 297 18.02 16.01 26.59
CA MET A 297 16.94 15.26 27.19
C MET A 297 16.73 13.88 26.55
N LEU A 298 17.10 13.68 25.29
CA LEU A 298 16.81 12.38 24.69
C LEU A 298 17.95 11.42 24.47
N VAL A 299 19.14 11.93 24.33
CA VAL A 299 20.29 11.11 24.13
C VAL A 299 21.36 11.77 25.00
N PRO A 300 21.15 11.60 26.30
CA PRO A 300 21.91 12.28 27.36
C PRO A 300 23.14 11.53 27.39
N GLN A 301 24.18 12.05 28.01
CA GLN A 301 25.44 11.37 28.06
C GLN A 301 25.38 10.58 29.33
N ALA A 302 26.33 9.67 29.52
CA ALA A 302 26.28 8.91 30.77
C ALA A 302 26.81 9.75 31.87
N LEU A 303 26.06 9.72 32.95
CA LEU A 303 26.46 10.36 34.18
C LEU A 303 27.45 9.48 34.94
N THR A 304 28.67 9.26 34.45
CA THR A 304 29.54 8.43 35.29
C THR A 304 29.69 9.28 36.56
N THR A 308 35.48 13.60 36.34
CA THR A 308 35.65 13.87 34.92
C THR A 308 34.63 14.93 34.55
N THR A 309 33.58 14.99 35.33
CA THR A 309 32.44 15.85 35.04
C THR A 309 32.22 17.04 35.95
N PRO A 310 32.29 18.26 35.42
CA PRO A 310 31.99 19.45 36.20
C PRO A 310 30.66 19.23 36.91
N ASP A 311 30.31 20.05 37.88
CA ASP A 311 29.06 19.76 38.59
C ASP A 311 27.81 20.32 37.97
N ASN A 312 27.95 21.40 37.18
CA ASN A 312 26.83 22.01 36.44
C ASN A 312 26.21 20.91 35.60
N HIS A 313 27.00 20.47 34.62
CA HIS A 313 26.63 19.35 33.77
C HIS A 313 25.88 18.25 34.50
N LYS A 314 26.48 17.71 35.56
CA LYS A 314 25.85 16.61 36.31
C LYS A 314 24.43 16.93 36.72
N ALA A 315 24.21 18.19 37.10
CA ALA A 315 22.89 18.64 37.55
C ALA A 315 21.92 18.38 36.41
N LEU A 316 22.25 19.06 35.33
CA LEU A 316 21.49 19.03 34.11
C LEU A 316 21.20 17.59 33.81
N ILE A 317 22.25 16.82 33.59
CA ILE A 317 22.03 15.44 33.22
C ILE A 317 20.96 14.84 34.08
N GLN A 318 21.17 14.88 35.38
CA GLN A 318 20.25 14.35 36.36
C GLN A 318 18.83 14.87 36.13
N TYR A 319 18.75 16.12 35.67
CA TYR A 319 17.46 16.74 35.39
C TYR A 319 16.81 15.95 34.28
N CYS A 320 17.49 15.91 33.14
CA CYS A 320 16.95 15.25 32.00
C CYS A 320 16.48 13.89 32.40
N ASN A 321 17.44 13.07 32.83
CA ASN A 321 17.21 11.67 33.16
C ASN A 321 15.94 11.47 33.94
N SER A 322 15.54 12.51 34.64
CA SER A 322 14.33 12.45 35.46
C SER A 322 13.08 12.77 34.64
N VAL A 323 13.26 13.57 33.59
CA VAL A 323 12.12 13.90 32.73
C VAL A 323 11.81 12.83 31.70
N MET A 324 12.84 12.45 30.93
CA MET A 324 12.73 11.60 29.76
C MET A 324 13.68 10.40 29.74
N GLU A 325 13.23 9.19 29.38
CA GLU A 325 14.16 8.07 29.45
C GLU A 325 14.78 7.95 28.15
N PRO A 326 16.08 7.80 28.12
CA PRO A 326 16.85 7.86 26.89
C PRO A 326 16.39 6.97 25.76
N TRP A 327 16.96 7.36 24.63
CA TRP A 327 16.75 6.75 23.36
C TRP A 327 18.13 6.18 23.03
N ASP A 328 18.36 4.93 23.42
CA ASP A 328 19.70 4.37 23.30
C ASP A 328 19.95 3.55 22.03
N GLY A 329 21.22 3.36 21.66
CA GLY A 329 21.59 2.62 20.48
C GLY A 329 22.75 3.36 19.85
N PRO A 330 23.56 2.71 19.01
CA PRO A 330 24.66 3.47 18.45
C PRO A 330 23.97 4.62 17.75
N ALA A 331 24.54 5.80 17.83
CA ALA A 331 23.97 6.93 17.14
C ALA A 331 24.88 8.13 16.89
N ALA A 332 25.35 8.27 15.66
CA ALA A 332 25.85 9.56 15.16
C ALA A 332 24.58 10.37 14.78
N LEU A 333 24.40 11.59 15.29
CA LEU A 333 23.24 12.39 14.90
C LEU A 333 23.69 13.72 14.33
N ALA A 334 22.93 14.22 13.34
CA ALA A 334 23.08 15.54 12.75
C ALA A 334 21.66 16.14 12.91
N MET A 335 21.68 17.27 13.61
CA MET A 335 20.48 17.92 14.10
C MET A 335 20.39 19.41 13.83
N THR A 336 19.15 19.91 13.82
CA THR A 336 18.96 21.34 13.84
C THR A 336 17.53 21.73 14.02
N ASP A 337 17.29 22.59 15.00
CA ASP A 337 15.98 23.25 15.28
C ASP A 337 16.29 24.42 14.41
N GLY A 338 15.47 25.43 14.37
CA GLY A 338 15.82 26.33 13.30
C GLY A 338 17.20 26.96 13.23
N ARG A 339 17.78 27.17 14.40
CA ARG A 339 18.92 28.06 14.55
C ARG A 339 20.27 27.49 14.79
N TRP A 340 20.23 26.43 15.57
CA TRP A 340 21.46 25.77 15.92
C TRP A 340 21.58 24.63 14.96
N VAL A 341 22.82 24.16 14.83
CA VAL A 341 23.11 23.01 14.02
C VAL A 341 23.95 22.11 14.92
N VAL A 342 23.51 20.87 15.20
CA VAL A 342 24.31 20.02 16.06
C VAL A 342 24.76 18.62 15.65
N GLY A 343 26.02 18.30 15.94
CA GLY A 343 26.54 16.95 15.73
C GLY A 343 26.55 16.32 17.12
N GLY A 344 25.97 15.12 17.31
CA GLY A 344 25.91 14.47 18.62
C GLY A 344 26.25 12.97 18.71
N MET A 345 26.56 12.48 19.91
CA MET A 345 26.85 11.09 20.01
C MET A 345 26.02 10.32 20.97
N ASP A 346 26.04 9.02 20.84
CA ASP A 346 25.21 8.26 21.76
C ASP A 346 26.05 8.10 23.05
N ARG A 347 25.50 7.52 24.10
CA ARG A 347 26.30 7.48 25.29
C ARG A 347 27.46 6.56 25.29
N ASN A 348 27.71 5.81 24.21
CA ASN A 348 28.83 4.89 24.18
C ASN A 348 29.70 5.12 22.99
N GLY A 349 29.63 6.31 22.39
CA GLY A 349 30.45 6.55 21.22
C GLY A 349 30.48 5.35 20.27
N LEU A 350 29.28 4.88 19.91
CA LEU A 350 29.16 3.69 19.12
C LEU A 350 29.39 3.82 17.63
N ARG A 351 29.41 5.05 17.09
CA ARG A 351 29.56 5.35 15.64
C ARG A 351 30.55 6.44 15.37
N PRO A 352 31.29 6.36 14.27
CA PRO A 352 32.34 7.36 13.98
C PRO A 352 31.73 8.74 13.79
N MET A 353 32.53 9.79 13.93
CA MET A 353 32.02 11.10 13.59
C MET A 353 33.13 12.13 13.56
N ARG A 354 34.03 12.07 12.59
CA ARG A 354 35.04 13.09 12.52
C ARG A 354 34.48 14.45 12.10
N TYR A 355 35.33 15.49 12.22
CA TYR A 355 35.05 16.81 11.70
C TYR A 355 36.28 17.72 11.50
N THR A 356 36.20 18.63 10.54
CA THR A 356 37.23 19.59 10.22
C THR A 356 36.72 21.07 10.31
N ILE A 357 37.59 21.98 10.77
CA ILE A 357 37.21 23.39 10.82
C ILE A 357 38.18 24.16 9.94
N THR A 358 37.64 25.05 9.13
CA THR A 358 38.46 25.71 8.10
C THR A 358 38.79 27.15 8.28
N THR A 359 39.69 27.66 7.45
CA THR A 359 40.00 29.07 7.64
C THR A 359 38.77 29.87 7.16
N ASP A 360 38.12 29.40 6.10
CA ASP A 360 36.89 30.00 5.56
C ASP A 360 35.68 29.92 6.50
N GLY A 361 35.84 29.45 7.72
CA GLY A 361 34.74 29.63 8.66
C GLY A 361 33.52 28.74 8.54
N LEU A 362 33.87 27.48 8.24
CA LEU A 362 32.93 26.42 8.02
C LEU A 362 33.31 25.26 8.88
N ILE A 363 32.34 24.49 9.34
CA ILE A 363 32.62 23.21 10.01
C ILE A 363 31.99 22.06 9.16
N ILE A 364 32.77 21.06 8.78
CA ILE A 364 32.14 19.97 8.06
C ILE A 364 32.05 18.68 8.90
N GLY A 365 30.86 18.31 9.36
CA GLY A 365 30.62 17.10 10.14
C GLY A 365 30.66 15.84 9.26
N GLY A 366 31.22 14.74 9.77
CA GLY A 366 31.33 13.56 8.94
C GLY A 366 31.34 12.21 9.63
N SER A 367 31.21 11.14 8.86
CA SER A 367 31.14 9.78 9.41
C SER A 367 32.52 9.20 9.14
N GLU A 368 32.99 9.42 7.92
CA GLU A 368 34.40 9.22 7.67
C GLU A 368 34.90 10.62 7.48
N THR A 369 36.15 10.81 7.04
CA THR A 369 36.84 12.09 7.04
C THR A 369 37.25 12.46 5.62
N GLY A 370 37.95 11.64 4.85
CA GLY A 370 38.21 12.16 3.48
C GLY A 370 37.09 12.61 2.51
N MET A 371 35.91 12.75 3.09
CA MET A 371 34.63 12.90 2.49
C MET A 371 34.48 14.13 1.71
N VAL A 372 35.38 15.11 1.81
CA VAL A 372 35.17 16.36 0.97
C VAL A 372 36.43 17.18 0.92
N LYS A 373 37.06 17.37 -0.23
CA LYS A 373 38.32 18.11 -0.31
C LYS A 373 38.43 19.42 0.43
N ILE A 374 39.56 19.62 1.08
CA ILE A 374 39.85 20.82 1.85
C ILE A 374 41.36 20.85 1.83
N ASP A 375 41.94 22.02 1.62
CA ASP A 375 43.38 22.10 1.57
C ASP A 375 43.90 22.14 2.98
N GLU A 376 44.93 21.32 3.25
CA GLU A 376 45.45 21.14 4.57
C GLU A 376 45.68 22.54 5.06
N THR A 377 46.35 23.28 4.19
CA THR A 377 46.65 24.65 4.43
C THR A 377 45.58 25.44 5.10
N GLN A 378 44.32 25.08 4.96
CA GLN A 378 43.30 25.96 5.54
C GLN A 378 42.59 25.28 6.66
N VAL A 379 43.22 24.22 7.12
CA VAL A 379 42.58 23.51 8.23
C VAL A 379 42.96 24.16 9.53
N ILE A 380 41.99 24.60 10.29
CA ILE A 380 42.42 25.09 11.58
C ILE A 380 42.32 24.02 12.65
N GLU A 381 41.46 23.02 12.49
CA GLU A 381 41.32 21.96 13.49
C GLU A 381 40.75 20.66 12.88
N LYS A 382 40.95 19.53 13.55
CA LYS A 382 40.51 18.24 13.02
C LYS A 382 40.12 17.43 14.25
N GLY A 383 38.82 17.42 14.55
CA GLY A 383 38.27 16.82 15.73
C GLY A 383 37.49 15.56 15.43
N ARG A 384 36.62 15.27 16.40
CA ARG A 384 35.77 14.09 16.39
C ARG A 384 34.81 14.18 17.55
N LEU A 385 33.80 13.31 17.67
CA LEU A 385 32.97 13.35 18.90
C LEU A 385 33.31 12.08 19.67
N GLY A 386 33.20 12.09 20.98
CA GLY A 386 33.50 10.91 21.76
C GLY A 386 32.17 10.61 22.35
N PRO A 387 32.06 9.61 23.20
CA PRO A 387 30.74 9.25 23.71
C PRO A 387 30.06 10.46 24.27
N GLY A 388 28.78 10.64 23.99
CA GLY A 388 28.09 11.72 24.64
C GLY A 388 28.35 13.14 24.19
N GLU A 389 29.49 13.40 23.57
CA GLU A 389 29.70 14.79 23.22
C GLU A 389 28.82 15.36 22.12
N MET A 390 28.74 16.68 22.08
CA MET A 390 28.19 17.38 20.94
C MET A 390 29.17 18.46 20.47
N ILE A 391 28.88 19.05 19.33
CA ILE A 391 29.65 20.19 18.86
C ILE A 391 28.55 20.92 18.19
N ALA A 392 28.60 22.25 18.16
CA ALA A 392 27.49 23.00 17.57
C ALA A 392 27.77 24.40 17.04
N VAL A 393 26.77 24.93 16.36
CA VAL A 393 26.83 26.29 15.91
C VAL A 393 25.53 27.01 16.13
N ASP A 394 25.66 28.17 16.74
CA ASP A 394 24.51 29.03 16.82
C ASP A 394 24.67 29.99 15.66
N LEU A 395 23.94 29.67 14.61
CA LEU A 395 23.80 30.46 13.41
C LEU A 395 23.27 31.88 13.65
N GLN A 396 22.39 32.10 14.61
CA GLN A 396 22.03 33.49 14.80
C GLN A 396 23.21 34.32 15.20
N SER A 397 24.10 33.82 16.05
CA SER A 397 25.21 34.62 16.50
C SER A 397 26.46 34.23 15.81
N GLY A 398 26.34 33.29 14.89
CA GLY A 398 27.54 32.83 14.20
C GLY A 398 28.66 32.59 15.20
N LYS A 399 28.40 31.79 16.25
CA LYS A 399 29.39 31.31 17.20
C LYS A 399 29.49 29.77 17.22
N LEU A 400 30.70 29.22 17.23
CA LEU A 400 30.89 27.78 17.36
C LEU A 400 31.04 27.33 18.82
N TYR A 401 30.38 26.28 19.27
CA TYR A 401 30.60 25.81 20.63
C TYR A 401 31.08 24.38 20.60
N ARG A 402 32.25 24.10 21.19
CA ARG A 402 32.70 22.73 21.32
C ARG A 402 31.94 22.11 22.50
N ASP A 403 32.17 20.83 22.77
CA ASP A 403 31.37 20.20 23.82
C ASP A 403 31.28 20.93 25.18
N ARG A 404 32.45 21.12 25.79
CA ARG A 404 32.51 21.70 27.13
C ARG A 404 31.71 22.98 27.13
N GLU A 405 32.22 23.93 26.35
CA GLU A 405 31.61 25.23 26.20
C GLU A 405 30.12 25.13 25.87
N LEU A 406 29.71 24.19 25.04
CA LEU A 406 28.29 24.11 24.82
C LEU A 406 27.55 23.64 26.07
N LYS A 407 28.14 22.68 26.79
CA LYS A 407 27.45 22.08 27.92
C LYS A 407 27.46 23.11 29.05
N ASP A 408 28.52 23.92 29.05
CA ASP A 408 28.60 25.00 30.00
C ASP A 408 27.32 25.77 29.87
N HIS A 409 27.14 26.32 28.68
CA HIS A 409 25.96 27.08 28.29
C HIS A 409 24.65 26.48 28.81
N LEU A 410 24.40 25.21 28.55
CA LEU A 410 23.12 24.71 28.95
C LEU A 410 22.95 24.59 30.45
N ALA A 411 24.08 24.46 31.14
CA ALA A 411 24.11 24.34 32.60
C ALA A 411 23.61 25.65 33.13
N THR A 412 24.05 26.68 32.43
CA THR A 412 23.68 28.04 32.67
C THR A 412 22.19 28.35 32.69
N LEU A 413 21.41 27.68 31.88
CA LEU A 413 20.01 28.04 31.74
C LEU A 413 19.15 28.03 32.99
N LYS A 414 19.33 27.06 33.86
CA LYS A 414 18.50 27.03 35.05
C LYS A 414 19.25 26.58 36.29
N PRO A 415 18.57 26.61 37.42
CA PRO A 415 19.21 26.24 38.69
C PRO A 415 19.15 24.72 38.74
N TRP A 416 19.88 24.09 37.83
CA TRP A 416 19.78 22.67 37.72
C TRP A 416 19.89 21.99 39.08
N ASP A 417 20.99 22.27 39.78
CA ASP A 417 21.21 21.63 41.09
C ASP A 417 20.14 21.97 42.11
N LYS A 418 19.90 23.24 42.32
CA LYS A 418 18.86 23.59 43.27
C LYS A 418 17.64 22.75 42.96
N TRP A 419 17.42 22.49 41.69
CA TRP A 419 16.18 21.80 41.30
C TRP A 419 16.32 20.35 41.55
N VAL A 420 17.50 19.87 41.21
CA VAL A 420 17.83 18.48 41.36
C VAL A 420 17.73 18.12 42.84
N GLN A 421 18.25 19.00 43.69
CA GLN A 421 18.17 18.81 45.12
C GLN A 421 16.75 18.56 45.61
N ASN A 422 15.77 18.63 44.72
CA ASN A 422 14.38 18.42 45.14
C ASN A 422 13.97 16.96 45.19
N THR A 423 14.88 16.03 44.93
CA THR A 423 14.46 14.63 44.89
C THR A 423 14.72 13.88 46.18
N THR A 424 13.76 13.05 46.55
CA THR A 424 13.94 12.21 47.71
C THR A 424 14.63 10.89 47.39
N HIS A 425 15.94 10.74 47.61
CA HIS A 425 16.58 9.44 47.43
C HIS A 425 16.23 8.46 48.55
N LEU A 426 15.18 7.66 48.43
CA LEU A 426 14.88 6.79 49.55
C LEU A 426 15.77 5.55 49.67
N ASP A 427 17.06 5.76 49.47
CA ASP A 427 18.02 4.67 49.45
C ASP A 427 18.46 4.35 50.83
N GLU A 428 19.19 5.31 51.39
CA GLU A 428 19.68 5.21 52.75
C GLU A 428 18.53 4.87 53.63
N LEU A 429 17.41 5.54 53.48
CA LEU A 429 16.34 5.12 54.33
C LEU A 429 16.12 3.62 54.23
N VAL A 430 16.44 3.04 53.09
CA VAL A 430 16.12 1.63 52.87
C VAL A 430 17.20 0.66 53.30
N LYS A 431 18.44 1.10 53.16
CA LYS A 431 19.60 0.34 53.54
C LYS A 431 19.61 0.21 55.06
N THR A 432 19.32 1.33 55.71
CA THR A 432 19.14 1.36 57.14
C THR A 432 18.30 0.14 57.52
N ALA A 433 17.00 0.15 57.35
CA ALA A 433 16.22 -1.00 57.75
C ALA A 433 16.79 -2.38 57.40
N SER A 434 17.72 -2.45 56.46
CA SER A 434 18.19 -3.79 56.10
C SER A 434 19.17 -4.25 57.15
N LEU A 435 20.14 -3.37 57.43
CA LEU A 435 21.13 -3.56 58.48
C LEU A 435 20.39 -3.77 59.79
N LYS A 436 19.30 -3.05 59.98
CA LYS A 436 18.52 -3.25 61.17
C LYS A 436 17.95 -4.67 61.15
N GLY A 437 18.19 -5.41 60.08
CA GLY A 437 17.75 -6.80 60.05
C GLY A 437 16.71 -7.35 59.10
N GLU A 438 17.19 -7.98 58.06
CA GLU A 438 16.31 -8.65 57.13
C GLU A 438 15.58 -9.73 57.88
N PRO A 439 14.27 -9.60 58.03
CA PRO A 439 13.48 -10.52 58.85
C PRO A 439 13.18 -11.81 58.18
N SER A 440 12.41 -12.66 58.84
CA SER A 440 11.91 -13.88 58.22
C SER A 440 10.86 -14.49 59.13
N ASP A 441 9.71 -14.83 58.57
CA ASP A 441 8.61 -15.24 59.42
C ASP A 441 7.90 -16.47 59.00
N MET A 442 8.55 -17.38 58.31
CA MET A 442 7.80 -18.55 57.93
C MET A 442 8.44 -19.76 58.55
N ASP A 443 7.69 -20.78 58.91
CA ASP A 443 8.48 -21.90 59.33
C ASP A 443 8.74 -22.85 58.19
N LYS A 444 9.98 -23.27 58.06
CA LYS A 444 10.32 -24.29 57.08
C LYS A 444 9.10 -25.05 56.62
N ALA A 445 8.18 -25.40 57.50
CA ALA A 445 7.06 -26.17 56.98
C ALA A 445 6.28 -25.42 55.92
N GLU A 446 6.35 -24.10 55.98
CA GLU A 446 5.70 -23.26 55.01
C GLU A 446 6.55 -23.04 53.76
N LEU A 447 7.66 -22.35 53.97
CA LEU A 447 8.61 -22.15 52.92
C LEU A 447 8.48 -23.35 52.02
N ARG A 448 8.72 -24.53 52.55
CA ARG A 448 8.69 -25.73 51.72
C ARG A 448 7.42 -25.86 50.88
N ARG A 449 6.28 -25.60 51.51
CA ARG A 449 5.07 -25.82 50.72
C ARG A 449 4.76 -24.75 49.69
N ARG A 450 4.97 -23.49 50.02
CA ARG A 450 4.81 -22.50 49.00
C ARG A 450 5.80 -22.96 47.99
N GLN A 451 7.08 -22.70 48.19
CA GLN A 451 8.07 -23.23 47.26
C GLN A 451 7.59 -24.33 46.31
N GLN A 452 6.87 -25.32 46.85
CA GLN A 452 6.34 -26.41 46.03
C GLN A 452 5.25 -25.92 45.07
N ALA A 453 4.55 -24.88 45.49
CA ALA A 453 3.47 -24.34 44.69
C ALA A 453 4.05 -23.89 43.33
N PHE A 454 5.05 -23.05 43.34
CA PHE A 454 5.72 -22.76 42.12
C PHE A 454 6.68 -23.86 41.70
N GLY A 455 6.45 -25.12 42.03
CA GLY A 455 7.35 -26.17 41.59
C GLY A 455 8.88 -26.03 41.70
N LEU A 456 9.37 -25.33 42.72
CA LEU A 456 10.80 -25.18 43.01
C LEU A 456 11.51 -26.48 43.47
N THR A 457 12.84 -26.50 43.44
CA THR A 457 13.57 -27.71 43.79
C THR A 457 14.93 -27.60 44.48
N MET A 458 15.54 -28.74 44.81
CA MET A 458 16.80 -28.59 45.41
C MET A 458 17.83 -28.01 44.48
N GLU A 459 17.82 -28.49 43.24
CA GLU A 459 18.74 -28.03 42.19
C GLU A 459 18.68 -26.53 42.17
N ASP A 460 17.44 -26.07 42.37
CA ASP A 460 17.13 -24.65 42.40
C ASP A 460 17.78 -23.95 43.55
N MET A 461 17.83 -24.64 44.71
CA MET A 461 18.33 -24.03 45.92
C MET A 461 19.82 -24.13 46.02
N GLU A 462 20.34 -25.26 45.59
CA GLU A 462 21.73 -25.54 45.72
C GLU A 462 22.55 -24.98 44.60
N LEU A 463 22.06 -25.25 43.39
CA LEU A 463 22.75 -24.97 42.15
C LEU A 463 22.83 -23.52 41.72
N ILE A 464 21.77 -22.84 42.11
CA ILE A 464 21.44 -21.52 41.58
C ILE A 464 21.22 -20.38 42.55
N LEU A 465 20.48 -20.64 43.61
CA LEU A 465 20.26 -19.63 44.64
C LEU A 465 21.53 -19.47 45.42
N HIS A 466 21.93 -20.53 46.12
CA HIS A 466 23.18 -20.50 46.80
C HIS A 466 24.34 -19.68 46.26
N PRO A 467 24.80 -19.97 45.04
CA PRO A 467 25.99 -19.28 44.57
C PRO A 467 25.70 -17.82 44.60
N MET A 468 24.43 -17.46 44.45
CA MET A 468 24.16 -16.02 44.42
C MET A 468 24.55 -15.44 45.76
N VAL A 469 23.97 -16.02 46.81
CA VAL A 469 24.22 -15.62 48.19
C VAL A 469 25.70 -15.67 48.58
N GLU A 470 26.34 -16.77 48.18
CA GLU A 470 27.69 -16.96 48.53
C GLU A 470 28.56 -16.02 47.80
N ASP A 471 28.79 -16.27 46.52
CA ASP A 471 29.69 -15.45 45.69
C ASP A 471 29.12 -14.14 45.21
N GLY A 472 27.82 -13.96 45.32
CA GLY A 472 27.24 -12.73 44.77
C GLY A 472 27.52 -12.68 43.27
N LYS A 473 27.09 -13.74 42.61
CA LYS A 473 27.40 -13.89 41.23
C LYS A 473 26.47 -14.96 40.81
N GLU A 474 26.13 -15.04 39.54
CA GLU A 474 25.20 -16.09 39.26
C GLU A 474 25.88 -17.28 38.71
N ALA A 475 25.23 -18.39 39.01
CA ALA A 475 25.67 -19.70 38.59
C ALA A 475 26.19 -19.83 37.20
N ILE A 476 27.41 -20.29 37.06
CA ILE A 476 27.90 -20.65 35.75
C ILE A 476 27.79 -22.14 35.56
N GLY A 477 27.71 -22.59 34.32
CA GLY A 477 27.46 -24.00 33.99
C GLY A 477 28.06 -24.45 32.67
N SER A 478 27.56 -25.59 32.17
CA SER A 478 28.11 -26.01 30.89
C SER A 478 27.29 -26.99 30.09
N MET A 479 27.64 -27.23 28.82
CA MET A 479 26.82 -28.06 27.96
C MET A 479 25.43 -27.38 27.64
N GLY A 480 24.83 -27.73 26.51
CA GLY A 480 23.62 -27.04 26.11
C GLY A 480 22.39 -27.23 26.94
N ASP A 481 21.28 -26.72 26.47
CA ASP A 481 20.06 -26.87 27.20
C ASP A 481 19.31 -27.96 26.49
N ASP A 482 19.38 -29.16 26.98
CA ASP A 482 18.65 -30.14 26.27
C ASP A 482 17.32 -30.50 26.84
N SER A 483 16.68 -29.61 27.57
CA SER A 483 15.40 -30.05 28.13
C SER A 483 14.36 -29.75 27.12
N PRO A 484 13.12 -30.13 27.33
CA PRO A 484 12.07 -29.86 26.38
C PRO A 484 11.93 -28.40 26.28
N ILE A 485 11.16 -27.86 25.36
CA ILE A 485 10.95 -26.44 25.41
C ILE A 485 9.69 -26.42 26.29
N ALA A 486 9.69 -25.47 27.20
CA ALA A 486 8.60 -25.42 28.15
C ALA A 486 7.23 -25.78 27.68
N VAL A 487 6.67 -25.23 26.60
CA VAL A 487 5.27 -25.66 26.35
C VAL A 487 5.14 -27.16 26.31
N LEU A 488 6.12 -27.79 25.69
CA LEU A 488 6.07 -29.18 25.50
C LEU A 488 6.39 -29.85 26.84
N SER A 489 6.91 -29.10 27.81
CA SER A 489 7.21 -29.78 29.05
C SER A 489 6.05 -30.46 29.67
N ASP A 490 6.47 -31.42 30.44
CA ASP A 490 5.72 -32.41 31.16
C ASP A 490 5.54 -31.93 32.59
N LYS A 491 6.29 -30.89 32.95
CA LYS A 491 6.41 -30.49 34.32
C LYS A 491 6.31 -29.03 34.63
N TYR A 492 5.36 -28.68 35.47
CA TYR A 492 5.25 -27.24 35.82
C TYR A 492 6.51 -26.40 35.59
N ARG A 493 6.37 -25.45 34.68
CA ARG A 493 7.43 -24.51 34.39
C ARG A 493 6.75 -23.18 34.55
N GLY A 494 7.45 -22.15 34.98
CA GLY A 494 6.79 -20.88 35.20
C GLY A 494 6.82 -19.91 34.05
N LEU A 495 5.80 -19.05 33.94
CA LEU A 495 5.81 -18.14 32.81
C LEU A 495 7.16 -17.70 32.39
N HIS A 496 8.00 -17.31 33.31
CA HIS A 496 9.25 -16.77 32.82
C HIS A 496 9.98 -17.68 31.84
N HIS A 497 9.65 -18.96 31.88
CA HIS A 497 10.27 -19.91 30.99
C HIS A 497 9.95 -19.67 29.53
N PHE A 498 8.70 -19.34 29.23
CA PHE A 498 8.26 -18.99 27.90
C PHE A 498 8.72 -17.63 27.41
N PHE A 499 9.18 -16.71 28.25
CA PHE A 499 9.62 -15.47 27.66
C PHE A 499 11.07 -15.53 27.32
N ARG A 500 11.51 -15.47 26.08
CA ARG A 500 12.97 -15.50 25.86
C ARG A 500 13.70 -14.19 25.81
N GLN A 501 14.84 -14.04 26.44
CA GLN A 501 15.49 -12.71 26.41
C GLN A 501 15.93 -12.47 25.02
N ASN A 502 15.75 -11.24 24.55
CA ASN A 502 16.06 -10.84 23.18
C ASN A 502 17.46 -10.44 23.31
N PHE A 503 18.19 -10.20 22.25
CA PHE A 503 19.57 -9.82 22.34
C PHE A 503 19.93 -9.30 20.99
N SER A 504 21.12 -8.77 20.79
CA SER A 504 21.24 -8.21 19.48
C SER A 504 22.32 -8.77 18.59
N GLN A 505 22.07 -8.81 17.28
CA GLN A 505 23.02 -9.46 16.37
C GLN A 505 23.74 -8.64 15.37
N VAL A 506 23.13 -8.09 14.36
CA VAL A 506 24.19 -7.41 13.62
C VAL A 506 23.87 -5.97 13.52
N THR A 507 22.61 -5.72 13.75
CA THR A 507 22.10 -4.39 13.72
C THR A 507 22.86 -3.52 14.66
N ASN A 508 22.93 -3.87 15.95
CA ASN A 508 23.73 -3.14 16.95
C ASN A 508 24.54 -4.05 17.88
N PRO A 509 25.60 -3.54 18.50
CA PRO A 509 26.44 -4.34 19.40
C PRO A 509 25.85 -4.33 20.78
N PRO A 510 26.17 -5.37 21.54
CA PRO A 510 25.80 -5.45 22.95
C PRO A 510 26.99 -4.90 23.71
N ILE A 511 26.81 -4.43 24.94
CA ILE A 511 27.86 -3.76 25.69
C ILE A 511 28.58 -4.69 26.60
N ASP A 512 29.68 -4.22 27.19
CA ASP A 512 30.34 -4.99 28.25
C ASP A 512 29.87 -4.50 29.59
N SER A 513 29.02 -5.27 30.27
CA SER A 513 28.61 -4.79 31.56
C SER A 513 29.67 -5.04 32.62
N LEU A 514 30.80 -5.65 32.29
CA LEU A 514 31.79 -5.71 33.36
C LEU A 514 32.68 -4.53 33.09
N ARG A 515 33.48 -4.64 32.05
CA ARG A 515 34.42 -3.59 31.81
C ARG A 515 33.81 -2.20 31.62
N GLU A 516 32.52 -2.14 31.29
CA GLU A 516 31.93 -0.85 31.01
C GLU A 516 30.74 -0.48 31.89
N ARG A 517 30.71 -1.03 33.09
CA ARG A 517 29.58 -0.85 33.99
C ARG A 517 29.27 0.59 34.30
N ARG A 518 30.29 1.43 34.28
CA ARG A 518 30.08 2.83 34.58
C ARG A 518 29.06 3.56 33.67
N VAL A 519 28.81 3.08 32.46
CA VAL A 519 27.85 3.80 31.66
C VAL A 519 26.50 3.25 31.84
N MET A 520 26.36 2.17 32.54
CA MET A 520 25.07 1.52 32.54
C MET A 520 24.26 2.14 33.68
N SER A 521 23.17 1.53 34.14
CA SER A 521 22.47 2.05 35.29
C SER A 521 21.10 1.45 35.63
N LEU A 522 20.72 1.43 36.91
CA LEU A 522 19.47 0.83 37.30
C LEU A 522 18.61 1.76 38.12
N LYS A 523 18.91 3.06 38.00
CA LYS A 523 18.12 3.98 38.82
C LYS A 523 16.67 3.75 38.64
N THR A 524 15.88 4.00 39.65
CA THR A 524 14.45 3.79 39.50
C THR A 524 13.79 4.98 40.16
N ARG A 525 12.63 5.43 39.67
CA ARG A 525 12.01 6.66 40.15
C ARG A 525 10.55 6.40 40.30
N LEU A 526 9.95 6.73 41.42
CA LEU A 526 8.51 6.56 41.44
C LEU A 526 7.91 7.99 41.39
N GLY A 527 6.99 8.19 40.44
CA GLY A 527 6.30 9.46 40.22
C GLY A 527 7.12 10.58 39.57
N ASN A 528 7.67 10.30 38.39
CA ASN A 528 8.40 11.35 37.70
C ASN A 528 7.83 11.49 36.29
N LEU A 529 6.57 11.11 36.20
CA LEU A 529 5.88 11.07 34.94
C LEU A 529 4.89 12.20 34.71
N GLY A 530 5.38 13.40 34.36
CA GLY A 530 4.47 14.52 34.13
C GLY A 530 4.51 15.18 32.75
N ASN A 531 5.12 16.35 32.66
CA ASN A 531 5.07 16.94 31.37
C ASN A 531 6.35 17.02 30.63
N ILE A 532 6.61 16.06 29.77
CA ILE A 532 7.87 16.20 29.12
C ILE A 532 7.95 17.63 28.58
N LEU A 533 6.79 18.28 28.43
CA LEU A 533 6.74 19.61 27.81
C LEU A 533 7.14 20.83 28.64
N ASP A 534 6.91 20.68 29.94
CA ASP A 534 7.30 21.59 31.02
C ASP A 534 8.81 21.72 31.25
N GLU A 535 9.23 22.84 31.82
CA GLU A 535 10.64 22.95 32.18
C GLU A 535 10.64 23.69 33.51
N ASP A 536 10.10 23.06 34.53
CA ASP A 536 10.04 23.67 35.83
C ASP A 536 10.59 22.73 36.93
N GLU A 537 11.21 23.27 37.95
CA GLU A 537 11.77 22.46 39.02
C GLU A 537 10.78 21.45 39.58
N THR A 538 9.48 21.65 39.38
CA THR A 538 8.58 20.71 40.01
C THR A 538 8.73 19.31 39.45
N GLN A 539 9.68 19.17 38.54
CA GLN A 539 9.92 17.92 37.82
C GLN A 539 10.90 17.02 38.52
N THR A 540 11.45 17.49 39.63
CA THR A 540 12.39 16.71 40.37
C THR A 540 11.74 16.11 41.59
N ARG A 541 10.48 16.41 41.82
CA ARG A 541 9.81 15.85 42.98
C ARG A 541 9.33 14.41 42.84
N LEU A 542 10.24 13.48 43.10
CA LEU A 542 9.93 12.06 42.95
C LEU A 542 10.89 11.26 43.84
N LEU A 543 10.52 10.02 44.16
CA LEU A 543 11.37 9.18 45.00
C LEU A 543 12.30 8.43 44.06
N GLN A 544 13.47 8.04 44.55
CA GLN A 544 14.47 7.41 43.70
C GLN A 544 15.24 6.30 44.40
N LEU A 545 15.22 5.12 43.78
CA LEU A 545 15.95 3.96 44.27
C LEU A 545 17.14 3.86 43.38
N GLU A 546 17.95 2.86 43.57
CA GLU A 546 19.11 2.70 42.73
C GLU A 546 19.10 1.29 42.18
N SER A 547 18.04 0.55 42.52
CA SER A 547 17.74 -0.74 41.93
C SER A 547 16.26 -1.08 42.05
N PRO A 548 15.70 -1.58 40.99
CA PRO A 548 14.30 -1.90 41.07
C PRO A 548 14.21 -2.98 42.12
N VAL A 549 15.35 -3.42 42.62
CA VAL A 549 15.37 -4.56 43.55
C VAL A 549 15.27 -4.30 45.05
N LEU A 550 14.32 -4.94 45.73
CA LEU A 550 14.23 -4.71 47.18
C LEU A 550 14.13 -5.94 48.10
N THR A 551 14.97 -6.00 49.13
CA THR A 551 14.95 -7.08 50.14
C THR A 551 13.75 -6.83 51.03
N THR A 552 13.17 -7.89 51.58
CA THR A 552 11.94 -7.66 52.34
C THR A 552 12.05 -6.54 53.33
N ALA A 553 13.26 -6.30 53.81
CA ALA A 553 13.49 -5.20 54.74
C ALA A 553 13.14 -3.96 53.95
N GLU A 554 14.09 -3.53 53.13
CA GLU A 554 13.93 -2.32 52.31
C GLU A 554 12.56 -2.20 51.71
N PHE A 555 11.96 -3.30 51.32
CA PHE A 555 10.65 -3.10 50.72
C PHE A 555 9.69 -2.37 51.63
N ARG A 556 9.48 -2.92 52.82
CA ARG A 556 8.58 -2.31 53.80
C ARG A 556 9.09 -0.94 54.15
N ALA A 557 10.39 -0.76 54.14
CA ALA A 557 10.87 0.55 54.47
C ALA A 557 10.00 1.49 53.70
N MET A 558 10.05 1.28 52.39
CA MET A 558 9.42 2.07 51.35
C MET A 558 7.93 2.03 51.52
N ARG A 559 7.38 0.84 51.51
CA ARG A 559 5.95 0.74 51.56
C ARG A 559 5.31 1.56 52.65
N ASP A 560 6.14 1.99 53.58
CA ASP A 560 5.67 2.73 54.74
C ASP A 560 5.76 4.16 54.35
N TYR A 561 6.97 4.62 54.14
CA TYR A 561 7.11 5.94 53.61
C TYR A 561 5.98 6.32 52.64
N MET A 562 5.41 5.34 51.94
CA MET A 562 4.30 5.60 51.02
C MET A 562 3.04 5.79 51.84
N GLY A 563 2.38 4.72 52.21
CA GLY A 563 1.28 4.84 53.13
C GLY A 563 -0.10 4.93 52.56
N ASP A 564 -0.73 6.06 52.85
CA ASP A 564 -2.06 6.39 52.42
C ASP A 564 -2.01 6.38 50.90
N THR A 565 -0.82 6.73 50.40
CA THR A 565 -0.54 6.77 48.99
C THR A 565 -0.49 5.45 48.25
N ALA A 566 -0.31 4.34 48.95
CA ALA A 566 -0.17 3.08 48.23
C ALA A 566 -1.47 2.33 48.19
N ALA A 567 -1.55 1.32 47.36
CA ALA A 567 -2.75 0.49 47.32
C ALA A 567 -2.31 -0.96 47.08
N GLU A 568 -3.00 -1.91 47.67
CA GLU A 568 -2.51 -3.25 47.53
C GLU A 568 -3.50 -4.10 46.81
N ILE A 569 -3.05 -4.75 45.75
CA ILE A 569 -4.02 -5.53 45.04
C ILE A 569 -3.63 -6.97 45.25
N ASP A 570 -4.65 -7.80 45.40
CA ASP A 570 -4.55 -9.22 45.65
C ASP A 570 -4.32 -10.08 44.40
N ALA A 571 -3.08 -10.19 43.93
CA ALA A 571 -2.91 -11.01 42.75
C ALA A 571 -3.17 -12.48 43.02
N THR A 572 -4.40 -12.87 43.29
CA THR A 572 -4.60 -14.27 43.60
C THR A 572 -5.95 -14.84 43.20
N PHE A 573 -6.16 -16.13 43.11
CA PHE A 573 -7.53 -16.53 42.82
C PHE A 573 -7.94 -17.80 43.44
N PRO A 574 -9.22 -17.90 43.66
CA PRO A 574 -9.86 -19.04 44.29
C PRO A 574 -9.59 -20.29 43.55
N VAL A 575 -9.76 -21.46 44.11
CA VAL A 575 -9.50 -22.64 43.34
C VAL A 575 -10.85 -23.24 43.21
N ASP A 576 -11.68 -23.00 44.21
CA ASP A 576 -13.06 -23.41 44.10
C ASP A 576 -13.67 -22.65 42.90
N GLY A 577 -12.96 -21.61 42.43
CA GLY A 577 -13.36 -20.72 41.34
C GLY A 577 -14.19 -21.08 40.10
N GLY A 578 -13.77 -22.10 39.37
CA GLY A 578 -14.48 -22.53 38.19
C GLY A 578 -13.51 -22.36 37.05
N PRO A 579 -13.96 -22.77 35.88
CA PRO A 579 -13.14 -22.76 34.68
C PRO A 579 -12.65 -21.38 34.39
N GLU A 580 -13.36 -20.35 34.87
CA GLU A 580 -12.95 -19.01 34.52
C GLU A 580 -12.28 -18.26 35.65
N ALA A 581 -11.85 -19.01 36.66
CA ALA A 581 -11.28 -18.38 37.82
C ALA A 581 -10.25 -17.32 37.55
N LEU A 582 -9.20 -17.70 36.86
CA LEU A 582 -8.06 -16.82 36.63
C LEU A 582 -8.40 -15.59 35.75
N ARG A 583 -9.31 -15.78 34.79
CA ARG A 583 -9.75 -14.72 33.91
C ARG A 583 -10.34 -13.52 34.69
N ASP A 584 -11.47 -13.76 35.34
CA ASP A 584 -12.11 -12.79 36.18
C ASP A 584 -11.16 -12.27 37.23
N ALA A 585 -10.25 -13.12 37.62
CA ALA A 585 -9.27 -12.69 38.55
C ALA A 585 -8.51 -11.54 37.94
N LEU A 586 -8.07 -11.78 36.71
CA LEU A 586 -7.26 -10.82 35.95
C LEU A 586 -8.07 -9.56 35.67
N ARG A 587 -9.40 -9.71 35.53
CA ARG A 587 -10.22 -8.53 35.30
C ARG A 587 -10.12 -7.67 36.52
N ARG A 588 -10.65 -8.26 37.59
CA ARG A 588 -10.63 -7.75 38.97
C ARG A 588 -9.40 -6.96 39.28
N ILE A 589 -8.24 -7.59 39.17
CA ILE A 589 -7.06 -6.83 39.52
C ILE A 589 -6.97 -5.56 38.73
N ARG A 590 -7.26 -5.72 37.45
CA ARG A 590 -7.27 -4.64 36.46
C ARG A 590 -8.15 -3.48 36.85
N GLN A 591 -9.39 -3.80 37.18
CA GLN A 591 -10.32 -2.81 37.71
C GLN A 591 -9.88 -2.19 39.03
N GLU A 592 -9.65 -3.02 40.04
CA GLU A 592 -9.19 -2.51 41.32
C GLU A 592 -8.01 -1.55 41.14
N THR A 593 -7.08 -1.86 40.26
CA THR A 593 -6.02 -0.91 40.20
C THR A 593 -6.59 0.39 39.65
N GLU A 594 -7.59 0.25 38.76
CA GLU A 594 -8.15 1.44 38.09
C GLU A 594 -8.64 2.33 39.22
N ASP A 595 -9.74 1.87 39.80
CA ASP A 595 -10.29 2.57 40.93
C ASP A 595 -9.16 3.13 41.80
N ALA A 596 -8.43 2.31 42.49
CA ALA A 596 -7.32 2.89 43.20
C ALA A 596 -6.78 4.12 42.44
N VAL A 597 -6.18 3.96 41.27
CA VAL A 597 -5.47 5.12 40.74
C VAL A 597 -6.28 6.39 40.56
N ARG A 598 -7.52 6.15 40.16
CA ARG A 598 -8.50 7.18 39.96
C ARG A 598 -8.73 7.79 41.31
N GLY A 599 -9.17 6.96 42.24
CA GLY A 599 -9.36 7.33 43.63
C GLY A 599 -8.28 8.22 44.24
N GLY A 600 -7.09 8.30 43.63
CA GLY A 600 -6.07 9.19 44.14
C GLY A 600 -4.78 8.48 44.43
N ALA A 601 -4.82 7.15 44.48
CA ALA A 601 -3.65 6.30 44.74
C ALA A 601 -2.44 6.64 43.84
N THR A 602 -1.22 6.46 44.31
CA THR A 602 -0.03 6.84 43.57
C THR A 602 1.07 5.74 43.47
N HIS A 603 0.75 4.57 44.03
CA HIS A 603 1.67 3.45 44.06
C HIS A 603 0.83 2.20 44.21
N VAL A 604 1.23 1.16 43.49
CA VAL A 604 0.43 -0.03 43.55
C VAL A 604 1.30 -1.17 43.96
N ILE A 605 0.71 -2.02 44.77
CA ILE A 605 1.48 -3.10 45.22
C ILE A 605 0.65 -4.29 44.88
N LEU A 606 1.28 -5.09 44.05
CA LEU A 606 0.59 -6.23 43.53
C LEU A 606 1.19 -7.40 44.25
N THR A 607 0.37 -8.34 44.76
CA THR A 607 0.96 -9.49 45.49
C THR A 607 0.23 -10.85 45.64
N ASP A 608 1.04 -11.91 45.75
CA ASP A 608 0.64 -13.31 45.92
C ASP A 608 0.55 -13.76 47.39
N GLU A 609 1.01 -12.89 48.30
CA GLU A 609 0.92 -13.13 49.74
C GLU A 609 -0.36 -13.83 50.07
N ALA A 610 -1.50 -13.41 49.62
CA ALA A 610 -2.53 -14.25 50.15
C ALA A 610 -2.68 -15.58 49.51
N MET A 611 -1.62 -16.13 48.94
CA MET A 611 -1.73 -17.50 48.42
C MET A 611 -2.00 -18.52 49.54
N GLY A 612 -2.97 -19.41 49.39
CA GLY A 612 -3.17 -20.44 50.40
C GLY A 612 -3.82 -21.71 49.88
N PRO A 613 -4.21 -22.61 50.76
CA PRO A 613 -4.87 -23.84 50.31
C PRO A 613 -6.12 -23.54 49.52
N ALA A 614 -6.62 -22.32 49.62
CA ALA A 614 -7.85 -22.03 48.90
C ALA A 614 -7.69 -21.04 47.73
N ARG A 615 -6.50 -20.49 47.58
CA ARG A 615 -6.24 -19.56 46.56
C ARG A 615 -4.91 -19.79 45.89
N ALA A 616 -4.97 -20.07 44.59
CA ALA A 616 -3.80 -20.17 43.72
C ALA A 616 -3.26 -18.78 43.46
N ALA A 617 -1.99 -18.67 43.12
CA ALA A 617 -1.45 -17.37 42.86
C ALA A 617 -1.53 -16.97 41.37
N ILE A 618 -1.84 -15.72 41.05
CA ILE A 618 -1.81 -15.42 39.64
C ILE A 618 -0.34 -15.23 39.29
N PRO A 619 0.09 -15.79 38.17
CA PRO A 619 1.47 -15.69 37.72
C PRO A 619 1.85 -14.26 37.68
N ALA A 620 2.58 -13.80 38.67
CA ALA A 620 3.14 -12.47 38.75
C ALA A 620 3.42 -11.83 37.40
N ILE A 621 4.17 -12.50 36.54
CA ILE A 621 4.39 -11.92 35.22
C ILE A 621 3.10 -11.50 34.49
N LEU A 622 2.15 -12.40 34.41
CA LEU A 622 0.88 -12.16 33.80
C LEU A 622 0.20 -11.07 34.57
N ALA A 623 0.30 -11.08 35.87
CA ALA A 623 -0.46 -10.09 36.61
C ALA A 623 0.15 -8.73 36.41
N THR A 624 1.46 -8.65 36.40
CA THR A 624 2.07 -7.37 36.19
C THR A 624 1.68 -6.84 34.83
N GLY A 625 1.77 -7.63 33.76
CA GLY A 625 1.46 -7.14 32.42
C GLY A 625 0.00 -6.75 32.31
N ALA A 626 -0.88 -7.67 32.60
CA ALA A 626 -2.25 -7.28 32.60
C ALA A 626 -2.39 -5.92 33.24
N VAL A 627 -1.72 -5.68 34.35
CA VAL A 627 -1.99 -4.41 34.96
C VAL A 627 -1.37 -3.23 34.25
N HIS A 628 -0.10 -3.31 33.99
CA HIS A 628 0.57 -2.22 33.34
C HIS A 628 -0.16 -1.88 32.05
N THR A 629 -0.34 -2.86 31.16
CA THR A 629 -1.03 -2.53 29.93
C THR A 629 -2.34 -1.80 30.18
N HIS A 630 -3.37 -2.48 30.60
CA HIS A 630 -4.58 -1.72 30.90
C HIS A 630 -4.26 -0.36 31.50
N LEU A 631 -3.25 -0.26 32.34
CA LEU A 631 -2.97 1.08 32.83
C LEU A 631 -2.63 2.01 31.68
N ILE A 632 -1.83 1.57 30.71
CA ILE A 632 -1.44 2.41 29.59
C ILE A 632 -2.68 2.73 28.76
N ARG A 633 -3.40 1.65 28.49
CA ARG A 633 -4.63 1.73 27.77
C ARG A 633 -5.62 2.64 28.42
N SER A 634 -5.36 3.18 29.58
CA SER A 634 -6.34 4.15 30.02
C SER A 634 -5.66 5.36 30.50
N ASN A 635 -4.48 5.59 29.95
CA ASN A 635 -3.77 6.78 30.39
C ASN A 635 -3.62 6.94 31.90
N LEU A 636 -3.11 5.94 32.60
CA LEU A 636 -3.16 5.99 34.05
C LEU A 636 -1.79 5.64 34.60
N ARG A 637 -1.17 4.74 33.87
CA ARG A 637 0.17 4.37 34.18
C ARG A 637 0.91 5.67 34.41
N THR A 638 0.52 6.80 33.87
CA THR A 638 1.41 7.88 34.17
C THR A 638 1.28 8.36 35.63
N PHE A 639 0.19 7.96 36.25
CA PHE A 639 -0.02 8.30 37.64
C PHE A 639 0.49 7.35 38.74
N THR A 640 1.02 6.16 38.46
CA THR A 640 1.54 5.38 39.57
C THR A 640 2.84 4.74 39.22
N SER A 641 3.38 4.17 40.29
CA SER A 641 4.54 3.33 40.26
C SER A 641 3.82 2.00 40.43
N LEU A 642 4.41 0.93 39.91
CA LEU A 642 3.79 -0.39 40.06
C LEU A 642 4.79 -1.41 40.59
N ASN A 643 4.52 -1.86 41.81
CA ASN A 643 5.46 -2.68 42.59
C ASN A 643 4.87 -4.04 42.92
N VAL A 644 5.73 -5.02 42.66
CA VAL A 644 5.33 -6.41 42.80
C VAL A 644 6.09 -7.20 43.89
N ARG A 645 5.33 -8.07 44.53
CA ARG A 645 5.83 -8.97 45.52
C ARG A 645 5.56 -10.35 44.93
N THR A 646 6.59 -11.17 44.82
CA THR A 646 6.40 -12.45 44.23
C THR A 646 7.02 -13.60 44.99
N ALA A 647 6.16 -14.55 45.25
CA ALA A 647 6.63 -15.76 45.88
C ALA A 647 7.42 -16.64 44.88
N GLU A 648 7.03 -16.68 43.58
CA GLU A 648 7.73 -17.51 42.58
C GLU A 648 9.03 -16.98 42.07
N GLY A 649 9.30 -15.72 42.26
CA GLY A 649 10.55 -15.21 41.74
C GLY A 649 11.78 -15.76 42.44
N LEU A 650 12.89 -15.98 41.73
CA LEU A 650 14.12 -16.50 42.29
C LEU A 650 15.36 -16.09 41.53
N ASP A 651 15.49 -16.34 40.22
CA ASP A 651 16.68 -15.86 39.44
C ASP A 651 16.62 -14.55 38.70
N THR A 652 17.80 -14.15 38.21
CA THR A 652 17.84 -12.93 37.35
C THR A 652 16.81 -12.82 36.26
N HIS A 653 16.67 -13.83 35.41
CA HIS A 653 15.65 -13.79 34.36
C HIS A 653 14.32 -13.30 34.97
N TYR A 654 13.64 -14.07 35.80
CA TYR A 654 12.40 -13.55 36.38
C TYR A 654 12.39 -12.08 36.71
N PHE A 655 13.48 -11.46 37.13
CA PHE A 655 13.34 -10.07 37.44
C PHE A 655 13.21 -9.36 36.10
N ALA A 656 14.19 -9.55 35.23
CA ALA A 656 14.18 -8.96 33.90
C ALA A 656 12.76 -8.99 33.28
N VAL A 657 12.16 -10.16 33.15
CA VAL A 657 10.83 -10.17 32.56
C VAL A 657 9.94 -9.24 33.35
N LEU A 658 9.63 -9.58 34.60
CA LEU A 658 8.80 -8.62 35.35
C LEU A 658 9.07 -7.15 35.05
N ILE A 659 10.34 -6.77 35.12
CA ILE A 659 10.60 -5.35 35.01
C ILE A 659 10.12 -4.86 33.70
N GLY A 660 10.63 -5.47 32.64
CA GLY A 660 10.27 -5.05 31.30
C GLY A 660 8.93 -5.51 30.84
N VAL A 661 7.92 -5.52 31.68
CA VAL A 661 6.62 -5.85 31.18
C VAL A 661 5.83 -4.95 32.12
N GLY A 662 6.53 -3.95 32.67
CA GLY A 662 5.89 -3.04 33.62
C GLY A 662 6.56 -2.68 34.94
N ALA A 663 6.59 -3.64 35.86
CA ALA A 663 7.20 -3.48 37.16
C ALA A 663 8.19 -2.35 37.40
N THR A 664 7.93 -1.59 38.44
CA THR A 664 8.85 -0.55 38.76
C THR A 664 9.93 -1.10 39.65
N THR A 665 9.38 -1.90 40.56
CA THR A 665 10.00 -2.45 41.72
C THR A 665 9.58 -3.91 41.90
N VAL A 666 10.53 -4.71 42.36
CA VAL A 666 10.25 -6.11 42.66
C VAL A 666 10.92 -6.54 43.95
N ASN A 667 10.24 -7.44 44.62
CA ASN A 667 10.70 -8.03 45.89
C ASN A 667 10.48 -9.55 45.90
N ALA A 668 11.57 -10.29 45.77
CA ALA A 668 11.43 -11.72 45.78
C ALA A 668 11.37 -12.11 47.26
N TYR A 669 10.16 -12.14 47.79
CA TYR A 669 10.09 -12.33 49.20
C TYR A 669 10.28 -13.74 49.72
N LEU A 670 9.82 -14.75 48.99
CA LEU A 670 9.85 -16.11 49.43
C LEU A 670 11.15 -16.67 49.02
N ALA A 671 12.14 -15.84 48.82
CA ALA A 671 13.36 -16.43 48.34
C ALA A 671 14.39 -15.93 49.29
N GLN A 672 14.08 -14.79 49.90
CA GLN A 672 14.92 -14.21 50.93
C GLN A 672 14.55 -15.23 51.98
N GLU A 673 13.27 -15.56 52.09
CA GLU A 673 12.97 -16.58 53.05
C GLU A 673 13.86 -17.80 52.81
N ALA A 674 13.65 -18.48 51.71
CA ALA A 674 14.45 -19.65 51.43
C ALA A 674 15.92 -19.35 51.74
N ILE A 675 16.43 -18.16 51.46
CA ILE A 675 17.80 -17.89 51.85
C ILE A 675 18.06 -18.16 53.34
N ALA A 676 17.39 -17.42 54.23
CA ALA A 676 17.40 -17.65 55.70
C ALA A 676 17.46 -19.13 56.09
N GLU A 677 16.42 -19.86 55.74
CA GLU A 677 16.39 -21.25 56.13
C GLU A 677 17.76 -21.84 55.85
N ARG A 678 18.24 -21.73 54.62
CA ARG A 678 19.60 -22.18 54.35
C ARG A 678 20.58 -21.66 55.40
N HIS A 679 20.47 -20.38 55.69
CA HIS A 679 21.40 -19.73 56.57
C HIS A 679 21.40 -20.24 58.02
N ARG A 680 20.24 -20.66 58.50
CA ARG A 680 20.18 -21.24 59.83
C ARG A 680 20.58 -22.68 59.82
N ARG A 681 21.35 -23.14 58.88
CA ARG A 681 21.80 -24.51 59.01
C ARG A 681 23.22 -24.17 58.65
N GLY A 682 23.56 -22.92 58.95
CA GLY A 682 24.90 -22.46 58.67
C GLY A 682 25.51 -22.83 57.34
N LEU A 683 24.66 -23.03 56.34
CA LEU A 683 25.20 -23.30 55.02
C LEU A 683 25.97 -22.07 54.51
N PHE A 684 25.79 -20.89 55.06
CA PHE A 684 26.63 -19.84 54.49
C PHE A 684 27.78 -19.60 55.39
N GLY A 685 27.79 -20.29 56.54
CA GLY A 685 28.83 -20.16 57.55
C GLY A 685 28.82 -18.87 58.35
N SER A 686 29.99 -18.43 58.76
CA SER A 686 30.11 -17.21 59.56
C SER A 686 29.15 -16.06 59.20
N MET A 687 29.03 -15.81 57.87
CA MET A 687 28.28 -14.71 57.20
C MET A 687 26.89 -14.37 57.64
N PRO A 688 26.74 -13.14 58.06
CA PRO A 688 25.42 -12.64 58.50
C PRO A 688 24.40 -12.62 57.34
N LEU A 689 23.23 -13.11 57.70
CA LEU A 689 22.08 -13.11 56.83
C LEU A 689 21.90 -11.78 56.17
N GLU A 690 22.47 -10.73 56.72
CA GLU A 690 22.22 -9.43 56.13
C GLU A 690 23.18 -9.41 54.98
N LYS A 691 24.48 -9.47 55.23
CA LYS A 691 25.43 -9.55 54.13
C LYS A 691 24.94 -10.60 53.12
N GLY A 692 24.27 -11.63 53.66
CA GLY A 692 23.64 -12.60 52.80
C GLY A 692 22.87 -11.86 51.73
N MET A 693 21.69 -11.31 52.08
CA MET A 693 20.88 -10.56 51.12
C MET A 693 21.75 -9.61 50.31
N ALA A 694 22.49 -8.72 50.94
CA ALA A 694 23.30 -7.83 50.13
C ALA A 694 23.82 -8.49 48.89
N ASN A 695 24.55 -9.58 49.06
CA ASN A 695 25.05 -10.33 47.92
C ASN A 695 23.92 -10.68 47.02
N TYR A 696 22.97 -11.47 47.49
CA TYR A 696 21.86 -11.84 46.61
C TYR A 696 21.56 -10.69 45.71
N LYS A 697 21.30 -9.56 46.33
CA LYS A 697 20.94 -8.38 45.60
C LYS A 697 21.96 -7.97 44.56
N LYS A 698 23.23 -8.08 44.81
CA LYS A 698 24.15 -7.64 43.79
C LYS A 698 24.08 -8.63 42.66
N ALA A 699 23.82 -9.87 43.00
CA ALA A 699 23.85 -10.82 41.93
C ALA A 699 22.68 -10.50 41.03
N ILE A 700 21.56 -10.14 41.61
CA ILE A 700 20.48 -9.82 40.74
C ILE A 700 20.69 -8.45 40.10
N ASP A 701 21.36 -7.56 40.77
CA ASP A 701 21.57 -6.35 40.06
C ASP A 701 22.49 -6.61 38.91
N ASP A 702 23.60 -7.32 39.08
CA ASP A 702 24.47 -7.35 37.91
C ASP A 702 23.72 -8.25 37.02
N GLY A 703 22.82 -8.98 37.65
CA GLY A 703 22.00 -9.91 36.91
C GLY A 703 21.47 -9.22 35.67
N LEU A 704 20.59 -8.24 35.94
CA LEU A 704 19.90 -7.32 35.05
C LEU A 704 20.90 -6.58 34.19
N LEU A 705 21.67 -5.70 34.77
CA LEU A 705 22.63 -5.04 33.91
C LEU A 705 23.06 -5.95 32.80
N LYS A 706 23.05 -7.25 33.00
CA LYS A 706 23.60 -8.08 31.93
C LYS A 706 22.56 -8.37 30.89
N ILE A 707 21.60 -9.14 31.34
CA ILE A 707 20.46 -9.37 30.50
C ILE A 707 20.23 -8.10 29.59
N MET A 708 20.29 -6.89 30.15
CA MET A 708 20.13 -5.67 29.35
C MET A 708 21.24 -5.58 28.30
N SER A 709 22.48 -5.42 28.69
CA SER A 709 23.54 -5.35 27.69
C SER A 709 23.44 -6.27 26.50
N LYS A 710 22.63 -7.32 26.59
CA LYS A 710 22.55 -8.24 25.47
C LYS A 710 22.03 -7.61 24.19
N MET A 711 21.26 -6.50 24.31
CA MET A 711 20.76 -5.71 23.14
C MET A 711 21.18 -4.28 23.41
N GLY A 712 22.48 -4.04 23.35
CA GLY A 712 23.16 -2.87 23.88
C GLY A 712 22.48 -1.88 24.82
N ILE A 713 21.51 -2.29 25.60
CA ILE A 713 20.84 -1.25 26.37
C ILE A 713 21.51 -0.85 27.70
N SER A 714 21.83 0.42 27.87
CA SER A 714 22.56 0.84 29.07
C SER A 714 21.74 1.29 30.23
N VAL A 715 20.42 1.14 30.25
CA VAL A 715 19.70 1.82 31.30
C VAL A 715 18.30 1.33 31.58
N ILE A 716 18.02 0.99 32.80
CA ILE A 716 16.74 0.34 33.01
C ILE A 716 15.47 1.09 32.65
N SER A 717 15.44 2.41 32.70
CA SER A 717 14.18 3.13 32.44
C SER A 717 13.64 2.96 31.03
N SER A 718 14.51 2.86 30.06
CA SER A 718 14.13 2.60 28.70
C SER A 718 13.79 1.12 28.63
N TYR A 719 14.52 0.28 29.35
CA TYR A 719 14.24 -1.15 29.27
C TYR A 719 12.89 -1.45 29.87
N ARG A 720 12.51 -0.71 30.89
CA ARG A 720 11.29 -1.11 31.56
C ARG A 720 10.07 -1.10 30.68
N GLY A 721 9.19 -2.08 30.88
CA GLY A 721 7.99 -2.13 30.08
C GLY A 721 8.25 -2.30 28.59
N GLY A 722 9.50 -2.25 28.16
CA GLY A 722 9.74 -2.35 26.73
C GLY A 722 9.34 -3.68 26.11
N GLY A 723 8.91 -4.63 26.93
CA GLY A 723 8.61 -5.97 26.46
C GLY A 723 9.70 -6.62 25.61
N ASN A 724 10.96 -6.58 26.03
CA ASN A 724 11.98 -7.26 25.23
C ASN A 724 12.18 -8.74 25.35
N PHE A 725 11.11 -9.47 25.11
CA PHE A 725 11.16 -10.90 25.18
C PHE A 725 10.53 -11.42 23.97
N GLU A 726 10.60 -12.71 23.75
CA GLU A 726 9.85 -13.17 22.62
C GLU A 726 9.08 -14.28 23.27
N ALA A 727 7.80 -14.42 23.07
CA ALA A 727 7.17 -15.56 23.71
C ALA A 727 7.18 -16.85 22.94
N ILE A 728 7.77 -17.93 23.39
CA ILE A 728 7.47 -19.13 22.64
C ILE A 728 6.44 -19.92 23.41
N GLY A 729 5.39 -20.42 22.81
CA GLY A 729 4.49 -21.20 23.61
C GLY A 729 3.19 -20.68 24.17
N LEU A 730 3.05 -19.38 24.36
CA LEU A 730 1.77 -18.87 24.85
C LEU A 730 1.00 -18.34 23.65
N SER A 731 -0.34 -18.38 23.73
CA SER A 731 -1.19 -17.92 22.62
C SER A 731 -1.16 -16.47 22.30
N ARG A 732 -1.15 -16.24 20.99
CA ARG A 732 -1.13 -14.98 20.28
C ARG A 732 -2.08 -14.09 20.95
N ALA A 733 -3.35 -14.48 20.85
CA ALA A 733 -4.37 -13.64 21.48
C ALA A 733 -3.89 -13.13 22.85
N LEU A 734 -3.60 -14.07 23.76
CA LEU A 734 -3.12 -13.72 25.07
C LEU A 734 -2.01 -12.67 25.09
N VAL A 735 -0.92 -13.00 24.45
CA VAL A 735 0.24 -12.16 24.55
C VAL A 735 -0.09 -10.76 24.09
N ALA A 736 -1.11 -10.70 23.27
CA ALA A 736 -1.47 -9.40 22.71
C ALA A 736 -2.31 -8.77 23.78
N GLU A 737 -3.42 -9.43 24.08
CA GLU A 737 -4.25 -8.90 25.12
C GLU A 737 -3.53 -8.29 26.27
N HIS A 738 -2.68 -9.05 26.98
CA HIS A 738 -2.01 -8.58 28.22
C HIS A 738 -0.53 -8.20 28.33
N PHE A 739 0.32 -8.27 27.36
CA PHE A 739 1.65 -7.86 27.79
C PHE A 739 1.91 -6.82 26.75
N PRO A 740 2.93 -6.01 26.93
CA PRO A 740 3.33 -5.08 25.89
C PRO A 740 3.52 -5.83 24.57
N ALA A 741 3.92 -5.13 23.52
CA ALA A 741 4.13 -5.86 22.29
C ALA A 741 5.33 -6.79 22.32
N MET A 742 5.03 -8.05 22.04
CA MET A 742 6.02 -9.06 21.87
C MET A 742 5.44 -10.01 20.82
N VAL A 743 6.30 -10.73 20.15
CA VAL A 743 5.93 -11.66 19.16
C VAL A 743 5.53 -12.92 19.86
N SER A 744 4.60 -13.71 19.37
CA SER A 744 4.55 -15.05 19.83
C SER A 744 4.16 -15.87 18.58
N ARG A 745 5.15 -15.98 17.66
CA ARG A 745 4.94 -16.65 16.39
C ARG A 745 4.21 -17.93 16.35
N ILE A 746 3.99 -18.58 17.46
CA ILE A 746 2.94 -19.58 17.47
C ILE A 746 2.16 -19.44 18.72
N SER A 747 0.85 -19.34 18.56
CA SER A 747 0.17 -19.07 19.79
C SER A 747 0.55 -20.25 20.64
N GLY A 748 0.10 -20.31 21.86
CA GLY A 748 0.41 -21.45 22.67
C GLY A 748 -0.75 -21.68 23.61
N ILE A 749 -0.44 -21.84 24.90
CA ILE A 749 -1.53 -22.10 25.82
C ILE A 749 -2.12 -20.76 26.03
N GLY A 750 -3.24 -20.78 26.72
CA GLY A 750 -3.92 -19.58 27.11
C GLY A 750 -4.35 -19.66 28.56
N LEU A 751 -5.15 -18.70 28.98
CA LEU A 751 -5.60 -18.66 30.35
C LEU A 751 -6.11 -20.02 30.76
N ASN A 752 -6.98 -20.61 29.99
CA ASN A 752 -7.44 -21.85 30.50
C ASN A 752 -6.39 -22.91 30.70
N GLY A 753 -5.30 -22.87 29.97
CA GLY A 753 -4.34 -23.91 30.22
C GLY A 753 -3.61 -23.43 31.44
N ILE A 754 -3.06 -22.24 31.31
CA ILE A 754 -2.37 -21.67 32.43
C ILE A 754 -3.17 -22.00 33.69
N GLN A 755 -4.41 -21.55 33.79
CA GLN A 755 -5.15 -21.93 34.99
C GLN A 755 -4.94 -23.38 35.37
N LYS A 756 -5.27 -24.27 34.47
CA LYS A 756 -5.20 -25.67 34.83
C LYS A 756 -3.85 -26.11 35.37
N LYS A 757 -2.76 -25.71 34.74
CA LYS A 757 -1.46 -26.11 35.26
C LYS A 757 -1.16 -25.40 36.59
N VAL A 758 -1.47 -24.13 36.70
CA VAL A 758 -1.21 -23.47 37.97
C VAL A 758 -1.87 -24.25 39.10
N LEU A 759 -3.14 -24.48 38.96
CA LEU A 759 -3.81 -25.24 39.97
C LEU A 759 -3.25 -26.64 40.22
N GLU A 760 -2.56 -27.25 39.27
CA GLU A 760 -2.24 -28.64 39.51
C GLU A 760 -1.09 -28.68 40.44
N GLN A 761 -0.12 -27.87 40.13
CA GLN A 761 1.05 -27.71 40.94
C GLN A 761 0.50 -27.28 42.33
N HIS A 762 -0.52 -26.45 42.36
CA HIS A 762 -1.06 -26.00 43.64
C HIS A 762 -1.45 -27.20 44.46
N ALA A 763 -2.27 -28.09 43.92
CA ALA A 763 -2.71 -29.23 44.74
C ALA A 763 -1.52 -29.98 45.27
N THR A 764 -0.53 -30.14 44.44
CA THR A 764 0.68 -30.72 44.91
C THR A 764 1.11 -30.14 46.25
N ALA A 765 0.85 -28.89 46.53
CA ALA A 765 1.44 -28.37 47.73
C ALA A 765 0.55 -28.00 48.91
N TYR A 766 -0.75 -28.20 48.76
CA TYR A 766 -1.69 -27.94 49.84
C TYR A 766 -2.62 -29.09 49.89
N ASN A 767 -2.23 -30.17 49.24
CA ASN A 767 -3.06 -31.34 49.37
C ASN A 767 -2.52 -32.26 50.41
N GLU A 768 -1.27 -32.04 50.80
CA GLU A 768 -0.68 -32.76 51.94
C GLU A 768 0.74 -32.35 52.27
N GLU A 769 1.23 -32.86 53.39
CA GLU A 769 2.56 -32.55 53.93
C GLU A 769 3.68 -32.45 52.91
N VAL A 770 4.64 -31.58 53.18
CA VAL A 770 5.76 -31.44 52.30
C VAL A 770 7.04 -31.21 53.09
N VAL A 771 7.88 -32.22 53.28
CA VAL A 771 9.11 -32.03 54.05
C VAL A 771 10.31 -31.67 53.14
N ALA A 772 10.38 -32.24 51.93
CA ALA A 772 11.47 -31.89 50.99
C ALA A 772 11.00 -31.62 49.56
N LEU A 773 11.65 -30.66 48.89
CA LEU A 773 11.31 -30.44 47.49
C LEU A 773 11.92 -31.63 46.83
N PRO A 774 11.46 -31.88 45.63
CA PRO A 774 12.07 -32.90 44.80
C PRO A 774 13.42 -32.41 44.33
N VAL A 775 14.19 -33.30 43.75
CA VAL A 775 15.57 -32.99 43.44
C VAL A 775 15.70 -32.01 42.32
N GLY A 776 15.01 -32.35 41.24
CA GLY A 776 15.09 -31.54 40.05
C GLY A 776 16.10 -32.07 39.08
N GLY A 777 15.79 -31.96 37.80
CA GLY A 777 16.67 -32.47 36.78
C GLY A 777 16.48 -31.53 35.62
N PHE A 778 16.50 -30.27 35.95
CA PHE A 778 16.32 -29.34 34.92
C PHE A 778 17.68 -29.00 34.47
N TYR A 779 18.59 -28.54 35.32
CA TYR A 779 19.92 -28.24 34.85
C TYR A 779 20.80 -29.46 34.64
N ARG A 780 20.28 -30.65 34.95
CA ARG A 780 21.08 -31.86 34.79
C ARG A 780 20.21 -33.11 34.85
N PHE A 781 20.60 -34.13 34.11
CA PHE A 781 19.74 -35.27 34.05
C PHE A 781 19.83 -36.04 35.31
N ARG A 782 18.73 -36.28 35.99
CA ARG A 782 18.82 -37.17 37.14
C ARG A 782 17.95 -38.28 36.70
N LYS A 783 17.75 -39.35 37.45
CA LYS A 783 16.97 -40.33 36.75
C LYS A 783 15.57 -40.01 37.11
N SER A 784 15.43 -38.76 37.54
CA SER A 784 14.09 -38.31 37.86
C SER A 784 13.19 -37.78 36.71
N GLY A 785 12.48 -36.70 37.01
CA GLY A 785 11.39 -36.23 36.17
C GLY A 785 11.53 -35.57 34.82
N ASP A 786 12.39 -34.57 34.79
CA ASP A 786 12.67 -33.86 33.59
C ASP A 786 13.48 -34.71 32.69
N ARG A 787 13.12 -34.77 31.42
CA ARG A 787 13.90 -35.57 30.55
C ARG A 787 14.90 -34.66 29.90
N HIS A 788 15.76 -35.21 29.08
CA HIS A 788 16.73 -34.41 28.40
C HIS A 788 16.98 -35.17 27.12
N GLY A 789 17.68 -34.58 26.17
CA GLY A 789 17.94 -35.28 24.95
C GLY A 789 18.96 -36.32 25.29
N TRP A 790 20.08 -35.79 25.73
CA TRP A 790 21.15 -36.63 26.19
C TRP A 790 20.85 -37.10 27.60
N GLU A 791 20.55 -38.40 27.74
CA GLU A 791 20.31 -39.11 28.96
C GLU A 791 21.19 -40.33 28.79
N GLY A 792 21.51 -40.95 29.92
CA GLY A 792 22.42 -42.07 30.00
C GLY A 792 22.23 -43.16 29.00
N GLY A 793 21.04 -43.70 28.97
CA GLY A 793 20.87 -44.77 28.01
C GLY A 793 21.27 -44.43 26.59
N VAL A 794 20.79 -43.26 26.27
CA VAL A 794 20.97 -42.78 24.96
C VAL A 794 22.45 -42.63 24.75
N ILE A 795 23.14 -41.99 25.67
CA ILE A 795 24.59 -41.90 25.49
C ILE A 795 25.39 -43.20 25.40
N HIS A 796 24.96 -44.17 26.20
CA HIS A 796 25.65 -45.41 26.19
C HIS A 796 25.52 -45.99 24.79
N THR A 797 24.26 -46.24 24.39
CA THR A 797 23.95 -46.81 23.08
C THR A 797 24.67 -46.12 21.94
N LEU A 798 24.73 -44.80 22.00
CA LEU A 798 25.47 -44.20 20.92
C LEU A 798 26.95 -44.61 20.99
N GLN A 799 27.49 -44.62 22.21
CA GLN A 799 28.90 -44.91 22.38
C GLN A 799 29.23 -46.31 21.94
N GLN A 800 28.30 -47.16 22.39
CA GLN A 800 28.38 -48.55 22.02
C GLN A 800 28.49 -48.49 20.50
N ALA A 801 27.47 -47.88 19.87
CA ALA A 801 27.45 -47.82 18.42
C ALA A 801 28.69 -47.35 17.67
N VAL A 802 29.25 -46.23 18.04
CA VAL A 802 30.38 -45.76 17.26
C VAL A 802 31.58 -46.50 17.72
N THR A 803 31.55 -47.06 18.93
CA THR A 803 32.76 -47.79 19.31
C THR A 803 32.90 -49.19 18.70
N ASN A 804 31.83 -49.98 18.75
CA ASN A 804 31.86 -51.27 18.18
C ASN A 804 31.69 -51.18 16.69
N ASP A 805 31.39 -49.96 16.22
CA ASP A 805 31.08 -49.75 14.82
C ASP A 805 29.86 -50.52 14.34
N SER A 806 28.71 -50.55 15.04
CA SER A 806 27.56 -51.18 14.42
C SER A 806 26.47 -50.19 14.05
N TYR A 807 25.96 -50.28 12.83
CA TYR A 807 24.94 -49.34 12.43
C TYR A 807 23.70 -49.80 13.05
N THR A 808 23.64 -51.08 13.32
CA THR A 808 22.46 -51.57 14.01
C THR A 808 22.38 -51.00 15.42
N THR A 809 23.52 -50.69 15.98
CA THR A 809 23.42 -50.19 17.33
C THR A 809 23.02 -48.77 17.22
N PHE A 810 23.63 -48.10 16.26
CA PHE A 810 23.18 -46.75 15.99
C PHE A 810 21.68 -46.67 15.85
N LYS A 811 21.16 -47.49 14.98
CA LYS A 811 19.75 -47.47 14.78
C LYS A 811 18.95 -47.73 16.02
N LYS A 812 19.57 -48.28 17.03
CA LYS A 812 18.73 -48.65 18.14
C LYS A 812 18.74 -47.42 18.98
N TYR A 813 19.82 -46.66 18.92
CA TYR A 813 19.96 -45.44 19.66
C TYR A 813 18.93 -44.41 19.20
N SER A 814 19.00 -44.09 17.90
CA SER A 814 18.06 -43.18 17.30
C SER A 814 16.63 -43.56 17.55
N GLU A 815 16.30 -44.85 17.49
CA GLU A 815 14.96 -45.25 17.82
C GLU A 815 14.64 -44.86 19.27
N GLN A 816 15.56 -45.17 20.17
CA GLN A 816 15.46 -44.79 21.57
C GLN A 816 15.17 -43.31 21.56
N VAL A 817 15.86 -42.57 20.71
CA VAL A 817 15.69 -41.14 20.69
C VAL A 817 14.38 -40.67 20.08
N ASN A 818 13.94 -41.32 19.04
CA ASN A 818 12.75 -40.86 18.35
C ASN A 818 11.46 -41.37 18.97
N LYS A 819 11.54 -42.36 19.83
CA LYS A 819 10.31 -42.86 20.33
C LYS A 819 9.86 -42.17 21.57
N ARG A 820 10.32 -41.00 21.89
CA ARG A 820 9.81 -40.50 23.13
C ARG A 820 8.74 -39.53 22.84
N PRO A 821 8.17 -38.96 23.89
CA PRO A 821 7.23 -37.85 23.76
C PRO A 821 7.95 -36.65 23.20
N PRO A 822 7.18 -35.78 22.60
CA PRO A 822 7.74 -34.68 21.83
C PRO A 822 8.41 -33.84 22.82
N MET A 823 9.53 -33.24 22.49
CA MET A 823 10.27 -32.46 23.44
C MET A 823 10.66 -31.16 22.77
N GLN A 824 10.68 -31.17 21.45
CA GLN A 824 11.22 -30.11 20.64
C GLN A 824 10.22 -29.89 19.48
N LEU A 825 10.23 -28.76 18.77
CA LEU A 825 9.18 -28.54 17.74
C LEU A 825 9.16 -29.55 16.62
N ARG A 826 10.34 -29.91 16.12
CA ARG A 826 10.45 -30.81 15.01
C ARG A 826 9.80 -32.05 15.38
N ASP A 827 9.73 -32.36 16.68
CA ASP A 827 9.13 -33.61 17.17
C ASP A 827 7.65 -33.59 16.85
N LEU A 828 7.09 -32.42 16.63
CA LEU A 828 5.69 -32.38 16.34
C LEU A 828 5.36 -32.56 14.84
N LEU A 829 6.35 -32.88 14.01
CA LEU A 829 6.13 -33.00 12.61
C LEU A 829 6.23 -34.42 12.18
N GLU A 830 5.41 -34.80 11.22
CA GLU A 830 5.49 -36.09 10.58
C GLU A 830 6.09 -35.89 9.20
N LEU A 831 6.76 -36.87 8.61
CA LEU A 831 7.20 -36.61 7.26
C LEU A 831 6.44 -37.55 6.37
N ARG A 832 5.52 -37.06 5.54
CA ARG A 832 4.77 -37.91 4.66
C ARG A 832 5.02 -37.36 3.33
N SER A 833 5.00 -38.16 2.28
CA SER A 833 5.21 -37.63 0.93
C SER A 833 4.29 -38.30 -0.08
N THR A 834 4.33 -37.94 -1.32
CA THR A 834 3.33 -38.54 -2.21
C THR A 834 3.93 -39.44 -3.27
N LYS A 835 5.22 -39.75 -3.13
CA LYS A 835 5.89 -40.54 -4.10
C LYS A 835 6.01 -41.90 -3.50
N ALA A 836 6.15 -42.93 -4.32
CA ALA A 836 6.39 -44.24 -3.79
C ALA A 836 7.90 -44.19 -3.56
N PRO A 837 8.30 -45.08 -2.69
CA PRO A 837 9.64 -45.22 -2.18
C PRO A 837 10.65 -45.66 -3.20
N VAL A 838 11.90 -45.33 -2.94
CA VAL A 838 12.89 -45.80 -3.83
C VAL A 838 13.86 -46.68 -3.13
N PRO A 839 14.55 -47.47 -3.93
CA PRO A 839 15.58 -48.36 -3.46
C PRO A 839 16.73 -47.56 -2.88
N VAL A 840 17.23 -47.85 -1.69
CA VAL A 840 18.35 -47.14 -1.10
C VAL A 840 19.59 -47.01 -1.95
N ASP A 841 20.07 -48.09 -2.54
CA ASP A 841 21.21 -48.01 -3.40
C ASP A 841 21.14 -46.78 -4.24
N GLU A 842 19.92 -46.47 -4.67
CA GLU A 842 19.74 -45.41 -5.66
C GLU A 842 20.01 -44.05 -5.20
N VAL A 843 20.01 -43.84 -3.90
CA VAL A 843 20.16 -42.50 -3.43
C VAL A 843 21.57 -42.13 -3.50
N GLU A 844 21.79 -40.83 -3.44
CA GLU A 844 23.09 -40.16 -3.31
C GLU A 844 23.94 -40.90 -2.30
N SER A 845 25.24 -40.72 -2.36
CA SER A 845 26.08 -41.51 -1.49
C SER A 845 26.45 -40.87 -0.21
N ILE A 846 26.90 -41.68 0.75
CA ILE A 846 27.36 -41.19 2.04
C ILE A 846 28.49 -40.23 1.81
N THR A 847 29.53 -40.65 1.11
CA THR A 847 30.58 -39.71 0.81
C THR A 847 30.00 -38.35 0.50
N ALA A 848 28.99 -38.35 -0.35
CA ALA A 848 28.37 -37.13 -0.77
C ALA A 848 27.73 -36.50 0.40
N ILE A 849 26.79 -37.18 1.01
CA ILE A 849 26.13 -36.54 2.10
C ILE A 849 26.95 -36.08 3.26
N ARG A 850 27.86 -36.91 3.75
CA ARG A 850 28.57 -36.55 4.96
C ARG A 850 29.30 -35.26 4.78
N LYS A 851 29.55 -34.92 3.52
CA LYS A 851 30.22 -33.67 3.26
C LYS A 851 29.38 -32.48 3.55
N ARG A 852 28.11 -32.64 3.81
CA ARG A 852 27.33 -31.45 4.11
C ARG A 852 27.37 -31.27 5.59
N PHE A 853 27.96 -32.22 6.27
CA PHE A 853 28.09 -32.16 7.71
C PHE A 853 29.41 -31.45 8.07
N ILE A 854 29.36 -30.74 9.20
CA ILE A 854 30.55 -30.16 9.79
C ILE A 854 30.46 -30.29 11.30
N THR A 855 31.65 -30.16 11.87
CA THR A 855 31.89 -30.26 13.29
C THR A 855 32.06 -28.81 13.59
N PRO A 856 31.23 -28.32 14.48
CA PRO A 856 31.20 -26.91 14.86
C PRO A 856 32.49 -26.43 15.43
N GLY A 857 32.58 -25.13 15.66
CA GLY A 857 33.75 -24.54 16.32
C GLY A 857 33.64 -24.70 17.83
N MET A 858 34.62 -25.36 18.41
CA MET A 858 34.71 -25.66 19.86
C MET A 858 36.21 -25.42 20.06
N SER A 859 36.49 -24.47 20.94
CA SER A 859 37.84 -23.94 21.02
C SER A 859 38.88 -24.84 21.61
N MET A 860 40.10 -24.60 21.18
CA MET A 860 41.23 -25.19 21.86
C MET A 860 41.31 -24.41 23.22
N GLY A 861 41.08 -25.09 24.34
CA GLY A 861 40.93 -24.34 25.55
C GLY A 861 39.70 -24.97 26.13
N ALA A 862 38.54 -24.58 25.64
CA ALA A 862 37.35 -25.30 26.05
C ALA A 862 37.58 -26.81 25.91
N LEU A 863 38.19 -27.24 24.81
CA LEU A 863 38.48 -28.65 24.78
C LEU A 863 39.94 -29.08 24.86
N SER A 864 40.18 -30.31 25.31
CA SER A 864 41.53 -30.81 25.40
C SER A 864 42.21 -30.73 24.07
N PRO A 865 43.52 -30.62 24.02
CA PRO A 865 44.18 -30.58 22.71
C PRO A 865 43.89 -31.89 22.02
N GLU A 866 43.85 -32.92 22.79
CA GLU A 866 43.59 -34.18 22.13
C GLU A 866 42.20 -34.13 21.44
N ALA A 867 41.13 -33.79 22.15
CA ALA A 867 39.81 -33.75 21.52
C ALA A 867 39.77 -32.89 20.25
N HIS A 868 40.28 -31.68 20.38
CA HIS A 868 40.28 -30.76 19.28
C HIS A 868 40.86 -31.40 18.06
N GLY A 869 42.12 -31.73 18.07
CA GLY A 869 42.66 -32.29 16.85
C GLY A 869 42.04 -33.59 16.47
N THR A 870 41.42 -34.24 17.43
CA THR A 870 40.85 -35.49 16.96
C THR A 870 39.90 -35.16 15.80
N LEU A 871 39.05 -34.19 16.11
CA LEU A 871 38.03 -33.66 15.26
C LEU A 871 38.69 -33.19 14.00
N ASN A 872 39.70 -32.35 14.09
CA ASN A 872 40.21 -31.98 12.80
C ASN A 872 40.62 -33.16 11.96
N VAL A 873 40.90 -34.30 12.55
CA VAL A 873 41.43 -35.36 11.76
C VAL A 873 40.32 -36.08 11.13
N ALA A 874 39.30 -36.33 11.93
CA ALA A 874 38.10 -37.00 11.44
C ALA A 874 37.59 -36.23 10.24
N MET A 875 37.26 -34.95 10.44
CA MET A 875 36.71 -34.23 9.32
C MET A 875 37.62 -34.27 8.11
N ASN A 876 38.89 -34.02 8.23
CA ASN A 876 39.57 -34.06 6.98
C ASN A 876 39.62 -35.45 6.40
N ARG A 877 39.23 -36.45 7.13
CA ARG A 877 39.51 -37.73 6.57
C ARG A 877 38.40 -38.07 5.63
N ILE A 878 37.25 -37.52 5.93
CA ILE A 878 36.12 -37.80 5.12
C ILE A 878 35.79 -36.63 4.21
N GLY A 879 36.77 -35.81 3.90
CA GLY A 879 36.55 -34.70 3.02
C GLY A 879 35.55 -33.68 3.49
N ALA A 880 35.25 -33.63 4.78
CA ALA A 880 34.32 -32.62 5.28
C ALA A 880 35.04 -31.41 5.83
N LYS A 881 34.43 -30.76 6.81
CA LYS A 881 35.09 -29.62 7.43
C LYS A 881 34.94 -29.51 8.94
N SER A 882 36.01 -29.06 9.61
CA SER A 882 35.85 -28.75 11.03
C SER A 882 36.10 -27.28 11.32
N ASP A 883 35.79 -26.86 12.53
CA ASP A 883 35.87 -25.45 12.87
C ASP A 883 36.75 -25.19 14.10
N SER A 884 37.89 -24.56 13.86
CA SER A 884 38.87 -24.19 14.90
C SER A 884 38.24 -23.72 16.20
N GLY A 885 37.31 -22.80 16.14
CA GLY A 885 36.71 -22.39 17.37
C GLY A 885 37.24 -21.04 17.77
N GLU A 886 36.60 -20.47 18.76
CA GLU A 886 37.01 -19.17 19.25
C GLU A 886 38.46 -18.93 19.66
N GLY A 887 39.30 -19.95 19.67
CA GLY A 887 40.59 -19.74 20.28
C GLY A 887 41.97 -20.07 19.74
N GLY A 888 42.27 -19.72 18.52
CA GLY A 888 43.58 -20.01 18.02
C GLY A 888 43.53 -21.39 17.46
N GLU A 889 44.58 -21.64 16.65
CA GLU A 889 45.02 -22.91 16.12
C GLU A 889 46.51 -22.93 15.93
N ASP A 890 47.15 -23.93 16.50
CA ASP A 890 48.58 -24.02 16.40
C ASP A 890 49.04 -24.29 14.98
N PRO A 891 49.92 -23.46 14.49
CA PRO A 891 50.43 -23.57 13.11
C PRO A 891 51.32 -24.74 12.75
N ALA A 892 51.89 -25.43 13.73
CA ALA A 892 52.66 -26.65 13.48
C ALA A 892 51.73 -27.49 12.66
N ARG A 893 50.49 -27.47 13.16
CA ARG A 893 49.33 -28.14 12.57
C ARG A 893 49.08 -27.82 11.12
N PHE A 894 49.77 -26.83 10.57
CA PHE A 894 49.64 -26.56 9.16
C PHE A 894 50.39 -27.52 8.22
N ARG A 895 50.45 -28.82 8.52
CA ARG A 895 50.94 -29.84 7.55
C ARG A 895 50.37 -31.24 7.84
N PRO A 896 50.27 -32.12 6.87
CA PRO A 896 49.75 -33.47 7.17
C PRO A 896 50.90 -34.26 7.80
N ASP A 897 50.65 -35.26 8.62
CA ASP A 897 51.71 -35.91 9.35
C ASP A 897 52.14 -37.19 8.71
N LYS A 898 53.20 -37.83 9.23
CA LYS A 898 53.75 -39.01 8.58
C LYS A 898 52.65 -40.03 8.30
N ASN A 899 51.64 -40.01 9.12
CA ASN A 899 50.63 -40.98 8.87
C ASN A 899 49.61 -40.59 7.87
N GLY A 900 49.73 -39.37 7.37
CA GLY A 900 48.76 -38.84 6.45
C GLY A 900 47.67 -38.11 7.20
N ASP A 901 47.61 -38.14 8.52
CA ASP A 901 46.52 -37.47 9.19
C ASP A 901 46.71 -35.98 9.16
N ASN A 902 45.65 -35.17 9.15
CA ASN A 902 45.72 -33.72 9.00
C ASN A 902 45.05 -32.96 10.15
N TRP A 903 45.84 -32.32 11.00
CA TRP A 903 45.33 -31.76 12.22
C TRP A 903 44.80 -30.37 11.97
N ASN A 904 45.24 -29.79 10.87
CA ASN A 904 44.69 -28.49 10.55
C ASN A 904 43.17 -28.42 10.31
N SER A 905 42.50 -27.39 10.76
CA SER A 905 41.06 -27.27 10.62
C SER A 905 40.70 -26.37 9.43
N ALA A 906 39.69 -26.81 8.66
CA ALA A 906 39.28 -26.15 7.41
C ALA A 906 38.56 -24.81 7.42
N ILE A 907 37.79 -24.55 8.48
CA ILE A 907 37.07 -23.31 8.68
C ILE A 907 37.63 -22.59 9.92
N LYS A 908 38.24 -21.43 9.81
CA LYS A 908 38.71 -20.77 11.03
C LYS A 908 37.74 -19.66 11.55
N GLN A 909 37.56 -19.54 12.86
CA GLN A 909 36.68 -18.48 13.32
C GLN A 909 37.40 -17.16 13.44
N VAL A 910 36.56 -16.14 13.52
CA VAL A 910 36.94 -14.82 13.88
C VAL A 910 35.90 -14.30 14.92
N ALA A 911 36.27 -14.14 16.20
CA ALA A 911 35.28 -13.73 17.19
C ALA A 911 35.68 -12.52 17.98
N SER A 912 34.84 -12.04 18.91
CA SER A 912 35.26 -10.84 19.61
C SER A 912 36.68 -10.76 20.00
N GLY A 913 37.19 -11.57 20.91
CA GLY A 913 38.56 -11.29 21.32
C GLY A 913 39.36 -11.98 20.29
N ARG A 914 39.99 -11.28 19.41
CA ARG A 914 40.55 -12.02 18.30
C ARG A 914 41.73 -12.98 18.60
N PHE A 915 41.44 -13.99 19.40
CA PHE A 915 42.39 -14.99 19.76
C PHE A 915 43.57 -15.40 19.01
N GLY A 916 43.52 -16.03 17.89
CA GLY A 916 44.88 -16.32 17.48
C GLY A 916 45.00 -15.70 16.16
N VAL A 917 44.28 -14.60 16.00
CA VAL A 917 44.02 -14.14 14.65
C VAL A 917 45.13 -13.46 13.96
N THR A 918 45.63 -14.20 13.00
CA THR A 918 46.89 -13.85 12.39
C THR A 918 46.94 -13.92 10.91
N ALA A 919 47.75 -13.08 10.27
CA ALA A 919 47.74 -13.18 8.78
C ALA A 919 47.86 -14.62 8.32
N GLU A 920 48.67 -15.40 9.00
CA GLU A 920 48.84 -16.80 8.65
C GLU A 920 47.67 -17.63 9.13
N TYR A 921 47.00 -17.25 10.19
CA TYR A 921 45.89 -18.11 10.60
C TYR A 921 44.81 -17.92 9.57
N LEU A 922 44.42 -16.66 9.38
CA LEU A 922 43.40 -16.31 8.43
C LEU A 922 43.71 -16.90 7.09
N ASN A 923 44.97 -17.17 6.78
CA ASN A 923 45.20 -17.79 5.49
C ASN A 923 45.30 -19.32 5.43
N GLN A 924 45.16 -20.01 6.54
CA GLN A 924 45.31 -21.44 6.51
C GLN A 924 43.90 -22.02 6.53
N CYS A 925 43.05 -21.64 5.56
CA CYS A 925 41.70 -22.22 5.44
C CYS A 925 40.87 -22.00 4.20
N ARG A 926 39.71 -22.64 4.16
CA ARG A 926 38.84 -22.49 3.03
C ARG A 926 37.67 -21.62 3.47
N GLU A 927 37.53 -21.39 4.77
CA GLU A 927 36.38 -20.61 5.14
C GLU A 927 36.56 -19.80 6.42
N LEU A 928 36.19 -18.53 6.45
CA LEU A 928 36.21 -17.74 7.67
C LEU A 928 34.82 -17.56 8.34
N GLU A 929 34.66 -17.89 9.62
CA GLU A 929 33.33 -17.84 10.23
C GLU A 929 33.31 -16.62 11.12
N ILE A 930 32.53 -15.61 10.79
CA ILE A 930 32.47 -14.49 11.70
C ILE A 930 31.55 -14.92 12.80
N LYS A 931 32.04 -15.07 14.02
CA LYS A 931 31.12 -15.47 15.08
C LYS A 931 30.40 -14.34 15.78
N VAL A 932 29.20 -14.07 15.37
CA VAL A 932 28.54 -13.02 16.06
C VAL A 932 27.83 -13.64 17.21
N ALA A 933 27.63 -14.93 17.29
CA ALA A 933 26.88 -15.39 18.45
C ALA A 933 26.58 -16.90 18.60
N GLN A 934 26.49 -17.46 19.82
CA GLN A 934 26.16 -18.86 20.03
C GLN A 934 24.89 -19.04 20.81
N GLY A 935 24.10 -20.05 20.49
CA GLY A 935 22.83 -20.26 21.17
C GLY A 935 22.89 -20.54 22.63
N ALA A 936 24.10 -20.80 23.09
CA ALA A 936 24.21 -21.07 24.50
C ALA A 936 24.16 -19.70 25.19
N LYS A 937 24.82 -18.73 24.59
CA LYS A 937 24.81 -17.42 25.23
C LYS A 937 24.80 -16.22 24.25
N PRO A 938 23.69 -16.07 23.52
CA PRO A 938 23.54 -15.06 22.50
C PRO A 938 24.04 -13.70 22.89
N GLY A 939 23.38 -13.12 23.85
CA GLY A 939 23.92 -11.78 24.05
C GLY A 939 25.42 -11.55 24.32
N GLU A 940 26.31 -12.54 24.28
CA GLU A 940 27.55 -12.37 25.01
C GLU A 940 29.00 -12.73 24.77
N GLY A 941 29.44 -13.83 24.22
CA GLY A 941 30.91 -13.85 24.23
C GLY A 941 31.61 -14.82 25.16
N GLY A 942 32.69 -15.41 24.69
CA GLY A 942 33.22 -16.52 25.43
C GLY A 942 33.86 -16.30 26.76
N GLN A 943 33.94 -17.39 27.52
CA GLN A 943 34.64 -17.45 28.80
C GLN A 943 35.61 -18.58 28.75
N LEU A 944 36.77 -18.43 29.37
CA LEU A 944 37.66 -19.54 29.50
C LEU A 944 38.25 -19.32 30.88
N PRO A 945 37.83 -20.12 31.86
CA PRO A 945 38.30 -20.02 33.25
C PRO A 945 39.79 -19.96 33.23
N GLY A 946 40.36 -19.26 34.21
CA GLY A 946 41.78 -18.99 34.23
C GLY A 946 42.63 -20.23 34.32
N PHE A 947 42.11 -21.19 35.05
CA PHE A 947 42.89 -22.35 35.20
C PHE A 947 42.69 -23.23 34.02
N LYS A 948 42.56 -22.67 32.84
CA LYS A 948 42.42 -23.56 31.71
C LYS A 948 43.28 -22.87 30.78
N VAL A 949 43.67 -21.67 31.20
CA VAL A 949 44.53 -20.89 30.37
C VAL A 949 45.91 -21.35 30.64
N THR A 950 46.15 -22.57 30.23
CA THR A 950 47.43 -23.17 30.31
C THR A 950 48.40 -22.22 29.70
N GLU A 951 49.63 -22.67 29.53
CA GLU A 951 50.65 -21.82 28.96
C GLU A 951 50.61 -22.01 27.49
N MET A 952 50.37 -23.25 27.07
CA MET A 952 50.32 -23.46 25.63
C MET A 952 49.14 -22.64 25.18
N ILE A 953 48.01 -22.82 25.88
CA ILE A 953 46.86 -22.03 25.53
C ILE A 953 47.26 -20.59 25.46
N ALA A 954 47.74 -20.02 26.54
CA ALA A 954 48.21 -18.63 26.56
C ALA A 954 49.20 -18.30 25.45
N ARG A 955 50.08 -19.21 25.10
CA ARG A 955 50.96 -18.85 24.00
C ARG A 955 50.16 -18.63 22.70
N LEU A 956 49.23 -19.55 22.43
CA LEU A 956 48.41 -19.52 21.24
C LEU A 956 47.70 -18.22 21.15
N ARG A 957 46.95 -17.97 22.21
CA ARG A 957 46.20 -16.76 22.25
C ARG A 957 46.90 -15.42 22.55
N HIS A 958 48.23 -15.34 22.67
CA HIS A 958 48.83 -14.12 23.25
C HIS A 958 48.06 -13.52 24.44
N SER A 959 47.70 -14.36 25.41
CA SER A 959 47.00 -13.93 26.61
C SER A 959 48.03 -14.16 27.71
N THR A 960 47.69 -13.86 28.96
CA THR A 960 48.63 -14.12 30.03
C THR A 960 48.26 -15.39 30.76
N PRO A 961 49.27 -16.21 31.01
CA PRO A 961 49.06 -17.54 31.58
C PRO A 961 48.20 -17.55 32.78
N GLY A 962 47.37 -18.56 32.80
CA GLY A 962 46.50 -18.79 33.92
C GLY A 962 45.59 -17.68 34.26
N VAL A 963 45.72 -16.55 33.59
CA VAL A 963 44.65 -15.53 33.72
C VAL A 963 43.50 -15.79 32.71
N MET A 964 42.29 -15.77 33.27
CA MET A 964 40.98 -15.93 32.60
C MET A 964 40.80 -15.13 31.35
N LEU A 965 40.09 -15.71 30.40
CA LEU A 965 39.80 -14.99 29.16
C LEU A 965 38.29 -14.79 29.05
N ILE A 966 37.82 -13.61 29.41
CA ILE A 966 36.43 -13.33 29.10
C ILE A 966 36.45 -12.38 27.92
N SER A 967 35.59 -12.69 26.94
CA SER A 967 35.62 -11.95 25.69
C SER A 967 34.66 -10.79 25.68
N PRO A 968 34.91 -9.82 24.83
CA PRO A 968 34.00 -8.68 24.79
C PRO A 968 32.75 -9.21 24.12
N PRO A 969 31.56 -8.90 24.61
CA PRO A 969 30.36 -9.47 24.00
C PRO A 969 30.16 -9.11 22.51
N PRO A 970 30.48 -7.88 22.13
CA PRO A 970 30.34 -7.50 20.73
C PRO A 970 31.67 -7.54 20.09
N HIS A 971 31.75 -7.67 18.77
CA HIS A 971 33.03 -7.53 18.07
C HIS A 971 33.36 -6.05 18.08
N HIS A 972 34.60 -5.62 18.24
CA HIS A 972 34.69 -4.15 18.31
C HIS A 972 34.60 -3.49 16.94
N ASP A 973 34.72 -4.31 15.91
CA ASP A 973 34.62 -3.74 14.58
C ASP A 973 33.37 -4.22 13.88
N ILE A 974 32.25 -4.28 14.57
CA ILE A 974 31.01 -4.63 13.97
C ILE A 974 29.93 -4.04 14.88
N TYR A 975 29.73 -2.74 14.75
CA TYR A 975 28.73 -1.99 15.50
C TYR A 975 27.45 -1.68 14.73
N SER A 976 27.42 -2.03 13.46
CA SER A 976 26.21 -1.79 12.64
C SER A 976 26.41 -2.56 11.34
N ILE A 977 25.34 -2.75 10.59
CA ILE A 977 25.58 -3.57 9.41
C ILE A 977 26.63 -3.16 8.39
N GLU A 978 26.79 -1.87 8.15
CA GLU A 978 27.86 -1.49 7.22
C GLU A 978 29.12 -2.04 7.85
N ASP A 979 29.19 -1.97 9.18
CA ASP A 979 30.37 -2.45 9.79
C ASP A 979 30.61 -3.91 9.42
N LEU A 980 29.64 -4.78 9.66
CA LEU A 980 29.79 -6.18 9.26
C LEU A 980 30.41 -6.19 7.92
N ALA A 981 29.74 -5.38 7.12
CA ALA A 981 30.07 -5.34 5.72
C ALA A 981 31.53 -5.16 5.46
N GLN A 982 32.14 -4.30 6.24
CA GLN A 982 33.50 -3.99 5.96
C GLN A 982 34.44 -5.08 6.51
N LEU A 983 34.01 -5.75 7.56
CA LEU A 983 34.83 -6.83 8.10
C LEU A 983 34.90 -7.92 7.02
N ILE A 984 33.71 -8.26 6.51
CA ILE A 984 33.69 -9.21 5.43
C ILE A 984 34.60 -8.82 4.25
N TYR A 985 34.67 -7.53 3.95
CA TYR A 985 35.59 -7.11 2.92
C TYR A 985 37.06 -7.44 3.32
N ASP A 986 37.48 -7.08 4.53
CA ASP A 986 38.88 -7.29 4.92
C ASP A 986 39.15 -8.79 4.88
N LEU A 987 38.17 -9.51 5.39
CA LEU A 987 38.31 -10.92 5.42
C LEU A 987 38.52 -11.39 3.99
N LYS A 988 37.70 -10.94 3.05
CA LYS A 988 37.90 -11.47 1.70
C LYS A 988 39.13 -10.94 1.04
N GLN A 989 39.71 -9.92 1.65
CA GLN A 989 40.93 -9.31 1.16
C GLN A 989 42.17 -10.04 1.64
N ILE A 990 42.17 -10.48 2.88
CA ILE A 990 43.38 -11.10 3.35
C ILE A 990 43.38 -12.51 2.87
N ASN A 991 42.21 -13.06 2.61
CA ASN A 991 42.23 -14.39 2.06
C ASN A 991 41.37 -14.57 0.88
N PRO A 992 42.00 -14.50 -0.26
CA PRO A 992 41.30 -14.52 -1.53
C PRO A 992 40.57 -15.80 -1.79
N ASP A 993 40.89 -16.87 -1.12
CA ASP A 993 40.18 -18.07 -1.43
C ASP A 993 38.98 -18.39 -0.53
N ALA A 994 38.83 -17.76 0.63
CA ALA A 994 37.80 -18.32 1.50
C ALA A 994 36.42 -17.79 1.33
N LYS A 995 35.42 -18.57 1.71
CA LYS A 995 34.07 -18.07 1.73
C LYS A 995 33.88 -17.43 3.08
N VAL A 996 32.95 -16.52 3.32
CA VAL A 996 32.86 -16.04 4.70
C VAL A 996 31.51 -16.44 5.29
N THR A 997 31.46 -16.85 6.55
CA THR A 997 30.20 -17.25 7.10
C THR A 997 29.82 -16.32 8.22
N VAL A 998 28.55 -16.26 8.64
CA VAL A 998 28.23 -15.42 9.77
C VAL A 998 27.47 -16.25 10.79
N LYS A 999 28.00 -16.45 12.01
CA LYS A 999 27.27 -17.36 12.88
C LYS A 999 26.25 -16.48 13.51
N LEU A 1000 24.98 -16.85 13.44
CA LEU A 1000 23.99 -15.99 14.05
C LEU A 1000 23.16 -16.87 14.87
N VAL A 1001 22.35 -16.30 15.75
CA VAL A 1001 21.55 -17.17 16.57
C VAL A 1001 20.09 -16.93 16.35
N SER A 1002 19.41 -18.01 16.02
CA SER A 1002 18.02 -17.88 15.83
C SER A 1002 17.30 -17.06 16.82
N ARG A 1003 16.37 -16.30 16.34
CA ARG A 1003 15.51 -15.43 17.15
C ARG A 1003 14.61 -14.65 16.19
N SER A 1004 13.43 -14.27 16.64
CA SER A 1004 12.60 -13.66 15.60
C SER A 1004 13.05 -12.28 15.22
N GLY A 1005 13.28 -12.09 13.93
CA GLY A 1005 13.91 -10.90 13.41
C GLY A 1005 15.18 -11.37 12.74
N ILE A 1006 15.54 -12.64 12.89
CA ILE A 1006 16.80 -13.03 12.30
C ILE A 1006 16.70 -12.87 10.83
N GLY A 1007 15.51 -13.23 10.30
CA GLY A 1007 15.22 -13.19 8.88
C GLY A 1007 15.72 -11.95 8.19
N THR A 1008 15.23 -10.84 8.68
CA THR A 1008 15.69 -9.58 8.15
C THR A 1008 17.18 -9.36 8.18
N ILE A 1009 17.78 -9.55 9.32
CA ILE A 1009 19.21 -9.38 9.37
C ILE A 1009 19.87 -10.26 8.32
N ALA A 1010 19.40 -11.49 8.33
CA ALA A 1010 19.89 -12.46 7.41
C ALA A 1010 20.08 -11.83 6.06
N ALA A 1011 19.06 -11.09 5.63
CA ALA A 1011 19.10 -10.41 4.34
C ALA A 1011 20.30 -9.45 4.21
N GLY A 1012 20.34 -8.43 5.07
CA GLY A 1012 21.51 -7.56 5.14
C GLY A 1012 22.83 -8.34 5.08
N VAL A 1013 22.94 -9.42 5.86
CA VAL A 1013 24.18 -10.18 5.82
C VAL A 1013 24.41 -10.54 4.36
N ALA A 1014 23.32 -10.96 3.74
CA ALA A 1014 23.42 -11.37 2.34
C ALA A 1014 23.89 -10.22 1.43
N LYS A 1015 23.34 -9.04 1.62
CA LYS A 1015 23.73 -7.91 0.82
C LYS A 1015 25.13 -7.56 1.21
N ALA A 1016 25.62 -8.06 2.34
CA ALA A 1016 26.97 -7.64 2.70
C ALA A 1016 28.04 -8.59 2.18
N ASN A 1017 27.68 -9.40 1.20
CA ASN A 1017 28.63 -10.33 0.67
C ASN A 1017 29.08 -11.54 1.47
N ALA A 1018 28.22 -12.02 2.35
CA ALA A 1018 28.56 -13.21 3.10
C ALA A 1018 28.23 -14.38 2.21
N ASP A 1019 28.95 -15.47 2.31
CA ASP A 1019 28.64 -16.62 1.51
C ASP A 1019 27.82 -17.65 2.25
N ILE A 1020 27.89 -17.73 3.58
CA ILE A 1020 27.10 -18.77 4.20
C ILE A 1020 26.47 -18.17 5.39
N ILE A 1021 25.30 -18.60 5.80
CA ILE A 1021 24.80 -18.03 7.02
C ILE A 1021 24.34 -19.19 7.91
N LEU A 1022 24.73 -19.14 9.18
CA LEU A 1022 24.46 -20.23 10.07
C LEU A 1022 23.62 -19.76 11.23
N ILE A 1023 22.53 -20.46 11.41
CA ILE A 1023 21.59 -20.15 12.43
C ILE A 1023 21.71 -21.26 13.43
N SER A 1024 21.96 -20.80 14.66
CA SER A 1024 22.19 -21.65 15.77
C SER A 1024 21.03 -21.61 16.68
N GLY A 1025 20.70 -22.79 17.15
CA GLY A 1025 19.58 -23.03 18.01
C GLY A 1025 19.84 -22.55 19.40
N ASN A 1026 18.76 -22.41 20.15
CA ASN A 1026 18.87 -21.92 21.48
C ASN A 1026 19.59 -22.98 22.25
N SER A 1027 19.24 -24.25 22.06
CA SER A 1027 19.87 -25.35 22.77
C SER A 1027 21.32 -25.80 22.46
N GLY A 1028 22.13 -25.03 21.78
CA GLY A 1028 23.46 -25.60 21.59
C GLY A 1028 24.33 -25.63 22.81
N GLY A 1029 25.56 -26.09 22.67
CA GLY A 1029 26.46 -26.29 23.82
C GLY A 1029 27.49 -25.22 23.98
N THR A 1030 28.19 -25.19 25.12
CA THR A 1030 29.20 -24.15 25.44
C THR A 1030 30.06 -24.84 26.45
N GLY A 1031 31.33 -24.52 26.50
CA GLY A 1031 32.10 -25.11 27.57
C GLY A 1031 31.90 -24.34 28.89
N ALA A 1032 31.39 -23.14 28.82
CA ALA A 1032 31.30 -22.35 30.01
C ALA A 1032 30.31 -21.27 29.77
N SER A 1033 29.31 -21.15 30.62
CA SER A 1033 28.40 -20.06 30.33
C SER A 1033 27.38 -19.98 31.42
N PRO A 1034 26.88 -18.79 31.72
CA PRO A 1034 25.95 -18.61 32.85
C PRO A 1034 24.78 -19.44 32.54
N GLN A 1035 24.03 -19.92 33.52
CA GLN A 1035 22.90 -20.79 33.25
C GLN A 1035 21.63 -20.16 32.79
N THR A 1036 21.55 -18.85 32.83
CA THR A 1036 20.27 -18.24 32.49
C THR A 1036 20.30 -18.17 30.99
N SER A 1037 21.49 -17.94 30.45
CA SER A 1037 21.56 -17.91 29.03
C SER A 1037 21.38 -19.36 28.54
N ILE A 1038 21.79 -20.28 29.35
CA ILE A 1038 21.63 -21.59 28.81
C ILE A 1038 20.22 -21.99 28.92
N LYS A 1039 19.37 -21.18 29.51
CA LYS A 1039 18.04 -21.73 29.63
C LYS A 1039 17.04 -20.74 29.24
N PHE A 1040 17.50 -19.54 28.92
CA PHE A 1040 16.56 -18.50 28.61
C PHE A 1040 16.84 -17.61 27.41
N ALA A 1041 18.07 -17.57 26.90
CA ALA A 1041 18.35 -16.79 25.71
C ALA A 1041 17.99 -17.69 24.52
N GLY A 1042 18.22 -17.25 23.29
CA GLY A 1042 17.87 -18.05 22.14
C GLY A 1042 16.48 -18.66 21.92
N LEU A 1043 16.26 -19.02 20.65
CA LEU A 1043 15.06 -19.68 20.20
C LEU A 1043 15.38 -20.92 19.37
N PRO A 1044 14.46 -21.86 19.30
CA PRO A 1044 14.66 -23.07 18.53
C PRO A 1044 15.11 -22.78 17.08
N TRP A 1045 15.94 -23.62 16.46
CA TRP A 1045 16.26 -23.42 15.05
C TRP A 1045 15.06 -23.58 14.07
N GLU A 1046 14.18 -24.52 14.33
CA GLU A 1046 13.04 -24.64 13.44
C GLU A 1046 12.39 -23.27 13.14
N MET A 1047 12.32 -22.33 14.09
CA MET A 1047 11.79 -21.00 13.82
C MET A 1047 12.86 -20.16 13.11
N GLY A 1048 13.96 -19.83 13.73
CA GLY A 1048 14.89 -19.03 12.96
C GLY A 1048 15.30 -19.55 11.59
N LEU A 1049 15.53 -20.83 11.43
CA LEU A 1049 16.01 -21.29 10.14
C LEU A 1049 14.95 -21.02 9.07
N SER A 1050 13.68 -21.32 9.29
CA SER A 1050 12.79 -20.94 8.22
C SER A 1050 12.70 -19.46 7.96
N GLU A 1051 12.47 -18.68 9.00
CA GLU A 1051 12.45 -17.25 8.84
C GLU A 1051 13.60 -16.82 7.88
N VAL A 1052 14.83 -17.25 8.10
CA VAL A 1052 15.88 -16.86 7.16
C VAL A 1052 15.55 -17.47 5.81
N HIS A 1053 15.32 -18.76 5.75
CA HIS A 1053 14.90 -19.22 4.45
C HIS A 1053 13.81 -18.38 3.82
N GLN A 1054 12.76 -18.05 4.56
CA GLN A 1054 11.70 -17.30 3.92
C GLN A 1054 12.20 -15.93 3.50
N VAL A 1055 12.29 -15.02 4.44
CA VAL A 1055 12.78 -13.69 4.11
C VAL A 1055 13.84 -13.64 3.05
N LEU A 1056 14.95 -14.32 3.18
CA LEU A 1056 15.93 -14.28 2.09
C LEU A 1056 15.28 -14.57 0.75
N THR A 1057 14.35 -15.52 0.72
CA THR A 1057 13.70 -15.84 -0.52
C THR A 1057 12.86 -14.63 -0.97
N LEU A 1058 12.09 -14.11 -0.05
CA LEU A 1058 11.21 -13.04 -0.34
C LEU A 1058 11.89 -11.82 -0.88
N ASN A 1059 13.23 -11.72 -0.90
CA ASN A 1059 13.94 -10.52 -1.36
C ASN A 1059 14.89 -10.98 -2.40
N ARG A 1060 14.63 -12.18 -2.87
CA ARG A 1060 15.47 -12.69 -3.92
C ARG A 1060 16.95 -12.61 -3.61
N LEU A 1061 17.38 -13.07 -2.43
CA LEU A 1061 18.80 -13.10 -2.05
C LEU A 1061 19.18 -14.55 -1.70
N ARG A 1062 18.11 -15.32 -1.46
CA ARG A 1062 18.23 -16.70 -1.10
C ARG A 1062 19.04 -17.53 -1.96
N HIS A 1063 19.80 -17.04 -2.90
CA HIS A 1063 20.54 -18.00 -3.71
C HIS A 1063 21.90 -17.47 -3.63
N ARG A 1064 22.07 -16.49 -2.77
CA ARG A 1064 23.32 -15.80 -2.82
C ARG A 1064 24.22 -16.33 -1.74
N VAL A 1065 23.56 -17.03 -0.85
CA VAL A 1065 24.17 -17.44 0.35
C VAL A 1065 23.67 -18.86 0.53
N ARG A 1066 24.50 -19.70 1.18
CA ARG A 1066 24.20 -21.09 1.53
C ARG A 1066 23.71 -20.98 2.96
N LEU A 1067 22.89 -21.91 3.46
CA LEU A 1067 22.42 -21.90 4.85
C LEU A 1067 22.87 -23.12 5.63
N ARG A 1068 23.24 -22.92 6.88
CA ARG A 1068 23.73 -23.95 7.78
C ARG A 1068 23.02 -23.81 9.09
N THR A 1069 22.83 -24.90 9.81
CA THR A 1069 22.21 -24.79 11.12
C THR A 1069 22.79 -25.79 12.15
N ASP A 1070 22.74 -25.45 13.41
CA ASP A 1070 23.14 -26.41 14.41
C ASP A 1070 22.30 -26.16 15.64
N GLY A 1071 22.38 -27.06 16.62
CA GLY A 1071 21.56 -26.96 17.81
C GLY A 1071 20.95 -28.24 18.33
N GLY A 1072 21.68 -29.31 18.46
CA GLY A 1072 20.97 -30.42 19.04
C GLY A 1072 20.62 -31.47 18.05
N LEU A 1073 21.26 -31.43 16.89
CA LEU A 1073 20.99 -32.38 15.85
C LEU A 1073 21.70 -33.68 16.21
N LYS A 1074 21.00 -34.70 16.67
CA LYS A 1074 21.64 -35.97 16.99
C LYS A 1074 21.23 -37.08 16.06
N THR A 1075 20.27 -36.84 15.18
CA THR A 1075 19.69 -37.92 14.41
C THR A 1075 19.41 -37.79 12.93
N GLY A 1076 19.35 -38.91 12.26
CA GLY A 1076 19.08 -38.80 10.84
C GLY A 1076 17.94 -37.87 10.52
N ARG A 1077 16.77 -38.12 11.07
CA ARG A 1077 15.65 -37.27 10.86
C ARG A 1077 15.89 -35.81 11.28
N ASP A 1078 16.52 -35.58 12.40
CA ASP A 1078 16.77 -34.18 12.69
C ASP A 1078 17.40 -33.48 11.47
N ILE A 1079 18.12 -34.20 10.64
CA ILE A 1079 18.88 -33.59 9.55
C ILE A 1079 18.02 -33.43 8.36
N VAL A 1080 17.15 -34.39 8.08
CA VAL A 1080 16.22 -34.24 6.99
C VAL A 1080 15.28 -33.05 7.26
N ILE A 1081 14.53 -33.08 8.35
CA ILE A 1081 13.73 -31.93 8.68
C ILE A 1081 14.48 -30.62 8.58
N ALA A 1082 15.73 -30.56 8.97
CA ALA A 1082 16.35 -29.24 8.83
C ALA A 1082 16.51 -28.89 7.37
N ALA A 1083 16.71 -29.90 6.51
CA ALA A 1083 16.86 -29.56 5.10
C ALA A 1083 15.56 -29.01 4.55
N MET A 1084 14.49 -29.71 4.82
CA MET A 1084 13.22 -29.28 4.33
C MET A 1084 12.98 -27.86 4.85
N LEU A 1085 13.51 -27.48 6.02
CA LEU A 1085 13.16 -26.13 6.44
C LEU A 1085 14.03 -25.17 5.70
N GLY A 1086 15.02 -25.65 4.97
CA GLY A 1086 15.80 -24.70 4.24
C GLY A 1086 17.28 -24.87 4.40
N ALA A 1087 17.71 -25.84 5.18
CA ALA A 1087 19.15 -25.86 5.40
C ALA A 1087 19.92 -26.65 4.34
N GLU A 1088 21.18 -26.31 4.11
CA GLU A 1088 22.01 -27.06 3.16
C GLU A 1088 23.22 -27.75 3.83
N GLU A 1089 23.52 -27.34 5.06
CA GLU A 1089 24.61 -27.81 5.84
C GLU A 1089 24.18 -27.93 7.29
N PHE A 1090 24.71 -28.93 7.98
CA PHE A 1090 24.32 -29.22 9.34
C PHE A 1090 25.54 -29.37 10.25
N GLY A 1091 25.49 -28.82 11.45
CA GLY A 1091 26.64 -28.86 12.32
C GLY A 1091 26.45 -29.82 13.48
N ILE A 1092 27.46 -30.61 13.75
CA ILE A 1092 27.22 -31.53 14.82
C ILE A 1092 28.27 -31.52 15.87
N GLY A 1093 28.05 -30.89 17.03
CA GLY A 1093 29.07 -30.80 18.07
C GLY A 1093 29.03 -31.82 19.20
N THR A 1094 28.26 -31.49 20.22
CA THR A 1094 28.02 -32.40 21.32
C THR A 1094 27.94 -33.86 20.92
N ALA A 1095 27.08 -34.25 20.00
CA ALA A 1095 27.09 -35.66 19.69
C ALA A 1095 28.45 -36.03 19.18
N SER A 1096 29.15 -35.15 18.50
CA SER A 1096 30.48 -35.60 18.21
C SER A 1096 31.40 -35.71 19.42
N LEU A 1097 31.21 -34.82 20.38
CA LEU A 1097 31.90 -34.99 21.66
C LEU A 1097 31.55 -36.33 22.30
N ILE A 1098 30.30 -36.67 22.39
CA ILE A 1098 29.93 -37.91 23.04
C ILE A 1098 30.56 -39.13 22.39
N ALA A 1099 30.83 -39.04 21.11
CA ALA A 1099 31.41 -40.19 20.50
C ALA A 1099 32.87 -40.20 20.90
N MET A 1100 33.44 -39.02 21.09
CA MET A 1100 34.80 -39.00 21.55
C MET A 1100 34.81 -39.40 23.02
N GLY A 1101 33.65 -39.64 23.60
CA GLY A 1101 33.61 -40.05 24.97
C GLY A 1101 32.83 -39.24 25.96
N CYS A 1102 32.41 -38.01 25.65
CA CYS A 1102 31.73 -37.23 26.70
C CYS A 1102 30.70 -38.06 27.40
N ILE A 1103 30.57 -37.98 28.73
CA ILE A 1103 29.48 -38.69 29.37
C ILE A 1103 28.46 -37.73 29.90
N MET A 1104 28.67 -36.43 29.64
CA MET A 1104 27.58 -35.47 29.86
C MET A 1104 27.27 -35.22 31.30
N VAL A 1105 28.38 -35.05 31.97
CA VAL A 1105 28.40 -34.91 33.39
C VAL A 1105 28.46 -33.47 33.77
N ARG A 1106 28.60 -32.65 32.74
CA ARG A 1106 28.59 -31.21 32.92
C ARG A 1106 29.64 -30.51 33.77
N GLN A 1107 30.92 -30.83 33.64
CA GLN A 1107 31.90 -30.08 34.42
C GLN A 1107 32.96 -29.52 33.55
N CYS A 1108 32.46 -28.99 32.45
CA CYS A 1108 33.35 -28.50 31.44
C CYS A 1108 33.95 -27.22 31.98
N HIS A 1109 33.28 -26.52 32.89
CA HIS A 1109 33.91 -25.27 33.28
C HIS A 1109 34.95 -25.44 34.33
N SER A 1110 34.87 -26.60 34.97
CA SER A 1110 35.65 -26.97 36.12
C SER A 1110 37.03 -27.54 35.92
N ASN A 1111 37.35 -27.97 34.72
CA ASN A 1111 38.65 -28.55 34.50
C ASN A 1111 38.81 -29.82 35.27
N THR A 1112 37.74 -30.60 35.33
CA THR A 1112 37.71 -31.86 36.01
C THR A 1112 36.99 -32.85 35.10
N CYS A 1113 37.53 -33.04 33.90
CA CYS A 1113 36.79 -33.92 33.02
C CYS A 1113 37.21 -35.33 33.18
N PRO A 1114 36.25 -36.06 33.65
CA PRO A 1114 36.42 -37.48 33.80
C PRO A 1114 37.00 -38.05 32.58
N VAL A 1115 37.02 -37.40 31.44
CA VAL A 1115 37.37 -38.14 30.27
C VAL A 1115 38.23 -37.46 29.28
N GLY A 1116 38.70 -36.28 29.61
CA GLY A 1116 39.76 -35.77 28.76
C GLY A 1116 39.25 -35.00 27.60
N VAL A 1117 37.92 -34.85 27.64
CA VAL A 1117 37.33 -34.09 26.58
C VAL A 1117 37.51 -32.61 26.85
N CYS A 1118 36.75 -32.03 27.75
CA CYS A 1118 37.06 -30.64 27.94
C CYS A 1118 37.86 -30.21 29.20
N VAL A 1119 39.17 -30.51 29.18
CA VAL A 1119 39.98 -30.22 30.33
C VAL A 1119 41.42 -29.97 29.94
N GLN A 1120 42.09 -29.02 30.55
CA GLN A 1120 43.47 -28.78 30.19
C GLN A 1120 44.40 -29.56 31.08
N ASP A 1121 43.86 -30.06 32.20
CA ASP A 1121 44.68 -30.83 33.11
C ASP A 1121 45.24 -32.10 32.53
N ASP A 1122 46.54 -32.22 32.74
CA ASP A 1122 47.33 -33.29 32.23
C ASP A 1122 46.93 -34.64 32.67
N LYS A 1123 46.69 -34.81 33.94
CA LYS A 1123 46.45 -36.18 34.28
C LYS A 1123 45.16 -36.58 33.69
N LEU A 1124 44.28 -35.61 33.76
CA LEU A 1124 42.92 -35.83 33.32
C LEU A 1124 42.85 -36.03 31.82
N ARG A 1125 43.68 -35.31 31.08
CA ARG A 1125 43.73 -35.53 29.64
C ARG A 1125 44.25 -36.87 29.27
N GLN A 1126 44.52 -37.74 30.22
CA GLN A 1126 45.16 -38.96 29.81
C GLN A 1126 44.09 -39.95 29.87
N LYS A 1127 42.95 -39.53 30.35
CA LYS A 1127 41.89 -40.50 30.37
C LYS A 1127 41.03 -40.48 29.09
N PHE A 1128 41.49 -39.74 28.10
CA PHE A 1128 40.78 -39.57 26.84
C PHE A 1128 40.88 -40.74 25.89
N VAL A 1129 39.75 -41.25 25.44
CA VAL A 1129 39.75 -42.34 24.48
C VAL A 1129 39.10 -41.97 23.13
N GLY A 1130 39.00 -40.69 22.83
CA GLY A 1130 38.39 -40.41 21.57
C GLY A 1130 39.30 -40.89 20.48
N THR A 1131 38.73 -41.03 19.29
CA THR A 1131 39.39 -41.49 18.08
C THR A 1131 38.75 -40.93 16.89
N PRO A 1132 39.52 -40.65 15.88
CA PRO A 1132 38.97 -40.21 14.60
C PRO A 1132 37.96 -41.24 14.11
N GLU A 1133 38.44 -42.45 14.12
CA GLU A 1133 37.61 -43.53 13.73
C GLU A 1133 36.27 -43.43 14.45
N LYS A 1134 36.20 -42.94 15.67
CA LYS A 1134 34.88 -42.95 16.30
C LYS A 1134 33.97 -41.91 15.69
N VAL A 1135 34.48 -40.72 15.59
CA VAL A 1135 33.73 -39.66 15.00
C VAL A 1135 33.38 -40.04 13.54
N VAL A 1136 34.38 -40.42 12.78
CA VAL A 1136 33.97 -40.80 11.47
C VAL A 1136 32.81 -41.75 11.53
N ASN A 1137 32.78 -42.69 12.46
CA ASN A 1137 31.63 -43.57 12.43
C ASN A 1137 30.33 -42.83 12.66
N LEU A 1138 30.37 -41.84 13.55
CA LEU A 1138 29.19 -41.05 13.84
C LEU A 1138 28.67 -40.48 12.56
N PHE A 1139 29.49 -39.74 11.82
CA PHE A 1139 28.94 -39.17 10.60
C PHE A 1139 28.46 -40.20 9.63
N THR A 1140 29.21 -41.27 9.47
CA THR A 1140 28.77 -42.29 8.54
C THR A 1140 27.37 -42.74 8.87
N PHE A 1141 27.11 -43.09 10.10
CA PHE A 1141 25.77 -43.47 10.47
C PHE A 1141 24.74 -42.40 10.16
N LEU A 1142 24.90 -41.23 10.74
CA LEU A 1142 23.99 -40.15 10.42
C LEU A 1142 23.60 -40.11 8.95
N ALA A 1143 24.55 -39.95 8.05
CA ALA A 1143 24.24 -39.94 6.64
C ALA A 1143 23.54 -41.20 6.24
N GLU A 1144 24.08 -42.35 6.46
CA GLU A 1144 23.25 -43.47 6.07
C GLU A 1144 21.82 -43.39 6.60
N GLU A 1145 21.62 -42.92 7.80
CA GLU A 1145 20.26 -42.88 8.27
C GLU A 1145 19.45 -41.80 7.51
N VAL A 1146 20.15 -40.80 6.98
CA VAL A 1146 19.52 -39.77 6.17
C VAL A 1146 19.08 -40.44 4.89
N ARG A 1147 20.00 -41.12 4.22
CA ARG A 1147 19.62 -41.76 2.98
C ARG A 1147 18.50 -42.72 3.26
N GLU A 1148 18.49 -43.34 4.40
CA GLU A 1148 17.44 -44.32 4.58
C GLU A 1148 16.11 -43.63 4.51
N ILE A 1149 16.03 -42.48 5.10
CA ILE A 1149 14.80 -41.72 5.10
C ILE A 1149 14.41 -41.17 3.77
N LEU A 1150 15.35 -40.63 3.01
CA LEU A 1150 14.98 -40.02 1.74
C LEU A 1150 14.34 -41.03 0.82
N ALA A 1151 14.89 -42.24 0.83
CA ALA A 1151 14.39 -43.29 -0.01
C ALA A 1151 12.96 -43.58 0.33
N GLY A 1152 12.61 -43.46 1.59
CA GLY A 1152 11.25 -43.79 1.91
C GLY A 1152 10.36 -42.73 1.35
N LEU A 1153 10.90 -41.53 1.17
CA LEU A 1153 10.09 -40.42 0.76
C LEU A 1153 9.97 -40.34 -0.76
N GLY A 1154 10.78 -41.15 -1.44
CA GLY A 1154 10.76 -41.13 -2.85
C GLY A 1154 11.80 -40.21 -3.39
N PHE A 1155 12.67 -39.58 -2.60
CA PHE A 1155 13.75 -38.75 -3.19
C PHE A 1155 15.08 -39.43 -3.24
N ARG A 1156 15.91 -39.09 -4.19
CA ARG A 1156 17.14 -39.82 -4.37
C ARG A 1156 18.26 -38.83 -4.00
N SER A 1157 17.89 -37.80 -3.26
CA SER A 1157 18.93 -36.87 -2.88
C SER A 1157 18.55 -35.72 -1.95
N LEU A 1158 19.50 -35.11 -1.28
CA LEU A 1158 19.09 -34.14 -0.29
C LEU A 1158 18.60 -32.88 -0.93
N ASN A 1159 19.34 -32.50 -1.96
CA ASN A 1159 19.01 -31.30 -2.66
C ASN A 1159 17.59 -31.34 -3.09
N GLU A 1160 17.13 -32.44 -3.67
CA GLU A 1160 15.73 -32.50 -4.07
C GLU A 1160 14.80 -32.24 -2.94
N VAL A 1161 15.24 -31.93 -1.74
CA VAL A 1161 14.28 -31.78 -0.69
C VAL A 1161 14.52 -30.55 0.18
N ILE A 1162 15.55 -29.78 -0.11
CA ILE A 1162 15.73 -28.58 0.64
C ILE A 1162 14.57 -27.65 0.47
N GLY A 1163 14.20 -26.90 1.47
CA GLY A 1163 13.05 -26.06 1.29
C GLY A 1163 11.77 -26.83 1.11
N ARG A 1164 11.80 -28.08 0.70
CA ARG A 1164 10.49 -28.74 0.48
C ARG A 1164 9.55 -28.94 1.64
N THR A 1165 9.12 -27.87 2.25
CA THR A 1165 8.30 -28.08 3.43
C THR A 1165 6.98 -28.74 3.23
N ASP A 1166 6.52 -28.81 1.99
CA ASP A 1166 5.30 -29.54 1.73
C ASP A 1166 5.42 -30.98 2.17
N LEU A 1167 6.63 -31.48 2.34
CA LEU A 1167 6.79 -32.84 2.85
C LEU A 1167 6.63 -33.05 4.38
N LEU A 1168 6.31 -32.01 5.16
CA LEU A 1168 6.22 -32.06 6.61
C LEU A 1168 4.86 -31.64 7.06
N HIS A 1169 4.24 -32.30 8.02
CA HIS A 1169 2.91 -31.98 8.44
C HIS A 1169 2.93 -31.96 9.94
N GLN A 1170 2.28 -31.00 10.55
CA GLN A 1170 2.39 -30.97 11.97
C GLN A 1170 1.31 -31.80 12.53
N VAL A 1171 1.68 -32.85 13.24
CA VAL A 1171 0.73 -33.63 14.02
C VAL A 1171 0.65 -33.30 15.50
N ASP A 1180 -3.09 -25.88 21.64
CA ASP A 1180 -2.10 -26.30 20.63
C ASP A 1180 -1.29 -25.20 20.00
N LEU A 1181 -0.24 -25.62 19.32
CA LEU A 1181 0.64 -24.66 18.74
C LEU A 1181 0.27 -24.53 17.27
N ASP A 1182 0.81 -23.49 16.63
CA ASP A 1182 0.56 -23.25 15.23
C ASP A 1182 1.90 -23.31 14.58
N LEU A 1183 2.16 -24.44 13.94
CA LEU A 1183 3.44 -24.62 13.31
C LEU A 1183 3.47 -24.17 11.91
N ASN A 1184 2.41 -23.48 11.50
CA ASN A 1184 2.27 -23.06 10.14
C ASN A 1184 3.32 -22.13 9.66
N PRO A 1185 3.35 -20.95 10.24
CA PRO A 1185 4.33 -19.93 9.90
C PRO A 1185 5.70 -20.51 9.61
N ARG A 1186 6.01 -21.70 10.13
CA ARG A 1186 7.29 -22.35 9.84
C ARG A 1186 7.21 -23.15 8.58
N LEU A 1187 6.07 -23.77 8.32
CA LEU A 1187 5.92 -24.59 7.15
C LEU A 1187 5.60 -23.85 5.87
N ALA A 1188 5.07 -22.65 5.98
CA ALA A 1188 4.66 -21.91 4.78
C ALA A 1188 5.76 -21.68 3.77
N GLN A 1189 5.35 -21.70 2.51
CA GLN A 1189 6.28 -21.44 1.41
C GLN A 1189 5.91 -20.09 0.94
N VAL A 1190 6.91 -19.33 0.59
CA VAL A 1190 6.77 -17.99 0.08
C VAL A 1190 6.22 -17.92 -1.38
N ASP A 1191 6.82 -18.68 -2.31
CA ASP A 1191 6.35 -18.69 -3.66
C ASP A 1191 6.03 -20.14 -3.98
N PRO A 1192 5.01 -20.72 -3.37
CA PRO A 1192 4.72 -22.14 -3.61
C PRO A 1192 4.50 -22.48 -5.06
N GLY A 1193 4.72 -23.74 -5.42
CA GLY A 1193 4.47 -24.20 -6.77
C GLY A 1193 5.68 -23.93 -7.64
N GLY A 1203 31.35 -20.63 -6.54
CA GLY A 1203 32.41 -19.82 -5.96
C GLY A 1203 31.99 -18.97 -4.77
N ARG A 1204 32.50 -17.75 -4.62
CA ARG A 1204 32.08 -16.99 -3.46
C ARG A 1204 31.57 -15.67 -3.92
N ASN A 1205 30.71 -15.00 -3.18
CA ASN A 1205 30.27 -13.70 -3.58
C ASN A 1205 31.51 -12.81 -3.63
N GLU A 1206 32.01 -12.58 -4.83
CA GLU A 1206 33.23 -11.81 -5.03
C GLU A 1206 33.16 -10.34 -4.65
N VAL A 1207 34.32 -9.69 -4.58
CA VAL A 1207 34.43 -8.30 -4.11
C VAL A 1207 35.40 -7.37 -4.91
N PRO A 1208 35.09 -6.08 -4.89
CA PRO A 1208 35.84 -5.08 -5.67
C PRO A 1208 37.29 -4.92 -5.28
N ASP A 1209 38.20 -4.70 -6.23
CA ASP A 1209 39.58 -4.49 -5.88
C ASP A 1209 39.76 -3.20 -5.12
N THR A 1210 40.99 -3.01 -4.63
CA THR A 1210 41.45 -1.76 -4.02
C THR A 1210 42.87 -1.42 -4.46
N LEU A 1211 43.44 -0.54 -3.68
CA LEU A 1211 44.71 -0.03 -4.06
C LEU A 1211 45.62 -1.22 -4.22
N ASP A 1212 45.36 -2.22 -3.40
CA ASP A 1212 46.26 -3.33 -3.38
C ASP A 1212 46.40 -3.92 -4.76
N ALA A 1213 45.38 -3.71 -5.57
CA ALA A 1213 45.39 -4.27 -6.92
C ALA A 1213 46.55 -3.84 -7.76
N ARG A 1214 46.92 -2.57 -7.56
CA ARG A 1214 48.00 -1.91 -8.27
C ARG A 1214 49.27 -2.14 -7.51
N ILE A 1215 49.15 -1.99 -6.21
CA ILE A 1215 50.34 -2.16 -5.42
C ILE A 1215 50.92 -3.48 -5.84
N VAL A 1216 50.08 -4.48 -6.02
CA VAL A 1216 50.63 -5.79 -6.27
C VAL A 1216 51.23 -5.84 -7.62
N ALA A 1217 50.53 -5.16 -8.48
CA ALA A 1217 50.98 -5.18 -9.85
C ALA A 1217 52.34 -4.54 -9.89
N ASP A 1218 52.45 -3.46 -9.14
CA ASP A 1218 53.68 -2.71 -9.12
C ASP A 1218 54.83 -3.41 -8.41
N ALA A 1219 54.47 -4.42 -7.62
CA ALA A 1219 55.45 -5.14 -6.90
C ALA A 1219 55.99 -6.36 -7.58
N ARG A 1220 55.82 -6.51 -8.88
CA ARG A 1220 56.29 -7.76 -9.50
C ARG A 1220 57.63 -8.22 -8.88
N PRO A 1221 58.63 -7.36 -9.00
CA PRO A 1221 59.99 -7.59 -8.50
C PRO A 1221 59.97 -8.22 -7.11
N LEU A 1222 59.18 -7.65 -6.22
CA LEU A 1222 59.05 -8.21 -4.89
C LEU A 1222 58.95 -9.72 -4.99
N PHE A 1223 57.83 -10.15 -5.53
CA PHE A 1223 57.53 -11.57 -5.66
C PHE A 1223 58.37 -12.28 -6.67
N GLU A 1224 59.04 -11.55 -7.51
CA GLU A 1224 59.61 -12.32 -8.57
C GLU A 1224 61.05 -12.53 -8.32
N GLU A 1225 61.64 -11.48 -7.79
CA GLU A 1225 63.07 -11.40 -7.60
C GLU A 1225 63.49 -11.16 -6.15
N GLY A 1226 62.58 -10.71 -5.32
CA GLY A 1226 62.92 -10.43 -3.96
C GLY A 1226 63.23 -8.99 -3.72
N GLU A 1227 63.33 -8.19 -4.76
CA GLU A 1227 63.73 -6.80 -4.53
C GLU A 1227 63.10 -6.10 -3.36
N LYS A 1228 63.59 -4.93 -3.05
CA LYS A 1228 62.99 -4.14 -1.98
C LYS A 1228 62.37 -3.00 -2.77
N MET A 1229 61.34 -2.33 -2.26
CA MET A 1229 60.66 -1.42 -3.13
C MET A 1229 60.09 -0.26 -2.36
N GLN A 1230 59.92 0.88 -3.03
CA GLN A 1230 59.25 2.02 -2.37
C GLN A 1230 58.23 2.47 -3.37
N LEU A 1231 56.94 2.53 -3.01
CA LEU A 1231 55.94 2.95 -3.97
C LEU A 1231 55.22 4.07 -3.31
N ALA A 1232 54.61 4.88 -4.18
CA ALA A 1232 53.83 6.06 -3.78
C ALA A 1232 52.50 6.10 -4.57
N TYR A 1233 51.45 6.56 -3.90
CA TYR A 1233 50.07 6.56 -4.40
C TYR A 1233 49.29 7.53 -3.50
N ASN A 1234 48.19 8.07 -4.03
CA ASN A 1234 47.41 8.95 -3.18
C ASN A 1234 46.45 8.02 -2.53
N ALA A 1235 45.48 8.52 -1.79
CA ALA A 1235 44.66 7.59 -1.07
C ALA A 1235 43.47 8.38 -0.69
N ARG A 1236 42.30 7.77 -0.85
CA ARG A 1236 41.11 8.49 -0.53
C ARG A 1236 40.26 7.85 0.50
N ASN A 1237 39.34 8.60 1.07
CA ASN A 1237 38.61 7.97 2.13
C ASN A 1237 37.87 6.79 1.59
N THR A 1238 37.88 6.66 0.30
CA THR A 1238 37.06 5.67 -0.31
C THR A 1238 37.81 4.38 -0.57
N GLN A 1239 39.09 4.34 -0.28
CA GLN A 1239 39.81 3.09 -0.52
C GLN A 1239 39.96 2.30 0.80
N ARG A 1240 39.50 1.04 0.84
CA ARG A 1240 39.50 0.35 2.11
C ARG A 1240 40.54 -0.73 2.16
N ALA A 1241 40.77 -1.21 3.37
CA ALA A 1241 41.70 -2.26 3.54
C ALA A 1241 43.06 -2.21 2.79
N ILE A 1242 43.57 -1.02 2.49
CA ILE A 1242 44.86 -0.94 1.79
C ILE A 1242 45.99 -1.73 2.43
N GLY A 1243 46.65 -2.58 1.63
CA GLY A 1243 47.76 -3.38 2.10
C GLY A 1243 47.29 -4.80 2.37
N THR A 1244 46.13 -4.91 2.99
CA THR A 1244 45.67 -6.24 3.30
C THR A 1244 45.89 -7.19 2.14
N ARG A 1245 45.43 -6.86 0.95
CA ARG A 1245 45.77 -7.88 -0.02
C ARG A 1245 47.27 -8.08 -0.12
N LEU A 1246 48.03 -7.00 -0.14
CA LEU A 1246 49.46 -7.13 -0.26
C LEU A 1246 49.87 -8.20 0.73
N SER A 1247 49.51 -7.94 1.97
CA SER A 1247 49.84 -8.82 3.09
C SER A 1247 49.52 -10.28 2.83
N SER A 1248 48.31 -10.55 2.36
CA SER A 1248 47.96 -11.92 2.06
C SER A 1248 49.01 -12.46 1.13
N MET A 1249 49.34 -11.69 0.12
CA MET A 1249 50.29 -12.18 -0.82
C MET A 1249 51.65 -12.40 -0.23
N VAL A 1250 52.03 -11.56 0.73
CA VAL A 1250 53.40 -11.67 1.24
C VAL A 1250 53.45 -12.83 2.20
N THR A 1251 52.44 -12.89 3.06
CA THR A 1251 52.38 -13.97 4.00
C THR A 1251 52.41 -15.25 3.23
N ARG A 1252 51.95 -15.21 2.01
CA ARG A 1252 51.88 -16.51 1.36
C ARG A 1252 53.22 -16.94 0.84
N LYS A 1253 54.06 -15.98 0.49
CA LYS A 1253 55.33 -16.33 -0.15
C LYS A 1253 56.57 -16.31 0.74
N PHE A 1254 56.52 -15.54 1.81
CA PHE A 1254 57.65 -15.35 2.68
C PHE A 1254 57.15 -15.58 4.08
N GLY A 1255 55.83 -15.59 4.28
CA GLY A 1255 55.33 -15.84 5.62
C GLY A 1255 55.30 -14.56 6.43
N MET A 1256 54.61 -14.55 7.57
CA MET A 1256 54.42 -13.32 8.31
C MET A 1256 55.71 -12.67 8.58
N PHE A 1257 56.75 -13.49 8.83
CA PHE A 1257 58.01 -12.86 9.16
C PHE A 1257 59.22 -13.15 8.33
N GLY A 1258 59.08 -13.65 7.12
CA GLY A 1258 60.33 -13.81 6.41
C GLY A 1258 60.87 -12.55 5.76
N LEU A 1259 60.23 -11.41 5.94
CA LEU A 1259 60.81 -10.25 5.28
C LEU A 1259 61.27 -9.22 6.32
N GLN A 1260 62.39 -8.59 6.04
CA GLN A 1260 62.83 -7.65 7.05
C GLN A 1260 62.06 -6.33 7.00
N PRO A 1261 61.69 -5.85 8.16
CA PRO A 1261 60.92 -4.62 8.28
C PRO A 1261 61.25 -3.63 7.20
N GLY A 1262 60.21 -3.00 6.65
CA GLY A 1262 60.34 -2.04 5.55
C GLY A 1262 60.69 -2.57 4.17
N HIS A 1263 60.84 -3.88 4.01
CA HIS A 1263 61.18 -4.38 2.69
C HIS A 1263 60.39 -3.77 1.51
N ILE A 1264 59.09 -3.47 1.69
CA ILE A 1264 58.18 -2.97 0.64
C ILE A 1264 57.50 -1.86 1.42
N THR A 1265 57.65 -0.64 0.97
CA THR A 1265 57.15 0.51 1.68
C THR A 1265 56.39 1.33 0.66
N ILE A 1266 55.21 1.76 1.08
CA ILE A 1266 54.32 2.43 0.20
C ILE A 1266 53.94 3.67 0.96
N ARG A 1267 54.31 4.84 0.43
CA ARG A 1267 53.86 6.10 1.05
C ARG A 1267 52.52 6.42 0.43
N LEU A 1268 51.65 7.05 1.20
CA LEU A 1268 50.35 7.48 0.69
C LEU A 1268 49.96 8.88 1.14
N ARG A 1269 49.75 9.77 0.17
CA ARG A 1269 49.19 11.08 0.51
C ARG A 1269 47.70 11.00 0.60
N GLY A 1270 47.11 11.69 1.57
CA GLY A 1270 45.66 11.77 1.55
C GLY A 1270 44.86 11.22 2.70
N THR A 1271 43.97 10.30 2.41
CA THR A 1271 43.23 9.75 3.51
C THR A 1271 43.03 8.28 3.27
N ALA A 1272 43.27 7.46 4.31
CA ALA A 1272 43.06 6.02 4.21
C ALA A 1272 41.62 5.78 4.65
N GLY A 1273 40.95 4.86 4.03
CA GLY A 1273 39.60 4.60 4.51
C GLY A 1273 39.67 3.44 5.46
N GLN A 1274 38.54 3.01 5.98
CA GLN A 1274 38.59 1.96 6.97
C GLN A 1274 39.51 0.76 6.71
N SER A 1275 40.05 0.22 7.79
CA SER A 1275 40.85 -0.98 7.77
C SER A 1275 42.18 -0.79 7.10
N LEU A 1276 42.76 0.38 7.32
CA LEU A 1276 44.07 0.67 6.76
C LEU A 1276 45.12 -0.27 7.32
N GLY A 1277 45.81 -0.99 6.45
CA GLY A 1277 46.88 -1.87 6.88
C GLY A 1277 46.42 -3.07 7.69
N ALA A 1278 45.12 -3.33 7.69
CA ALA A 1278 44.63 -4.47 8.46
C ALA A 1278 45.33 -5.77 8.07
N PHE A 1279 45.74 -6.56 9.06
CA PHE A 1279 46.46 -7.82 8.87
C PHE A 1279 47.74 -7.70 8.05
N ALA A 1280 48.48 -6.62 8.24
CA ALA A 1280 49.74 -6.48 7.53
C ALA A 1280 50.84 -7.25 8.24
N VAL A 1281 51.50 -8.12 7.51
CA VAL A 1281 52.60 -8.81 8.11
C VAL A 1281 53.84 -7.94 8.00
N GLN A 1282 54.92 -8.38 8.64
CA GLN A 1282 56.16 -7.67 8.61
C GLN A 1282 56.73 -7.66 7.21
N GLY A 1283 57.34 -6.54 6.83
CA GLY A 1283 57.98 -6.40 5.53
C GLY A 1283 57.30 -5.28 4.76
N ILE A 1284 56.06 -5.05 5.18
CA ILE A 1284 55.27 -4.00 4.61
C ILE A 1284 55.30 -2.83 5.55
N LYS A 1285 55.34 -1.63 4.97
CA LYS A 1285 55.29 -0.46 5.80
C LYS A 1285 54.51 0.54 5.04
N LEU A 1286 53.58 1.12 5.74
CA LEU A 1286 52.76 2.12 5.10
C LEU A 1286 52.89 3.52 5.75
N GLU A 1287 53.36 4.48 4.96
CA GLU A 1287 53.35 5.82 5.53
C GLU A 1287 52.15 6.53 4.93
N VAL A 1288 51.27 6.99 5.80
CA VAL A 1288 50.18 7.78 5.34
C VAL A 1288 50.40 9.18 5.81
N MET A 1289 50.95 10.00 4.92
CA MET A 1289 51.05 11.45 5.12
C MET A 1289 49.66 12.02 4.84
N GLY A 1290 48.87 12.37 5.85
CA GLY A 1290 47.56 12.94 5.57
C GLY A 1290 46.72 12.52 6.76
N ASP A 1291 46.03 11.39 6.64
CA ASP A 1291 45.28 10.93 7.79
C ASP A 1291 44.39 9.69 7.58
N ALA A 1292 43.95 9.09 8.69
CA ALA A 1292 43.11 7.92 8.53
C ALA A 1292 41.88 7.80 9.34
N ASN A 1293 41.10 6.79 8.98
CA ASN A 1293 39.76 6.56 9.54
C ASN A 1293 39.72 5.35 10.50
N ASP A 1294 38.57 4.81 10.90
CA ASP A 1294 38.62 3.69 11.80
C ASP A 1294 39.46 2.45 11.39
N TYR A 1295 39.87 1.70 12.41
CA TYR A 1295 40.55 0.42 12.29
C TYR A 1295 41.93 0.39 11.73
N VAL A 1296 42.72 1.45 11.92
CA VAL A 1296 44.10 1.34 11.43
C VAL A 1296 44.76 0.11 12.08
N GLY A 1297 45.51 -0.65 11.32
CA GLY A 1297 46.14 -1.80 11.91
C GLY A 1297 45.24 -2.74 12.70
N LYS A 1298 44.02 -2.93 12.21
CA LYS A 1298 43.13 -3.93 12.78
C LYS A 1298 43.89 -5.26 12.56
N GLY A 1299 43.92 -6.09 13.59
CA GLY A 1299 44.65 -7.33 13.49
C GLY A 1299 46.09 -7.18 13.03
N LEU A 1300 46.74 -6.04 13.30
CA LEU A 1300 48.12 -5.83 12.84
C LEU A 1300 49.01 -7.08 13.00
N SER A 1301 49.74 -7.47 11.98
CA SER A 1301 50.47 -8.69 12.20
C SER A 1301 51.98 -8.63 11.93
N GLY A 1302 52.64 -7.69 12.59
CA GLY A 1302 54.07 -7.55 12.45
C GLY A 1302 54.42 -6.64 11.30
N GLY A 1303 53.41 -5.94 10.80
CA GLY A 1303 53.75 -5.03 9.75
C GLY A 1303 53.85 -3.70 10.46
N THR A 1304 54.23 -2.64 9.71
CA THR A 1304 54.37 -1.32 10.28
C THR A 1304 53.63 -0.28 9.52
N ILE A 1305 52.98 0.57 10.29
CA ILE A 1305 52.12 1.63 9.78
C ILE A 1305 52.48 2.94 10.52
N VAL A 1306 52.70 4.00 9.76
CA VAL A 1306 52.97 5.33 10.30
C VAL A 1306 52.02 6.39 9.71
N VAL A 1307 51.56 7.36 10.49
CA VAL A 1307 50.63 8.34 9.95
C VAL A 1307 50.90 9.72 10.50
N ARG A 1308 51.30 10.67 9.66
CA ARG A 1308 51.50 12.04 10.10
C ARG A 1308 50.91 13.10 9.18
N PRO A 1309 50.64 14.23 9.79
CA PRO A 1309 50.08 15.34 9.05
C PRO A 1309 51.08 15.66 7.99
N THR A 1310 50.57 16.38 6.99
CA THR A 1310 51.32 16.82 5.83
C THR A 1310 52.29 17.86 6.31
N THR A 1311 53.51 17.69 5.82
CA THR A 1311 54.63 18.58 6.05
C THR A 1311 54.07 20.00 6.01
N SER A 1312 53.22 20.28 5.05
CA SER A 1312 52.63 21.59 4.99
C SER A 1312 51.48 21.85 5.95
N SER A 1313 50.90 20.88 6.63
CA SER A 1313 49.75 21.24 7.47
C SER A 1313 50.29 22.05 8.61
N PRO A 1314 49.57 23.08 9.02
CA PRO A 1314 49.96 23.93 10.13
C PRO A 1314 49.41 23.41 11.46
N LEU A 1315 48.94 22.17 11.46
CA LEU A 1315 48.28 21.72 12.69
C LEU A 1315 49.20 21.32 13.81
N GLU A 1316 48.77 21.54 15.03
CA GLU A 1316 49.59 21.07 16.13
C GLU A 1316 49.43 19.56 16.33
N THR A 1317 50.36 18.84 15.74
CA THR A 1317 50.33 17.41 15.86
C THR A 1317 49.54 16.87 17.01
N ASN A 1318 49.68 17.36 18.23
CA ASN A 1318 49.03 16.60 19.27
C ASN A 1318 47.75 17.15 19.73
N LYS A 1319 47.29 18.16 19.04
CA LYS A 1319 46.03 18.70 19.54
C LYS A 1319 44.97 18.41 18.54
N ASN A 1320 45.23 17.43 17.69
CA ASN A 1320 44.26 17.08 16.67
C ASN A 1320 44.21 15.63 16.39
N THR A 1321 42.99 15.09 16.23
CA THR A 1321 42.71 13.71 15.87
C THR A 1321 43.42 13.33 14.59
N ILE A 1322 43.73 12.07 14.41
CA ILE A 1322 44.34 11.69 13.12
C ILE A 1322 43.93 10.27 12.66
N ILE A 1323 43.44 9.46 13.58
CA ILE A 1323 43.04 8.15 13.16
C ILE A 1323 41.85 7.79 14.02
N GLY A 1324 40.97 7.00 13.41
CA GLY A 1324 39.68 6.71 13.98
C GLY A 1324 39.60 5.82 15.17
N ASN A 1325 38.67 4.89 15.13
CA ASN A 1325 38.45 4.04 16.28
C ASN A 1325 38.83 2.59 16.11
N THR A 1326 38.89 1.95 17.25
CA THR A 1326 39.16 0.54 17.24
C THR A 1326 40.41 0.25 16.46
N VAL A 1327 41.37 1.17 16.53
CA VAL A 1327 42.70 1.00 15.97
C VAL A 1327 43.37 -0.22 16.60
N LEU A 1328 44.24 -0.88 15.87
CA LEU A 1328 44.95 -2.08 16.33
C LEU A 1328 44.08 -3.14 16.99
N TYR A 1329 42.79 -3.22 16.72
CA TYR A 1329 41.93 -4.21 17.35
C TYR A 1329 42.53 -5.59 17.21
N GLY A 1330 42.80 -6.24 18.33
CA GLY A 1330 43.32 -7.58 18.30
C GLY A 1330 44.67 -7.84 17.67
N ALA A 1331 45.44 -6.82 17.39
CA ALA A 1331 46.78 -7.03 16.81
C ALA A 1331 47.68 -8.06 17.50
N THR A 1332 48.72 -8.53 16.85
CA THR A 1332 49.59 -9.49 17.55
C THR A 1332 51.09 -9.17 17.34
N ALA A 1333 51.38 -8.34 16.38
CA ALA A 1333 52.75 -8.02 16.16
C ALA A 1333 52.78 -6.78 15.28
N GLY A 1334 53.96 -6.17 15.19
CA GLY A 1334 54.12 -4.94 14.48
C GLY A 1334 54.05 -3.70 15.38
N LYS A 1335 54.44 -2.62 14.73
CA LYS A 1335 54.48 -1.27 15.26
C LYS A 1335 53.47 -0.41 14.51
N LEU A 1336 53.03 0.67 15.18
CA LEU A 1336 52.19 1.73 14.64
C LEU A 1336 52.56 3.07 15.28
N PHE A 1337 52.88 4.08 14.47
CA PHE A 1337 53.24 5.43 14.93
C PHE A 1337 52.28 6.50 14.40
N ALA A 1338 51.80 7.36 15.29
CA ALA A 1338 50.78 8.37 14.92
C ALA A 1338 50.86 9.83 15.48
N ALA A 1339 51.57 10.66 14.73
CA ALA A 1339 51.59 12.07 15.02
C ALA A 1339 50.19 12.62 15.38
N GLY A 1340 49.48 12.10 16.35
CA GLY A 1340 48.22 12.78 16.57
C GLY A 1340 47.39 11.98 17.55
N GLN A 1341 46.12 12.36 17.74
CA GLN A 1341 45.25 11.65 18.66
C GLN A 1341 44.49 10.52 17.98
N ALA A 1342 43.97 9.56 18.75
CA ALA A 1342 43.23 8.46 18.14
C ALA A 1342 41.91 8.49 18.83
N GLY A 1343 40.92 7.84 18.26
CA GLY A 1343 39.58 7.99 18.80
C GLY A 1343 39.23 6.96 19.81
N GLU A 1344 37.95 6.70 19.98
CA GLU A 1344 37.55 5.68 20.93
C GLU A 1344 38.16 4.24 20.80
N ARG A 1345 38.12 3.51 21.90
CA ARG A 1345 38.65 2.17 21.95
C ARG A 1345 39.97 1.95 21.24
N PHE A 1346 40.94 2.85 21.45
CA PHE A 1346 42.27 2.70 20.85
C PHE A 1346 43.02 1.49 21.40
N ALA A 1347 43.69 0.73 20.54
CA ALA A 1347 44.44 -0.43 21.06
C ALA A 1347 43.55 -1.43 21.82
N VAL A 1348 42.27 -1.50 21.47
CA VAL A 1348 41.43 -2.49 22.13
C VAL A 1348 41.93 -3.87 21.76
N ARG A 1349 41.97 -4.73 22.78
CA ARG A 1349 42.47 -6.07 22.59
C ARG A 1349 43.83 -6.27 22.01
N ASN A 1350 44.64 -5.21 21.92
CA ASN A 1350 45.99 -5.35 21.34
C ASN A 1350 46.73 -6.55 21.92
N SER A 1351 47.14 -7.50 21.12
CA SER A 1351 47.83 -8.53 21.84
C SER A 1351 49.28 -8.62 21.48
N GLY A 1352 49.93 -7.48 21.36
CA GLY A 1352 51.32 -7.58 21.10
C GLY A 1352 51.86 -6.66 20.05
N ALA A 1353 51.14 -5.57 19.83
CA ALA A 1353 51.67 -4.59 18.89
C ALA A 1353 52.24 -3.45 19.72
N THR A 1354 53.18 -2.71 19.16
CA THR A 1354 53.81 -1.61 19.88
C THR A 1354 53.37 -0.39 19.10
N VAL A 1355 52.89 0.60 19.83
CA VAL A 1355 52.32 1.80 19.25
C VAL A 1355 52.74 3.05 19.99
N VAL A 1356 52.64 4.19 19.31
CA VAL A 1356 52.98 5.45 19.90
C VAL A 1356 51.98 6.34 19.21
N VAL A 1357 51.35 7.21 19.96
CA VAL A 1357 50.28 8.03 19.48
C VAL A 1357 50.15 9.23 20.43
N GLU A 1358 49.76 10.40 19.93
CA GLU A 1358 49.72 11.57 20.78
C GLU A 1358 48.41 11.85 21.49
N GLY A 1359 47.67 10.81 21.84
CA GLY A 1359 46.43 11.09 22.57
C GLY A 1359 45.41 9.98 22.34
N CYS A 1360 44.21 10.03 22.90
CA CYS A 1360 43.38 8.90 22.58
C CYS A 1360 42.00 9.00 23.22
N GLY A 1361 40.97 8.63 22.46
CA GLY A 1361 39.61 8.73 22.94
C GLY A 1361 39.40 7.95 24.21
N SER A 1362 38.16 7.62 24.56
CA SER A 1362 38.00 6.84 25.76
C SER A 1362 38.15 5.33 25.53
N ASN A 1363 37.81 4.58 26.57
CA ASN A 1363 37.91 3.14 26.51
C ASN A 1363 39.15 2.58 25.85
N GLY A 1364 40.30 3.23 26.09
CA GLY A 1364 41.57 2.88 25.48
C GLY A 1364 42.30 1.73 26.14
N CYS A 1365 43.16 1.09 25.36
CA CYS A 1365 43.87 -0.06 25.84
C CYS A 1365 42.95 -1.08 26.51
N GLU A 1366 41.68 -1.14 26.19
CA GLU A 1366 40.77 -2.03 26.90
C GLU A 1366 40.95 -3.52 26.53
N TYR A 1367 40.83 -4.42 27.47
CA TYR A 1367 41.05 -5.83 27.18
C TYR A 1367 42.36 -6.09 26.49
N MET A 1368 43.42 -5.35 26.77
CA MET A 1368 44.69 -5.52 26.06
C MET A 1368 45.37 -6.69 26.75
N THR A 1369 46.17 -7.45 26.02
CA THR A 1369 46.78 -8.66 26.56
C THR A 1369 48.22 -8.80 26.17
N GLY A 1370 48.79 -7.81 25.51
CA GLY A 1370 50.17 -7.93 25.11
C GLY A 1370 50.57 -6.67 24.40
N GLY A 1371 51.86 -6.45 24.23
CA GLY A 1371 52.30 -5.26 23.54
C GLY A 1371 52.59 -4.09 24.46
N THR A 1372 53.17 -3.09 23.84
CA THR A 1372 53.54 -1.83 24.45
C THR A 1372 52.74 -0.74 23.75
N ALA A 1373 52.25 0.13 24.60
CA ALA A 1373 51.34 1.21 24.26
C ALA A 1373 51.75 2.57 24.84
N VAL A 1374 52.63 3.31 24.19
CA VAL A 1374 53.01 4.63 24.71
C VAL A 1374 51.84 5.62 24.48
N ILE A 1375 51.91 6.86 24.97
CA ILE A 1375 50.78 7.77 24.71
C ILE A 1375 50.98 9.25 25.11
N LEU A 1376 51.60 10.00 24.22
CA LEU A 1376 51.93 11.40 24.45
C LEU A 1376 50.72 12.28 24.72
N GLY A 1377 49.81 11.90 25.60
CA GLY A 1377 48.73 12.83 25.80
C GLY A 1377 47.57 12.42 26.69
N ARG A 1378 46.52 13.23 26.69
CA ARG A 1378 45.40 13.00 27.56
C ARG A 1378 44.74 11.70 27.14
N VAL A 1379 44.01 11.08 28.04
CA VAL A 1379 43.49 9.76 27.79
C VAL A 1379 42.06 9.69 28.27
N GLY A 1380 41.23 8.98 27.52
CA GLY A 1380 39.81 8.98 27.77
C GLY A 1380 39.38 8.23 28.99
N ASP A 1381 38.16 8.46 29.39
CA ASP A 1381 37.62 7.66 30.45
C ASP A 1381 37.87 6.15 30.37
N ASN A 1382 37.67 5.48 31.50
CA ASN A 1382 37.88 4.05 31.61
C ASN A 1382 39.13 3.53 30.91
N PHE A 1383 40.32 4.14 31.09
CA PHE A 1383 41.50 3.66 30.37
C PHE A 1383 42.07 2.39 30.99
N ALA A 1384 42.47 1.46 30.15
CA ALA A 1384 43.00 0.20 30.67
C ALA A 1384 41.97 -0.74 31.30
N ALA A 1385 40.69 -0.48 31.14
CA ALA A 1385 39.82 -1.50 31.70
C ALA A 1385 40.09 -2.87 31.11
N GLY A 1386 40.24 -3.83 32.02
CA GLY A 1386 40.38 -5.24 31.69
C GLY A 1386 41.70 -5.47 31.04
N MET A 1387 42.58 -4.51 31.23
CA MET A 1387 43.89 -4.65 30.63
C MET A 1387 44.87 -5.62 31.33
N THR A 1388 44.51 -6.88 31.49
CA THR A 1388 45.37 -7.97 31.86
C THR A 1388 46.78 -8.20 31.30
N GLY A 1389 47.32 -7.46 30.35
CA GLY A 1389 48.71 -7.81 30.07
C GLY A 1389 49.54 -7.19 28.98
N GLY A 1390 50.22 -6.09 29.21
CA GLY A 1390 51.10 -5.59 28.16
C GLY A 1390 51.64 -4.45 28.97
N MET A 1391 51.62 -3.25 28.48
CA MET A 1391 52.09 -2.22 29.36
C MET A 1391 51.81 -1.00 28.57
N ALA A 1392 51.44 0.04 29.29
CA ALA A 1392 51.31 1.32 28.66
C ALA A 1392 51.96 2.36 29.57
N TYR A 1393 52.77 3.20 28.96
CA TYR A 1393 53.26 4.38 29.63
C TYR A 1393 52.30 5.52 29.22
N VAL A 1394 52.42 6.68 29.82
CA VAL A 1394 51.42 7.70 29.51
C VAL A 1394 51.78 9.09 30.01
N TYR A 1395 52.55 9.82 29.20
CA TYR A 1395 52.82 11.23 29.45
C TYR A 1395 51.59 12.01 29.92
N ASP A 1396 51.48 12.35 31.19
CA ASP A 1396 50.30 13.03 31.74
C ASP A 1396 50.67 14.36 32.41
N LEU A 1397 50.47 15.46 31.70
CA LEU A 1397 50.87 16.74 32.23
C LEU A 1397 50.01 17.31 33.30
N ASP A 1398 48.98 16.64 33.76
CA ASP A 1398 48.19 17.36 34.75
C ASP A 1398 47.88 16.45 35.86
N ASP A 1399 48.60 15.34 35.91
CA ASP A 1399 48.33 14.43 36.99
C ASP A 1399 46.82 14.27 37.09
N SER A 1400 46.28 13.78 35.99
CA SER A 1400 44.86 13.58 35.81
C SER A 1400 44.62 12.11 35.57
N LEU A 1401 45.59 11.48 34.92
CA LEU A 1401 45.38 10.09 34.57
C LEU A 1401 44.66 9.39 35.73
N PRO A 1402 45.06 9.67 36.95
CA PRO A 1402 44.36 9.16 38.11
C PRO A 1402 42.85 9.25 38.02
N LEU A 1403 42.33 10.26 37.35
CA LEU A 1403 40.88 10.41 37.38
C LEU A 1403 40.17 9.65 36.31
N TYR A 1404 40.94 9.20 35.33
CA TYR A 1404 40.41 8.50 34.18
C TYR A 1404 40.63 7.01 34.10
N ILE A 1405 41.62 6.50 34.81
CA ILE A 1405 42.03 5.15 34.60
C ILE A 1405 41.15 4.19 35.35
N ASN A 1406 40.98 3.00 34.80
CA ASN A 1406 40.20 1.98 35.42
C ASN A 1406 41.06 0.95 36.20
N ASP A 1407 41.37 1.38 37.42
CA ASP A 1407 41.99 0.62 38.49
C ASP A 1407 41.99 -0.90 38.45
N GLU A 1408 40.76 -1.38 38.50
CA GLU A 1408 40.57 -2.80 38.68
C GLU A 1408 41.65 -3.82 38.34
N SER A 1409 42.38 -3.70 37.24
CA SER A 1409 43.28 -4.77 36.85
C SER A 1409 44.61 -4.17 36.57
N VAL A 1410 44.79 -2.95 36.94
CA VAL A 1410 46.01 -2.43 36.45
C VAL A 1410 46.54 -1.51 37.55
N ILE A 1411 47.78 -1.03 37.45
CA ILE A 1411 48.20 -0.07 38.45
C ILE A 1411 49.03 0.93 37.71
N PHE A 1412 49.24 2.09 38.31
CA PHE A 1412 50.20 2.95 37.66
C PHE A 1412 51.14 3.51 38.72
N GLN A 1413 52.36 3.76 38.27
CA GLN A 1413 53.38 4.23 39.15
C GLN A 1413 54.23 5.14 38.31
N ARG A 1414 55.16 5.88 38.88
CA ARG A 1414 56.00 6.60 37.96
C ARG A 1414 57.13 5.65 37.65
N ILE A 1415 57.75 5.80 36.49
CA ILE A 1415 58.84 4.92 36.14
C ILE A 1415 59.83 5.02 37.30
N GLU A 1416 60.41 3.89 37.72
CA GLU A 1416 61.42 3.84 38.78
C GLU A 1416 62.56 3.02 38.20
N VAL A 1417 62.36 1.74 37.98
CA VAL A 1417 63.44 0.99 37.37
C VAL A 1417 63.86 1.67 36.09
N GLY A 1418 65.11 1.53 35.69
CA GLY A 1418 65.57 2.33 34.58
C GLY A 1418 65.63 1.63 33.27
N HIS A 1419 65.16 0.39 33.24
CA HIS A 1419 65.09 -0.30 31.95
C HIS A 1419 63.70 -0.06 31.39
N TYR A 1420 62.79 0.24 32.30
CA TYR A 1420 61.47 0.57 31.83
C TYR A 1420 61.61 1.98 31.34
N GLU A 1421 62.33 2.82 32.08
CA GLU A 1421 62.50 4.21 31.60
C GLU A 1421 63.26 4.18 30.28
N SER A 1422 64.12 3.21 30.08
CA SER A 1422 64.84 3.29 28.83
C SER A 1422 63.99 2.84 27.63
N GLN A 1423 63.13 1.84 27.90
CA GLN A 1423 62.24 1.26 26.90
C GLN A 1423 61.46 2.41 26.30
N LEU A 1424 60.77 3.15 27.16
CA LEU A 1424 60.01 4.32 26.73
C LEU A 1424 60.85 5.20 25.84
N LYS A 1425 61.86 5.79 26.43
CA LYS A 1425 62.73 6.63 25.65
C LYS A 1425 62.94 6.12 24.24
N HIS A 1426 63.40 4.88 24.06
CA HIS A 1426 63.69 4.41 22.71
C HIS A 1426 62.48 4.42 21.76
N LEU A 1427 61.32 3.98 22.25
CA LEU A 1427 60.11 4.09 21.43
C LEU A 1427 59.93 5.53 20.97
N ILE A 1428 59.67 6.41 21.94
CA ILE A 1428 59.52 7.82 21.61
C ILE A 1428 60.57 8.26 20.61
N GLU A 1429 61.73 7.65 20.65
CA GLU A 1429 62.71 8.08 19.70
C GLU A 1429 62.24 7.59 18.36
N GLU A 1430 61.93 6.30 18.30
CA GLU A 1430 61.43 5.72 17.06
C GLU A 1430 60.30 6.57 16.48
N HIS A 1431 59.32 6.77 17.35
CA HIS A 1431 58.17 7.56 17.02
C HIS A 1431 58.68 8.73 16.29
N VAL A 1432 59.44 9.60 16.95
CA VAL A 1432 59.95 10.81 16.30
C VAL A 1432 60.60 10.45 14.97
N THR A 1433 61.69 9.70 14.97
CA THR A 1433 62.31 9.30 13.72
C THR A 1433 61.29 9.06 12.62
N GLU A 1434 60.31 8.19 12.87
CA GLU A 1434 59.28 7.90 11.85
C GLU A 1434 58.33 9.02 11.48
N THR A 1435 57.95 9.84 12.42
CA THR A 1435 56.87 10.80 12.34
C THR A 1435 57.37 12.23 12.32
N GLN A 1436 58.68 12.42 12.52
CA GLN A 1436 59.30 13.73 12.57
C GLN A 1436 58.50 14.60 13.53
N SER A 1437 57.96 14.01 14.58
CA SER A 1437 57.08 14.78 15.45
C SER A 1437 57.76 15.78 16.34
N ARG A 1438 57.50 17.07 16.14
CA ARG A 1438 58.05 18.06 17.06
C ARG A 1438 57.70 17.76 18.51
N PHE A 1439 56.49 18.11 18.91
CA PHE A 1439 56.05 17.79 20.26
C PHE A 1439 56.73 16.54 20.78
N ALA A 1440 56.94 15.54 19.94
CA ALA A 1440 57.60 14.41 20.56
C ALA A 1440 59.03 14.83 20.80
N ALA A 1441 59.75 15.12 19.71
CA ALA A 1441 61.13 15.57 19.77
C ALA A 1441 61.38 16.41 21.04
N GLU A 1442 60.51 17.37 21.31
CA GLU A 1442 60.70 18.19 22.48
C GLU A 1442 60.64 17.44 23.78
N ILE A 1443 59.91 16.35 23.84
CA ILE A 1443 59.85 15.71 25.13
C ILE A 1443 61.18 15.05 25.25
N LEU A 1444 61.75 14.71 24.11
CA LEU A 1444 63.03 14.08 24.11
C LEU A 1444 64.02 15.13 24.58
N ASN A 1445 63.95 16.32 24.00
CA ASN A 1445 64.84 17.37 24.47
C ASN A 1445 64.89 17.71 25.94
N ASP A 1446 63.85 17.38 26.68
CA ASP A 1446 63.85 17.68 28.10
C ASP A 1446 63.61 16.39 28.90
N TRP A 1447 64.08 15.29 28.32
CA TRP A 1447 63.84 13.98 28.88
C TRP A 1447 63.80 14.12 30.39
N ALA A 1448 64.93 14.58 30.92
CA ALA A 1448 65.15 14.77 32.33
C ALA A 1448 63.91 15.15 33.13
N ARG A 1449 63.37 16.30 32.80
CA ARG A 1449 62.26 16.80 33.57
C ARG A 1449 61.01 16.07 33.20
N GLU A 1450 60.95 15.73 31.92
CA GLU A 1450 59.80 15.06 31.34
C GLU A 1450 59.50 13.63 31.80
N VAL A 1451 60.50 12.76 31.81
CA VAL A 1451 60.28 11.37 32.18
C VAL A 1451 59.47 11.40 33.45
N THR A 1452 59.79 12.40 34.24
CA THR A 1452 59.06 12.67 35.44
C THR A 1452 57.54 12.73 35.27
N LYS A 1453 57.10 13.03 34.05
CA LYS A 1453 55.66 13.22 33.90
C LYS A 1453 54.77 12.01 33.51
N PHE A 1454 55.37 11.01 32.85
CA PHE A 1454 54.70 9.78 32.55
C PHE A 1454 54.12 8.96 33.73
N TRP A 1455 53.66 7.77 33.41
CA TRP A 1455 53.04 6.98 34.43
C TRP A 1455 53.06 5.58 33.82
N GLN A 1456 53.70 4.63 34.50
CA GLN A 1456 53.80 3.25 34.01
C GLN A 1456 52.46 2.63 34.40
N VAL A 1457 51.82 2.03 33.39
CA VAL A 1457 50.58 1.36 33.70
C VAL A 1457 50.93 -0.06 33.47
N VAL A 1458 50.77 -0.86 34.54
CA VAL A 1458 51.15 -2.26 34.56
C VAL A 1458 50.11 -3.10 35.23
N PRO A 1459 49.87 -4.22 34.58
CA PRO A 1459 48.77 -5.11 35.02
C PRO A 1459 49.17 -5.86 36.27
N LYS A 1460 48.23 -5.87 37.19
CA LYS A 1460 48.40 -6.63 38.41
C LYS A 1460 48.94 -7.97 38.04
N GLU A 1461 48.09 -8.87 37.58
CA GLU A 1461 48.69 -10.09 37.10
C GLU A 1461 50.01 -10.01 36.31
N MET A 1462 50.61 -8.86 36.02
CA MET A 1462 51.94 -8.98 35.42
C MET A 1462 53.14 -8.75 36.35
N LEU A 1463 52.84 -8.28 37.56
CA LEU A 1463 53.82 -7.84 38.53
C LEU A 1463 54.85 -8.89 38.86
N ASN A 1464 54.39 -10.03 39.35
CA ASN A 1464 55.33 -11.08 39.59
C ASN A 1464 55.74 -11.86 38.37
N ARG A 1465 55.25 -11.49 37.20
CA ARG A 1465 55.67 -12.37 36.15
C ARG A 1465 56.79 -11.67 35.47
N LEU A 1466 57.15 -10.49 35.91
CA LEU A 1466 57.97 -9.85 34.93
C LEU A 1466 59.47 -9.82 35.00
N GLU A 1467 60.11 -10.71 34.25
CA GLU A 1467 61.57 -10.74 34.24
C GLU A 1467 62.19 -9.66 35.12
N VAL A 1468 62.30 -8.43 34.62
CA VAL A 1468 62.79 -7.30 35.42
C VAL A 1468 61.67 -6.69 36.25
N PRO A 1469 61.66 -6.75 37.57
CA PRO A 1469 60.58 -6.09 38.31
C PRO A 1469 60.46 -4.61 38.02
N VAL A 1470 59.27 -4.13 38.31
CA VAL A 1470 58.90 -2.80 37.89
C VAL A 1470 59.34 -1.79 38.91
N HIS A 1471 59.73 -2.34 40.05
CA HIS A 1471 60.05 -1.60 41.26
C HIS A 1471 61.47 -1.77 41.81
N LEU A 1472 61.95 -0.77 42.56
CA LEU A 1472 63.32 -0.80 43.10
C LEU A 1472 64.37 -0.34 42.09
N CYS B 1 -14.85 -11.39 -19.10
CA CYS B 1 -16.00 -11.00 -18.22
C CYS B 1 -17.19 -11.92 -18.26
N GLY B 2 -17.84 -12.14 -17.13
CA GLY B 2 -19.05 -12.94 -17.14
C GLY B 2 -19.49 -13.19 -15.71
N VAL B 3 -20.72 -13.63 -15.52
CA VAL B 3 -21.14 -14.04 -14.20
C VAL B 3 -21.94 -15.21 -14.63
N GLY B 4 -22.19 -16.09 -13.68
CA GLY B 4 -22.96 -17.29 -13.87
C GLY B 4 -23.28 -17.85 -12.50
N PHE B 5 -24.10 -18.88 -12.48
CA PHE B 5 -24.47 -19.49 -11.26
C PHE B 5 -25.03 -20.81 -11.62
N ILE B 6 -25.06 -21.71 -10.65
CA ILE B 6 -25.53 -23.09 -10.87
C ILE B 6 -26.15 -23.55 -9.58
N ALA B 7 -27.20 -24.36 -9.69
CA ALA B 7 -27.86 -24.81 -8.50
C ALA B 7 -28.52 -26.14 -8.68
N ALA B 8 -28.50 -26.96 -7.66
CA ALA B 8 -29.12 -28.28 -7.78
C ALA B 8 -30.51 -27.96 -7.40
N ILE B 9 -31.44 -28.24 -8.29
CA ILE B 9 -32.76 -27.81 -7.95
C ILE B 9 -33.18 -28.51 -6.71
N ASP B 10 -32.81 -29.78 -6.54
CA ASP B 10 -33.23 -30.48 -5.30
C ASP B 10 -32.53 -30.14 -4.03
N GLY B 11 -31.48 -29.33 -4.06
CA GLY B 11 -30.82 -28.92 -2.85
C GLY B 11 -29.68 -29.80 -2.38
N LYS B 12 -29.57 -31.00 -2.92
CA LYS B 12 -28.57 -31.95 -2.51
C LYS B 12 -27.29 -31.79 -3.29
N PRO B 13 -26.18 -31.73 -2.55
CA PRO B 13 -24.84 -31.52 -3.07
C PRO B 13 -24.34 -32.46 -4.09
N ARG B 14 -23.44 -31.97 -4.94
CA ARG B 14 -22.89 -32.74 -6.04
C ARG B 14 -21.51 -32.28 -6.41
N ARG B 15 -20.73 -33.20 -6.95
CA ARG B 15 -19.46 -32.73 -7.40
C ARG B 15 -19.68 -32.01 -8.73
N SER B 16 -20.64 -32.46 -9.54
CA SER B 16 -20.82 -31.77 -10.83
C SER B 16 -21.07 -30.28 -10.79
N VAL B 17 -21.81 -29.83 -9.80
CA VAL B 17 -21.98 -28.42 -9.69
C VAL B 17 -20.64 -27.69 -9.65
N VAL B 18 -19.64 -28.20 -9.01
CA VAL B 18 -18.44 -27.42 -8.91
C VAL B 18 -17.68 -27.63 -10.15
N GLU B 19 -17.68 -28.86 -10.64
CA GLU B 19 -17.00 -29.12 -11.89
C GLU B 19 -17.62 -28.21 -12.94
N LYS B 20 -18.94 -28.21 -13.11
CA LYS B 20 -19.55 -27.27 -14.04
C LYS B 20 -19.19 -25.81 -13.87
N GLY B 21 -19.25 -25.22 -12.68
CA GLY B 21 -18.76 -23.87 -12.49
C GLY B 21 -17.32 -23.72 -13.01
N ILE B 22 -16.44 -24.67 -12.71
CA ILE B 22 -15.15 -24.54 -13.34
C ILE B 22 -15.33 -24.52 -14.89
N GLU B 23 -16.14 -25.45 -15.41
CA GLU B 23 -16.30 -25.55 -16.83
C GLU B 23 -16.57 -24.24 -17.48
N ALA B 24 -17.53 -23.51 -16.95
CA ALA B 24 -17.93 -22.17 -17.34
C ALA B 24 -16.74 -21.22 -17.33
N LEU B 25 -16.21 -20.95 -16.17
CA LEU B 25 -15.05 -20.13 -16.12
C LEU B 25 -14.02 -20.49 -17.21
N LYS B 26 -14.18 -21.59 -17.92
CA LYS B 26 -13.18 -21.87 -18.93
C LYS B 26 -13.58 -21.37 -20.29
N ALA B 27 -14.80 -20.86 -20.34
CA ALA B 27 -15.42 -20.36 -21.54
C ALA B 27 -15.79 -18.86 -21.47
N VAL B 28 -14.90 -17.97 -21.06
CA VAL B 28 -15.21 -16.56 -21.07
C VAL B 28 -14.02 -15.82 -21.56
N TRP B 29 -12.91 -16.50 -21.74
CA TRP B 29 -11.72 -15.75 -22.13
C TRP B 29 -11.89 -14.97 -23.36
N HIS B 30 -12.86 -15.33 -24.21
CA HIS B 30 -13.04 -14.58 -25.46
C HIS B 30 -13.44 -13.15 -25.18
N ARG B 31 -14.09 -12.88 -24.05
CA ARG B 31 -14.57 -11.56 -23.73
C ARG B 31 -13.59 -10.67 -22.92
N GLY B 32 -12.28 -10.85 -23.02
CA GLY B 32 -11.38 -10.12 -22.14
C GLY B 32 -10.10 -9.72 -22.81
N ALA B 33 -9.29 -8.89 -22.16
CA ALA B 33 -8.04 -8.50 -22.79
C ALA B 33 -7.02 -9.58 -22.59
N VAL B 34 -6.47 -10.05 -23.69
CA VAL B 34 -5.47 -11.08 -23.52
C VAL B 34 -4.13 -10.44 -23.34
N ASP B 35 -3.32 -11.04 -22.50
CA ASP B 35 -1.97 -10.54 -22.45
C ASP B 35 -1.03 -11.33 -23.33
N ALA B 36 -0.05 -10.60 -23.83
CA ALA B 36 1.02 -11.23 -24.56
C ALA B 36 1.75 -12.11 -23.53
N ASP B 37 1.66 -11.71 -22.25
CA ASP B 37 2.31 -12.41 -21.13
C ASP B 37 1.70 -13.77 -20.85
N GLY B 38 0.44 -13.93 -21.24
CA GLY B 38 -0.21 -15.22 -21.18
C GLY B 38 -0.73 -15.62 -19.83
N LYS B 39 -0.66 -14.70 -18.90
CA LYS B 39 -0.93 -15.09 -17.55
C LYS B 39 -1.79 -14.08 -16.92
N THR B 40 -1.47 -12.86 -17.28
CA THR B 40 -2.12 -11.80 -16.58
C THR B 40 -3.61 -11.50 -16.77
N GLY B 41 -4.42 -11.71 -15.74
CA GLY B 41 -5.83 -11.36 -15.81
C GLY B 41 -6.31 -10.35 -14.77
N ASP B 42 -7.56 -9.94 -14.88
CA ASP B 42 -8.05 -8.94 -13.96
C ASP B 42 -8.69 -9.48 -12.70
N GLY B 43 -9.36 -10.63 -12.77
CA GLY B 43 -9.93 -11.16 -11.57
C GLY B 43 -10.92 -12.24 -11.85
N ALA B 44 -10.87 -13.39 -11.17
CA ALA B 44 -11.84 -14.44 -11.36
C ALA B 44 -12.03 -15.16 -10.03
N GLY B 45 -13.12 -15.89 -9.87
CA GLY B 45 -13.34 -16.53 -8.62
C GLY B 45 -14.50 -17.45 -8.71
N ILE B 46 -14.63 -18.40 -7.78
CA ILE B 46 -15.78 -19.28 -7.77
C ILE B 46 -16.14 -19.24 -6.31
N HIS B 47 -17.44 -19.35 -6.00
CA HIS B 47 -17.95 -19.28 -4.63
C HIS B 47 -18.77 -20.52 -4.49
N VAL B 48 -18.31 -21.48 -3.69
CA VAL B 48 -19.05 -22.73 -3.48
C VAL B 48 -19.27 -22.96 -1.97
N ALA B 49 -19.90 -24.09 -1.64
CA ALA B 49 -20.09 -24.47 -0.23
C ALA B 49 -18.80 -24.97 0.46
N VAL B 50 -18.52 -24.55 1.69
CA VAL B 50 -17.33 -25.11 2.32
C VAL B 50 -17.58 -26.60 2.35
N PRO B 51 -16.65 -27.43 1.87
CA PRO B 51 -16.87 -28.88 1.78
C PRO B 51 -16.38 -29.58 3.05
N GLN B 52 -17.32 -29.99 3.88
CA GLN B 52 -16.95 -30.55 5.13
C GLN B 52 -16.23 -31.89 5.03
N LYS B 53 -16.40 -32.71 3.98
CA LYS B 53 -15.56 -33.92 3.95
C LYS B 53 -14.14 -33.40 3.92
N PHE B 54 -13.84 -32.66 2.87
CA PHE B 54 -12.52 -32.10 2.75
C PHE B 54 -12.03 -31.48 4.06
N PHE B 55 -12.82 -30.60 4.64
CA PHE B 55 -12.24 -29.98 5.80
C PHE B 55 -12.20 -30.84 7.03
N LYS B 56 -13.20 -31.65 7.29
CA LYS B 56 -13.09 -32.53 8.45
C LYS B 56 -11.90 -33.51 8.35
N ASP B 57 -11.76 -34.22 7.23
CA ASP B 57 -10.60 -35.05 7.02
C ASP B 57 -9.39 -34.23 7.27
N HIS B 58 -9.42 -32.94 7.11
CA HIS B 58 -8.17 -32.24 7.34
C HIS B 58 -7.92 -32.23 8.80
N VAL B 59 -8.97 -31.91 9.53
CA VAL B 59 -8.83 -31.74 10.94
C VAL B 59 -8.52 -33.12 11.50
N LYS B 60 -9.06 -34.16 10.86
CA LYS B 60 -8.81 -35.49 11.34
C LYS B 60 -7.35 -35.77 11.17
N VAL B 61 -6.88 -35.70 9.94
CA VAL B 61 -5.46 -35.93 9.67
C VAL B 61 -4.48 -35.30 10.61
N ILE B 62 -4.89 -34.32 11.35
CA ILE B 62 -3.93 -33.74 12.23
C ILE B 62 -4.05 -34.48 13.52
N GLY B 63 -5.21 -35.06 13.75
CA GLY B 63 -5.43 -35.85 14.94
C GLY B 63 -6.44 -35.27 15.88
N HIS B 64 -7.44 -34.62 15.33
CA HIS B 64 -8.50 -34.12 16.17
C HIS B 64 -9.57 -35.05 15.75
N ARG B 65 -10.74 -34.85 16.33
CA ARG B 65 -11.88 -35.64 16.00
C ARG B 65 -12.86 -34.70 15.27
N ALA B 66 -13.47 -35.17 14.21
CA ALA B 66 -14.36 -34.34 13.44
C ALA B 66 -15.60 -34.02 14.20
N PRO B 67 -16.01 -32.77 14.24
CA PRO B 67 -17.23 -32.41 14.97
C PRO B 67 -18.40 -33.02 14.30
N ASP B 68 -19.55 -32.99 14.94
CA ASP B 68 -20.69 -33.61 14.27
C ASP B 68 -21.35 -32.52 13.46
N ASN B 69 -21.25 -31.29 13.95
CA ASN B 69 -21.79 -30.17 13.27
C ASN B 69 -20.89 -29.66 12.14
N LYS B 70 -21.19 -28.51 11.55
CA LYS B 70 -20.36 -28.07 10.45
C LYS B 70 -19.29 -27.22 11.02
N LEU B 71 -18.21 -27.26 10.27
CA LEU B 71 -16.94 -26.66 10.54
C LEU B 71 -16.97 -25.40 9.72
N ALA B 72 -16.16 -24.40 10.07
CA ALA B 72 -16.15 -23.16 9.34
C ALA B 72 -14.75 -22.78 8.94
N VAL B 73 -14.61 -22.16 7.80
CA VAL B 73 -13.32 -21.71 7.33
C VAL B 73 -13.32 -20.20 7.04
N GLY B 74 -12.24 -19.53 7.34
CA GLY B 74 -12.09 -18.15 7.03
C GLY B 74 -11.10 -18.29 5.90
N GLN B 75 -11.24 -17.52 4.84
CA GLN B 75 -10.37 -17.63 3.70
C GLN B 75 -9.72 -16.30 3.68
N VAL B 76 -8.44 -16.25 4.01
CA VAL B 76 -7.85 -14.94 4.26
C VAL B 76 -6.61 -14.61 3.54
N PHE B 77 -6.51 -13.35 3.20
CA PHE B 77 -5.43 -12.83 2.42
C PHE B 77 -4.67 -11.97 3.41
N LEU B 78 -3.37 -12.21 3.56
CA LEU B 78 -2.59 -11.44 4.52
C LEU B 78 -1.55 -10.74 3.73
N PRO B 79 -0.98 -9.74 4.36
CA PRO B 79 0.09 -8.93 3.80
C PRO B 79 1.06 -10.01 3.60
N ARG B 80 1.90 -9.91 2.60
CA ARG B 80 2.78 -11.00 2.33
C ARG B 80 4.17 -10.56 2.38
N ILE B 81 4.39 -9.27 2.46
CA ILE B 81 5.78 -8.92 2.45
C ILE B 81 6.39 -8.58 3.79
N SER B 82 5.54 -8.38 4.79
CA SER B 82 5.91 -8.03 6.12
C SER B 82 5.48 -9.09 7.12
N LEU B 83 6.42 -9.93 7.52
CA LEU B 83 6.05 -10.89 8.51
C LEU B 83 5.44 -10.17 9.69
N ASP B 84 5.96 -9.00 10.03
CA ASP B 84 5.42 -8.29 11.17
C ASP B 84 3.91 -8.13 11.17
N ALA B 85 3.43 -7.61 10.06
CA ALA B 85 2.02 -7.48 9.92
C ALA B 85 1.31 -8.83 9.83
N GLN B 86 1.85 -9.81 9.09
CA GLN B 86 1.05 -11.01 9.05
C GLN B 86 0.68 -11.46 10.46
N GLU B 87 1.68 -11.45 11.35
CA GLU B 87 1.45 -11.89 12.73
C GLU B 87 0.32 -11.10 13.33
N ALA B 88 0.50 -9.79 13.35
CA ALA B 88 -0.55 -8.87 13.84
C ALA B 88 -1.92 -9.29 13.31
N CYS B 89 -1.93 -9.48 12.01
CA CYS B 89 -3.15 -9.89 11.40
C CYS B 89 -3.64 -11.15 12.04
N ARG B 90 -2.76 -12.16 12.16
CA ARG B 90 -3.17 -13.36 12.93
C ARG B 90 -3.57 -13.22 14.37
N CYS B 91 -2.92 -12.32 15.12
CA CYS B 91 -3.46 -12.20 16.49
C CYS B 91 -4.90 -11.83 16.45
N ILE B 92 -5.16 -10.80 15.65
CA ILE B 92 -6.49 -10.25 15.57
C ILE B 92 -7.49 -11.27 15.06
N VAL B 93 -7.11 -12.00 14.01
CA VAL B 93 -8.08 -12.94 13.58
C VAL B 93 -8.47 -13.89 14.71
N GLU B 94 -7.47 -14.49 15.36
CA GLU B 94 -7.64 -15.44 16.47
C GLU B 94 -8.35 -14.75 17.63
N THR B 95 -7.81 -13.64 18.11
CA THR B 95 -8.48 -12.92 19.18
C THR B 95 -9.99 -12.84 19.11
N GLU B 96 -10.49 -12.20 18.07
CA GLU B 96 -11.91 -12.06 17.88
C GLU B 96 -12.66 -13.37 17.73
N ILE B 97 -12.12 -14.36 17.04
CA ILE B 97 -12.92 -15.58 16.98
C ILE B 97 -12.99 -16.08 18.42
N LEU B 98 -11.93 -15.80 19.17
CA LEU B 98 -11.90 -16.36 20.50
C LEU B 98 -12.94 -15.73 21.35
N ALA B 99 -12.95 -14.41 21.39
CA ALA B 99 -13.90 -13.82 22.28
C ALA B 99 -15.35 -14.20 22.10
N PHE B 100 -15.71 -14.93 21.08
CA PHE B 100 -17.10 -15.33 20.97
C PHE B 100 -17.06 -16.72 21.54
N GLY B 101 -15.87 -17.13 21.92
CA GLY B 101 -15.72 -18.44 22.49
C GLY B 101 -15.92 -19.58 21.54
N TYR B 102 -15.52 -19.45 20.29
CA TYR B 102 -15.63 -20.61 19.43
C TYR B 102 -14.27 -21.23 19.52
N TYR B 103 -14.02 -22.27 18.74
CA TYR B 103 -12.77 -23.03 18.80
C TYR B 103 -11.97 -23.06 17.50
N ILE B 104 -10.67 -22.89 17.61
CA ILE B 104 -9.84 -22.86 16.43
C ILE B 104 -9.02 -24.12 16.19
N TYR B 105 -9.27 -24.91 15.17
CA TYR B 105 -8.34 -26.01 14.88
C TYR B 105 -7.05 -25.49 14.32
N GLY B 106 -6.99 -24.31 13.75
CA GLY B 106 -5.74 -23.78 13.24
C GLY B 106 -5.56 -23.35 11.79
N TRP B 107 -4.49 -22.68 11.43
CA TRP B 107 -4.30 -22.30 10.04
C TRP B 107 -3.87 -23.31 8.97
N ARG B 108 -4.01 -22.99 7.70
CA ARG B 108 -3.62 -23.90 6.63
C ARG B 108 -3.23 -23.08 5.41
N GLN B 109 -1.94 -22.88 5.15
CA GLN B 109 -1.51 -22.20 3.93
C GLN B 109 -2.15 -22.87 2.72
N VAL B 110 -2.86 -22.08 1.92
CA VAL B 110 -3.55 -22.70 0.81
C VAL B 110 -2.63 -23.05 -0.33
N PRO B 111 -2.66 -24.28 -0.80
CA PRO B 111 -1.81 -24.69 -1.90
C PRO B 111 -2.15 -23.88 -3.16
N ILE B 112 -1.15 -23.35 -3.85
CA ILE B 112 -1.37 -22.56 -5.03
C ILE B 112 -0.20 -22.71 -5.98
N ASN B 113 -0.40 -22.44 -7.26
CA ASN B 113 0.75 -22.49 -8.12
C ASN B 113 1.02 -21.09 -8.68
N VAL B 114 2.03 -20.42 -8.19
CA VAL B 114 2.22 -19.10 -8.71
C VAL B 114 2.86 -19.10 -10.08
N ASP B 115 3.07 -20.24 -10.71
CA ASP B 115 3.70 -20.12 -12.03
C ASP B 115 2.78 -19.49 -13.03
N ILE B 116 1.49 -19.69 -12.88
CA ILE B 116 0.63 -19.07 -13.84
C ILE B 116 0.22 -17.67 -13.52
N ILE B 117 1.04 -16.89 -12.90
CA ILE B 117 0.55 -15.60 -12.53
C ILE B 117 1.61 -14.71 -13.11
N GLY B 118 1.27 -13.47 -13.39
CA GLY B 118 2.23 -12.59 -14.02
C GLY B 118 2.91 -11.78 -12.96
N GLU B 119 3.97 -11.04 -13.29
CA GLU B 119 4.59 -10.36 -12.18
C GLU B 119 3.75 -9.30 -11.56
N LYS B 120 3.31 -8.39 -12.38
CA LYS B 120 2.33 -7.41 -11.98
C LYS B 120 1.53 -8.06 -10.84
N ALA B 121 0.96 -9.21 -11.13
CA ALA B 121 0.14 -9.86 -10.15
C ALA B 121 0.88 -10.49 -8.99
N ASN B 122 1.99 -11.19 -9.26
CA ASN B 122 2.67 -11.84 -8.17
C ASN B 122 3.21 -10.77 -7.26
N ALA B 123 3.25 -9.55 -7.76
CA ALA B 123 3.81 -8.46 -6.97
C ALA B 123 2.92 -8.15 -5.83
N THR B 124 1.66 -8.00 -6.17
CA THR B 124 0.64 -7.68 -5.20
C THR B 124 -0.04 -8.90 -4.63
N ARG B 125 0.55 -10.09 -4.82
CA ARG B 125 -0.09 -11.31 -4.30
C ARG B 125 -0.12 -11.36 -2.77
N PRO B 126 -1.23 -11.50 -2.13
CA PRO B 126 -1.24 -11.58 -0.69
C PRO B 126 -0.76 -12.98 -0.25
N GLU B 127 -0.61 -13.30 1.05
CA GLU B 127 -0.30 -14.65 1.47
C GLU B 127 -1.63 -15.29 1.77
N ILE B 128 -1.95 -16.43 1.18
CA ILE B 128 -3.29 -16.96 1.28
C ILE B 128 -3.33 -18.10 2.25
N GLU B 129 -4.12 -17.95 3.29
CA GLU B 129 -4.20 -19.00 4.30
C GLU B 129 -5.60 -19.21 4.78
N GLN B 130 -5.87 -20.40 5.30
CA GLN B 130 -7.19 -20.65 5.81
C GLN B 130 -7.21 -20.79 7.34
N ILE B 131 -8.30 -20.49 8.01
CA ILE B 131 -8.30 -20.73 9.44
C ILE B 131 -9.53 -21.55 9.73
N ILE B 132 -9.40 -22.66 10.46
CA ILE B 132 -10.53 -23.54 10.66
C ILE B 132 -11.11 -23.34 12.00
N VAL B 133 -12.43 -23.23 12.07
CA VAL B 133 -13.07 -22.88 13.32
C VAL B 133 -14.22 -23.84 13.59
N GLY B 134 -14.48 -24.17 14.86
CA GLY B 134 -15.49 -25.18 15.15
C GLY B 134 -16.51 -24.59 16.06
N ASN B 135 -17.73 -25.09 15.98
CA ASN B 135 -18.87 -24.53 16.68
C ASN B 135 -19.04 -25.32 17.93
N ASN B 136 -18.12 -25.06 18.85
CA ASN B 136 -18.05 -25.74 20.11
C ASN B 136 -19.24 -25.34 20.93
N LYS B 137 -19.76 -24.13 20.72
CA LYS B 137 -20.90 -23.64 21.48
C LYS B 137 -22.14 -24.36 21.05
N GLY B 138 -22.03 -25.14 20.00
CA GLY B 138 -23.16 -25.92 19.57
C GLY B 138 -24.39 -25.12 19.22
N VAL B 139 -24.17 -23.98 18.59
CA VAL B 139 -25.24 -23.09 18.22
C VAL B 139 -25.82 -23.59 16.94
N SER B 140 -26.79 -22.88 16.39
CA SER B 140 -27.43 -23.32 15.15
C SER B 140 -26.76 -22.81 13.91
N ASP B 141 -27.05 -23.44 12.78
CA ASP B 141 -26.53 -22.97 11.50
C ASP B 141 -26.63 -21.46 11.32
N GLU B 142 -27.83 -20.96 11.44
CA GLU B 142 -28.04 -19.54 11.36
C GLU B 142 -27.27 -18.75 12.41
N GLN B 143 -27.12 -19.23 13.64
CA GLN B 143 -26.40 -18.38 14.55
C GLN B 143 -24.90 -18.33 14.29
N PHE B 144 -24.46 -19.41 13.66
CA PHE B 144 -23.04 -19.49 13.45
C PHE B 144 -22.71 -18.43 12.42
N GLU B 145 -23.55 -18.34 11.38
CA GLU B 145 -23.30 -17.36 10.32
C GLU B 145 -23.33 -15.95 10.85
N LEU B 146 -24.31 -15.71 11.70
CA LEU B 146 -24.45 -14.40 12.24
C LEU B 146 -23.26 -14.03 13.07
N ASP B 147 -22.91 -14.90 14.01
CA ASP B 147 -21.78 -14.60 14.89
C ASP B 147 -20.53 -14.30 14.09
N LEU B 148 -20.30 -15.20 13.14
CA LEU B 148 -19.17 -15.17 12.24
C LEU B 148 -19.01 -13.85 11.52
N TYR B 149 -20.17 -13.32 11.06
CA TYR B 149 -20.36 -12.03 10.40
C TYR B 149 -19.91 -11.02 11.38
N ILE B 150 -20.57 -10.93 12.52
CA ILE B 150 -20.04 -9.95 13.45
C ILE B 150 -18.54 -10.10 13.72
N ILE B 151 -18.06 -11.32 13.88
CA ILE B 151 -16.63 -11.46 14.10
C ILE B 151 -15.84 -10.79 12.96
N ARG B 152 -16.23 -11.12 11.73
CA ARG B 152 -15.50 -10.64 10.57
C ARG B 152 -15.29 -9.15 10.51
N ARG B 153 -16.38 -8.49 10.85
CA ARG B 153 -16.40 -7.05 10.88
C ARG B 153 -15.50 -6.54 11.96
N ARG B 154 -15.45 -7.23 13.09
CA ARG B 154 -14.64 -6.72 14.19
C ARG B 154 -13.18 -6.76 13.77
N ILE B 155 -12.84 -7.81 13.04
CA ILE B 155 -11.48 -8.04 12.70
C ILE B 155 -11.11 -6.95 11.80
N GLU B 156 -11.96 -6.86 10.79
CA GLU B 156 -11.94 -5.92 9.64
C GLU B 156 -11.68 -4.55 10.28
N LYS B 157 -12.57 -4.17 11.20
CA LYS B 157 -12.40 -2.95 11.96
C LYS B 157 -11.08 -2.72 12.70
N ALA B 158 -10.61 -3.74 13.39
CA ALA B 158 -9.39 -3.63 14.18
C ALA B 158 -8.22 -3.48 13.24
N VAL B 159 -8.22 -4.30 12.20
CA VAL B 159 -7.09 -4.28 11.34
C VAL B 159 -7.06 -2.88 10.82
N LYS B 160 -8.28 -2.41 10.63
CA LYS B 160 -8.30 -1.11 10.06
C LYS B 160 -7.54 -0.18 10.99
N GLY B 161 -8.07 0.00 12.19
CA GLY B 161 -7.38 0.85 13.13
C GLY B 161 -5.91 0.54 13.42
N GLU B 162 -5.42 -0.66 13.17
CA GLU B 162 -3.99 -0.83 13.36
C GLU B 162 -3.23 -0.14 12.29
N GLN B 163 -4.02 0.19 11.31
CA GLN B 163 -3.55 0.74 10.06
C GLN B 163 -2.69 -0.22 9.29
N ILE B 164 -3.22 -1.42 9.10
CA ILE B 164 -2.51 -2.43 8.35
C ILE B 164 -3.04 -2.59 6.93
N ASN B 165 -2.16 -2.58 5.97
CA ASN B 165 -2.59 -2.78 4.61
C ASN B 165 -2.53 -4.19 4.08
N ASP B 166 -3.37 -4.49 3.13
CA ASP B 166 -3.39 -5.75 2.47
C ASP B 166 -4.01 -6.84 3.22
N PHE B 167 -4.96 -6.56 4.08
CA PHE B 167 -5.57 -7.66 4.77
C PHE B 167 -6.97 -7.82 4.19
N TYR B 168 -7.40 -9.03 3.91
CA TYR B 168 -8.72 -9.07 3.46
C TYR B 168 -9.21 -10.48 3.63
N ILE B 169 -10.40 -10.62 4.17
CA ILE B 169 -11.06 -11.90 4.26
C ILE B 169 -12.09 -12.19 3.13
N CYS B 170 -11.80 -13.09 2.20
CA CYS B 170 -12.79 -13.41 1.19
C CYS B 170 -13.98 -13.99 1.87
N SER B 171 -13.89 -15.16 2.45
CA SER B 171 -15.08 -15.64 3.13
C SER B 171 -14.77 -16.11 4.57
N LEU B 172 -15.77 -16.17 5.43
CA LEU B 172 -15.64 -16.67 6.75
C LEU B 172 -17.00 -17.27 7.16
N SER B 173 -17.35 -18.47 6.68
CA SER B 173 -18.61 -19.06 7.08
C SER B 173 -18.57 -20.60 7.15
N ALA B 174 -19.64 -21.22 7.57
CA ALA B 174 -19.60 -22.63 7.45
C ALA B 174 -20.44 -23.00 6.29
N ARG B 175 -21.08 -22.03 5.65
CA ARG B 175 -21.80 -22.41 4.46
C ARG B 175 -21.02 -22.24 3.19
N SER B 176 -20.29 -21.14 3.12
CA SER B 176 -19.74 -20.80 1.85
C SER B 176 -18.31 -20.52 1.95
N ILE B 177 -17.59 -20.75 0.88
CA ILE B 177 -16.21 -20.33 0.89
C ILE B 177 -15.97 -19.78 -0.50
N ILE B 178 -15.02 -18.86 -0.63
CA ILE B 178 -14.77 -18.26 -1.93
C ILE B 178 -13.34 -18.31 -2.39
N TYR B 179 -13.13 -19.00 -3.49
CA TYR B 179 -11.76 -19.07 -4.01
C TYR B 179 -11.71 -18.12 -5.18
N LYS B 180 -10.89 -17.09 -5.10
CA LYS B 180 -10.81 -16.05 -6.12
C LYS B 180 -9.45 -15.39 -6.18
N GLY B 181 -9.12 -14.72 -7.24
CA GLY B 181 -7.81 -14.10 -7.24
C GLY B 181 -7.55 -13.54 -8.61
N MET B 182 -6.38 -13.00 -8.80
CA MET B 182 -6.03 -12.34 -9.99
C MET B 182 -5.40 -13.18 -11.03
N PHE B 183 -6.04 -14.23 -11.53
CA PHE B 183 -5.38 -15.08 -12.52
C PHE B 183 -6.46 -15.37 -13.57
N LEU B 184 -6.13 -15.64 -14.82
CA LEU B 184 -7.14 -16.00 -15.83
C LEU B 184 -8.15 -17.07 -15.39
N ALA B 185 -9.44 -16.83 -15.62
CA ALA B 185 -10.44 -17.83 -15.27
C ALA B 185 -10.20 -19.23 -15.75
N GLU B 186 -9.70 -19.39 -16.95
CA GLU B 186 -9.42 -20.69 -17.54
C GLU B 186 -8.43 -21.31 -16.62
N GLN B 187 -7.69 -20.51 -15.87
CA GLN B 187 -6.75 -21.14 -14.96
C GLN B 187 -7.08 -21.24 -13.47
N LEU B 188 -8.33 -21.13 -13.06
CA LEU B 188 -8.66 -21.06 -11.64
C LEU B 188 -8.07 -22.21 -10.92
N THR B 189 -8.42 -23.36 -11.42
CA THR B 189 -8.03 -24.66 -10.98
C THR B 189 -6.56 -24.94 -11.02
N THR B 190 -5.80 -24.12 -11.68
CA THR B 190 -4.40 -24.37 -11.75
C THR B 190 -3.76 -23.64 -10.62
N PHE B 191 -4.13 -22.40 -10.42
CA PHE B 191 -3.67 -21.71 -9.25
C PHE B 191 -4.23 -22.32 -7.94
N TYR B 192 -5.28 -23.11 -7.96
CA TYR B 192 -5.85 -23.52 -6.72
C TYR B 192 -6.31 -24.91 -6.96
N PRO B 193 -5.43 -25.87 -6.71
CA PRO B 193 -5.79 -27.25 -6.90
C PRO B 193 -6.80 -27.77 -5.90
N ASP B 194 -6.98 -27.17 -4.71
CA ASP B 194 -7.98 -27.78 -3.88
C ASP B 194 -9.20 -28.06 -4.72
N LEU B 195 -9.48 -27.18 -5.70
CA LEU B 195 -10.72 -27.28 -6.45
C LEU B 195 -10.85 -28.49 -7.29
N LEU B 196 -9.72 -29.08 -7.60
CA LEU B 196 -9.68 -30.36 -8.28
C LEU B 196 -10.07 -31.59 -7.44
N ASP B 197 -10.31 -31.45 -6.15
CA ASP B 197 -10.64 -32.57 -5.31
C ASP B 197 -12.06 -33.06 -5.33
N GLU B 198 -12.32 -34.34 -5.54
CA GLU B 198 -13.69 -34.82 -5.49
C GLU B 198 -14.39 -34.56 -4.20
N ARG B 199 -13.64 -34.20 -3.18
CA ARG B 199 -14.37 -33.89 -1.98
C ARG B 199 -15.09 -32.57 -2.07
N PHE B 200 -14.72 -31.72 -3.03
CA PHE B 200 -15.38 -30.42 -3.19
C PHE B 200 -16.70 -30.63 -3.89
N GLU B 201 -17.78 -30.71 -3.12
CA GLU B 201 -19.12 -31.00 -3.58
C GLU B 201 -19.96 -29.86 -3.14
N SER B 202 -21.08 -29.63 -3.83
CA SER B 202 -21.88 -28.43 -3.59
C SER B 202 -23.24 -28.40 -4.17
N ASP B 203 -24.17 -27.73 -3.49
CA ASP B 203 -25.49 -27.57 -4.10
C ASP B 203 -25.64 -26.29 -4.95
N PHE B 204 -24.60 -25.44 -4.98
CA PHE B 204 -24.66 -24.25 -5.79
C PHE B 204 -23.30 -23.74 -6.16
N ALA B 205 -23.24 -22.77 -7.06
CA ALA B 205 -21.98 -22.20 -7.49
C ALA B 205 -22.22 -20.79 -8.03
N ILE B 206 -21.23 -19.91 -7.95
CA ILE B 206 -21.40 -18.58 -8.45
C ILE B 206 -20.07 -18.17 -8.92
N TYR B 207 -19.87 -18.01 -10.23
CA TYR B 207 -18.54 -17.64 -10.73
C TYR B 207 -18.50 -16.28 -11.36
N HIS B 208 -17.32 -15.74 -11.58
CA HIS B 208 -17.23 -14.46 -12.19
C HIS B 208 -15.86 -14.12 -12.67
N GLN B 209 -15.73 -13.49 -13.83
CA GLN B 209 -14.44 -12.96 -14.27
C GLN B 209 -14.69 -11.48 -14.45
N ARG B 210 -13.67 -10.63 -14.41
CA ARG B 210 -13.87 -9.19 -14.48
C ARG B 210 -12.88 -8.43 -15.29
N TYR B 211 -13.27 -7.27 -15.81
CA TYR B 211 -12.42 -6.47 -16.71
C TYR B 211 -12.07 -5.23 -16.03
N SER B 212 -11.30 -4.41 -16.71
CA SER B 212 -11.08 -3.17 -16.04
C SER B 212 -10.36 -2.16 -16.86
N THR B 213 -10.52 -0.98 -16.30
CA THR B 213 -9.97 0.28 -16.71
C THR B 213 -8.53 0.39 -16.14
N ASN B 214 -7.85 -0.75 -15.96
CA ASN B 214 -6.54 -0.77 -15.30
C ASN B 214 -5.57 -1.77 -15.83
N THR B 215 -4.38 -1.61 -15.29
CA THR B 215 -3.24 -2.47 -15.52
C THR B 215 -2.75 -3.00 -14.18
N PHE B 216 -3.26 -2.40 -13.10
CA PHE B 216 -3.01 -2.77 -11.71
C PHE B 216 -4.03 -3.77 -11.16
N PRO B 217 -3.50 -4.88 -10.65
CA PRO B 217 -4.37 -5.92 -10.11
C PRO B 217 -4.56 -5.76 -8.61
N THR B 218 -5.73 -5.44 -8.08
CA THR B 218 -5.86 -5.60 -6.63
C THR B 218 -6.51 -6.94 -6.28
N TRP B 219 -5.90 -7.76 -5.42
CA TRP B 219 -6.54 -9.06 -5.23
C TRP B 219 -7.92 -9.09 -4.61
N PRO B 220 -8.14 -8.26 -3.63
CA PRO B 220 -9.42 -8.20 -2.97
C PRO B 220 -10.56 -7.81 -3.84
N LEU B 221 -10.31 -7.02 -4.85
CA LEU B 221 -11.37 -6.62 -5.75
C LEU B 221 -11.87 -7.66 -6.73
N ALA B 222 -11.26 -8.84 -6.86
CA ALA B 222 -11.79 -9.89 -7.68
C ALA B 222 -13.13 -10.37 -7.13
N GLN B 223 -13.99 -11.07 -7.87
CA GLN B 223 -15.24 -11.50 -7.24
C GLN B 223 -15.32 -13.00 -7.42
N PRO B 224 -16.38 -13.68 -7.01
CA PRO B 224 -17.53 -13.19 -6.25
C PRO B 224 -17.20 -12.52 -4.97
N PHE B 225 -18.16 -11.76 -4.47
CA PHE B 225 -17.98 -11.10 -3.20
C PHE B 225 -18.73 -11.99 -2.25
N ARG B 226 -18.97 -11.53 -1.03
CA ARG B 226 -19.60 -12.39 -0.06
C ARG B 226 -20.93 -12.96 -0.32
N MET B 227 -21.88 -12.19 -0.85
CA MET B 227 -23.20 -12.76 -1.14
C MET B 227 -23.59 -12.63 -2.57
N LEU B 228 -22.75 -11.90 -3.30
CA LEU B 228 -23.01 -11.46 -4.65
C LEU B 228 -21.93 -11.55 -5.70
N ALA B 229 -22.37 -11.59 -6.96
CA ALA B 229 -21.41 -11.35 -8.02
C ALA B 229 -22.18 -10.57 -9.08
N HIS B 230 -21.50 -9.61 -9.68
CA HIS B 230 -22.18 -8.67 -10.51
C HIS B 230 -21.49 -8.36 -11.76
N ASN B 231 -22.13 -8.58 -12.90
CA ASN B 231 -21.57 -8.11 -14.17
C ASN B 231 -22.31 -6.81 -14.42
N GLY B 232 -21.58 -5.73 -14.60
CA GLY B 232 -22.27 -4.46 -14.75
C GLY B 232 -21.51 -3.29 -14.13
N GLU B 233 -22.21 -2.19 -13.93
CA GLU B 233 -21.57 -1.07 -13.29
C GLU B 233 -22.67 -0.41 -12.55
N ILE B 234 -22.36 0.27 -11.46
CA ILE B 234 -23.47 0.85 -10.76
C ILE B 234 -23.41 2.37 -10.82
N ASN B 235 -24.10 2.95 -11.76
CA ASN B 235 -23.91 4.37 -12.02
C ASN B 235 -24.36 5.31 -10.90
N THR B 236 -25.20 4.77 -10.03
CA THR B 236 -25.84 5.55 -9.03
C THR B 236 -25.07 5.37 -7.71
N VAL B 237 -23.79 5.11 -7.86
CA VAL B 237 -23.00 4.71 -6.71
C VAL B 237 -22.65 5.76 -5.71
N LYS B 238 -22.34 6.97 -6.14
CA LYS B 238 -21.98 7.89 -5.07
C LYS B 238 -23.20 8.31 -4.31
N GLY B 239 -24.37 7.95 -4.81
CA GLY B 239 -25.56 8.48 -4.20
C GLY B 239 -26.10 7.47 -3.27
N ASN B 240 -25.77 6.23 -3.60
CA ASN B 240 -26.03 5.09 -2.78
C ASN B 240 -25.08 5.24 -1.58
N VAL B 241 -23.82 5.53 -1.84
CA VAL B 241 -22.91 5.63 -0.74
C VAL B 241 -23.27 6.69 0.28
N ASN B 242 -23.61 7.89 -0.15
CA ASN B 242 -23.95 8.81 0.90
C ASN B 242 -25.35 8.51 1.41
N TRP B 243 -26.24 7.93 0.65
CA TRP B 243 -27.51 7.72 1.30
C TRP B 243 -27.30 6.74 2.41
N MET B 244 -26.14 6.12 2.44
CA MET B 244 -25.83 5.08 3.41
C MET B 244 -25.32 5.83 4.61
N LYS B 245 -24.47 6.81 4.42
CA LYS B 245 -24.09 7.64 5.55
C LYS B 245 -25.31 8.03 6.37
N ALA B 246 -26.49 8.04 5.82
CA ALA B 246 -27.59 8.48 6.65
C ALA B 246 -28.43 7.29 7.04
N HIS B 247 -28.66 6.47 6.04
CA HIS B 247 -29.43 5.31 6.27
C HIS B 247 -28.96 4.60 7.54
N GLU B 248 -27.65 4.71 7.79
CA GLU B 248 -26.94 4.06 8.90
C GLU B 248 -27.30 4.67 10.22
N THR B 249 -27.14 5.97 10.32
CA THR B 249 -27.60 6.71 11.47
C THR B 249 -28.84 6.13 12.15
N ARG B 250 -29.60 5.21 11.59
CA ARG B 250 -30.74 4.80 12.37
C ARG B 250 -30.93 3.35 12.28
N MET B 251 -30.03 2.69 11.55
CA MET B 251 -30.17 1.27 11.37
C MET B 251 -29.80 0.62 12.67
N GLU B 252 -30.72 -0.23 13.05
CA GLU B 252 -30.62 -0.86 14.29
C GLU B 252 -31.47 -2.08 14.09
N HIS B 253 -30.87 -3.25 14.18
CA HIS B 253 -31.71 -4.43 14.27
C HIS B 253 -31.37 -5.03 15.60
N PRO B 254 -32.23 -5.94 16.06
CA PRO B 254 -32.05 -6.57 17.35
C PRO B 254 -30.92 -7.61 17.23
N ALA B 255 -31.06 -8.64 16.40
CA ALA B 255 -30.01 -9.56 16.04
C ALA B 255 -28.56 -9.12 16.15
N PHE B 256 -28.18 -7.90 15.85
CA PHE B 256 -26.77 -7.63 16.09
C PHE B 256 -26.52 -7.35 17.55
N GLY B 257 -27.60 -7.41 18.33
CA GLY B 257 -27.51 -7.14 19.73
C GLY B 257 -26.82 -5.81 19.86
N THR B 258 -25.80 -5.83 20.69
CA THR B 258 -25.04 -4.64 21.02
C THR B 258 -23.97 -4.37 20.03
N HIS B 259 -23.81 -5.31 19.12
CA HIS B 259 -22.75 -5.27 18.12
C HIS B 259 -22.83 -4.24 16.99
N MET B 260 -24.00 -3.66 16.80
CA MET B 260 -24.13 -2.71 15.72
C MET B 260 -23.02 -1.70 15.51
N GLN B 261 -22.63 -0.90 16.48
CA GLN B 261 -21.62 0.02 16.04
C GLN B 261 -20.44 -0.57 15.36
N ASP B 262 -20.17 -1.84 15.61
CA ASP B 262 -18.97 -2.39 14.99
C ASP B 262 -19.35 -2.55 13.58
N LEU B 263 -20.65 -2.70 13.46
CA LEU B 263 -21.27 -2.78 12.16
C LEU B 263 -20.98 -1.70 11.11
N LYS B 264 -20.91 -0.44 11.53
CA LYS B 264 -20.75 0.76 10.72
C LYS B 264 -19.35 1.36 10.62
N PRO B 265 -18.97 2.01 9.53
CA PRO B 265 -19.67 2.21 8.26
C PRO B 265 -19.74 0.90 7.48
N VAL B 266 -20.95 0.47 7.13
CA VAL B 266 -21.14 -0.73 6.32
C VAL B 266 -20.38 -0.64 4.99
N ILE B 267 -19.86 0.51 4.60
CA ILE B 267 -19.11 0.47 3.37
C ILE B 267 -17.70 0.94 3.64
N GLY B 268 -16.73 0.04 3.61
CA GLY B 268 -15.38 0.45 3.89
C GLY B 268 -14.81 1.24 2.76
N VAL B 269 -13.66 1.90 2.98
CA VAL B 269 -13.01 2.56 1.86
C VAL B 269 -12.33 1.56 1.02
N GLY B 270 -12.14 1.88 -0.25
CA GLY B 270 -11.44 1.01 -1.16
C GLY B 270 -12.28 -0.02 -1.91
N LEU B 271 -13.59 -0.03 -1.77
CA LEU B 271 -14.34 -1.03 -2.49
C LEU B 271 -14.72 -0.71 -3.92
N SER B 272 -14.88 -1.72 -4.74
CA SER B 272 -15.37 -1.43 -6.06
C SER B 272 -16.88 -1.21 -5.84
N ASP B 273 -17.61 -0.91 -6.88
CA ASP B 273 -19.03 -0.68 -6.73
C ASP B 273 -19.79 -1.92 -6.33
N SER B 274 -19.48 -3.06 -6.91
CA SER B 274 -20.22 -4.27 -6.56
C SER B 274 -19.74 -4.68 -5.17
N GLY B 275 -18.49 -4.39 -4.90
CA GLY B 275 -17.98 -4.63 -3.58
C GLY B 275 -18.94 -3.96 -2.60
N SER B 276 -19.14 -2.66 -2.79
CA SER B 276 -20.02 -1.88 -1.93
C SER B 276 -21.44 -2.34 -1.89
N LEU B 277 -21.92 -2.88 -2.99
CA LEU B 277 -23.28 -3.33 -2.96
C LEU B 277 -23.37 -4.56 -2.05
N ASP B 278 -22.38 -5.45 -2.15
CA ASP B 278 -22.38 -6.73 -1.43
C ASP B 278 -22.55 -6.42 0.05
N THR B 279 -21.74 -5.50 0.46
CA THR B 279 -21.74 -5.02 1.78
C THR B 279 -23.13 -4.73 2.24
N VAL B 280 -23.83 -3.88 1.51
CA VAL B 280 -25.20 -3.55 1.92
C VAL B 280 -26.07 -4.78 1.77
N PHE B 281 -26.02 -5.44 0.63
CA PHE B 281 -26.76 -6.69 0.51
C PHE B 281 -26.55 -7.61 1.74
N GLU B 282 -25.33 -7.66 2.32
CA GLU B 282 -25.03 -8.59 3.45
C GLU B 282 -25.82 -8.30 4.70
N VAL B 283 -25.70 -7.05 5.18
CA VAL B 283 -26.40 -6.66 6.38
C VAL B 283 -27.87 -6.91 6.27
N MET B 284 -28.43 -6.57 5.15
CA MET B 284 -29.83 -6.74 5.08
C MET B 284 -30.07 -8.22 5.20
N VAL B 285 -29.23 -9.05 4.61
CA VAL B 285 -29.56 -10.46 4.77
C VAL B 285 -29.25 -10.92 6.22
N ARG B 286 -28.06 -10.54 6.69
CA ARG B 286 -27.72 -10.88 8.02
C ARG B 286 -28.83 -10.47 8.97
N ALA B 287 -29.56 -9.40 8.70
CA ALA B 287 -30.61 -9.08 9.66
C ALA B 287 -31.94 -9.77 9.48
N GLY B 288 -32.08 -10.67 8.54
CA GLY B 288 -33.40 -11.25 8.49
C GLY B 288 -34.01 -11.37 7.12
N ARG B 289 -33.59 -10.58 6.16
CA ARG B 289 -34.26 -10.75 4.90
C ARG B 289 -33.57 -11.76 3.99
N THR B 290 -34.39 -12.60 3.38
CA THR B 290 -34.09 -13.42 2.23
C THR B 290 -33.34 -12.74 1.11
N ALA B 291 -32.68 -13.53 0.29
CA ALA B 291 -31.97 -12.94 -0.83
C ALA B 291 -32.92 -12.31 -1.82
N PRO B 292 -33.93 -13.00 -2.34
CA PRO B 292 -34.90 -12.34 -3.22
C PRO B 292 -35.42 -11.06 -2.57
N MET B 293 -35.95 -11.02 -1.35
CA MET B 293 -36.33 -9.70 -0.90
C MET B 293 -35.25 -8.66 -1.05
N VAL B 294 -34.01 -8.98 -0.76
CA VAL B 294 -33.04 -7.90 -0.80
C VAL B 294 -32.81 -7.45 -2.22
N LYS B 295 -32.87 -8.39 -3.18
CA LYS B 295 -32.72 -7.98 -4.57
C LYS B 295 -33.71 -6.90 -4.85
N MET B 296 -34.97 -7.14 -4.55
CA MET B 296 -35.92 -6.07 -4.68
C MET B 296 -35.59 -4.82 -3.90
N MET B 297 -35.47 -4.88 -2.60
CA MET B 297 -35.14 -3.63 -1.98
C MET B 297 -34.03 -2.88 -2.73
N LEU B 298 -32.93 -3.51 -3.14
CA LEU B 298 -31.88 -2.67 -3.70
C LEU B 298 -31.80 -2.51 -5.22
N VAL B 299 -32.49 -3.34 -5.94
CA VAL B 299 -32.47 -3.28 -7.37
C VAL B 299 -33.83 -3.81 -7.79
N PRO B 300 -34.85 -2.97 -7.54
CA PRO B 300 -36.27 -3.35 -7.73
C PRO B 300 -36.56 -3.23 -9.20
N GLN B 301 -37.71 -3.75 -9.62
CA GLN B 301 -37.97 -3.63 -11.00
C GLN B 301 -38.68 -2.30 -11.19
N ALA B 302 -38.76 -1.80 -12.42
CA ALA B 302 -39.49 -0.56 -12.61
C ALA B 302 -40.95 -0.85 -12.48
N LEU B 303 -41.60 0.06 -11.78
CA LEU B 303 -42.99 -0.01 -11.47
C LEU B 303 -43.76 0.61 -12.59
N THR B 304 -43.54 0.22 -13.84
CA THR B 304 -44.39 0.84 -14.86
C THR B 304 -45.75 0.40 -14.32
N THR B 308 -49.55 -4.46 -16.90
CA THR B 308 -48.89 -5.76 -17.02
C THR B 308 -48.48 -6.41 -15.68
N THR B 309 -48.44 -5.57 -14.66
CA THR B 309 -48.03 -5.94 -13.32
C THR B 309 -49.19 -6.21 -12.44
N PRO B 310 -49.25 -7.38 -11.84
CA PRO B 310 -50.33 -7.72 -10.91
C PRO B 310 -50.31 -6.72 -9.79
N ASP B 311 -51.34 -6.66 -8.98
CA ASP B 311 -51.33 -5.65 -7.92
C ASP B 311 -50.50 -5.93 -6.69
N ASN B 312 -50.38 -7.21 -6.31
CA ASN B 312 -49.52 -7.64 -5.21
C ASN B 312 -48.13 -7.08 -5.46
N HIS B 313 -47.53 -7.50 -6.57
CA HIS B 313 -46.22 -6.99 -6.92
C HIS B 313 -46.08 -5.46 -6.79
N LYS B 314 -47.10 -4.74 -7.26
CA LYS B 314 -47.05 -3.28 -7.24
C LYS B 314 -46.90 -2.68 -5.86
N ALA B 315 -47.61 -3.30 -4.92
CA ALA B 315 -47.58 -2.91 -3.51
C ALA B 315 -46.17 -3.05 -3.02
N LEU B 316 -45.66 -4.25 -3.21
CA LEU B 316 -44.34 -4.58 -2.76
C LEU B 316 -43.35 -3.64 -3.40
N ILE B 317 -43.44 -3.48 -4.69
CA ILE B 317 -42.46 -2.62 -5.32
C ILE B 317 -42.47 -1.25 -4.67
N GLN B 318 -43.67 -0.72 -4.49
CA GLN B 318 -43.91 0.57 -3.84
C GLN B 318 -43.34 0.63 -2.44
N TYR B 319 -43.48 -0.45 -1.67
CA TYR B 319 -42.90 -0.54 -0.35
C TYR B 319 -41.39 -0.32 -0.44
N CYS B 320 -40.74 -1.18 -1.21
CA CYS B 320 -39.32 -1.08 -1.30
C CYS B 320 -38.87 0.32 -1.57
N ASN B 321 -39.38 0.83 -2.70
CA ASN B 321 -38.98 2.12 -3.23
C ASN B 321 -39.09 3.15 -2.16
N SER B 322 -39.97 2.87 -1.22
CA SER B 322 -40.18 3.78 -0.12
C SER B 322 -39.05 3.75 0.91
N VAL B 323 -38.61 2.55 1.33
CA VAL B 323 -37.51 2.35 2.27
C VAL B 323 -36.10 2.67 1.75
N MET B 324 -35.76 2.09 0.59
CA MET B 324 -34.41 2.13 0.05
C MET B 324 -34.34 2.67 -1.41
N GLU B 325 -33.35 3.48 -1.72
CA GLU B 325 -33.27 4.10 -3.04
C GLU B 325 -32.31 3.35 -3.88
N PRO B 326 -32.77 2.91 -5.04
CA PRO B 326 -32.04 2.01 -5.92
C PRO B 326 -30.58 2.11 -6.15
N TRP B 327 -30.09 0.97 -6.58
CA TRP B 327 -28.69 0.84 -6.89
C TRP B 327 -28.73 0.67 -8.38
N ASP B 328 -28.61 1.72 -9.20
CA ASP B 328 -28.81 1.54 -10.65
C ASP B 328 -27.61 1.37 -11.53
N GLY B 329 -27.83 0.75 -12.67
CA GLY B 329 -26.72 0.55 -13.59
C GLY B 329 -26.97 -0.78 -14.22
N PRO B 330 -26.26 -1.03 -15.28
CA PRO B 330 -26.42 -2.32 -15.93
C PRO B 330 -25.93 -3.31 -14.88
N ALA B 331 -26.71 -4.36 -14.77
CA ALA B 331 -26.39 -5.31 -13.79
C ALA B 331 -27.04 -6.67 -13.92
N ALA B 332 -26.19 -7.64 -14.28
CA ALA B 332 -26.59 -9.04 -14.22
C ALA B 332 -25.95 -9.52 -12.90
N LEU B 333 -26.73 -10.09 -11.99
CA LEU B 333 -26.28 -10.47 -10.67
C LEU B 333 -26.57 -11.90 -10.31
N ALA B 334 -25.62 -12.51 -9.60
CA ALA B 334 -25.76 -13.84 -9.02
C ALA B 334 -25.59 -13.66 -7.51
N MET B 335 -26.50 -14.25 -6.75
CA MET B 335 -26.62 -14.02 -5.33
C MET B 335 -27.05 -15.22 -4.53
N THR B 336 -26.70 -15.15 -3.25
CA THR B 336 -27.21 -16.14 -2.34
C THR B 336 -27.04 -15.69 -0.90
N ASP B 337 -28.08 -15.75 -0.09
CA ASP B 337 -27.99 -15.57 1.37
C ASP B 337 -27.77 -17.03 1.50
N GLY B 338 -27.89 -17.70 2.63
CA GLY B 338 -27.38 -19.04 2.42
C GLY B 338 -28.24 -20.12 1.85
N ARG B 339 -29.48 -19.80 1.61
CA ARG B 339 -30.46 -20.81 1.29
C ARG B 339 -31.04 -20.74 -0.09
N TRP B 340 -31.15 -19.49 -0.53
CA TRP B 340 -31.71 -19.22 -1.81
C TRP B 340 -30.51 -18.89 -2.63
N VAL B 341 -30.60 -19.24 -3.91
CA VAL B 341 -29.61 -18.90 -4.93
C VAL B 341 -30.38 -18.10 -5.95
N VAL B 342 -29.92 -16.91 -6.27
CA VAL B 342 -30.71 -16.11 -7.20
C VAL B 342 -29.99 -15.50 -8.37
N GLY B 343 -30.68 -15.47 -9.51
CA GLY B 343 -30.22 -14.78 -10.70
C GLY B 343 -31.12 -13.56 -10.92
N GLY B 344 -30.56 -12.35 -11.03
CA GLY B 344 -31.32 -11.11 -11.16
C GLY B 344 -30.88 -10.08 -12.19
N MET B 345 -31.80 -9.21 -12.62
CA MET B 345 -31.41 -8.25 -13.63
C MET B 345 -31.69 -6.85 -13.20
N ASP B 346 -30.95 -5.87 -13.67
CA ASP B 346 -31.27 -4.51 -13.30
C ASP B 346 -32.60 -4.06 -13.93
N ARG B 347 -33.01 -2.81 -13.71
CA ARG B 347 -34.33 -2.45 -14.19
C ARG B 347 -34.55 -2.23 -15.64
N ASN B 348 -33.44 -2.14 -16.39
CA ASN B 348 -33.48 -1.93 -17.84
C ASN B 348 -32.94 -3.06 -18.66
N GLY B 349 -32.81 -4.25 -18.11
CA GLY B 349 -32.29 -5.38 -18.86
C GLY B 349 -31.02 -5.01 -19.56
N LEU B 350 -30.08 -4.41 -18.86
CA LEU B 350 -28.93 -3.94 -19.58
C LEU B 350 -27.79 -4.82 -19.82
N ARG B 351 -27.76 -6.04 -19.25
CA ARG B 351 -26.70 -7.04 -19.48
C ARG B 351 -27.35 -8.38 -19.67
N PRO B 352 -26.71 -9.25 -20.41
CA PRO B 352 -27.29 -10.53 -20.78
C PRO B 352 -27.28 -11.58 -19.68
N MET B 353 -28.27 -12.44 -19.74
CA MET B 353 -28.28 -13.49 -18.77
C MET B 353 -29.17 -14.59 -19.19
N ARG B 354 -28.60 -15.65 -19.71
CA ARG B 354 -29.29 -16.80 -20.19
C ARG B 354 -29.26 -17.95 -19.24
N TYR B 355 -30.20 -18.88 -19.34
CA TYR B 355 -30.16 -20.02 -18.48
C TYR B 355 -30.77 -21.29 -19.01
N THR B 356 -30.31 -22.45 -18.55
CA THR B 356 -30.79 -23.75 -18.99
C THR B 356 -31.28 -24.61 -17.81
N ILE B 357 -32.37 -25.35 -17.96
CA ILE B 357 -32.79 -26.24 -16.92
C ILE B 357 -32.69 -27.62 -17.49
N THR B 358 -32.08 -28.54 -16.72
CA THR B 358 -31.76 -29.90 -17.20
C THR B 358 -32.56 -31.02 -16.66
N THR B 359 -32.45 -32.19 -17.25
CA THR B 359 -33.25 -33.28 -16.73
C THR B 359 -32.65 -33.78 -15.42
N ASP B 360 -31.33 -33.73 -15.30
CA ASP B 360 -30.65 -34.08 -14.08
C ASP B 360 -30.95 -33.07 -12.99
N GLY B 361 -31.77 -32.09 -13.26
CA GLY B 361 -32.25 -31.25 -12.18
C GLY B 361 -31.38 -30.15 -11.71
N LEU B 362 -30.64 -29.58 -12.64
CA LEU B 362 -29.76 -28.46 -12.38
C LEU B 362 -30.27 -27.24 -13.11
N ILE B 363 -29.80 -26.04 -12.73
CA ILE B 363 -30.07 -24.80 -13.42
C ILE B 363 -28.72 -24.09 -13.61
N ILE B 364 -28.31 -23.85 -14.84
CA ILE B 364 -27.00 -23.24 -15.06
C ILE B 364 -27.28 -21.89 -15.65
N GLY B 365 -26.96 -20.83 -14.93
CA GLY B 365 -27.29 -19.47 -15.33
C GLY B 365 -26.03 -18.84 -15.85
N GLY B 366 -26.16 -17.93 -16.79
CA GLY B 366 -24.93 -17.44 -17.34
C GLY B 366 -25.10 -16.17 -18.08
N SER B 367 -24.00 -15.71 -18.66
CA SER B 367 -23.93 -14.46 -19.35
C SER B 367 -24.01 -14.69 -20.82
N GLU B 368 -23.26 -15.64 -21.36
CA GLU B 368 -23.46 -16.10 -22.70
C GLU B 368 -24.06 -17.43 -22.52
N THR B 369 -24.39 -18.18 -23.56
CA THR B 369 -25.12 -19.41 -23.36
C THR B 369 -24.35 -20.66 -23.72
N GLY B 370 -23.35 -20.64 -24.52
CA GLY B 370 -22.91 -22.03 -24.59
C GLY B 370 -21.74 -22.34 -23.69
N MET B 371 -21.85 -22.03 -22.41
CA MET B 371 -20.73 -21.99 -21.52
C MET B 371 -20.39 -23.30 -20.84
N VAL B 372 -21.31 -24.24 -20.86
CA VAL B 372 -21.10 -25.49 -20.17
C VAL B 372 -21.81 -26.50 -20.98
N LYS B 373 -21.16 -27.54 -21.47
CA LYS B 373 -21.85 -28.52 -22.32
C LYS B 373 -23.03 -29.21 -21.66
N ILE B 374 -24.13 -29.33 -22.41
CA ILE B 374 -25.36 -30.01 -22.01
C ILE B 374 -25.92 -30.67 -23.26
N ASP B 375 -26.39 -31.90 -23.19
CA ASP B 375 -26.87 -32.61 -24.34
C ASP B 375 -28.24 -32.06 -24.51
N GLU B 376 -28.61 -31.75 -25.75
CA GLU B 376 -29.84 -31.10 -26.00
C GLU B 376 -30.87 -32.02 -25.50
N THR B 377 -30.69 -33.28 -25.80
CA THR B 377 -31.54 -34.32 -25.30
C THR B 377 -31.97 -34.09 -23.84
N GLN B 378 -31.13 -33.46 -23.04
CA GLN B 378 -31.38 -33.33 -21.62
C GLN B 378 -31.77 -31.96 -21.16
N VAL B 379 -32.14 -31.13 -22.12
CA VAL B 379 -32.62 -29.80 -21.78
C VAL B 379 -34.10 -29.73 -21.58
N ILE B 380 -34.56 -29.24 -20.45
CA ILE B 380 -35.99 -29.08 -20.37
C ILE B 380 -36.45 -27.65 -20.65
N GLU B 381 -35.55 -26.70 -20.63
CA GLU B 381 -35.95 -25.34 -20.83
C GLU B 381 -34.76 -24.42 -21.03
N LYS B 382 -34.81 -23.55 -22.03
CA LYS B 382 -33.75 -22.56 -22.16
C LYS B 382 -34.45 -21.22 -22.07
N GLY B 383 -34.10 -20.39 -21.09
CA GLY B 383 -34.68 -19.09 -20.87
C GLY B 383 -33.62 -18.04 -20.80
N ARG B 384 -33.98 -16.90 -20.23
CA ARG B 384 -33.15 -15.72 -20.03
C ARG B 384 -33.87 -14.85 -18.98
N LEU B 385 -33.26 -13.82 -18.41
CA LEU B 385 -33.91 -12.89 -17.49
C LEU B 385 -34.05 -11.58 -18.24
N GLY B 386 -35.22 -10.93 -18.25
CA GLY B 386 -35.36 -9.65 -18.91
C GLY B 386 -35.32 -8.60 -17.84
N PRO B 387 -35.62 -7.34 -18.13
CA PRO B 387 -35.42 -6.27 -17.14
C PRO B 387 -36.12 -6.54 -15.87
N GLY B 388 -35.49 -6.18 -14.76
CA GLY B 388 -36.07 -6.45 -13.46
C GLY B 388 -36.48 -7.85 -13.04
N GLU B 389 -36.38 -8.88 -13.88
CA GLU B 389 -36.83 -10.18 -13.37
C GLU B 389 -35.78 -10.95 -12.60
N MET B 390 -36.22 -11.96 -11.87
CA MET B 390 -35.30 -12.85 -11.21
C MET B 390 -35.61 -14.33 -11.46
N ILE B 391 -34.74 -15.23 -11.01
CA ILE B 391 -35.08 -16.65 -11.12
C ILE B 391 -34.37 -17.10 -9.93
N ALA B 392 -34.94 -18.05 -9.21
CA ALA B 392 -34.34 -18.52 -7.96
C ALA B 392 -34.58 -19.96 -7.53
N VAL B 393 -33.64 -20.51 -6.77
CA VAL B 393 -33.91 -21.81 -6.17
C VAL B 393 -33.83 -21.69 -4.67
N ASP B 394 -34.79 -22.31 -4.00
CA ASP B 394 -34.76 -22.44 -2.54
C ASP B 394 -34.18 -23.82 -2.26
N LEU B 395 -32.91 -23.80 -1.88
CA LEU B 395 -32.15 -25.00 -1.61
C LEU B 395 -32.66 -25.77 -0.44
N GLN B 396 -33.37 -25.15 0.48
CA GLN B 396 -33.94 -25.93 1.55
C GLN B 396 -35.10 -26.74 1.16
N SER B 397 -35.99 -26.28 0.28
CA SER B 397 -37.11 -27.12 -0.11
C SER B 397 -36.91 -27.60 -1.51
N GLY B 398 -35.78 -27.27 -2.08
CA GLY B 398 -35.53 -27.73 -3.42
C GLY B 398 -36.69 -27.46 -4.32
N LYS B 399 -37.06 -26.19 -4.47
CA LYS B 399 -38.07 -25.77 -5.40
C LYS B 399 -37.53 -24.61 -6.22
N LEU B 400 -37.80 -24.63 -7.51
CA LEU B 400 -37.33 -23.59 -8.41
C LEU B 400 -38.43 -22.58 -8.57
N TYR B 401 -38.12 -21.29 -8.51
CA TYR B 401 -39.14 -20.27 -8.70
C TYR B 401 -38.80 -19.41 -9.90
N ARG B 402 -39.69 -19.38 -10.88
CA ARG B 402 -39.49 -18.51 -12.01
C ARG B 402 -39.91 -17.10 -11.62
N ASP B 403 -39.57 -16.12 -12.42
CA ASP B 403 -39.92 -14.80 -11.95
C ASP B 403 -41.30 -14.57 -11.35
N ARG B 404 -42.33 -14.82 -12.14
CA ARG B 404 -43.67 -14.51 -11.65
C ARG B 404 -43.91 -15.16 -10.30
N GLU B 405 -43.84 -16.49 -10.29
CA GLU B 405 -43.96 -17.34 -9.13
C GLU B 405 -43.16 -16.86 -7.94
N LEU B 406 -41.94 -16.41 -8.13
CA LEU B 406 -41.19 -15.91 -7.02
C LEU B 406 -41.75 -14.62 -6.52
N LYS B 407 -42.17 -13.73 -7.43
CA LYS B 407 -42.66 -12.40 -7.04
C LYS B 407 -43.99 -12.59 -6.38
N ASP B 408 -44.72 -13.61 -6.79
CA ASP B 408 -45.95 -13.90 -6.11
C ASP B 408 -45.60 -14.22 -4.65
N HIS B 409 -44.58 -15.04 -4.46
CA HIS B 409 -44.15 -15.41 -3.14
C HIS B 409 -43.81 -14.23 -2.26
N LEU B 410 -43.03 -13.30 -2.74
CA LEU B 410 -42.70 -12.22 -1.83
C LEU B 410 -43.90 -11.36 -1.53
N ALA B 411 -44.77 -11.21 -2.52
CA ALA B 411 -46.00 -10.40 -2.39
C ALA B 411 -46.83 -10.91 -1.22
N THR B 412 -46.78 -12.23 -1.05
CA THR B 412 -47.45 -12.97 -0.02
C THR B 412 -47.02 -12.72 1.38
N LEU B 413 -45.82 -12.21 1.58
CA LEU B 413 -45.25 -12.10 2.91
C LEU B 413 -45.93 -11.18 3.88
N LYS B 414 -46.27 -9.99 3.42
CA LYS B 414 -46.89 -9.01 4.27
C LYS B 414 -48.09 -8.40 3.54
N PRO B 415 -48.86 -7.56 4.23
CA PRO B 415 -50.00 -6.89 3.62
C PRO B 415 -49.46 -5.62 2.96
N TRP B 416 -48.65 -5.83 1.94
CA TRP B 416 -47.98 -4.76 1.28
C TRP B 416 -48.87 -3.53 1.03
N ASP B 417 -50.02 -3.73 0.41
CA ASP B 417 -50.91 -2.60 0.14
C ASP B 417 -51.42 -2.01 1.45
N LYS B 418 -52.25 -2.75 2.15
CA LYS B 418 -52.74 -2.18 3.38
C LYS B 418 -51.69 -1.19 3.87
N TRP B 419 -50.43 -1.48 3.55
CA TRP B 419 -49.29 -0.77 4.14
C TRP B 419 -48.76 0.35 3.35
N VAL B 420 -49.01 0.17 2.07
CA VAL B 420 -48.68 1.13 1.03
C VAL B 420 -49.75 2.20 1.12
N GLN B 421 -51.01 1.79 1.30
CA GLN B 421 -52.12 2.71 1.52
C GLN B 421 -51.95 3.64 2.72
N ASN B 422 -50.80 3.65 3.37
CA ASN B 422 -50.57 4.52 4.52
C ASN B 422 -49.83 5.76 4.12
N THR B 423 -49.69 5.99 2.83
CA THR B 423 -48.89 7.14 2.40
C THR B 423 -49.73 8.29 1.96
N THR B 424 -49.29 9.46 2.33
CA THR B 424 -50.03 10.65 1.96
C THR B 424 -49.48 11.15 0.65
N HIS B 425 -50.23 10.98 -0.43
CA HIS B 425 -49.77 11.52 -1.72
C HIS B 425 -50.20 12.99 -1.78
N LEU B 426 -49.37 13.93 -1.43
CA LEU B 426 -49.86 15.31 -1.40
C LEU B 426 -49.80 15.95 -2.76
N ASP B 427 -50.40 15.23 -3.72
CA ASP B 427 -50.34 15.59 -5.11
C ASP B 427 -51.57 16.32 -5.49
N GLU B 428 -52.69 15.63 -5.37
CA GLU B 428 -53.96 16.24 -5.62
C GLU B 428 -54.06 17.45 -4.73
N LEU B 429 -53.83 17.26 -3.43
CA LEU B 429 -53.93 18.44 -2.63
C LEU B 429 -53.12 19.58 -3.24
N VAL B 430 -52.01 19.29 -3.89
CA VAL B 430 -51.19 20.40 -4.39
C VAL B 430 -51.62 20.99 -5.73
N LYS B 431 -52.21 20.15 -6.56
CA LYS B 431 -52.65 20.50 -7.92
C LYS B 431 -53.81 21.45 -7.75
N THR B 432 -54.68 21.04 -6.84
CA THR B 432 -55.85 21.80 -6.42
C THR B 432 -55.49 23.29 -6.34
N ALA B 433 -54.61 23.66 -5.41
CA ALA B 433 -54.18 25.05 -5.32
C ALA B 433 -53.57 25.67 -6.58
N SER B 434 -53.06 24.87 -7.51
CA SER B 434 -52.49 25.50 -8.69
C SER B 434 -53.63 25.98 -9.57
N LEU B 435 -54.59 25.08 -9.79
CA LEU B 435 -55.79 25.36 -10.56
C LEU B 435 -56.53 26.48 -9.87
N LYS B 436 -56.29 26.63 -8.57
CA LYS B 436 -56.95 27.70 -7.83
C LYS B 436 -56.19 28.99 -8.05
N GLY B 437 -55.10 28.92 -8.80
CA GLY B 437 -54.47 30.15 -9.16
C GLY B 437 -53.02 30.34 -8.90
N GLU B 438 -52.21 29.91 -9.82
CA GLU B 438 -50.82 30.20 -9.60
C GLU B 438 -50.75 31.70 -9.37
N PRO B 439 -50.35 32.10 -8.19
CA PRO B 439 -50.28 33.51 -7.86
C PRO B 439 -49.02 34.25 -8.20
N SER B 440 -49.18 35.54 -8.50
CA SER B 440 -48.07 36.45 -8.69
C SER B 440 -48.20 37.61 -7.72
N ASP B 441 -47.07 38.16 -7.28
CA ASP B 441 -47.03 39.23 -6.28
C ASP B 441 -45.90 40.21 -6.54
N MET B 442 -45.35 40.27 -7.73
CA MET B 442 -44.32 41.25 -7.84
C MET B 442 -44.70 42.25 -8.91
N ASP B 443 -44.26 43.48 -8.77
CA ASP B 443 -44.65 44.40 -9.77
C ASP B 443 -43.46 44.47 -10.68
N LYS B 444 -43.71 44.37 -11.97
CA LYS B 444 -42.65 44.45 -12.94
C LYS B 444 -41.50 45.34 -12.49
N ALA B 445 -41.74 46.38 -11.70
CA ALA B 445 -40.57 47.16 -11.29
C ALA B 445 -39.61 46.36 -10.43
N GLU B 446 -40.18 45.47 -9.64
CA GLU B 446 -39.38 44.56 -8.83
C GLU B 446 -38.79 43.41 -9.61
N LEU B 447 -39.67 42.59 -10.18
CA LEU B 447 -39.19 41.55 -11.05
C LEU B 447 -37.88 42.00 -11.69
N ARG B 448 -37.91 43.06 -12.48
CA ARG B 448 -36.66 43.42 -13.12
C ARG B 448 -35.48 43.65 -12.17
N ARG B 449 -35.71 44.13 -10.98
CA ARG B 449 -34.45 44.35 -10.29
C ARG B 449 -33.86 43.11 -9.66
N ARG B 450 -34.75 42.24 -9.20
CA ARG B 450 -34.28 41.01 -8.70
C ARG B 450 -33.54 40.40 -9.88
N GLN B 451 -34.27 39.86 -10.83
CA GLN B 451 -33.64 39.42 -12.07
C GLN B 451 -32.29 40.08 -12.27
N GLN B 452 -32.21 41.39 -12.13
CA GLN B 452 -30.93 42.01 -12.39
C GLN B 452 -29.83 41.55 -11.44
N ALA B 453 -30.24 41.24 -10.21
CA ALA B 453 -29.32 40.83 -9.14
C ALA B 453 -28.53 39.60 -9.59
N PHE B 454 -29.28 38.66 -10.15
CA PHE B 454 -28.70 37.46 -10.67
C PHE B 454 -28.39 37.62 -12.15
N GLY B 455 -28.00 38.80 -12.62
CA GLY B 455 -27.72 39.04 -14.04
C GLY B 455 -28.59 38.42 -15.15
N LEU B 456 -29.85 38.11 -14.88
CA LEU B 456 -30.68 37.62 -15.95
C LEU B 456 -30.75 38.57 -17.17
N THR B 457 -31.22 38.08 -18.31
CA THR B 457 -31.31 38.90 -19.50
C THR B 457 -32.48 38.64 -20.42
N MET B 458 -32.41 39.27 -21.58
CA MET B 458 -33.54 39.11 -22.42
C MET B 458 -33.48 37.79 -23.13
N GLU B 459 -32.27 37.46 -23.58
CA GLU B 459 -31.92 36.19 -24.24
C GLU B 459 -32.55 35.21 -23.30
N ASP B 460 -32.35 35.49 -22.02
CA ASP B 460 -32.83 34.58 -20.99
C ASP B 460 -34.33 34.40 -20.99
N MET B 461 -35.05 35.45 -21.37
CA MET B 461 -36.49 35.39 -21.26
C MET B 461 -37.16 35.02 -22.57
N GLU B 462 -36.43 35.41 -23.59
CA GLU B 462 -36.87 35.27 -24.95
C GLU B 462 -36.48 33.90 -25.48
N LEU B 463 -35.16 33.63 -25.47
CA LEU B 463 -34.58 32.41 -26.02
C LEU B 463 -34.96 31.11 -25.38
N ILE B 464 -35.00 31.23 -24.06
CA ILE B 464 -35.01 30.12 -23.13
C ILE B 464 -36.23 29.98 -22.28
N LEU B 465 -36.63 31.03 -21.57
CA LEU B 465 -37.77 30.86 -20.71
C LEU B 465 -39.02 30.60 -21.54
N HIS B 466 -39.28 31.50 -22.46
CA HIS B 466 -40.41 31.39 -23.33
C HIS B 466 -40.83 30.00 -23.91
N PRO B 467 -39.91 29.36 -24.63
CA PRO B 467 -40.24 28.09 -25.26
C PRO B 467 -40.63 27.11 -24.19
N MET B 468 -40.02 27.26 -23.01
CA MET B 468 -40.41 26.32 -21.98
C MET B 468 -41.90 26.47 -21.72
N VAL B 469 -42.34 27.71 -21.53
CA VAL B 469 -43.77 27.95 -21.26
C VAL B 469 -44.70 27.65 -22.44
N GLU B 470 -44.26 28.09 -23.62
CA GLU B 470 -45.11 27.94 -24.75
C GLU B 470 -45.27 26.49 -25.10
N ASP B 471 -44.16 25.86 -25.51
CA ASP B 471 -44.07 24.50 -26.03
C ASP B 471 -44.00 23.39 -25.01
N GLY B 472 -43.60 23.72 -23.79
CA GLY B 472 -43.41 22.67 -22.78
C GLY B 472 -42.25 21.79 -23.20
N LYS B 473 -41.09 22.43 -23.37
CA LYS B 473 -39.93 21.82 -24.00
C LYS B 473 -38.73 22.71 -23.92
N GLU B 474 -37.57 22.28 -24.39
CA GLU B 474 -36.40 23.13 -24.17
C GLU B 474 -35.60 23.68 -25.29
N ALA B 475 -35.34 24.96 -25.18
CA ALA B 475 -34.55 25.60 -26.21
C ALA B 475 -33.50 24.76 -26.92
N ILE B 476 -33.76 24.35 -28.15
CA ILE B 476 -32.74 23.67 -28.95
C ILE B 476 -32.06 24.76 -29.72
N GLY B 477 -30.78 24.62 -30.03
CA GLY B 477 -30.05 25.68 -30.68
C GLY B 477 -28.99 25.10 -31.57
N SER B 478 -27.89 25.84 -31.80
CA SER B 478 -26.82 25.30 -32.62
C SER B 478 -25.46 25.94 -32.68
N MET B 479 -24.49 25.28 -33.31
CA MET B 479 -23.08 25.65 -33.20
C MET B 479 -22.51 25.53 -31.76
N GLY B 480 -21.19 25.61 -31.68
CA GLY B 480 -20.53 25.33 -30.41
C GLY B 480 -20.86 26.26 -29.28
N ASP B 481 -20.18 26.16 -28.17
CA ASP B 481 -20.38 27.15 -27.14
C ASP B 481 -19.03 27.81 -27.22
N ASP B 482 -18.93 29.04 -27.68
CA ASP B 482 -17.61 29.61 -27.72
C ASP B 482 -17.48 30.80 -26.81
N SER B 483 -18.26 30.81 -25.73
CA SER B 483 -18.09 31.85 -24.73
C SER B 483 -16.92 31.41 -23.92
N PRO B 484 -16.38 32.24 -23.03
CA PRO B 484 -15.21 31.84 -22.26
C PRO B 484 -15.69 30.83 -21.25
N ILE B 485 -14.80 30.28 -20.42
CA ILE B 485 -15.32 29.39 -19.41
C ILE B 485 -15.61 30.29 -18.21
N ALA B 486 -16.76 30.03 -17.61
CA ALA B 486 -17.15 30.89 -16.51
C ALA B 486 -16.01 31.43 -15.65
N VAL B 487 -15.08 30.65 -15.09
CA VAL B 487 -14.11 31.44 -14.30
C VAL B 487 -13.45 32.53 -15.11
N LEU B 488 -13.19 32.31 -16.39
CA LEU B 488 -12.45 33.30 -17.11
C LEU B 488 -13.39 34.41 -17.59
N SER B 489 -14.67 34.29 -17.25
CA SER B 489 -15.61 35.30 -17.72
C SER B 489 -15.55 36.55 -16.97
N ASP B 490 -15.80 37.55 -17.76
CA ASP B 490 -15.92 38.97 -17.48
C ASP B 490 -17.21 39.32 -16.80
N LYS B 491 -18.26 38.62 -17.13
CA LYS B 491 -19.59 38.92 -16.71
C LYS B 491 -20.08 38.00 -15.62
N TYR B 492 -21.07 38.43 -14.84
CA TYR B 492 -21.50 37.57 -13.75
C TYR B 492 -22.14 36.35 -14.32
N ARG B 493 -21.76 35.20 -13.76
CA ARG B 493 -22.21 33.92 -14.23
C ARG B 493 -22.55 33.20 -12.95
N GLY B 494 -23.68 32.51 -12.90
CA GLY B 494 -24.10 31.81 -11.69
C GLY B 494 -23.42 30.48 -11.35
N LEU B 495 -23.36 30.17 -10.06
CA LEU B 495 -22.74 28.93 -9.61
C LEU B 495 -22.95 27.83 -10.62
N HIS B 496 -24.22 27.50 -10.89
CA HIS B 496 -24.45 26.40 -11.80
C HIS B 496 -23.62 26.40 -13.08
N HIS B 497 -23.02 27.50 -13.46
CA HIS B 497 -22.24 27.47 -14.67
C HIS B 497 -20.97 26.73 -14.48
N PHE B 498 -20.45 26.74 -13.27
CA PHE B 498 -19.21 26.06 -12.96
C PHE B 498 -19.45 24.55 -12.72
N PHE B 499 -20.67 24.17 -12.36
CA PHE B 499 -20.95 22.76 -12.20
C PHE B 499 -21.31 22.13 -13.54
N ARG B 500 -20.40 21.39 -14.16
CA ARG B 500 -20.68 20.69 -15.42
C ARG B 500 -21.44 19.37 -15.24
N GLN B 501 -22.32 18.90 -16.11
CA GLN B 501 -23.10 17.69 -15.85
C GLN B 501 -22.29 16.55 -16.32
N ASN B 502 -22.42 15.45 -15.61
CA ASN B 502 -21.65 14.28 -15.93
C ASN B 502 -22.42 13.49 -16.92
N PHE B 503 -21.78 12.65 -17.69
CA PHE B 503 -22.49 11.72 -18.57
C PHE B 503 -21.63 10.45 -18.60
N SER B 504 -22.17 9.33 -19.04
CA SER B 504 -21.36 8.18 -18.98
C SER B 504 -20.97 7.79 -20.38
N GLN B 505 -19.75 7.28 -20.55
CA GLN B 505 -19.20 6.95 -21.84
C GLN B 505 -19.00 5.52 -22.13
N VAL B 506 -18.00 4.86 -21.60
CA VAL B 506 -17.98 3.51 -22.18
C VAL B 506 -18.45 2.47 -21.22
N THR B 507 -18.25 2.81 -19.97
CA THR B 507 -18.54 2.01 -18.82
C THR B 507 -19.98 1.68 -18.78
N ASN B 508 -20.82 2.68 -18.96
CA ASN B 508 -22.23 2.43 -19.04
C ASN B 508 -22.96 3.19 -20.11
N PRO B 509 -24.14 2.74 -20.47
CA PRO B 509 -24.90 3.43 -21.49
C PRO B 509 -25.91 4.35 -20.89
N PRO B 510 -26.15 5.46 -21.55
CA PRO B 510 -27.20 6.42 -21.20
C PRO B 510 -28.54 5.89 -21.59
N ILE B 511 -29.64 6.48 -21.18
CA ILE B 511 -30.96 5.91 -21.49
C ILE B 511 -31.73 6.77 -22.43
N ASP B 512 -32.82 6.26 -23.00
CA ASP B 512 -33.65 7.13 -23.80
C ASP B 512 -34.73 7.62 -22.93
N SER B 513 -34.63 8.86 -22.48
CA SER B 513 -35.76 9.32 -21.70
C SER B 513 -37.03 9.50 -22.49
N LEU B 514 -37.00 9.47 -23.82
CA LEU B 514 -38.28 9.62 -24.50
C LEU B 514 -38.87 8.27 -24.74
N ARG B 515 -38.16 7.46 -25.50
CA ARG B 515 -38.74 6.18 -25.80
C ARG B 515 -38.90 5.27 -24.58
N GLU B 516 -38.09 5.52 -23.56
CA GLU B 516 -38.13 4.66 -22.41
C GLU B 516 -38.56 5.36 -21.13
N ARG B 517 -39.42 6.36 -21.27
CA ARG B 517 -39.75 7.15 -20.10
C ARG B 517 -40.35 6.31 -19.02
N ARG B 518 -41.28 5.43 -19.34
CA ARG B 518 -41.88 4.62 -18.30
C ARG B 518 -40.89 3.96 -17.31
N VAL B 519 -39.65 3.71 -17.62
CA VAL B 519 -38.82 3.16 -16.54
C VAL B 519 -38.25 4.19 -15.61
N MET B 520 -38.07 5.40 -16.09
CA MET B 520 -37.51 6.48 -15.26
C MET B 520 -38.53 6.92 -14.21
N SER B 521 -38.17 7.95 -13.45
CA SER B 521 -39.08 8.43 -12.41
C SER B 521 -38.58 9.60 -11.60
N LEU B 522 -39.47 10.34 -10.94
CA LEU B 522 -39.09 11.60 -10.30
C LEU B 522 -39.79 11.75 -8.96
N LYS B 523 -40.38 10.64 -8.53
CA LYS B 523 -41.08 10.56 -7.26
C LYS B 523 -40.21 11.10 -6.14
N THR B 524 -40.82 11.92 -5.31
CA THR B 524 -40.07 12.46 -4.21
C THR B 524 -40.81 12.16 -2.92
N ARG B 525 -40.11 11.77 -1.86
CA ARG B 525 -40.77 11.42 -0.58
C ARG B 525 -40.21 12.25 0.55
N LEU B 526 -41.02 12.72 1.50
CA LEU B 526 -40.43 13.47 2.61
C LEU B 526 -40.62 12.70 3.92
N GLY B 527 -39.49 12.45 4.59
CA GLY B 527 -39.42 11.71 5.85
C GLY B 527 -39.76 10.22 5.76
N ASN B 528 -39.05 9.57 4.84
CA ASN B 528 -39.18 8.13 4.68
C ASN B 528 -37.81 7.49 5.01
N LEU B 529 -37.03 8.23 5.76
CA LEU B 529 -35.72 7.85 6.19
C LEU B 529 -35.60 7.17 7.57
N GLY B 530 -36.02 5.92 7.73
CA GLY B 530 -35.89 5.28 9.02
C GLY B 530 -34.98 4.06 9.13
N ASN B 531 -35.60 2.93 9.43
CA ASN B 531 -34.75 1.77 9.53
C ASN B 531 -34.67 0.83 8.36
N ILE B 532 -33.62 0.96 7.55
CA ILE B 532 -33.54 0.04 6.43
C ILE B 532 -33.69 -1.40 6.89
N LEU B 533 -33.33 -1.63 8.17
CA LEU B 533 -33.24 -2.91 8.89
C LEU B 533 -34.57 -3.46 9.39
N ASP B 534 -35.53 -2.56 9.49
CA ASP B 534 -36.91 -2.80 9.89
C ASP B 534 -37.80 -3.30 8.74
N GLU B 535 -38.97 -3.84 9.08
CA GLU B 535 -39.88 -4.30 8.07
C GLU B 535 -41.27 -4.21 8.67
N ASP B 536 -41.66 -3.02 9.06
CA ASP B 536 -43.02 -2.80 9.52
C ASP B 536 -43.72 -1.76 8.59
N GLU B 537 -45.03 -1.65 8.76
CA GLU B 537 -45.87 -0.75 8.02
C GLU B 537 -45.65 0.70 8.41
N THR B 538 -44.86 0.96 9.42
CA THR B 538 -44.69 2.34 9.73
C THR B 538 -43.75 2.96 8.72
N GLN B 539 -43.28 2.14 7.79
CA GLN B 539 -42.29 2.56 6.78
C GLN B 539 -42.94 3.25 5.56
N THR B 540 -44.27 3.29 5.57
CA THR B 540 -45.06 3.89 4.52
C THR B 540 -45.56 5.30 4.85
N ARG B 541 -45.61 5.64 6.13
CA ARG B 541 -46.05 6.94 6.57
C ARG B 541 -45.04 8.03 6.21
N LEU B 542 -45.21 8.57 5.02
CA LEU B 542 -44.38 9.65 4.54
C LEU B 542 -45.25 10.34 3.52
N LEU B 543 -44.83 11.53 3.10
CA LEU B 543 -45.58 12.28 2.12
C LEU B 543 -44.86 12.09 0.81
N GLN B 544 -45.64 12.13 -0.28
CA GLN B 544 -45.10 11.92 -1.61
C GLN B 544 -45.53 12.88 -2.69
N LEU B 545 -44.56 13.39 -3.43
CA LEU B 545 -44.80 14.19 -4.61
C LEU B 545 -44.49 13.29 -5.77
N GLU B 546 -44.68 13.77 -6.98
CA GLU B 546 -44.38 13.02 -8.18
C GLU B 546 -43.29 13.75 -8.91
N SER B 547 -42.96 14.97 -8.46
CA SER B 547 -41.77 15.65 -8.97
C SER B 547 -41.08 16.52 -7.91
N PRO B 548 -39.79 16.67 -7.94
CA PRO B 548 -39.16 17.49 -6.93
C PRO B 548 -39.58 18.93 -7.13
N VAL B 549 -40.29 19.16 -8.22
CA VAL B 549 -40.58 20.52 -8.72
C VAL B 549 -41.91 21.12 -8.32
N LEU B 550 -41.91 22.31 -7.73
CA LEU B 550 -43.19 22.91 -7.32
C LEU B 550 -43.43 24.35 -7.71
N THR B 551 -44.62 24.58 -8.28
CA THR B 551 -45.01 25.94 -8.65
C THR B 551 -45.45 26.57 -7.34
N THR B 552 -45.16 27.88 -7.24
CA THR B 552 -45.46 28.60 -6.02
C THR B 552 -46.78 28.19 -5.42
N ALA B 553 -47.77 27.95 -6.27
CA ALA B 553 -49.05 27.56 -5.74
C ALA B 553 -48.82 26.33 -4.90
N GLU B 554 -48.56 25.21 -5.58
CA GLU B 554 -48.35 23.91 -4.93
C GLU B 554 -47.35 24.00 -3.80
N PHE B 555 -46.26 24.75 -3.99
CA PHE B 555 -45.31 24.79 -2.89
C PHE B 555 -45.97 25.19 -1.60
N ARG B 556 -46.72 26.27 -1.65
CA ARG B 556 -47.41 26.78 -0.49
C ARG B 556 -48.35 25.73 -0.01
N ALA B 557 -49.05 25.13 -0.93
CA ALA B 557 -50.03 24.16 -0.49
C ALA B 557 -49.37 23.27 0.54
N MET B 558 -48.17 22.81 0.21
CA MET B 558 -47.40 21.86 0.97
C MET B 558 -46.91 22.49 2.21
N ARG B 559 -46.13 23.55 2.06
CA ARG B 559 -45.54 24.27 3.19
C ARG B 559 -46.55 24.54 4.26
N ASP B 560 -47.81 24.41 3.88
CA ASP B 560 -48.87 24.66 4.82
C ASP B 560 -49.03 23.33 5.44
N TYR B 561 -49.72 22.42 4.79
CA TYR B 561 -49.81 21.04 5.29
C TYR B 561 -48.76 20.57 6.32
N MET B 562 -47.51 20.99 6.17
CA MET B 562 -46.46 20.76 7.14
C MET B 562 -46.80 21.65 8.31
N GLY B 563 -46.26 22.85 8.34
CA GLY B 563 -46.68 23.78 9.37
C GLY B 563 -45.71 23.98 10.49
N ASP B 564 -46.13 23.50 11.65
CA ASP B 564 -45.34 23.59 12.87
C ASP B 564 -44.09 22.76 12.62
N THR B 565 -44.26 21.78 11.75
CA THR B 565 -43.21 20.86 11.37
C THR B 565 -42.07 21.45 10.59
N ALA B 566 -42.34 22.49 9.84
CA ALA B 566 -41.32 23.07 9.00
C ALA B 566 -40.49 24.11 9.74
N ALA B 567 -39.40 24.58 9.16
CA ALA B 567 -38.54 25.58 9.78
C ALA B 567 -37.84 26.30 8.66
N GLU B 568 -37.80 27.62 8.67
CA GLU B 568 -37.36 28.35 7.49
C GLU B 568 -36.08 29.06 7.70
N ILE B 569 -35.10 28.83 6.86
CA ILE B 569 -33.87 29.48 7.16
C ILE B 569 -33.61 30.59 6.17
N ASP B 570 -32.96 31.65 6.64
CA ASP B 570 -32.71 32.77 5.78
C ASP B 570 -31.43 32.57 5.06
N ALA B 571 -31.50 32.08 3.84
CA ALA B 571 -30.27 31.95 3.07
C ALA B 571 -29.73 33.26 2.53
N THR B 572 -29.68 34.29 3.36
CA THR B 572 -29.17 35.55 2.83
C THR B 572 -28.06 36.21 3.61
N PHE B 573 -27.32 37.14 3.02
CA PHE B 573 -26.44 37.91 3.90
C PHE B 573 -26.37 39.41 3.67
N PRO B 574 -26.00 40.15 4.72
CA PRO B 574 -25.87 41.62 4.69
C PRO B 574 -24.74 42.02 3.80
N VAL B 575 -24.72 43.25 3.34
CA VAL B 575 -23.73 43.66 2.36
C VAL B 575 -22.72 44.45 3.14
N ASP B 576 -23.29 45.17 4.11
CA ASP B 576 -22.56 45.97 5.06
C ASP B 576 -21.63 45.01 5.82
N GLY B 577 -22.08 43.76 5.88
CA GLY B 577 -21.38 42.64 6.48
C GLY B 577 -19.86 42.50 6.57
N GLY B 578 -19.10 43.04 5.64
CA GLY B 578 -17.66 42.92 5.75
C GLY B 578 -17.12 41.79 4.90
N PRO B 579 -15.81 41.63 4.89
CA PRO B 579 -15.16 40.63 4.04
C PRO B 579 -15.55 39.19 4.31
N GLU B 580 -16.05 38.86 5.52
CA GLU B 580 -16.40 37.49 5.81
C GLU B 580 -17.90 37.29 5.77
N ALA B 581 -18.59 38.31 5.32
CA ALA B 581 -20.04 38.19 5.29
C ALA B 581 -20.61 36.83 4.90
N LEU B 582 -20.13 36.32 3.76
CA LEU B 582 -20.66 35.10 3.16
C LEU B 582 -20.35 33.89 4.07
N ARG B 583 -19.07 33.74 4.40
CA ARG B 583 -18.66 32.69 5.32
C ARG B 583 -19.61 32.50 6.52
N ASP B 584 -19.70 33.55 7.33
CA ASP B 584 -20.48 33.46 8.56
C ASP B 584 -21.92 33.20 8.31
N ALA B 585 -22.30 33.48 7.08
CA ALA B 585 -23.68 33.32 6.71
C ALA B 585 -23.94 31.85 6.53
N LEU B 586 -22.95 31.23 5.87
CA LEU B 586 -22.94 29.79 5.60
C LEU B 586 -22.92 28.97 6.91
N ARG B 587 -22.05 29.42 7.82
CA ARG B 587 -22.04 28.88 9.18
C ARG B 587 -23.42 29.01 9.77
N ARG B 588 -23.87 30.24 9.83
CA ARG B 588 -25.16 30.52 10.39
C ARG B 588 -26.27 29.62 9.89
N ILE B 589 -26.29 29.38 8.58
CA ILE B 589 -27.42 28.58 8.14
C ILE B 589 -27.29 27.15 8.53
N ARG B 590 -26.05 26.67 8.50
CA ARG B 590 -25.79 25.31 8.96
C ARG B 590 -26.24 25.14 10.42
N GLN B 591 -25.65 25.98 11.26
CA GLN B 591 -26.08 26.00 12.62
C GLN B 591 -27.59 26.06 12.82
N GLU B 592 -28.25 27.05 12.23
CA GLU B 592 -29.66 27.19 12.49
C GLU B 592 -30.42 25.91 12.13
N THR B 593 -29.90 25.18 11.15
CA THR B 593 -30.68 24.06 10.66
C THR B 593 -30.52 22.90 11.62
N GLU B 594 -29.33 22.86 12.23
CA GLU B 594 -29.03 21.85 13.27
C GLU B 594 -30.07 22.04 14.34
N ASP B 595 -30.02 23.22 14.93
CA ASP B 595 -30.95 23.55 15.98
C ASP B 595 -32.35 23.22 15.56
N ALA B 596 -32.74 23.63 14.39
CA ALA B 596 -34.09 23.30 14.05
C ALA B 596 -34.23 21.80 14.12
N VAL B 597 -33.25 21.06 13.65
CA VAL B 597 -33.57 19.66 13.52
C VAL B 597 -33.66 18.91 14.84
N ARG B 598 -32.71 19.28 15.68
CA ARG B 598 -32.60 18.82 17.04
C ARG B 598 -33.89 19.16 17.74
N GLY B 599 -34.26 20.43 17.69
CA GLY B 599 -35.53 20.89 18.24
C GLY B 599 -36.74 20.05 17.85
N GLY B 600 -36.70 19.35 16.73
CA GLY B 600 -37.84 18.51 16.37
C GLY B 600 -38.36 18.76 14.98
N ALA B 601 -37.71 19.69 14.26
CA ALA B 601 -38.20 20.04 12.93
C ALA B 601 -38.06 18.85 11.99
N THR B 602 -39.00 18.71 11.08
CA THR B 602 -38.99 17.61 10.16
C THR B 602 -38.70 18.04 8.70
N HIS B 603 -38.73 19.34 8.44
CA HIS B 603 -38.55 19.87 7.12
C HIS B 603 -37.84 21.18 7.18
N VAL B 604 -37.08 21.50 6.18
CA VAL B 604 -36.44 22.77 6.27
C VAL B 604 -36.70 23.53 5.00
N ILE B 605 -37.08 24.79 5.14
CA ILE B 605 -37.34 25.57 3.98
C ILE B 605 -36.21 26.54 3.94
N LEU B 606 -35.44 26.44 2.88
CA LEU B 606 -34.23 27.22 2.80
C LEU B 606 -34.57 28.29 1.79
N THR B 607 -34.26 29.57 2.09
CA THR B 607 -34.60 30.67 1.16
C THR B 607 -33.84 31.99 0.90
N ASP B 608 -34.27 32.52 -0.24
CA ASP B 608 -33.82 33.71 -0.94
C ASP B 608 -34.60 34.98 -0.62
N GLU B 609 -35.91 34.79 -0.41
CA GLU B 609 -36.88 35.84 -0.20
C GLU B 609 -36.35 37.12 0.41
N ALA B 610 -35.88 37.11 1.62
CA ALA B 610 -35.48 38.40 2.08
C ALA B 610 -34.37 39.09 1.32
N MET B 611 -34.15 38.78 0.07
CA MET B 611 -33.15 39.56 -0.66
C MET B 611 -33.71 40.96 -0.84
N GLY B 612 -32.83 41.95 -0.74
CA GLY B 612 -33.25 43.34 -0.89
C GLY B 612 -31.99 44.14 -1.13
N PRO B 613 -32.11 45.46 -1.00
CA PRO B 613 -30.98 46.36 -1.26
C PRO B 613 -29.92 46.29 -0.18
N ALA B 614 -30.34 45.73 0.95
CA ALA B 614 -29.51 45.59 2.15
C ALA B 614 -28.77 44.24 2.24
N ARG B 615 -29.40 43.24 1.65
CA ARG B 615 -29.03 41.86 1.78
C ARG B 615 -28.97 41.08 0.46
N ALA B 616 -27.74 40.69 0.12
CA ALA B 616 -27.40 39.82 -1.02
C ALA B 616 -27.92 38.42 -0.82
N ALA B 617 -27.88 37.61 -1.86
CA ALA B 617 -28.38 36.24 -1.69
C ALA B 617 -27.23 35.23 -1.64
N ILE B 618 -27.33 34.26 -0.75
CA ILE B 618 -26.33 33.23 -0.76
C ILE B 618 -26.74 32.37 -1.93
N PRO B 619 -25.79 32.13 -2.82
CA PRO B 619 -25.97 31.29 -4.00
C PRO B 619 -26.64 29.98 -3.67
N ALA B 620 -27.93 29.81 -3.94
CA ALA B 620 -28.67 28.61 -3.59
C ALA B 620 -27.85 27.32 -3.64
N ILE B 621 -27.16 27.13 -4.73
CA ILE B 621 -26.39 25.93 -4.75
C ILE B 621 -25.46 25.81 -3.51
N LEU B 622 -24.63 26.80 -3.29
CA LEU B 622 -23.79 26.84 -2.12
C LEU B 622 -24.63 26.65 -0.88
N ALA B 623 -25.76 27.29 -0.80
CA ALA B 623 -26.42 27.08 0.46
C ALA B 623 -26.98 25.67 0.58
N THR B 624 -27.53 25.11 -0.50
CA THR B 624 -28.09 23.76 -0.43
C THR B 624 -27.01 22.72 -0.11
N GLY B 625 -25.82 22.88 -0.68
CA GLY B 625 -24.76 21.96 -0.31
C GLY B 625 -24.45 22.15 1.16
N ALA B 626 -23.86 23.29 1.50
CA ALA B 626 -23.53 23.52 2.89
C ALA B 626 -24.58 22.88 3.79
N VAL B 627 -25.83 23.25 3.66
CA VAL B 627 -26.69 22.60 4.62
C VAL B 627 -26.77 21.09 4.52
N HIS B 628 -26.84 20.55 3.33
CA HIS B 628 -26.99 19.12 3.19
C HIS B 628 -25.75 18.44 3.72
N THR B 629 -24.59 18.71 3.17
CA THR B 629 -23.45 18.00 3.72
C THR B 629 -23.50 18.01 5.27
N HIS B 630 -23.36 19.19 5.86
CA HIS B 630 -23.36 19.26 7.30
C HIS B 630 -24.41 18.38 7.87
N LEU B 631 -25.66 18.63 7.56
CA LEU B 631 -26.65 17.70 8.12
C LEU B 631 -26.21 16.22 8.06
N ILE B 632 -25.48 15.82 7.01
CA ILE B 632 -25.06 14.44 6.82
C ILE B 632 -24.02 14.12 7.86
N ARG B 633 -22.96 14.93 7.78
CA ARG B 633 -21.89 14.89 8.72
C ARG B 633 -22.38 14.75 10.15
N SER B 634 -23.48 15.36 10.48
CA SER B 634 -23.86 15.16 11.83
C SER B 634 -25.06 14.29 11.94
N ASN B 635 -25.18 13.29 11.11
CA ASN B 635 -26.31 12.41 11.34
C ASN B 635 -27.66 13.03 11.58
N LEU B 636 -28.02 14.03 10.81
CA LEU B 636 -29.29 14.71 11.04
C LEU B 636 -30.15 14.67 9.80
N ARG B 637 -29.45 14.69 8.67
CA ARG B 637 -30.10 14.65 7.40
C ARG B 637 -31.13 13.55 7.40
N THR B 638 -30.96 12.46 8.12
CA THR B 638 -32.05 11.51 8.00
C THR B 638 -33.34 11.98 8.68
N PHE B 639 -33.22 13.10 9.39
CA PHE B 639 -34.41 13.61 10.05
C PHE B 639 -35.37 14.56 9.35
N THR B 640 -34.89 15.41 8.44
CA THR B 640 -35.78 16.25 7.63
C THR B 640 -35.68 16.06 6.13
N SER B 641 -36.59 16.78 5.49
CA SER B 641 -36.59 17.03 4.06
C SER B 641 -35.90 18.38 3.97
N LEU B 642 -35.26 18.65 2.85
CA LEU B 642 -34.58 19.92 2.64
C LEU B 642 -35.15 20.59 1.34
N ASN B 643 -35.82 21.72 1.52
CA ASN B 643 -36.56 22.37 0.44
C ASN B 643 -36.09 23.79 0.21
N VAL B 644 -35.85 24.06 -1.06
CA VAL B 644 -35.30 25.32 -1.51
C VAL B 644 -36.30 26.17 -2.32
N ARG B 645 -36.23 27.48 -2.06
CA ARG B 645 -36.97 28.47 -2.79
C ARG B 645 -35.83 29.27 -3.34
N THR B 646 -35.78 29.40 -4.67
CA THR B 646 -34.69 30.13 -5.26
C THR B 646 -35.21 31.13 -6.26
N ALA B 647 -34.53 32.26 -6.27
CA ALA B 647 -34.93 33.33 -7.12
C ALA B 647 -34.13 33.11 -8.37
N GLU B 648 -32.82 32.90 -8.24
CA GLU B 648 -31.92 32.79 -9.41
C GLU B 648 -32.17 31.61 -10.30
N GLY B 649 -33.16 30.80 -9.99
CA GLY B 649 -33.33 29.59 -10.76
C GLY B 649 -34.13 29.70 -12.02
N LEU B 650 -33.58 29.37 -13.19
CA LEU B 650 -34.40 29.45 -14.37
C LEU B 650 -34.61 28.23 -15.21
N ASP B 651 -33.53 27.58 -15.68
CA ASP B 651 -33.58 26.36 -16.57
C ASP B 651 -33.29 25.03 -15.95
N THR B 652 -33.49 23.97 -16.74
CA THR B 652 -33.22 22.58 -16.28
C THR B 652 -31.93 22.37 -15.51
N HIS B 653 -30.79 22.80 -16.02
CA HIS B 653 -29.56 22.62 -15.27
C HIS B 653 -29.73 23.10 -13.84
N TYR B 654 -29.87 24.40 -13.62
CA TYR B 654 -30.02 24.82 -12.22
C TYR B 654 -30.87 23.82 -11.44
N PHE B 655 -31.96 23.30 -11.96
CA PHE B 655 -32.64 22.44 -11.03
C PHE B 655 -31.78 21.24 -10.68
N ALA B 656 -31.35 20.52 -11.71
CA ALA B 656 -30.54 19.35 -11.54
C ALA B 656 -29.47 19.61 -10.49
N VAL B 657 -28.58 20.59 -10.71
CA VAL B 657 -27.57 20.79 -9.69
C VAL B 657 -28.21 20.88 -8.33
N LEU B 658 -28.93 21.93 -8.05
CA LEU B 658 -29.58 21.96 -6.77
C LEU B 658 -29.95 20.58 -6.27
N ILE B 659 -30.83 19.92 -6.99
CA ILE B 659 -31.37 18.67 -6.54
C ILE B 659 -30.33 17.71 -6.07
N GLY B 660 -29.35 17.46 -6.91
CA GLY B 660 -28.38 16.46 -6.52
C GLY B 660 -27.24 17.05 -5.78
N VAL B 661 -27.55 17.89 -4.85
CA VAL B 661 -26.45 18.45 -4.10
C VAL B 661 -27.12 18.59 -2.77
N GLY B 662 -28.31 17.99 -2.67
CA GLY B 662 -29.10 17.95 -1.47
C GLY B 662 -30.59 17.98 -1.68
N ALA B 663 -31.01 19.10 -2.24
CA ALA B 663 -32.39 19.43 -2.46
C ALA B 663 -33.48 18.32 -2.48
N THR B 664 -34.55 18.47 -1.74
CA THR B 664 -35.58 17.48 -1.89
C THR B 664 -36.58 17.87 -2.91
N THR B 665 -36.78 19.18 -2.86
CA THR B 665 -37.84 19.89 -3.51
C THR B 665 -37.31 21.22 -3.86
N VAL B 666 -37.66 21.67 -5.05
CA VAL B 666 -37.27 23.00 -5.48
C VAL B 666 -38.43 23.80 -5.99
N ASN B 667 -38.30 25.11 -5.82
CA ASN B 667 -39.32 26.06 -6.25
C ASN B 667 -38.71 27.35 -6.81
N ALA B 668 -38.79 27.52 -8.13
CA ALA B 668 -38.19 28.72 -8.73
C ALA B 668 -39.32 29.74 -8.70
N TYR B 669 -39.23 30.66 -7.76
CA TYR B 669 -40.36 31.50 -7.50
C TYR B 669 -40.28 32.79 -8.29
N LEU B 670 -39.09 33.21 -8.71
CA LEU B 670 -38.90 34.45 -9.43
C LEU B 670 -38.89 34.18 -10.94
N ALA B 671 -39.67 33.21 -11.34
CA ALA B 671 -39.52 32.78 -12.71
C ALA B 671 -40.93 32.52 -12.95
N GLN B 672 -41.62 32.09 -11.90
CA GLN B 672 -43.04 31.89 -12.06
C GLN B 672 -43.41 33.34 -12.21
N GLU B 673 -42.73 34.20 -11.47
CA GLU B 673 -43.04 35.60 -11.61
C GLU B 673 -42.72 36.07 -13.02
N ALA B 674 -41.46 36.00 -13.42
CA ALA B 674 -41.11 36.41 -14.77
C ALA B 674 -42.12 35.85 -15.75
N ILE B 675 -42.59 34.63 -15.53
CA ILE B 675 -43.56 34.07 -16.44
C ILE B 675 -44.81 34.92 -16.49
N ALA B 676 -45.41 35.10 -15.31
CA ALA B 676 -46.57 35.99 -15.10
C ALA B 676 -46.48 37.32 -15.86
N GLU B 677 -45.46 38.08 -15.55
CA GLU B 677 -45.34 39.32 -16.23
C GLU B 677 -45.53 39.01 -17.73
N ARG B 678 -44.74 38.09 -18.28
CA ARG B 678 -44.93 37.72 -19.69
C ARG B 678 -46.42 37.46 -19.97
N HIS B 679 -47.05 36.70 -19.10
CA HIS B 679 -48.41 36.39 -19.43
C HIS B 679 -49.36 37.53 -19.20
N ARG B 680 -48.90 38.54 -18.49
CA ARG B 680 -49.76 39.68 -18.25
C ARG B 680 -49.74 40.49 -19.53
N ARG B 681 -48.58 40.75 -20.14
CA ARG B 681 -48.62 41.44 -21.40
C ARG B 681 -49.02 40.51 -22.54
N GLY B 682 -50.00 39.65 -22.32
CA GLY B 682 -50.37 38.68 -23.35
C GLY B 682 -49.35 38.01 -24.27
N LEU B 683 -48.20 37.58 -23.76
CA LEU B 683 -47.26 36.93 -24.64
C LEU B 683 -47.61 35.49 -24.84
N PHE B 684 -48.47 34.93 -24.02
CA PHE B 684 -48.84 33.55 -24.27
C PHE B 684 -50.19 33.87 -24.74
N GLY B 685 -51.15 32.97 -24.84
CA GLY B 685 -52.38 33.48 -25.46
C GLY B 685 -53.27 34.00 -24.38
N SER B 686 -54.49 33.50 -24.37
CA SER B 686 -55.42 33.76 -23.31
C SER B 686 -55.36 32.49 -22.42
N MET B 687 -54.19 31.82 -22.53
CA MET B 687 -53.78 30.62 -21.80
C MET B 687 -53.70 30.98 -20.35
N PRO B 688 -54.40 30.23 -19.54
CA PRO B 688 -54.30 30.42 -18.09
C PRO B 688 -52.89 30.26 -17.57
N LEU B 689 -52.55 31.05 -16.56
CA LEU B 689 -51.25 31.00 -15.92
C LEU B 689 -51.07 29.57 -15.35
N GLU B 690 -52.10 29.10 -14.68
CA GLU B 690 -52.16 27.76 -14.22
C GLU B 690 -51.58 26.95 -15.36
N LYS B 691 -52.06 27.15 -16.58
CA LYS B 691 -51.51 26.29 -17.60
C LYS B 691 -50.10 26.61 -17.99
N GLY B 692 -49.77 27.88 -17.91
CA GLY B 692 -48.43 28.15 -18.35
C GLY B 692 -47.51 27.48 -17.37
N MET B 693 -47.93 27.49 -16.12
CA MET B 693 -47.10 26.92 -15.11
C MET B 693 -46.94 25.46 -15.48
N ALA B 694 -48.04 24.72 -15.52
CA ALA B 694 -47.93 23.34 -15.93
C ALA B 694 -46.85 23.16 -16.98
N ASN B 695 -46.95 23.81 -18.13
CA ASN B 695 -45.94 23.54 -19.12
C ASN B 695 -44.59 23.72 -18.58
N TYR B 696 -44.31 24.85 -17.98
CA TYR B 696 -42.97 25.05 -17.46
C TYR B 696 -42.52 23.82 -16.69
N LYS B 697 -43.34 23.41 -15.73
CA LYS B 697 -43.04 22.25 -14.93
C LYS B 697 -42.71 21.09 -15.81
N LYS B 698 -43.61 20.69 -16.69
CA LYS B 698 -43.27 19.58 -17.58
C LYS B 698 -41.91 19.71 -18.24
N ALA B 699 -41.39 20.90 -18.42
CA ALA B 699 -40.17 20.92 -19.16
C ALA B 699 -39.02 20.73 -18.26
N ILE B 700 -39.34 21.02 -17.04
CA ILE B 700 -38.30 20.93 -16.08
C ILE B 700 -38.26 19.51 -15.65
N ASP B 701 -39.43 18.90 -15.56
CA ASP B 701 -39.44 17.47 -15.35
C ASP B 701 -38.72 16.80 -16.50
N ASP B 702 -39.11 17.00 -17.73
CA ASP B 702 -38.31 16.34 -18.73
C ASP B 702 -36.97 17.00 -18.62
N GLY B 703 -36.89 18.14 -17.94
CA GLY B 703 -35.63 18.86 -17.91
C GLY B 703 -34.57 17.89 -17.46
N LEU B 704 -34.84 17.40 -16.25
CA LEU B 704 -34.19 16.46 -15.41
C LEU B 704 -34.14 15.05 -16.01
N LEU B 705 -35.24 14.32 -15.98
CA LEU B 705 -35.24 13.01 -16.55
C LEU B 705 -34.12 12.92 -17.55
N LYS B 706 -33.86 13.99 -18.25
CA LYS B 706 -32.88 13.90 -19.31
C LYS B 706 -31.44 14.01 -18.78
N ILE B 707 -31.22 15.06 -18.02
CA ILE B 707 -29.94 15.19 -17.45
C ILE B 707 -29.61 13.86 -16.71
N MET B 708 -30.59 13.22 -16.10
CA MET B 708 -30.31 11.97 -15.37
C MET B 708 -29.89 10.88 -16.30
N SER B 709 -30.62 10.69 -17.40
CA SER B 709 -30.24 9.65 -18.34
C SER B 709 -28.91 9.85 -19.01
N LYS B 710 -28.32 11.03 -18.90
CA LYS B 710 -27.05 11.15 -19.56
C LYS B 710 -26.04 10.20 -18.91
N MET B 711 -26.39 9.82 -17.68
CA MET B 711 -25.56 8.88 -16.95
C MET B 711 -26.17 7.55 -16.62
N GLY B 712 -27.31 7.30 -17.20
CA GLY B 712 -27.97 6.03 -17.12
C GLY B 712 -28.87 6.00 -15.94
N ILE B 713 -28.83 7.02 -15.12
CA ILE B 713 -29.66 6.93 -13.94
C ILE B 713 -31.10 7.09 -14.28
N SER B 714 -32.00 6.24 -13.81
CA SER B 714 -33.40 6.33 -14.14
C SER B 714 -34.28 6.83 -13.03
N VAL B 715 -33.69 7.24 -11.91
CA VAL B 715 -34.55 7.49 -10.75
C VAL B 715 -33.97 8.61 -9.93
N ILE B 716 -34.81 9.50 -9.43
CA ILE B 716 -34.25 10.63 -8.74
C ILE B 716 -33.74 10.46 -7.28
N SER B 717 -34.30 9.53 -6.51
CA SER B 717 -33.93 9.30 -5.12
C SER B 717 -32.46 9.00 -5.06
N SER B 718 -32.02 8.18 -6.01
CA SER B 718 -30.63 7.77 -6.14
C SER B 718 -29.74 8.87 -6.68
N TYR B 719 -30.30 9.78 -7.46
CA TYR B 719 -29.58 10.89 -8.12
C TYR B 719 -29.36 12.02 -7.12
N ARG B 720 -30.32 12.16 -6.24
CA ARG B 720 -30.26 13.23 -5.30
C ARG B 720 -29.06 13.20 -4.43
N GLY B 721 -28.55 14.37 -4.14
CA GLY B 721 -27.38 14.41 -3.30
C GLY B 721 -26.22 13.65 -3.86
N GLY B 722 -26.43 12.83 -4.87
CA GLY B 722 -25.29 12.10 -5.40
C GLY B 722 -24.08 12.87 -5.91
N GLY B 723 -24.22 14.19 -6.07
CA GLY B 723 -23.22 15.07 -6.66
C GLY B 723 -22.64 14.63 -7.98
N ASN B 724 -23.35 14.82 -9.10
CA ASN B 724 -22.95 14.30 -10.41
C ASN B 724 -22.52 15.37 -11.39
N PHE B 725 -21.72 16.21 -10.81
CA PHE B 725 -21.22 17.34 -11.45
C PHE B 725 -19.75 17.36 -11.65
N GLU B 726 -19.12 18.47 -11.88
CA GLU B 726 -17.67 18.35 -11.90
C GLU B 726 -17.47 19.80 -11.84
N ALA B 727 -16.55 20.28 -11.02
CA ALA B 727 -16.51 21.71 -10.88
C ALA B 727 -15.41 22.32 -11.65
N ILE B 728 -15.66 22.90 -12.78
CA ILE B 728 -14.49 23.60 -13.26
C ILE B 728 -14.56 24.98 -12.70
N GLY B 729 -13.45 25.55 -12.24
CA GLY B 729 -13.50 26.88 -11.64
C GLY B 729 -13.51 27.15 -10.14
N LEU B 730 -14.50 26.67 -9.39
CA LEU B 730 -14.38 26.75 -7.92
C LEU B 730 -13.09 26.06 -7.33
N SER B 731 -12.70 26.50 -6.13
CA SER B 731 -11.54 25.96 -5.40
C SER B 731 -11.80 24.66 -4.69
N ARG B 732 -10.75 23.85 -4.73
CA ARG B 732 -10.68 22.53 -4.13
C ARG B 732 -11.27 22.60 -2.74
N ALA B 733 -10.47 23.27 -1.92
CA ALA B 733 -10.86 23.44 -0.55
C ALA B 733 -12.35 23.60 -0.35
N LEU B 734 -12.92 24.47 -1.18
CA LEU B 734 -14.30 24.84 -1.02
C LEU B 734 -15.27 23.75 -1.33
N VAL B 735 -14.98 23.07 -2.42
CA VAL B 735 -15.90 22.12 -2.99
C VAL B 735 -15.96 20.92 -2.07
N ALA B 736 -14.80 20.67 -1.49
CA ALA B 736 -14.59 19.63 -0.49
C ALA B 736 -15.37 20.10 0.73
N GLU B 737 -15.08 21.27 1.24
CA GLU B 737 -15.85 21.64 2.40
C GLU B 737 -17.35 21.52 2.22
N HIS B 738 -17.91 22.18 1.20
CA HIS B 738 -19.37 22.25 1.10
C HIS B 738 -20.19 21.32 0.24
N PHE B 739 -19.63 20.79 -0.83
CA PHE B 739 -20.59 19.96 -1.57
C PHE B 739 -20.26 18.53 -1.32
N PRO B 740 -21.19 17.67 -1.68
CA PRO B 740 -20.85 16.27 -1.69
C PRO B 740 -19.49 16.16 -2.40
N ALA B 741 -19.08 14.91 -2.63
CA ALA B 741 -17.84 14.68 -3.30
C ALA B 741 -17.95 14.89 -4.81
N MET B 742 -17.19 15.84 -5.32
CA MET B 742 -17.14 16.16 -6.71
C MET B 742 -15.71 16.56 -6.92
N VAL B 743 -15.14 16.33 -8.09
CA VAL B 743 -13.75 16.66 -8.30
C VAL B 743 -13.73 18.16 -8.62
N SER B 744 -12.58 18.80 -8.55
CA SER B 744 -12.48 20.14 -9.03
C SER B 744 -11.01 20.30 -9.35
N ARG B 745 -10.60 19.58 -10.42
CA ARG B 745 -9.20 19.46 -10.77
C ARG B 745 -8.40 20.72 -10.80
N ILE B 746 -9.08 21.85 -10.71
CA ILE B 746 -8.36 23.05 -10.33
C ILE B 746 -9.12 23.97 -9.44
N SER B 747 -8.65 24.03 -8.21
CA SER B 747 -9.35 24.90 -7.31
C SER B 747 -9.59 26.08 -8.23
N GLY B 748 -10.49 26.94 -7.80
CA GLY B 748 -10.77 28.13 -8.53
C GLY B 748 -10.97 29.26 -7.54
N ILE B 749 -12.08 29.96 -7.65
CA ILE B 749 -12.27 31.07 -6.78
C ILE B 749 -12.79 30.38 -5.60
N GLY B 750 -12.92 31.15 -4.52
CA GLY B 750 -13.41 30.70 -3.24
C GLY B 750 -14.49 31.62 -2.73
N LEU B 751 -14.79 31.52 -1.44
CA LEU B 751 -15.82 32.33 -0.82
C LEU B 751 -15.51 33.79 -1.05
N ASN B 752 -14.26 34.15 -0.84
CA ASN B 752 -14.00 35.54 -1.03
C ASN B 752 -14.41 36.08 -2.36
N GLY B 753 -13.88 35.55 -3.45
CA GLY B 753 -14.31 35.99 -4.77
C GLY B 753 -15.82 35.81 -4.85
N ILE B 754 -16.30 34.59 -4.73
CA ILE B 754 -17.73 34.51 -4.81
C ILE B 754 -18.42 35.71 -4.18
N GLN B 755 -18.13 35.94 -2.90
CA GLN B 755 -18.70 37.11 -2.20
C GLN B 755 -18.71 38.34 -3.09
N LYS B 756 -17.50 38.70 -3.50
CA LYS B 756 -17.29 39.89 -4.28
C LYS B 756 -18.17 39.90 -5.52
N LYS B 757 -17.91 39.03 -6.48
CA LYS B 757 -18.77 39.00 -7.64
C LYS B 757 -20.24 38.99 -7.23
N VAL B 758 -20.64 38.28 -6.22
CA VAL B 758 -22.05 38.31 -5.92
C VAL B 758 -22.47 39.73 -5.72
N LEU B 759 -21.85 40.37 -4.73
CA LEU B 759 -22.16 41.74 -4.37
C LEU B 759 -22.10 42.74 -5.53
N GLU B 760 -21.05 42.71 -6.35
CA GLU B 760 -21.05 43.61 -7.49
C GLU B 760 -22.34 43.50 -8.25
N GLN B 761 -22.69 42.30 -8.66
CA GLN B 761 -23.92 42.17 -9.42
C GLN B 761 -25.11 42.71 -8.60
N HIS B 762 -24.99 42.82 -7.29
CA HIS B 762 -26.16 43.18 -6.48
C HIS B 762 -26.33 44.68 -6.56
N ALA B 763 -25.21 45.40 -6.52
CA ALA B 763 -25.15 46.85 -6.64
C ALA B 763 -25.95 47.20 -7.91
N THR B 764 -25.40 46.75 -9.01
CA THR B 764 -26.04 46.90 -10.27
C THR B 764 -27.52 46.86 -10.11
N ALA B 765 -28.09 46.13 -9.17
CA ALA B 765 -29.55 46.18 -9.22
C ALA B 765 -30.24 46.94 -8.11
N TYR B 766 -29.48 47.60 -7.26
CA TYR B 766 -30.13 48.23 -6.14
C TYR B 766 -29.45 49.49 -5.71
N ASN B 767 -28.17 49.55 -5.99
CA ASN B 767 -27.36 50.66 -5.55
C ASN B 767 -27.26 51.45 -6.82
N GLU B 768 -28.36 51.38 -7.54
CA GLU B 768 -28.52 52.12 -8.76
C GLU B 768 -29.95 51.87 -9.20
N GLU B 769 -30.27 52.30 -10.42
CA GLU B 769 -31.63 52.16 -10.95
C GLU B 769 -31.60 51.43 -12.28
N VAL B 770 -32.62 50.61 -12.51
CA VAL B 770 -32.61 49.77 -13.70
C VAL B 770 -33.96 49.65 -14.40
N VAL B 771 -33.90 49.88 -15.71
CA VAL B 771 -35.06 49.86 -16.60
C VAL B 771 -35.40 48.41 -17.06
N ALA B 772 -34.48 47.80 -17.82
CA ALA B 772 -34.62 46.42 -18.27
C ALA B 772 -33.32 45.62 -18.21
N LEU B 773 -33.50 44.31 -18.39
CA LEU B 773 -32.41 43.39 -18.36
C LEU B 773 -31.71 43.72 -19.62
N PRO B 774 -30.41 43.66 -19.63
CA PRO B 774 -29.65 43.86 -20.86
C PRO B 774 -30.02 42.84 -21.89
N VAL B 775 -29.28 42.89 -22.95
CA VAL B 775 -29.75 42.06 -24.02
C VAL B 775 -29.34 40.62 -23.77
N GLY B 776 -28.03 40.45 -23.63
CA GLY B 776 -27.46 39.13 -23.43
C GLY B 776 -26.74 38.77 -24.68
N GLY B 777 -25.66 38.01 -24.60
CA GLY B 777 -24.89 37.61 -25.76
C GLY B 777 -24.20 36.34 -25.38
N PHE B 778 -24.92 35.56 -24.57
CA PHE B 778 -24.38 34.32 -24.08
C PHE B 778 -24.58 33.36 -25.19
N TYR B 779 -25.84 32.99 -25.40
CA TYR B 779 -26.15 32.08 -26.48
C TYR B 779 -25.87 32.58 -27.90
N ARG B 780 -25.26 33.73 -28.08
CA ARG B 780 -25.06 34.29 -29.42
C ARG B 780 -24.40 35.66 -29.36
N PHE B 781 -23.37 35.86 -30.16
CA PHE B 781 -22.67 37.12 -30.08
C PHE B 781 -23.52 38.23 -30.59
N ARG B 782 -23.69 39.27 -29.80
CA ARG B 782 -24.39 40.45 -30.25
C ARG B 782 -23.20 41.35 -30.15
N LYS B 783 -23.30 42.64 -30.22
CA LYS B 783 -21.99 43.26 -30.11
C LYS B 783 -22.04 43.70 -28.69
N SER B 784 -22.24 42.69 -27.86
CA SER B 784 -22.32 42.85 -26.42
C SER B 784 -20.99 42.67 -25.67
N GLY B 785 -21.13 42.49 -24.36
CA GLY B 785 -20.02 42.35 -23.43
C GLY B 785 -19.55 40.93 -23.25
N ASP B 786 -20.43 39.97 -23.53
CA ASP B 786 -20.07 38.57 -23.51
C ASP B 786 -19.36 38.37 -24.81
N ARG B 787 -18.08 38.06 -24.78
CA ARG B 787 -17.37 37.86 -26.00
C ARG B 787 -17.50 36.40 -26.44
N HIS B 788 -16.86 36.05 -27.55
CA HIS B 788 -17.06 34.74 -28.12
C HIS B 788 -15.81 34.54 -28.97
N GLY B 789 -15.53 33.33 -29.42
CA GLY B 789 -14.29 33.17 -30.15
C GLY B 789 -14.54 33.67 -31.53
N TRP B 790 -15.62 33.11 -32.06
CA TRP B 790 -16.07 33.45 -33.37
C TRP B 790 -16.98 34.63 -33.18
N GLU B 791 -16.52 35.84 -33.54
CA GLU B 791 -17.32 37.06 -33.52
C GLU B 791 -17.01 37.52 -34.94
N GLY B 792 -17.94 38.31 -35.50
CA GLY B 792 -17.80 38.81 -36.86
C GLY B 792 -16.45 39.27 -37.35
N GLY B 793 -15.79 40.11 -36.57
CA GLY B 793 -14.56 40.61 -37.12
C GLY B 793 -13.66 39.54 -37.67
N VAL B 794 -13.24 38.70 -36.74
CA VAL B 794 -12.30 37.64 -37.04
C VAL B 794 -12.76 36.73 -38.17
N ILE B 795 -14.03 36.36 -38.12
CA ILE B 795 -14.64 35.63 -39.21
C ILE B 795 -14.39 36.29 -40.56
N HIS B 796 -14.69 37.58 -40.64
CA HIS B 796 -14.37 38.24 -41.83
C HIS B 796 -12.94 37.97 -42.20
N THR B 797 -12.00 38.44 -41.36
CA THR B 797 -10.60 38.34 -41.74
C THR B 797 -10.27 36.94 -42.15
N LEU B 798 -10.93 35.96 -41.56
CA LEU B 798 -10.54 34.61 -41.92
C LEU B 798 -10.94 34.41 -43.36
N GLN B 799 -12.23 34.60 -43.57
CA GLN B 799 -12.83 34.37 -44.87
C GLN B 799 -12.04 35.05 -45.94
N GLN B 800 -11.68 36.28 -45.61
CA GLN B 800 -10.88 37.09 -46.49
C GLN B 800 -9.67 36.28 -46.83
N ALA B 801 -8.93 36.04 -45.77
CA ALA B 801 -7.63 35.44 -45.82
C ALA B 801 -7.62 34.24 -46.73
N VAL B 802 -8.64 33.43 -46.57
CA VAL B 802 -8.66 32.16 -47.26
C VAL B 802 -9.32 32.28 -48.61
N THR B 803 -9.89 33.42 -48.93
CA THR B 803 -10.46 33.60 -50.29
C THR B 803 -9.44 34.30 -51.21
N ASN B 804 -8.96 35.43 -50.74
CA ASN B 804 -7.95 36.18 -51.40
C ASN B 804 -6.72 35.32 -51.34
N ASP B 805 -6.77 34.37 -50.41
CA ASP B 805 -5.65 33.45 -50.24
C ASP B 805 -4.32 34.15 -49.84
N SER B 806 -4.32 35.06 -48.87
CA SER B 806 -3.08 35.63 -48.39
C SER B 806 -2.75 35.06 -47.03
N TYR B 807 -1.49 34.65 -46.86
CA TYR B 807 -1.12 34.08 -45.57
C TYR B 807 -1.12 35.25 -44.64
N THR B 808 -0.77 36.38 -45.22
CA THR B 808 -0.70 37.60 -44.42
C THR B 808 -2.01 38.00 -43.85
N THR B 809 -3.05 37.77 -44.61
CA THR B 809 -4.29 38.19 -44.04
C THR B 809 -4.59 37.24 -42.95
N PHE B 810 -4.24 35.97 -43.18
CA PHE B 810 -4.46 34.91 -42.18
C PHE B 810 -3.83 35.34 -40.91
N LYS B 811 -2.59 35.78 -41.07
CA LYS B 811 -1.82 36.21 -39.97
C LYS B 811 -2.32 37.38 -39.17
N LYS B 812 -3.45 37.97 -39.49
CA LYS B 812 -3.82 39.14 -38.70
C LYS B 812 -5.04 38.68 -37.96
N TYR B 813 -5.69 37.74 -38.61
CA TYR B 813 -6.83 37.09 -38.02
C TYR B 813 -6.33 36.39 -36.74
N SER B 814 -5.34 35.52 -36.89
CA SER B 814 -4.81 34.83 -35.70
C SER B 814 -4.45 35.79 -34.58
N GLU B 815 -3.89 36.92 -34.99
CA GLU B 815 -3.51 37.96 -34.04
C GLU B 815 -4.77 38.53 -33.46
N GLN B 816 -5.76 38.78 -34.30
CA GLN B 816 -6.98 39.32 -33.75
C GLN B 816 -7.38 38.34 -32.68
N VAL B 817 -7.16 37.08 -32.98
CA VAL B 817 -7.67 36.05 -32.11
C VAL B 817 -6.74 35.85 -30.91
N ASN B 818 -5.45 35.99 -31.13
CA ASN B 818 -4.54 35.73 -30.05
C ASN B 818 -4.34 36.88 -29.11
N LYS B 819 -4.73 38.07 -29.51
CA LYS B 819 -4.46 39.20 -28.65
C LYS B 819 -5.57 39.46 -27.69
N ARG B 820 -6.57 38.62 -27.54
CA ARG B 820 -7.55 39.09 -26.58
C ARG B 820 -7.19 38.69 -25.20
N PRO B 821 -8.04 39.04 -24.27
CA PRO B 821 -7.91 38.57 -22.88
C PRO B 821 -8.20 37.07 -22.95
N PRO B 822 -7.79 36.32 -21.95
CA PRO B 822 -7.93 34.86 -21.93
C PRO B 822 -9.38 34.48 -21.86
N MET B 823 -9.78 33.42 -22.55
CA MET B 823 -11.16 33.03 -22.55
C MET B 823 -11.28 31.53 -22.30
N GLN B 824 -10.12 30.87 -22.32
CA GLN B 824 -10.02 29.43 -22.42
C GLN B 824 -8.66 29.10 -21.74
N LEU B 825 -8.57 27.94 -21.06
CA LEU B 825 -7.34 27.63 -20.27
C LEU B 825 -6.08 27.69 -21.10
N ARG B 826 -6.10 27.32 -22.38
CA ARG B 826 -4.80 27.30 -23.05
C ARG B 826 -4.31 28.73 -23.00
N ASP B 827 -5.29 29.62 -22.95
CA ASP B 827 -5.06 31.04 -22.95
C ASP B 827 -4.19 31.40 -21.75
N LEU B 828 -4.22 30.62 -20.68
CA LEU B 828 -3.37 30.94 -19.55
C LEU B 828 -1.94 30.43 -19.71
N LEU B 829 -1.55 29.96 -20.89
CA LEU B 829 -0.24 29.35 -20.89
C LEU B 829 0.71 30.01 -21.83
N GLU B 830 1.89 30.40 -21.37
CA GLU B 830 2.85 30.95 -22.28
C GLU B 830 3.64 29.79 -22.84
N LEU B 831 4.49 30.02 -23.83
CA LEU B 831 5.33 28.95 -24.36
C LEU B 831 6.74 29.48 -24.40
N ARG B 832 7.55 29.07 -23.42
CA ARG B 832 8.91 29.53 -23.41
C ARG B 832 9.57 28.24 -23.74
N SER B 833 10.81 28.24 -24.18
CA SER B 833 11.59 27.02 -24.39
C SER B 833 13.05 27.36 -24.13
N THR B 834 13.96 26.41 -24.02
CA THR B 834 15.35 26.82 -23.72
C THR B 834 16.31 26.65 -24.87
N LYS B 835 15.78 26.37 -26.08
CA LYS B 835 16.65 26.20 -27.24
C LYS B 835 16.63 27.55 -27.92
N ALA B 836 17.59 27.80 -28.79
CA ALA B 836 17.57 29.04 -29.53
C ALA B 836 16.97 28.61 -30.82
N PRO B 837 16.38 29.62 -31.47
CA PRO B 837 15.56 29.49 -32.66
C PRO B 837 16.23 28.91 -33.82
N VAL B 838 15.48 28.15 -34.57
CA VAL B 838 15.97 27.58 -35.78
C VAL B 838 15.26 28.21 -36.93
N PRO B 839 15.92 28.24 -38.07
CA PRO B 839 15.32 28.80 -39.28
C PRO B 839 14.11 27.99 -39.75
N VAL B 840 12.99 28.67 -39.92
CA VAL B 840 11.85 27.99 -40.51
C VAL B 840 12.10 26.97 -41.64
N ASP B 841 12.89 27.34 -42.64
CA ASP B 841 13.17 26.36 -43.69
C ASP B 841 13.45 24.98 -43.13
N GLU B 842 14.14 24.90 -41.99
CA GLU B 842 14.44 23.57 -41.46
C GLU B 842 13.28 22.79 -40.95
N VAL B 843 12.24 23.45 -40.46
CA VAL B 843 11.12 22.72 -39.94
C VAL B 843 10.51 21.78 -40.92
N GLU B 844 9.84 20.78 -40.38
CA GLU B 844 9.11 19.75 -41.14
C GLU B 844 8.33 20.51 -42.15
N SER B 845 7.89 19.83 -43.20
CA SER B 845 7.14 20.51 -44.27
C SER B 845 5.66 20.63 -43.95
N ILE B 846 5.01 21.49 -44.69
CA ILE B 846 3.59 21.60 -44.49
C ILE B 846 2.92 20.30 -44.97
N THR B 847 3.38 19.79 -46.10
CA THR B 847 2.68 18.65 -46.63
C THR B 847 2.55 17.69 -45.49
N ALA B 848 3.69 17.58 -44.79
CA ALA B 848 3.80 16.76 -43.61
C ALA B 848 2.74 17.27 -42.68
N ILE B 849 2.94 18.50 -42.25
CA ILE B 849 2.01 18.88 -41.22
C ILE B 849 0.53 18.69 -41.43
N ARG B 850 0.08 19.15 -42.60
CA ARG B 850 -1.34 19.27 -42.88
C ARG B 850 -1.94 17.93 -42.58
N LYS B 851 -1.15 16.93 -42.96
CA LYS B 851 -1.60 15.57 -42.70
C LYS B 851 -2.01 15.24 -41.28
N ARG B 852 -1.54 15.95 -40.27
CA ARG B 852 -2.07 15.62 -38.96
C ARG B 852 -3.43 16.23 -38.79
N PHE B 853 -3.85 16.96 -39.80
CA PHE B 853 -5.10 17.67 -39.65
C PHE B 853 -6.23 16.85 -40.19
N ILE B 854 -7.38 16.97 -39.59
CA ILE B 854 -8.50 16.33 -40.20
C ILE B 854 -9.73 17.21 -40.02
N THR B 855 -10.70 16.97 -40.87
CA THR B 855 -11.94 17.65 -40.82
C THR B 855 -12.79 16.67 -40.07
N PRO B 856 -13.37 17.11 -38.98
CA PRO B 856 -14.25 16.29 -38.15
C PRO B 856 -15.33 15.68 -38.95
N GLY B 857 -16.24 14.98 -38.29
CA GLY B 857 -17.35 14.33 -38.94
C GLY B 857 -18.60 15.13 -38.68
N MET B 858 -19.06 15.76 -39.75
CA MET B 858 -20.28 16.56 -39.76
C MET B 858 -21.17 15.87 -40.76
N SER B 859 -22.34 15.51 -40.28
CA SER B 859 -23.22 14.69 -41.08
C SER B 859 -23.82 15.26 -42.34
N MET B 860 -23.95 14.44 -43.34
CA MET B 860 -24.65 14.88 -44.55
C MET B 860 -26.05 14.83 -44.01
N GLY B 861 -26.64 16.01 -43.86
CA GLY B 861 -27.96 16.12 -43.25
C GLY B 861 -27.81 17.40 -42.48
N ALA B 862 -27.03 17.33 -41.42
CA ALA B 862 -26.69 18.56 -40.74
C ALA B 862 -26.14 19.47 -41.84
N LEU B 863 -25.31 18.89 -42.69
CA LEU B 863 -24.78 19.70 -43.73
C LEU B 863 -25.25 19.55 -45.18
N SER B 864 -25.33 20.64 -45.92
CA SER B 864 -25.69 20.58 -47.31
C SER B 864 -24.80 19.56 -48.01
N PRO B 865 -25.32 18.93 -49.03
CA PRO B 865 -24.51 17.99 -49.78
C PRO B 865 -23.35 18.77 -50.34
N GLU B 866 -23.59 20.03 -50.59
CA GLU B 866 -22.51 20.72 -51.28
C GLU B 866 -21.33 20.89 -50.32
N ALA B 867 -21.62 21.39 -49.13
CA ALA B 867 -20.60 21.58 -48.10
C ALA B 867 -19.81 20.32 -47.77
N HIS B 868 -20.54 19.23 -47.55
CA HIS B 868 -19.94 17.96 -47.26
C HIS B 868 -18.94 17.62 -48.32
N GLY B 869 -19.40 17.06 -49.41
CA GLY B 869 -18.47 16.82 -50.48
C GLY B 869 -17.35 17.85 -50.66
N THR B 870 -17.62 19.10 -50.37
CA THR B 870 -16.52 20.03 -50.58
C THR B 870 -15.35 19.51 -49.79
N LEU B 871 -15.61 19.27 -48.50
CA LEU B 871 -14.68 18.78 -47.51
C LEU B 871 -14.00 17.52 -48.04
N ASN B 872 -14.77 16.46 -48.29
CA ASN B 872 -14.08 15.27 -48.75
C ASN B 872 -13.09 15.54 -49.86
N VAL B 873 -13.38 16.54 -50.64
CA VAL B 873 -12.53 16.81 -51.75
C VAL B 873 -11.31 17.52 -51.22
N ALA B 874 -11.51 18.52 -50.39
CA ALA B 874 -10.31 19.21 -49.97
C ALA B 874 -9.36 18.24 -49.29
N MET B 875 -9.86 17.54 -48.28
CA MET B 875 -8.96 16.64 -47.55
C MET B 875 -8.33 15.66 -48.54
N ASN B 876 -9.16 14.97 -49.29
CA ASN B 876 -8.49 14.08 -50.18
C ASN B 876 -7.46 14.81 -51.03
N ARG B 877 -7.57 16.11 -51.18
CA ARG B 877 -6.68 16.72 -52.12
C ARG B 877 -5.30 16.91 -51.53
N ILE B 878 -5.20 17.06 -50.22
CA ILE B 878 -3.90 17.34 -49.62
C ILE B 878 -3.43 16.12 -48.81
N GLY B 879 -3.95 14.97 -49.18
CA GLY B 879 -3.56 13.78 -48.50
C GLY B 879 -3.99 13.69 -47.05
N ALA B 880 -5.00 14.39 -46.59
CA ALA B 880 -5.38 14.16 -45.21
C ALA B 880 -6.67 13.39 -45.03
N LYS B 881 -7.47 13.70 -44.02
CA LYS B 881 -8.65 12.88 -43.91
C LYS B 881 -9.91 13.63 -43.55
N SER B 882 -11.06 13.09 -43.95
CA SER B 882 -12.32 13.70 -43.59
C SER B 882 -13.31 12.67 -43.01
N ASP B 883 -14.27 13.15 -42.27
CA ASP B 883 -15.06 12.18 -41.56
C ASP B 883 -16.52 12.20 -41.95
N SER B 884 -16.93 11.20 -42.72
CA SER B 884 -18.32 11.06 -43.06
C SER B 884 -19.37 11.69 -42.09
N GLY B 885 -19.21 11.49 -40.79
CA GLY B 885 -20.23 11.97 -39.90
C GLY B 885 -21.32 10.94 -39.72
N GLU B 886 -22.15 11.20 -38.73
CA GLU B 886 -23.25 10.35 -38.32
C GLU B 886 -24.20 10.09 -39.47
N GLY B 887 -23.82 10.57 -40.64
CA GLY B 887 -24.72 10.64 -41.78
C GLY B 887 -25.13 9.53 -42.71
N GLY B 888 -24.23 9.11 -43.55
CA GLY B 888 -24.43 7.94 -44.36
C GLY B 888 -23.41 8.57 -45.23
N GLU B 889 -23.06 7.91 -46.33
CA GLU B 889 -22.35 8.49 -47.45
C GLU B 889 -22.84 7.81 -48.68
N ASP B 890 -23.10 8.62 -49.69
CA ASP B 890 -23.60 8.16 -50.96
C ASP B 890 -22.48 7.44 -51.66
N PRO B 891 -22.84 6.22 -51.93
CA PRO B 891 -21.98 5.23 -52.56
C PRO B 891 -21.40 5.72 -53.86
N ALA B 892 -22.16 6.51 -54.62
CA ALA B 892 -21.68 7.15 -55.83
C ALA B 892 -20.26 7.70 -55.66
N ARG B 893 -20.09 8.41 -54.55
CA ARG B 893 -18.81 9.01 -54.21
C ARG B 893 -17.73 7.99 -54.06
N PHE B 894 -18.06 6.71 -54.12
CA PHE B 894 -17.03 5.69 -54.12
C PHE B 894 -16.08 5.58 -55.35
N ARG B 895 -16.18 6.46 -56.35
CA ARG B 895 -15.17 6.47 -57.42
C ARG B 895 -14.71 7.88 -57.70
N PRO B 896 -13.43 8.14 -57.92
CA PRO B 896 -12.99 9.53 -58.12
C PRO B 896 -13.72 10.07 -59.35
N ASP B 897 -13.76 11.38 -59.54
CA ASP B 897 -14.55 11.92 -60.64
C ASP B 897 -13.71 12.28 -61.85
N LYS B 898 -14.41 12.61 -62.94
CA LYS B 898 -13.84 12.91 -64.24
C LYS B 898 -12.79 13.98 -64.12
N ASN B 899 -13.01 14.87 -63.19
CA ASN B 899 -12.05 15.89 -63.02
C ASN B 899 -10.90 15.49 -62.17
N GLY B 900 -10.94 14.28 -61.65
CA GLY B 900 -9.93 13.83 -60.73
C GLY B 900 -10.20 14.07 -59.24
N ASP B 901 -11.24 14.76 -58.86
CA ASP B 901 -11.49 14.97 -57.45
C ASP B 901 -12.18 13.79 -56.77
N ASN B 902 -11.86 13.57 -55.48
CA ASN B 902 -12.41 12.46 -54.68
C ASN B 902 -13.40 12.90 -53.65
N TRP B 903 -14.66 12.50 -53.78
CA TRP B 903 -15.73 12.91 -52.89
C TRP B 903 -15.85 11.93 -51.73
N ASN B 904 -15.22 10.77 -51.83
CA ASN B 904 -15.32 9.83 -50.71
C ASN B 904 -14.60 10.30 -49.46
N SER B 905 -15.16 10.04 -48.31
CA SER B 905 -14.54 10.41 -47.05
C SER B 905 -13.69 9.24 -46.49
N ALA B 906 -12.48 9.55 -46.01
CA ALA B 906 -11.55 8.54 -45.53
C ALA B 906 -11.83 7.88 -44.19
N ILE B 907 -12.60 8.53 -43.35
CA ILE B 907 -12.96 8.04 -42.05
C ILE B 907 -14.46 7.83 -41.97
N LYS B 908 -15.01 6.65 -41.86
CA LYS B 908 -16.46 6.63 -41.69
C LYS B 908 -16.89 6.44 -40.22
N GLN B 909 -18.08 6.86 -39.84
CA GLN B 909 -18.47 6.73 -38.46
C GLN B 909 -19.45 5.65 -38.26
N VAL B 910 -19.45 5.18 -37.02
CA VAL B 910 -20.46 4.28 -36.63
C VAL B 910 -21.07 4.95 -35.40
N ALA B 911 -22.38 5.19 -35.34
CA ALA B 911 -23.01 5.90 -34.21
C ALA B 911 -24.35 5.32 -33.79
N SER B 912 -24.86 5.74 -32.63
CA SER B 912 -26.11 5.10 -32.21
C SER B 912 -27.06 4.59 -33.23
N GLY B 913 -27.64 5.44 -34.07
CA GLY B 913 -28.67 4.96 -34.98
C GLY B 913 -27.77 4.73 -36.13
N ARG B 914 -27.75 3.53 -36.61
CA ARG B 914 -26.62 3.22 -37.41
C ARG B 914 -26.80 3.57 -38.88
N PHE B 915 -27.03 4.87 -39.10
CA PHE B 915 -27.60 5.36 -40.38
C PHE B 915 -27.01 4.86 -41.71
N GLY B 916 -25.84 4.89 -42.26
CA GLY B 916 -25.95 4.17 -43.52
C GLY B 916 -24.98 3.03 -43.49
N VAL B 917 -24.98 2.36 -42.35
CA VAL B 917 -23.97 1.38 -42.04
C VAL B 917 -24.17 0.11 -42.75
N THR B 918 -23.27 -0.15 -43.68
CA THR B 918 -23.53 -1.13 -44.70
C THR B 918 -22.28 -1.90 -45.04
N ALA B 919 -22.41 -3.15 -45.44
CA ALA B 919 -21.15 -3.85 -45.67
C ALA B 919 -20.22 -2.98 -46.48
N GLU B 920 -20.73 -2.45 -47.57
CA GLU B 920 -19.97 -1.60 -48.46
C GLU B 920 -19.53 -0.28 -47.89
N TYR B 921 -20.29 0.33 -46.99
CA TYR B 921 -19.85 1.59 -46.43
C TYR B 921 -18.65 1.32 -45.58
N LEU B 922 -18.80 0.42 -44.59
CA LEU B 922 -17.76 0.05 -43.65
C LEU B 922 -16.55 -0.35 -44.42
N ASN B 923 -16.68 -0.69 -45.68
CA ASN B 923 -15.50 -1.04 -46.43
C ASN B 923 -14.88 0.03 -47.31
N GLN B 924 -15.47 1.20 -47.40
CA GLN B 924 -14.93 2.24 -48.24
C GLN B 924 -14.17 3.25 -47.41
N CYS B 925 -13.17 2.79 -46.67
CA CYS B 925 -12.31 3.70 -45.86
C CYS B 925 -11.09 3.12 -45.24
N ARG B 926 -10.37 4.01 -44.58
CA ARG B 926 -9.14 3.65 -43.93
C ARG B 926 -9.34 3.68 -42.42
N GLU B 927 -10.47 4.16 -41.94
CA GLU B 927 -10.63 4.37 -40.51
C GLU B 927 -12.08 4.39 -40.11
N LEU B 928 -12.48 3.74 -39.02
CA LEU B 928 -13.84 3.67 -38.59
C LEU B 928 -13.95 4.37 -37.25
N GLU B 929 -14.87 5.30 -37.05
CA GLU B 929 -14.88 6.04 -35.79
C GLU B 929 -16.04 5.53 -35.00
N ILE B 930 -15.80 5.04 -33.80
CA ILE B 930 -16.95 4.68 -33.01
C ILE B 930 -17.26 5.97 -32.32
N LYS B 931 -18.40 6.53 -32.65
CA LYS B 931 -18.78 7.80 -32.02
C LYS B 931 -19.50 7.61 -30.73
N VAL B 932 -18.74 7.66 -29.65
CA VAL B 932 -19.43 7.44 -28.42
C VAL B 932 -20.04 8.69 -27.95
N ALA B 933 -19.50 9.82 -28.37
CA ALA B 933 -20.11 11.03 -27.89
C ALA B 933 -19.53 12.37 -28.44
N GLN B 934 -20.29 13.49 -28.45
CA GLN B 934 -19.73 14.77 -28.92
C GLN B 934 -19.85 15.91 -27.95
N GLY B 935 -18.86 16.81 -27.95
CA GLY B 935 -18.78 17.88 -26.96
C GLY B 935 -20.03 18.71 -26.78
N ALA B 936 -20.79 18.70 -27.84
CA ALA B 936 -21.92 19.56 -27.85
C ALA B 936 -23.00 18.86 -27.05
N LYS B 937 -22.94 17.53 -26.99
CA LYS B 937 -24.03 16.85 -26.30
C LYS B 937 -23.74 15.41 -25.86
N PRO B 938 -22.84 15.33 -24.87
CA PRO B 938 -22.30 14.09 -24.31
C PRO B 938 -23.39 13.18 -23.90
N GLY B 939 -24.25 13.74 -23.11
CA GLY B 939 -25.08 12.64 -22.71
C GLY B 939 -25.90 11.90 -23.74
N GLU B 940 -25.80 12.23 -25.05
CA GLU B 940 -26.97 11.95 -25.87
C GLU B 940 -27.25 11.76 -27.33
N GLY B 941 -26.39 11.91 -28.30
CA GLY B 941 -26.97 11.51 -29.58
C GLY B 941 -27.65 12.43 -30.60
N GLY B 942 -27.33 12.22 -31.86
CA GLY B 942 -27.82 13.13 -32.88
C GLY B 942 -29.29 13.44 -33.01
N GLN B 943 -29.55 14.65 -33.55
CA GLN B 943 -30.88 15.12 -33.94
C GLN B 943 -30.82 15.68 -35.34
N LEU B 944 -31.84 15.37 -36.15
CA LEU B 944 -31.99 15.98 -37.44
C LEU B 944 -33.48 16.19 -37.53
N PRO B 945 -33.86 17.46 -37.67
CA PRO B 945 -35.27 17.86 -37.72
C PRO B 945 -35.86 17.24 -38.94
N GLY B 946 -37.13 16.90 -38.81
CA GLY B 946 -37.80 16.11 -39.82
C GLY B 946 -37.67 16.73 -41.18
N PHE B 947 -37.60 18.05 -41.13
CA PHE B 947 -37.59 18.76 -42.37
C PHE B 947 -36.18 18.89 -42.83
N LYS B 948 -35.35 17.87 -42.73
CA LYS B 948 -34.06 18.05 -43.38
C LYS B 948 -33.87 16.66 -43.89
N VAL B 949 -34.84 15.87 -43.48
CA VAL B 949 -34.82 14.49 -43.84
C VAL B 949 -35.51 14.53 -45.14
N THR B 950 -34.80 15.18 -46.05
CA THR B 950 -35.13 15.27 -47.45
C THR B 950 -35.29 13.83 -47.83
N GLU B 951 -35.52 13.57 -49.11
CA GLU B 951 -35.64 12.23 -49.63
C GLU B 951 -34.29 11.66 -49.94
N MET B 952 -33.38 12.50 -50.36
CA MET B 952 -32.07 11.96 -50.70
C MET B 952 -31.63 11.43 -49.40
N ILE B 953 -31.67 12.31 -48.42
CA ILE B 953 -31.32 11.91 -47.07
C ILE B 953 -32.08 10.66 -46.71
N ALA B 954 -33.38 10.72 -46.50
CA ALA B 954 -34.08 9.47 -46.19
C ALA B 954 -33.62 8.27 -47.00
N ARG B 955 -33.13 8.46 -48.20
CA ARG B 955 -32.79 7.30 -48.98
C ARG B 955 -31.51 6.65 -48.42
N LEU B 956 -30.51 7.51 -48.18
CA LEU B 956 -29.23 7.18 -47.62
C LEU B 956 -29.40 6.54 -46.27
N ARG B 957 -30.21 7.15 -45.45
CA ARG B 957 -30.36 6.62 -44.15
C ARG B 957 -31.34 5.46 -44.05
N HIS B 958 -31.89 5.03 -45.15
CA HIS B 958 -33.03 4.13 -44.99
C HIS B 958 -33.96 4.52 -43.87
N SER B 959 -34.28 5.80 -43.73
CA SER B 959 -35.21 6.38 -42.75
C SER B 959 -36.51 6.66 -43.51
N THR B 960 -37.53 7.22 -42.85
CA THR B 960 -38.74 7.71 -43.56
C THR B 960 -38.75 9.23 -43.92
N PRO B 961 -39.11 9.57 -45.17
CA PRO B 961 -38.97 10.95 -45.64
C PRO B 961 -39.65 12.00 -44.80
N GLY B 962 -38.89 13.04 -44.55
CA GLY B 962 -39.46 14.09 -43.75
C GLY B 962 -39.79 13.78 -42.32
N VAL B 963 -39.79 12.52 -41.90
CA VAL B 963 -39.81 12.25 -40.45
C VAL B 963 -38.47 12.45 -39.73
N MET B 964 -38.55 12.86 -38.47
CA MET B 964 -37.39 13.22 -37.66
C MET B 964 -36.44 12.11 -37.20
N LEU B 965 -35.17 12.43 -37.16
CA LEU B 965 -34.24 11.42 -36.72
C LEU B 965 -33.57 11.86 -35.42
N ILE B 966 -34.19 11.50 -34.31
CA ILE B 966 -33.45 11.61 -33.05
C ILE B 966 -32.80 10.25 -32.84
N SER B 967 -31.52 10.25 -32.47
CA SER B 967 -30.83 8.97 -32.34
C SER B 967 -30.99 8.40 -30.95
N PRO B 968 -30.63 7.15 -30.69
CA PRO B 968 -30.80 6.66 -29.33
C PRO B 968 -29.49 7.10 -28.74
N PRO B 969 -29.53 7.64 -27.52
CA PRO B 969 -28.32 8.19 -26.90
C PRO B 969 -27.15 7.20 -26.75
N PRO B 970 -27.44 5.95 -26.43
CA PRO B 970 -26.39 4.94 -26.33
C PRO B 970 -26.37 4.07 -27.53
N HIS B 971 -25.19 3.60 -27.97
CA HIS B 971 -25.10 2.58 -28.99
C HIS B 971 -25.77 1.34 -28.43
N HIS B 972 -26.67 0.69 -29.10
CA HIS B 972 -27.30 -0.38 -28.35
C HIS B 972 -26.52 -1.64 -28.22
N ASP B 973 -25.28 -1.61 -28.70
CA ASP B 973 -24.44 -2.75 -28.61
C ASP B 973 -23.19 -2.23 -27.95
N ILE B 974 -23.33 -1.43 -26.93
CA ILE B 974 -22.16 -0.99 -26.19
C ILE B 974 -22.68 -0.65 -24.81
N TYR B 975 -22.96 -1.66 -24.03
CA TYR B 975 -23.51 -1.40 -22.71
C TYR B 975 -22.49 -1.57 -21.61
N SER B 976 -21.22 -1.80 -21.95
CA SER B 976 -20.14 -1.96 -21.00
C SER B 976 -18.82 -2.17 -21.73
N ILE B 977 -17.69 -2.03 -21.08
CA ILE B 977 -16.48 -2.09 -21.88
C ILE B 977 -16.22 -3.37 -22.65
N GLU B 978 -16.67 -4.50 -22.15
CA GLU B 978 -16.43 -5.71 -22.90
C GLU B 978 -17.17 -5.40 -24.19
N ASP B 979 -18.39 -4.91 -24.08
CA ASP B 979 -19.16 -4.59 -25.26
C ASP B 979 -18.44 -3.68 -26.23
N LEU B 980 -17.88 -2.56 -25.79
CA LEU B 980 -17.10 -1.77 -26.71
C LEU B 980 -16.18 -2.70 -27.42
N ALA B 981 -15.54 -3.54 -26.64
CA ALA B 981 -14.52 -4.42 -27.18
C ALA B 981 -14.98 -5.33 -28.28
N GLN B 982 -16.19 -5.84 -28.15
CA GLN B 982 -16.71 -6.72 -29.17
C GLN B 982 -16.98 -5.99 -30.47
N LEU B 983 -17.41 -4.73 -30.35
CA LEU B 983 -17.71 -3.94 -31.51
C LEU B 983 -16.41 -3.74 -32.24
N ILE B 984 -15.40 -3.25 -31.55
CA ILE B 984 -14.18 -3.05 -32.24
C ILE B 984 -13.69 -4.29 -32.96
N TYR B 985 -13.98 -5.48 -32.41
CA TYR B 985 -13.61 -6.72 -33.08
C TYR B 985 -14.39 -6.73 -34.43
N ASP B 986 -15.72 -6.77 -34.35
CA ASP B 986 -16.58 -6.73 -35.51
C ASP B 986 -16.06 -5.72 -36.50
N LEU B 987 -15.83 -4.52 -36.05
CA LEU B 987 -15.34 -3.60 -37.04
C LEU B 987 -14.07 -4.10 -37.66
N LYS B 988 -13.11 -4.62 -36.90
CA LYS B 988 -11.86 -5.00 -37.55
C LYS B 988 -11.96 -6.25 -38.39
N GLN B 989 -13.10 -6.91 -38.29
CA GLN B 989 -13.35 -8.11 -38.98
C GLN B 989 -13.96 -7.78 -40.31
N ILE B 990 -14.90 -6.86 -40.34
CA ILE B 990 -15.51 -6.51 -41.63
C ILE B 990 -14.56 -5.67 -42.44
N ASN B 991 -13.63 -5.00 -41.78
CA ASN B 991 -12.68 -4.29 -42.55
C ASN B 991 -11.27 -4.41 -42.13
N PRO B 992 -10.57 -5.35 -42.73
CA PRO B 992 -9.18 -5.65 -42.37
C PRO B 992 -8.24 -4.51 -42.56
N ASP B 993 -8.68 -3.48 -43.22
CA ASP B 993 -7.68 -2.48 -43.40
C ASP B 993 -7.79 -1.35 -42.44
N ALA B 994 -8.93 -1.18 -41.82
CA ALA B 994 -9.08 0.05 -41.07
C ALA B 994 -8.54 0.12 -39.65
N LYS B 995 -8.14 1.32 -39.25
CA LYS B 995 -7.87 1.57 -37.87
C LYS B 995 -9.17 1.90 -37.19
N VAL B 996 -9.33 1.63 -35.89
CA VAL B 996 -10.58 1.97 -35.26
C VAL B 996 -10.40 3.08 -34.24
N THR B 997 -11.40 3.96 -34.13
CA THR B 997 -11.21 5.13 -33.29
C THR B 997 -12.34 5.27 -32.35
N VAL B 998 -12.09 5.82 -31.17
CA VAL B 998 -13.23 6.01 -30.29
C VAL B 998 -13.33 7.48 -29.96
N LYS B 999 -14.44 8.10 -30.33
CA LYS B 999 -14.58 9.56 -30.11
C LYS B 999 -15.14 9.65 -28.73
N LEU B 1000 -14.41 10.31 -27.85
CA LEU B 1000 -14.95 10.44 -26.50
C LEU B 1000 -14.89 11.89 -26.16
N VAL B 1001 -15.69 12.27 -25.18
CA VAL B 1001 -15.74 13.67 -24.85
C VAL B 1001 -15.13 13.81 -23.52
N SER B 1002 -14.14 14.69 -23.47
CA SER B 1002 -13.41 14.95 -22.26
C SER B 1002 -14.29 15.28 -21.12
N ARG B 1003 -13.86 14.84 -19.96
CA ARG B 1003 -14.56 14.92 -18.68
C ARG B 1003 -13.69 14.14 -17.68
N SER B 1004 -13.83 14.38 -16.39
CA SER B 1004 -12.82 13.73 -15.57
C SER B 1004 -13.10 12.24 -15.41
N GLY B 1005 -12.08 11.39 -15.55
CA GLY B 1005 -12.29 9.97 -15.57
C GLY B 1005 -12.03 9.42 -16.96
N ILE B 1006 -11.95 10.31 -17.96
CA ILE B 1006 -11.80 9.83 -19.31
C ILE B 1006 -10.50 9.06 -19.31
N GLY B 1007 -9.49 9.55 -18.60
CA GLY B 1007 -8.21 8.83 -18.56
C GLY B 1007 -8.30 7.33 -18.28
N THR B 1008 -8.99 7.03 -17.21
CA THR B 1008 -9.26 5.64 -16.89
C THR B 1008 -9.77 4.94 -18.14
N ILE B 1009 -10.97 5.29 -18.53
CA ILE B 1009 -11.55 4.74 -19.71
C ILE B 1009 -10.58 4.69 -20.90
N ALA B 1010 -9.87 5.77 -21.09
CA ALA B 1010 -9.07 5.73 -22.25
C ALA B 1010 -8.29 4.45 -22.20
N ALA B 1011 -7.89 4.07 -21.00
CA ALA B 1011 -7.04 2.89 -20.85
C ALA B 1011 -7.82 1.69 -21.39
N GLY B 1012 -8.95 1.40 -20.74
CA GLY B 1012 -9.83 0.33 -21.17
C GLY B 1012 -10.00 0.34 -22.68
N VAL B 1013 -10.26 1.52 -23.24
CA VAL B 1013 -10.37 1.65 -24.68
C VAL B 1013 -9.13 1.03 -25.27
N ALA B 1014 -7.95 1.46 -24.85
CA ALA B 1014 -6.73 0.91 -25.44
C ALA B 1014 -6.60 -0.62 -25.28
N LYS B 1015 -7.10 -1.15 -24.17
CA LYS B 1015 -7.04 -2.56 -23.97
C LYS B 1015 -8.06 -3.17 -24.88
N ALA B 1016 -9.04 -2.43 -25.37
CA ALA B 1016 -9.98 -3.09 -26.24
C ALA B 1016 -9.54 -3.00 -27.67
N ASN B 1017 -8.27 -2.76 -27.86
CA ASN B 1017 -7.78 -2.77 -29.20
C ASN B 1017 -8.17 -1.66 -30.14
N ALA B 1018 -8.30 -0.48 -29.59
CA ALA B 1018 -8.70 0.65 -30.40
C ALA B 1018 -7.44 1.28 -30.92
N ASP B 1019 -7.36 1.71 -32.14
CA ASP B 1019 -6.12 2.36 -32.51
C ASP B 1019 -5.98 3.86 -32.30
N ILE B 1020 -7.05 4.64 -32.17
CA ILE B 1020 -6.81 6.07 -32.01
C ILE B 1020 -7.77 6.50 -30.98
N ILE B 1021 -7.45 7.46 -30.14
CA ILE B 1021 -8.53 7.88 -29.27
C ILE B 1021 -8.72 9.37 -29.45
N LEU B 1022 -9.98 9.78 -29.55
CA LEU B 1022 -10.25 11.16 -29.82
C LEU B 1022 -10.96 11.76 -28.70
N ILE B 1023 -10.35 12.83 -28.21
CA ILE B 1023 -10.95 13.54 -27.09
C ILE B 1023 -11.49 14.87 -27.57
N SER B 1024 -12.78 14.99 -27.39
CA SER B 1024 -13.50 16.15 -27.79
C SER B 1024 -13.84 17.11 -26.69
N GLY B 1025 -13.56 18.37 -26.98
CA GLY B 1025 -13.84 19.49 -26.10
C GLY B 1025 -15.30 19.88 -25.88
N ASN B 1026 -15.53 20.56 -24.77
CA ASN B 1026 -16.90 20.88 -24.41
C ASN B 1026 -17.54 21.79 -25.44
N SER B 1027 -16.71 22.67 -25.96
CA SER B 1027 -17.09 23.75 -26.86
C SER B 1027 -17.30 23.43 -28.33
N GLY B 1028 -17.37 22.17 -28.71
CA GLY B 1028 -17.42 21.84 -30.13
C GLY B 1028 -18.78 22.17 -30.66
N GLY B 1029 -18.93 22.04 -31.98
CA GLY B 1029 -20.14 22.39 -32.71
C GLY B 1029 -21.16 21.29 -32.82
N THR B 1030 -22.36 21.57 -33.31
CA THR B 1030 -23.39 20.54 -33.52
C THR B 1030 -24.35 21.30 -34.42
N GLY B 1031 -25.03 20.61 -35.31
CA GLY B 1031 -25.98 21.28 -36.15
C GLY B 1031 -27.25 21.44 -35.36
N ALA B 1032 -27.43 20.69 -34.30
CA ALA B 1032 -28.66 20.83 -33.50
C ALA B 1032 -28.43 20.24 -32.15
N SER B 1033 -28.95 20.85 -31.11
CA SER B 1033 -28.73 20.25 -29.82
C SER B 1033 -29.39 21.19 -28.84
N PRO B 1034 -29.92 20.70 -27.73
CA PRO B 1034 -30.55 21.55 -26.72
C PRO B 1034 -29.50 22.51 -26.23
N GLN B 1035 -29.86 23.61 -25.59
CA GLN B 1035 -28.80 24.58 -25.36
C GLN B 1035 -28.03 24.38 -24.14
N THR B 1036 -28.68 23.65 -23.26
CA THR B 1036 -28.12 23.29 -21.97
C THR B 1036 -26.85 22.46 -22.11
N SER B 1037 -26.92 21.48 -23.00
CA SER B 1037 -25.76 20.66 -23.28
C SER B 1037 -24.66 21.50 -23.97
N ILE B 1038 -25.15 22.54 -24.59
CA ILE B 1038 -24.15 23.36 -25.18
C ILE B 1038 -23.38 24.15 -24.16
N LYS B 1039 -24.01 24.35 -23.02
CA LYS B 1039 -23.43 25.29 -22.11
C LYS B 1039 -23.15 24.62 -20.85
N PHE B 1040 -23.47 23.34 -20.78
CA PHE B 1040 -23.30 22.66 -19.51
C PHE B 1040 -22.74 21.26 -19.50
N ALA B 1041 -22.81 20.52 -20.59
CA ALA B 1041 -22.17 19.22 -20.56
C ALA B 1041 -20.72 19.52 -20.90
N GLY B 1042 -19.87 18.50 -20.97
CA GLY B 1042 -18.46 18.65 -21.32
C GLY B 1042 -17.44 19.43 -20.52
N LEU B 1043 -16.17 19.30 -20.89
CA LEU B 1043 -15.08 19.95 -20.19
C LEU B 1043 -14.02 20.34 -21.15
N PRO B 1044 -13.29 21.40 -20.91
CA PRO B 1044 -12.26 21.77 -21.87
C PRO B 1044 -11.42 20.60 -22.29
N TRP B 1045 -10.89 20.55 -23.50
CA TRP B 1045 -9.98 19.48 -23.84
C TRP B 1045 -8.72 19.62 -23.04
N GLU B 1046 -8.26 20.82 -22.76
CA GLU B 1046 -6.95 20.83 -22.10
C GLU B 1046 -6.92 19.87 -20.91
N MET B 1047 -7.97 19.82 -20.12
CA MET B 1047 -7.99 18.84 -19.05
C MET B 1047 -8.08 17.42 -19.67
N GLY B 1048 -9.27 17.04 -20.09
CA GLY B 1048 -9.39 15.70 -20.66
C GLY B 1048 -8.25 15.15 -21.49
N LEU B 1049 -7.74 15.92 -22.44
CA LEU B 1049 -6.66 15.44 -23.27
C LEU B 1049 -5.51 14.96 -22.38
N SER B 1050 -4.98 15.78 -21.49
CA SER B 1050 -3.88 15.26 -20.67
C SER B 1050 -4.25 14.09 -19.76
N GLU B 1051 -5.41 14.14 -19.11
CA GLU B 1051 -5.80 12.94 -18.39
C GLU B 1051 -5.45 11.77 -19.38
N VAL B 1052 -6.13 11.56 -20.50
CA VAL B 1052 -5.68 10.49 -21.36
C VAL B 1052 -4.15 10.45 -21.51
N HIS B 1053 -3.53 11.48 -22.04
CA HIS B 1053 -2.12 11.30 -22.16
C HIS B 1053 -1.45 10.73 -20.95
N GLN B 1054 -1.89 11.18 -19.80
CA GLN B 1054 -1.18 10.80 -18.59
C GLN B 1054 -1.47 9.34 -18.29
N VAL B 1055 -2.66 9.08 -17.77
CA VAL B 1055 -3.02 7.72 -17.46
C VAL B 1055 -2.57 6.69 -18.46
N LEU B 1056 -3.01 6.80 -19.68
CA LEU B 1056 -2.46 5.88 -20.63
C LEU B 1056 -0.97 5.78 -20.45
N THR B 1057 -0.29 6.85 -20.12
CA THR B 1057 1.15 6.69 -20.00
C THR B 1057 1.47 5.88 -18.75
N LEU B 1058 0.79 6.23 -17.70
CA LEU B 1058 0.95 5.55 -16.47
C LEU B 1058 0.65 4.06 -16.56
N ASN B 1059 0.05 3.54 -17.63
CA ASN B 1059 -0.27 2.10 -17.60
C ASN B 1059 0.48 1.51 -18.70
N ARG B 1060 1.43 2.28 -19.18
CA ARG B 1060 2.17 1.75 -20.27
C ARG B 1060 1.28 1.27 -21.41
N LEU B 1061 0.22 2.00 -21.75
CA LEU B 1061 -0.62 1.66 -22.89
C LEU B 1061 -0.52 2.79 -23.95
N ARG B 1062 0.08 3.86 -23.54
CA ARG B 1062 0.14 5.03 -24.35
C ARG B 1062 0.91 4.95 -25.60
N HIS B 1063 1.26 3.82 -26.14
CA HIS B 1063 2.08 3.88 -27.37
C HIS B 1063 1.32 2.98 -28.27
N ARG B 1064 0.17 2.58 -27.76
CA ARG B 1064 -0.54 1.53 -28.38
C ARG B 1064 -1.58 2.17 -29.20
N VAL B 1065 -1.85 3.41 -28.84
CA VAL B 1065 -2.94 4.11 -29.46
C VAL B 1065 -2.45 5.51 -29.80
N ARG B 1066 -3.02 6.13 -30.84
CA ARG B 1066 -2.72 7.53 -31.28
C ARG B 1066 -3.80 8.40 -30.67
N LEU B 1067 -3.45 9.61 -30.24
CA LEU B 1067 -4.43 10.57 -29.68
C LEU B 1067 -4.69 11.73 -30.60
N ARG B 1068 -5.97 12.09 -30.67
CA ARG B 1068 -6.45 13.17 -31.51
C ARG B 1068 -7.36 13.99 -30.66
N THR B 1069 -7.43 15.26 -31.03
CA THR B 1069 -8.30 16.17 -30.32
C THR B 1069 -9.04 17.23 -31.17
N ASP B 1070 -10.14 17.73 -30.64
CA ASP B 1070 -10.85 18.75 -31.36
C ASP B 1070 -11.71 19.51 -30.37
N GLY B 1071 -12.11 20.73 -30.73
CA GLY B 1071 -12.81 21.66 -29.86
C GLY B 1071 -12.50 23.16 -30.02
N GLY B 1072 -12.76 23.76 -31.15
CA GLY B 1072 -12.45 25.15 -31.11
C GLY B 1072 -11.03 25.48 -31.49
N LEU B 1073 -10.26 24.53 -31.98
CA LEU B 1073 -8.94 24.88 -32.42
C LEU B 1073 -9.12 25.78 -33.65
N LYS B 1074 -8.55 26.97 -33.62
CA LYS B 1074 -8.74 27.90 -34.72
C LYS B 1074 -7.42 28.33 -35.23
N THR B 1075 -6.36 27.90 -34.57
CA THR B 1075 -5.12 28.59 -34.80
C THR B 1075 -3.83 27.88 -34.65
N GLY B 1076 -2.80 28.39 -35.27
CA GLY B 1076 -1.52 27.72 -35.09
C GLY B 1076 -1.24 27.37 -33.64
N ARG B 1077 -1.10 28.36 -32.77
CA ARG B 1077 -0.74 28.00 -31.42
C ARG B 1077 -1.74 26.94 -30.84
N ASP B 1078 -3.04 27.22 -30.91
CA ASP B 1078 -3.99 26.21 -30.43
C ASP B 1078 -3.49 24.80 -30.77
N ILE B 1079 -2.81 24.64 -31.90
CA ILE B 1079 -2.47 23.31 -32.30
C ILE B 1079 -1.23 22.88 -31.62
N VAL B 1080 -0.22 23.73 -31.61
CA VAL B 1080 0.99 23.38 -30.88
C VAL B 1080 0.68 23.02 -29.41
N ILE B 1081 -0.01 23.91 -28.71
CA ILE B 1081 -0.32 23.53 -27.36
C ILE B 1081 -0.98 22.20 -27.34
N ALA B 1082 -1.89 21.93 -28.26
CA ALA B 1082 -2.49 20.58 -28.11
C ALA B 1082 -1.43 19.50 -28.21
N ALA B 1083 -0.45 19.72 -29.05
CA ALA B 1083 0.47 18.67 -29.26
C ALA B 1083 1.24 18.38 -27.95
N MET B 1084 1.74 19.45 -27.37
CA MET B 1084 2.52 19.37 -26.16
C MET B 1084 1.60 18.74 -25.08
N LEU B 1085 0.30 18.99 -25.09
CA LEU B 1085 -0.38 18.32 -24.00
C LEU B 1085 -0.41 16.85 -24.35
N GLY B 1086 0.01 16.48 -25.56
CA GLY B 1086 0.02 15.07 -25.88
C GLY B 1086 -0.72 14.61 -27.12
N ALA B 1087 -1.31 15.54 -27.85
CA ALA B 1087 -2.05 15.07 -29.01
C ALA B 1087 -1.19 14.88 -30.24
N GLU B 1088 -1.65 14.05 -31.18
CA GLU B 1088 -0.88 13.79 -32.38
C GLU B 1088 -1.63 14.14 -33.69
N GLU B 1089 -2.93 14.36 -33.56
CA GLU B 1089 -3.78 14.68 -34.65
C GLU B 1089 -4.79 15.68 -34.11
N PHE B 1090 -5.13 16.67 -34.93
CA PHE B 1090 -6.07 17.72 -34.54
C PHE B 1090 -7.27 17.84 -35.50
N GLY B 1091 -8.44 18.01 -34.91
CA GLY B 1091 -9.65 18.07 -35.71
C GLY B 1091 -10.20 19.47 -35.94
N ILE B 1092 -10.39 19.78 -37.21
CA ILE B 1092 -10.86 21.11 -37.44
C ILE B 1092 -12.16 21.27 -38.17
N GLY B 1093 -13.29 21.50 -37.49
CA GLY B 1093 -14.55 21.62 -38.22
C GLY B 1093 -15.11 23.03 -38.45
N THR B 1094 -15.86 23.53 -37.48
CA THR B 1094 -16.28 24.90 -37.58
C THR B 1094 -15.37 25.80 -38.38
N ALA B 1095 -14.14 26.01 -37.97
CA ALA B 1095 -13.34 26.89 -38.77
C ALA B 1095 -13.32 26.43 -40.21
N SER B 1096 -13.26 25.14 -40.47
CA SER B 1096 -13.28 24.84 -41.87
C SER B 1096 -14.65 25.16 -42.47
N LEU B 1097 -15.71 24.95 -41.69
CA LEU B 1097 -17.04 25.41 -42.12
C LEU B 1097 -17.06 26.91 -42.44
N ILE B 1098 -16.44 27.71 -41.58
CA ILE B 1098 -16.51 29.13 -41.78
C ILE B 1098 -15.82 29.52 -43.05
N ALA B 1099 -14.77 28.81 -43.40
CA ALA B 1099 -14.05 29.18 -44.54
C ALA B 1099 -14.93 28.77 -45.69
N MET B 1100 -15.70 27.73 -45.55
CA MET B 1100 -16.52 27.46 -46.72
C MET B 1100 -17.64 28.48 -46.77
N GLY B 1101 -17.63 29.44 -45.83
CA GLY B 1101 -18.65 30.46 -45.74
C GLY B 1101 -19.59 30.62 -44.54
N CYS B 1102 -19.52 29.82 -43.48
CA CYS B 1102 -20.50 29.98 -42.35
C CYS B 1102 -20.30 31.39 -41.84
N ILE B 1103 -21.38 32.02 -41.38
CA ILE B 1103 -21.21 33.37 -40.84
C ILE B 1103 -21.62 33.41 -39.39
N MET B 1104 -21.87 32.22 -38.82
CA MET B 1104 -22.03 32.03 -37.37
C MET B 1104 -23.28 32.65 -36.86
N VAL B 1105 -24.32 32.32 -37.58
CA VAL B 1105 -25.58 32.88 -37.21
C VAL B 1105 -26.53 31.94 -36.52
N ARG B 1106 -26.00 30.77 -36.26
CA ARG B 1106 -26.71 29.74 -35.51
C ARG B 1106 -28.12 29.40 -35.91
N GLN B 1107 -28.37 29.11 -37.20
CA GLN B 1107 -29.69 28.62 -37.53
C GLN B 1107 -29.66 27.32 -38.24
N CYS B 1108 -28.70 26.52 -37.77
CA CYS B 1108 -28.48 25.22 -38.35
C CYS B 1108 -29.69 24.34 -38.10
N HIS B 1109 -30.35 24.45 -36.95
CA HIS B 1109 -31.44 23.50 -36.79
C HIS B 1109 -32.61 23.85 -37.58
N SER B 1110 -32.63 25.12 -38.03
CA SER B 1110 -33.76 25.72 -38.73
C SER B 1110 -33.95 25.49 -40.22
N ASN B 1111 -32.88 25.13 -40.91
CA ASN B 1111 -32.93 24.87 -42.32
C ASN B 1111 -33.15 26.14 -43.10
N THR B 1112 -32.55 27.20 -42.59
CA THR B 1112 -32.62 28.50 -43.23
C THR B 1112 -31.20 29.05 -43.33
N CYS B 1113 -30.29 28.34 -43.96
CA CYS B 1113 -28.97 28.89 -43.89
C CYS B 1113 -28.64 29.86 -44.98
N PRO B 1114 -28.50 31.05 -44.52
CA PRO B 1114 -28.00 32.09 -45.36
C PRO B 1114 -27.00 31.65 -46.35
N VAL B 1115 -26.33 30.53 -46.19
CA VAL B 1115 -25.21 30.35 -47.06
C VAL B 1115 -24.96 29.01 -47.62
N GLY B 1116 -25.98 28.18 -47.61
CA GLY B 1116 -25.80 26.90 -48.27
C GLY B 1116 -25.00 25.91 -47.48
N VAL B 1117 -24.64 26.27 -46.26
CA VAL B 1117 -23.86 25.32 -45.49
C VAL B 1117 -24.60 24.24 -44.71
N CYS B 1118 -25.35 24.60 -43.69
CA CYS B 1118 -26.06 23.56 -43.04
C CYS B 1118 -27.52 23.61 -43.50
N VAL B 1119 -27.85 23.26 -44.73
CA VAL B 1119 -29.29 23.31 -45.02
C VAL B 1119 -29.71 22.34 -46.14
N GLN B 1120 -30.83 21.64 -45.98
CA GLN B 1120 -31.26 20.78 -47.06
C GLN B 1120 -32.04 21.54 -48.14
N ASP B 1121 -32.72 22.64 -47.80
CA ASP B 1121 -33.42 23.39 -48.85
C ASP B 1121 -32.60 23.86 -50.05
N ASP B 1122 -33.21 23.58 -51.19
CA ASP B 1122 -32.66 23.81 -52.50
C ASP B 1122 -32.29 25.23 -52.82
N LYS B 1123 -33.26 26.07 -52.62
CA LYS B 1123 -33.04 27.40 -53.04
C LYS B 1123 -31.91 27.94 -52.23
N LEU B 1124 -31.94 27.57 -50.97
CA LEU B 1124 -30.93 28.07 -50.04
C LEU B 1124 -29.60 27.51 -50.34
N ARG B 1125 -29.59 26.21 -50.64
CA ARG B 1125 -28.32 25.59 -51.02
C ARG B 1125 -27.66 26.24 -52.20
N GLN B 1126 -28.40 27.01 -52.96
CA GLN B 1126 -27.80 27.56 -54.15
C GLN B 1126 -27.01 28.76 -53.77
N LYS B 1127 -27.17 29.17 -52.53
CA LYS B 1127 -26.36 30.28 -52.10
C LYS B 1127 -24.93 29.87 -51.69
N PHE B 1128 -24.58 28.58 -51.80
CA PHE B 1128 -23.29 28.10 -51.31
C PHE B 1128 -22.04 28.48 -52.08
N VAL B 1129 -21.04 29.05 -51.44
CA VAL B 1129 -19.84 29.39 -52.19
C VAL B 1129 -18.56 28.71 -51.64
N GLY B 1130 -18.76 27.51 -51.12
CA GLY B 1130 -17.64 26.80 -50.60
C GLY B 1130 -16.69 26.36 -51.69
N THR B 1131 -15.42 26.25 -51.36
CA THR B 1131 -14.43 25.76 -52.29
C THR B 1131 -13.35 24.88 -51.68
N PRO B 1132 -13.11 23.76 -52.34
CA PRO B 1132 -11.99 22.89 -51.97
C PRO B 1132 -10.78 23.79 -51.72
N GLU B 1133 -10.62 24.66 -52.68
CA GLU B 1133 -9.50 25.55 -52.58
C GLU B 1133 -9.57 26.32 -51.26
N LYS B 1134 -10.75 26.75 -50.83
CA LYS B 1134 -10.70 27.64 -49.66
C LYS B 1134 -10.22 26.88 -48.49
N VAL B 1135 -10.87 25.75 -48.28
CA VAL B 1135 -10.49 24.87 -47.21
C VAL B 1135 -9.03 24.53 -47.36
N VAL B 1136 -8.66 23.93 -48.48
CA VAL B 1136 -7.26 23.70 -48.54
C VAL B 1136 -6.45 24.82 -48.02
N ASN B 1137 -6.78 26.04 -48.38
CA ASN B 1137 -6.00 27.14 -47.84
C ASN B 1137 -5.94 27.17 -46.32
N LEU B 1138 -7.11 26.98 -45.70
CA LEU B 1138 -7.23 27.09 -44.24
C LEU B 1138 -6.16 26.20 -43.65
N PHE B 1139 -6.15 24.93 -44.08
CA PHE B 1139 -5.18 24.03 -43.49
C PHE B 1139 -3.80 24.52 -43.83
N THR B 1140 -3.60 24.83 -45.10
CA THR B 1140 -2.28 25.30 -45.41
C THR B 1140 -1.75 26.38 -44.48
N PHE B 1141 -2.61 27.27 -44.03
CA PHE B 1141 -2.08 28.33 -43.21
C PHE B 1141 -1.71 27.75 -41.89
N LEU B 1142 -2.71 27.40 -41.09
CA LEU B 1142 -2.53 26.71 -39.80
C LEU B 1142 -1.18 25.99 -39.78
N ALA B 1143 -0.95 25.13 -40.75
CA ALA B 1143 0.30 24.43 -40.79
C ALA B 1143 1.48 25.39 -40.74
N GLU B 1144 1.61 26.17 -41.80
CA GLU B 1144 2.71 27.11 -41.79
C GLU B 1144 2.71 27.86 -40.46
N GLU B 1145 1.56 28.19 -39.94
CA GLU B 1145 1.65 28.98 -38.74
C GLU B 1145 2.32 28.10 -37.67
N VAL B 1146 2.14 26.78 -37.80
CA VAL B 1146 2.64 25.86 -36.78
C VAL B 1146 4.13 25.84 -37.00
N ARG B 1147 4.53 25.56 -38.21
CA ARG B 1147 5.97 25.49 -38.33
C ARG B 1147 6.59 26.78 -37.86
N GLU B 1148 5.83 27.86 -37.85
CA GLU B 1148 6.48 29.13 -37.57
C GLU B 1148 6.85 29.09 -36.13
N ILE B 1149 5.85 28.68 -35.36
CA ILE B 1149 6.01 28.56 -33.90
C ILE B 1149 7.13 27.60 -33.52
N LEU B 1150 7.23 26.46 -34.20
CA LEU B 1150 8.17 25.45 -33.75
C LEU B 1150 9.53 26.03 -33.82
N ALA B 1151 9.78 26.64 -34.97
CA ALA B 1151 11.12 27.15 -35.22
C ALA B 1151 11.39 28.20 -34.16
N GLY B 1152 10.30 28.71 -33.62
CA GLY B 1152 10.48 29.65 -32.54
C GLY B 1152 11.05 28.93 -31.35
N LEU B 1153 10.60 27.71 -31.08
CA LEU B 1153 10.95 27.01 -29.84
C LEU B 1153 12.26 26.30 -30.03
N GLY B 1154 12.74 26.33 -31.27
CA GLY B 1154 14.00 25.66 -31.50
C GLY B 1154 13.72 24.23 -31.90
N PHE B 1155 12.48 23.86 -32.12
CA PHE B 1155 12.28 22.50 -32.60
C PHE B 1155 11.98 22.46 -34.10
N ARG B 1156 12.49 21.43 -34.75
CA ARG B 1156 12.40 21.33 -36.17
C ARG B 1156 11.27 20.41 -36.58
N SER B 1157 10.39 20.02 -35.64
CA SER B 1157 9.28 19.13 -36.04
C SER B 1157 8.18 18.88 -35.00
N LEU B 1158 6.97 18.55 -35.42
CA LEU B 1158 5.93 18.44 -34.42
C LEU B 1158 6.19 17.34 -33.40
N ASN B 1159 6.72 16.23 -33.88
CA ASN B 1159 6.95 15.05 -33.07
C ASN B 1159 7.81 15.39 -31.91
N GLU B 1160 8.94 16.05 -32.19
CA GLU B 1160 9.85 16.43 -31.12
C GLU B 1160 9.18 17.15 -30.02
N VAL B 1161 7.87 17.28 -30.03
CA VAL B 1161 7.35 18.17 -29.02
C VAL B 1161 6.08 17.62 -28.49
N ILE B 1162 5.61 16.53 -29.01
CA ILE B 1162 4.36 16.00 -28.49
C ILE B 1162 4.57 15.55 -27.05
N GLY B 1163 3.61 15.90 -26.21
CA GLY B 1163 3.72 15.58 -24.81
C GLY B 1163 4.73 16.44 -24.07
N ARG B 1164 5.67 17.07 -24.76
CA ARG B 1164 6.65 17.89 -24.04
C ARG B 1164 6.07 19.01 -23.18
N THR B 1165 5.33 18.75 -22.11
CA THR B 1165 4.79 19.95 -21.44
C THR B 1165 5.82 20.82 -20.78
N ASP B 1166 7.00 20.32 -20.55
CA ASP B 1166 8.02 21.19 -20.00
C ASP B 1166 8.07 22.51 -20.80
N LEU B 1167 7.81 22.48 -22.10
CA LEU B 1167 7.73 23.76 -22.83
C LEU B 1167 6.51 24.70 -22.55
N LEU B 1168 5.61 24.46 -21.58
CA LEU B 1168 4.53 25.41 -21.34
C LEU B 1168 4.33 25.88 -19.92
N HIS B 1169 4.48 27.16 -19.66
CA HIS B 1169 4.30 27.63 -18.30
C HIS B 1169 3.00 28.37 -18.11
N GLN B 1170 2.43 28.35 -16.92
CA GLN B 1170 1.12 28.97 -16.83
C GLN B 1170 1.23 30.30 -16.24
N VAL B 1171 1.05 31.33 -17.06
CA VAL B 1171 0.98 32.66 -16.47
C VAL B 1171 -0.38 33.19 -16.08
N ASP B 1180 -6.87 32.36 -8.07
CA ASP B 1180 -6.15 31.72 -9.20
C ASP B 1180 -6.41 30.25 -9.44
N LEU B 1181 -6.04 29.80 -10.63
CA LEU B 1181 -6.27 28.41 -10.97
C LEU B 1181 -4.93 27.68 -10.89
N ASP B 1182 -5.02 26.36 -10.79
CA ASP B 1182 -3.85 25.48 -10.67
C ASP B 1182 -3.79 24.71 -11.95
N LEU B 1183 -2.94 25.10 -12.87
CA LEU B 1183 -2.97 24.38 -14.13
C LEU B 1183 -1.96 23.29 -14.17
N ASN B 1184 -1.53 22.89 -12.98
CA ASN B 1184 -0.44 21.97 -12.84
C ASN B 1184 -0.81 20.57 -13.27
N PRO B 1185 -1.80 20.03 -12.55
CA PRO B 1185 -2.34 18.72 -12.88
C PRO B 1185 -2.45 18.59 -14.39
N ARG B 1186 -2.55 19.68 -15.16
CA ARG B 1186 -2.60 19.56 -16.61
C ARG B 1186 -1.20 19.44 -17.11
N LEU B 1187 -0.30 20.16 -16.45
CA LEU B 1187 1.04 20.19 -16.98
C LEU B 1187 2.02 19.12 -16.54
N ALA B 1188 1.65 18.33 -15.54
CA ALA B 1188 2.64 17.40 -14.99
C ALA B 1188 3.02 16.27 -15.91
N GLN B 1189 4.27 15.83 -15.76
CA GLN B 1189 4.78 14.66 -16.51
C GLN B 1189 4.69 13.48 -15.60
N VAL B 1190 4.51 12.30 -16.18
CA VAL B 1190 4.35 11.08 -15.39
C VAL B 1190 5.71 10.48 -15.03
N ASP B 1191 6.53 10.22 -16.04
CA ASP B 1191 7.86 9.76 -15.77
C ASP B 1191 8.73 10.83 -16.40
N PRO B 1192 8.92 11.97 -15.72
CA PRO B 1192 9.76 13.08 -16.25
C PRO B 1192 11.16 12.65 -16.52
N GLY B 1193 11.89 13.40 -17.33
CA GLY B 1193 13.31 13.10 -17.56
C GLY B 1193 13.58 12.01 -18.57
N GLY B 1203 1.12 0.07 -38.22
CA GLY B 1203 -0.11 -0.58 -38.66
C GLY B 1203 -1.22 -0.43 -37.64
N ARG B 1204 -2.01 -1.48 -37.39
CA ARG B 1204 -3.09 -1.35 -36.44
C ARG B 1204 -3.09 -2.42 -35.36
N ASN B 1205 -3.56 -2.13 -34.17
CA ASN B 1205 -3.55 -3.18 -33.19
C ASN B 1205 -4.35 -4.33 -33.82
N GLU B 1206 -3.65 -5.37 -34.22
CA GLU B 1206 -4.27 -6.51 -34.84
C GLU B 1206 -5.10 -7.39 -33.92
N VAL B 1207 -5.89 -8.30 -34.48
CA VAL B 1207 -6.81 -9.13 -33.69
C VAL B 1207 -6.92 -10.58 -34.17
N PRO B 1208 -7.34 -11.46 -33.29
CA PRO B 1208 -7.42 -12.89 -33.54
C PRO B 1208 -8.40 -13.37 -34.61
N ASP B 1209 -8.03 -14.35 -35.43
CA ASP B 1209 -8.95 -14.90 -36.42
C ASP B 1209 -10.08 -15.59 -35.71
N THR B 1210 -11.14 -15.88 -36.45
CA THR B 1210 -12.25 -16.68 -35.97
C THR B 1210 -12.47 -17.73 -37.06
N LEU B 1211 -13.67 -18.29 -37.01
CA LEU B 1211 -14.00 -19.33 -37.91
C LEU B 1211 -13.80 -18.80 -39.30
N ASP B 1212 -13.93 -17.50 -39.46
CA ASP B 1212 -13.87 -17.02 -40.81
C ASP B 1212 -12.57 -17.26 -41.51
N ALA B 1213 -11.54 -17.52 -40.75
CA ALA B 1213 -10.27 -17.74 -41.39
C ALA B 1213 -10.17 -19.14 -41.99
N ARG B 1214 -11.21 -19.93 -41.86
CA ARG B 1214 -11.13 -21.26 -42.43
C ARG B 1214 -12.19 -21.30 -43.52
N ILE B 1215 -13.29 -20.64 -43.26
CA ILE B 1215 -14.33 -20.56 -44.27
C ILE B 1215 -13.70 -19.93 -45.49
N VAL B 1216 -12.92 -18.90 -45.27
CA VAL B 1216 -12.39 -18.28 -46.44
C VAL B 1216 -11.44 -19.19 -47.18
N ALA B 1217 -10.80 -20.05 -46.42
CA ALA B 1217 -9.78 -20.93 -46.97
C ALA B 1217 -10.57 -22.00 -47.60
N ASP B 1218 -11.59 -22.46 -46.92
CA ASP B 1218 -12.36 -23.50 -47.49
C ASP B 1218 -13.15 -23.00 -48.68
N ALA B 1219 -13.05 -21.72 -48.96
CA ALA B 1219 -13.83 -21.12 -50.03
C ALA B 1219 -13.09 -20.67 -51.26
N ARG B 1220 -11.92 -21.21 -51.54
CA ARG B 1220 -11.19 -20.72 -52.68
C ARG B 1220 -12.04 -20.68 -53.94
N PRO B 1221 -12.71 -21.78 -54.23
CA PRO B 1221 -13.53 -21.88 -55.43
C PRO B 1221 -14.50 -20.69 -55.57
N LEU B 1222 -15.13 -20.31 -54.49
CA LEU B 1222 -15.99 -19.14 -54.50
C LEU B 1222 -15.26 -17.99 -55.08
N PHE B 1223 -14.20 -17.56 -54.45
CA PHE B 1223 -13.49 -16.39 -54.94
C PHE B 1223 -12.70 -16.58 -56.18
N GLU B 1224 -12.38 -17.81 -56.53
CA GLU B 1224 -11.52 -17.99 -57.65
C GLU B 1224 -12.30 -18.33 -58.89
N GLU B 1225 -13.35 -19.12 -58.73
CA GLU B 1225 -14.09 -19.63 -59.84
C GLU B 1225 -15.55 -19.24 -59.83
N GLY B 1226 -16.01 -18.66 -58.73
CA GLY B 1226 -17.40 -18.32 -58.59
C GLY B 1226 -18.27 -19.46 -58.10
N GLU B 1227 -17.73 -20.63 -57.82
CA GLU B 1227 -18.60 -21.73 -57.43
C GLU B 1227 -19.54 -21.40 -56.31
N LYS B 1228 -20.50 -22.28 -56.06
CA LYS B 1228 -21.44 -22.09 -54.99
C LYS B 1228 -21.11 -23.22 -54.00
N MET B 1229 -21.04 -22.94 -52.71
CA MET B 1229 -20.59 -23.97 -51.78
C MET B 1229 -21.40 -24.17 -50.50
N GLN B 1230 -21.28 -25.34 -49.89
CA GLN B 1230 -21.92 -25.58 -48.62
C GLN B 1230 -20.83 -26.00 -47.67
N LEU B 1231 -20.60 -25.25 -46.60
CA LEU B 1231 -19.60 -25.61 -45.62
C LEU B 1231 -20.26 -25.95 -44.30
N ALA B 1232 -19.68 -26.88 -43.56
CA ALA B 1232 -20.23 -27.29 -42.27
C ALA B 1232 -19.18 -27.17 -41.20
N TYR B 1233 -19.53 -26.62 -40.07
CA TYR B 1233 -18.54 -26.45 -39.03
C TYR B 1233 -19.27 -26.47 -37.71
N ASN B 1234 -18.55 -26.60 -36.60
CA ASN B 1234 -19.24 -26.57 -35.29
C ASN B 1234 -19.07 -25.16 -34.82
N ALA B 1235 -19.74 -24.74 -33.78
CA ALA B 1235 -19.50 -23.38 -33.39
C ALA B 1235 -19.67 -23.30 -31.90
N ARG B 1236 -18.87 -22.45 -31.28
CA ARG B 1236 -18.91 -22.35 -29.85
C ARG B 1236 -19.17 -20.96 -29.41
N ASN B 1237 -19.64 -20.80 -28.17
CA ASN B 1237 -19.92 -19.43 -27.72
C ASN B 1237 -18.68 -18.65 -27.71
N THR B 1238 -17.58 -19.24 -28.04
CA THR B 1238 -16.35 -18.57 -27.86
C THR B 1238 -15.94 -17.96 -29.16
N GLN B 1239 -16.60 -18.34 -30.24
CA GLN B 1239 -16.20 -17.81 -31.53
C GLN B 1239 -17.18 -16.69 -31.90
N ARG B 1240 -16.63 -15.54 -32.28
CA ARG B 1240 -17.42 -14.36 -32.40
C ARG B 1240 -17.40 -13.81 -33.80
N ALA B 1241 -18.47 -13.11 -34.15
CA ALA B 1241 -18.52 -12.50 -35.44
C ALA B 1241 -18.37 -13.49 -36.60
N ILE B 1242 -18.85 -14.72 -36.47
CA ILE B 1242 -18.69 -15.69 -37.54
C ILE B 1242 -19.34 -15.16 -38.80
N GLY B 1243 -18.65 -15.12 -39.92
CA GLY B 1243 -19.26 -14.64 -41.15
C GLY B 1243 -18.81 -13.25 -41.52
N THR B 1244 -18.60 -12.43 -40.53
CA THR B 1244 -18.20 -11.09 -40.88
C THR B 1244 -16.98 -10.99 -41.77
N ARG B 1245 -15.88 -11.65 -41.49
CA ARG B 1245 -14.86 -11.49 -42.51
C ARG B 1245 -15.28 -12.11 -43.86
N LEU B 1246 -16.12 -13.14 -43.85
CA LEU B 1246 -16.51 -13.73 -45.10
C LEU B 1246 -17.07 -12.58 -45.89
N SER B 1247 -18.06 -11.91 -45.29
CA SER B 1247 -18.76 -10.77 -45.85
C SER B 1247 -17.85 -9.74 -46.43
N SER B 1248 -16.84 -9.37 -45.67
CA SER B 1248 -15.93 -8.42 -46.23
C SER B 1248 -15.42 -8.90 -47.56
N MET B 1249 -14.95 -10.13 -47.60
CA MET B 1249 -14.41 -10.63 -48.84
C MET B 1249 -15.43 -10.67 -49.93
N VAL B 1250 -16.63 -11.07 -49.60
CA VAL B 1250 -17.66 -11.15 -50.61
C VAL B 1250 -17.97 -9.78 -51.15
N THR B 1251 -18.35 -8.87 -50.27
CA THR B 1251 -18.55 -7.50 -50.67
C THR B 1251 -17.44 -7.01 -51.55
N ARG B 1252 -16.21 -7.03 -51.10
CA ARG B 1252 -15.16 -6.55 -51.99
C ARG B 1252 -15.06 -7.11 -53.40
N LYS B 1253 -15.39 -8.37 -53.64
CA LYS B 1253 -15.21 -8.99 -54.93
C LYS B 1253 -16.47 -9.11 -55.77
N PHE B 1254 -17.63 -9.04 -55.15
CA PHE B 1254 -18.86 -9.13 -55.87
C PHE B 1254 -19.79 -8.01 -55.44
N GLY B 1255 -19.44 -7.23 -54.42
CA GLY B 1255 -20.33 -6.20 -53.92
C GLY B 1255 -21.43 -6.76 -53.06
N MET B 1256 -22.11 -5.95 -52.28
CA MET B 1256 -23.15 -6.50 -51.42
C MET B 1256 -24.22 -7.27 -52.16
N PHE B 1257 -24.46 -6.90 -53.41
CA PHE B 1257 -25.52 -7.63 -54.07
C PHE B 1257 -25.22 -8.49 -55.28
N GLY B 1258 -23.97 -8.80 -55.54
CA GLY B 1258 -23.69 -9.60 -56.69
C GLY B 1258 -23.94 -11.09 -56.58
N LEU B 1259 -24.15 -11.67 -55.41
CA LEU B 1259 -24.21 -13.11 -55.44
C LEU B 1259 -25.65 -13.47 -55.14
N GLN B 1260 -26.20 -14.47 -55.82
CA GLN B 1260 -27.57 -14.80 -55.49
C GLN B 1260 -27.70 -15.39 -54.09
N PRO B 1261 -28.73 -14.99 -53.41
CA PRO B 1261 -29.01 -15.57 -52.08
C PRO B 1261 -28.62 -17.04 -51.98
N GLY B 1262 -27.80 -17.32 -50.96
CA GLY B 1262 -27.42 -18.68 -50.58
C GLY B 1262 -26.23 -19.24 -51.33
N HIS B 1263 -25.55 -18.43 -52.10
CA HIS B 1263 -24.44 -18.87 -52.85
C HIS B 1263 -23.33 -19.53 -52.04
N ILE B 1264 -23.08 -19.11 -50.79
CA ILE B 1264 -22.11 -19.75 -49.89
C ILE B 1264 -22.93 -20.01 -48.63
N THR B 1265 -23.11 -21.25 -48.29
CA THR B 1265 -23.91 -21.52 -47.13
C THR B 1265 -23.10 -22.34 -46.16
N ILE B 1266 -23.09 -21.94 -44.91
CA ILE B 1266 -22.26 -22.58 -43.93
C ILE B 1266 -23.12 -23.08 -42.79
N ARG B 1267 -23.36 -24.40 -42.67
CA ARG B 1267 -24.14 -24.97 -41.57
C ARG B 1267 -23.24 -25.04 -40.35
N LEU B 1268 -23.75 -24.69 -39.18
CA LEU B 1268 -22.94 -24.74 -37.97
C LEU B 1268 -23.67 -25.39 -36.79
N ARG B 1269 -23.31 -26.56 -36.24
CA ARG B 1269 -23.95 -26.97 -35.01
C ARG B 1269 -23.32 -26.29 -33.83
N GLY B 1270 -24.13 -25.96 -32.82
CA GLY B 1270 -23.56 -25.45 -31.61
C GLY B 1270 -24.07 -24.15 -31.05
N THR B 1271 -23.16 -23.28 -30.69
CA THR B 1271 -23.65 -22.04 -30.22
C THR B 1271 -22.80 -20.99 -30.85
N ALA B 1272 -23.46 -19.96 -31.35
CA ALA B 1272 -22.73 -18.88 -31.96
C ALA B 1272 -22.39 -17.87 -30.90
N GLY B 1273 -21.18 -17.38 -30.94
CA GLY B 1273 -20.87 -16.38 -29.95
C GLY B 1273 -21.41 -15.07 -30.45
N GLN B 1274 -21.12 -13.96 -29.77
CA GLN B 1274 -21.67 -12.66 -30.13
C GLN B 1274 -21.42 -12.19 -31.57
N SER B 1275 -22.39 -11.47 -32.12
CA SER B 1275 -22.26 -10.91 -33.46
C SER B 1275 -22.28 -11.92 -34.58
N LEU B 1276 -23.13 -12.93 -34.47
CA LEU B 1276 -23.26 -13.90 -35.53
C LEU B 1276 -23.74 -13.25 -36.77
N GLY B 1277 -23.02 -13.37 -37.87
CA GLY B 1277 -23.57 -12.83 -39.09
C GLY B 1277 -23.46 -11.34 -39.22
N ALA B 1278 -22.90 -10.69 -38.24
CA ALA B 1278 -22.70 -9.25 -38.36
C ALA B 1278 -22.27 -8.74 -39.71
N PHE B 1279 -23.07 -7.89 -40.34
CA PHE B 1279 -22.66 -7.27 -41.59
C PHE B 1279 -22.58 -8.21 -42.76
N ALA B 1280 -23.40 -9.22 -42.75
CA ALA B 1280 -23.36 -10.19 -43.81
C ALA B 1280 -24.11 -9.65 -44.98
N VAL B 1281 -23.49 -9.71 -46.14
CA VAL B 1281 -24.11 -9.27 -47.35
C VAL B 1281 -24.76 -10.48 -47.99
N GLN B 1282 -25.37 -10.26 -49.14
CA GLN B 1282 -26.14 -11.26 -49.81
C GLN B 1282 -25.29 -12.32 -50.45
N GLY B 1283 -25.78 -13.54 -50.51
CA GLY B 1283 -24.98 -14.63 -51.04
C GLY B 1283 -24.58 -15.60 -49.93
N ILE B 1284 -24.46 -15.04 -48.72
CA ILE B 1284 -24.11 -15.74 -47.52
C ILE B 1284 -25.34 -16.17 -46.77
N LYS B 1285 -25.35 -17.42 -46.30
CA LYS B 1285 -26.45 -17.94 -45.49
C LYS B 1285 -25.78 -18.66 -44.36
N LEU B 1286 -26.26 -18.41 -43.16
CA LEU B 1286 -25.76 -19.12 -42.01
C LEU B 1286 -26.84 -19.91 -41.31
N GLU B 1287 -26.80 -21.24 -41.34
CA GLU B 1287 -27.78 -22.02 -40.55
C GLU B 1287 -27.07 -22.36 -39.23
N VAL B 1288 -27.60 -21.88 -38.13
CA VAL B 1288 -27.11 -22.30 -36.89
C VAL B 1288 -28.12 -23.25 -36.33
N MET B 1289 -27.73 -24.52 -36.21
CA MET B 1289 -28.54 -25.54 -35.53
C MET B 1289 -28.05 -25.56 -34.12
N GLY B 1290 -28.85 -25.14 -33.15
CA GLY B 1290 -28.44 -25.05 -31.77
C GLY B 1290 -28.95 -23.76 -31.16
N ASP B 1291 -28.10 -22.74 -31.05
CA ASP B 1291 -28.58 -21.46 -30.59
C ASP B 1291 -27.55 -20.35 -30.66
N ALA B 1292 -27.91 -19.13 -30.27
CA ALA B 1292 -26.95 -18.08 -30.49
C ALA B 1292 -27.10 -17.03 -29.48
N ASN B 1293 -26.09 -16.18 -29.38
CA ASN B 1293 -25.96 -15.15 -28.36
C ASN B 1293 -26.49 -13.78 -28.65
N ASP B 1294 -25.83 -12.68 -28.40
CA ASP B 1294 -26.46 -11.40 -28.65
C ASP B 1294 -25.98 -10.89 -29.97
N TYR B 1295 -26.71 -9.93 -30.54
CA TYR B 1295 -26.38 -9.31 -31.79
C TYR B 1295 -26.41 -10.15 -33.00
N VAL B 1296 -27.25 -11.19 -33.06
CA VAL B 1296 -27.33 -11.96 -34.29
C VAL B 1296 -27.70 -10.92 -35.35
N GLY B 1297 -27.04 -10.97 -36.47
CA GLY B 1297 -27.46 -10.08 -37.53
C GLY B 1297 -27.26 -8.62 -37.32
N LYS B 1298 -26.45 -8.23 -36.36
CA LYS B 1298 -26.13 -6.85 -36.11
C LYS B 1298 -25.72 -6.28 -37.46
N GLY B 1299 -26.32 -5.18 -37.84
CA GLY B 1299 -26.01 -4.61 -39.12
C GLY B 1299 -26.25 -5.47 -40.35
N LEU B 1300 -27.20 -6.42 -40.35
CA LEU B 1300 -27.39 -7.34 -41.47
C LEU B 1300 -27.37 -6.59 -42.79
N SER B 1301 -26.75 -7.11 -43.81
CA SER B 1301 -26.64 -6.26 -44.98
C SER B 1301 -26.93 -7.02 -46.26
N GLY B 1302 -28.00 -7.79 -46.25
CA GLY B 1302 -28.35 -8.51 -47.44
C GLY B 1302 -28.09 -9.97 -47.28
N GLY B 1303 -27.56 -10.39 -46.14
CA GLY B 1303 -27.28 -11.79 -45.93
C GLY B 1303 -28.44 -12.41 -45.22
N THR B 1304 -28.46 -13.75 -45.13
CA THR B 1304 -29.54 -14.46 -44.46
C THR B 1304 -28.95 -15.31 -43.37
N ILE B 1305 -29.58 -15.27 -42.21
CA ILE B 1305 -29.19 -16.01 -41.03
C ILE B 1305 -30.42 -16.79 -40.57
N VAL B 1306 -30.22 -18.06 -40.20
CA VAL B 1306 -31.32 -18.92 -39.70
C VAL B 1306 -30.84 -19.58 -38.43
N VAL B 1307 -31.69 -19.71 -37.41
CA VAL B 1307 -31.33 -20.33 -36.17
C VAL B 1307 -32.50 -21.17 -35.69
N ARG B 1308 -32.30 -22.48 -35.52
CA ARG B 1308 -33.36 -23.37 -35.10
C ARG B 1308 -32.78 -24.43 -34.19
N PRO B 1309 -33.56 -24.97 -33.28
CA PRO B 1309 -33.09 -26.01 -32.38
C PRO B 1309 -32.65 -27.23 -33.12
N THR B 1310 -32.04 -28.18 -32.42
CA THR B 1310 -31.62 -29.46 -32.99
C THR B 1310 -32.88 -30.28 -33.17
N THR B 1311 -32.82 -31.05 -34.23
CA THR B 1311 -33.80 -31.95 -34.73
C THR B 1311 -34.02 -32.97 -33.62
N SER B 1312 -33.13 -33.02 -32.64
CA SER B 1312 -33.22 -34.00 -31.59
C SER B 1312 -33.61 -33.37 -30.27
N SER B 1313 -33.85 -32.07 -30.28
CA SER B 1313 -34.16 -31.39 -29.04
C SER B 1313 -35.59 -31.58 -28.77
N PRO B 1314 -35.97 -31.86 -27.55
CA PRO B 1314 -37.37 -32.04 -27.22
C PRO B 1314 -38.01 -30.72 -26.92
N LEU B 1315 -37.33 -29.61 -27.13
CA LEU B 1315 -37.91 -28.34 -26.72
C LEU B 1315 -39.03 -27.92 -27.59
N GLU B 1316 -39.99 -27.18 -27.04
CA GLU B 1316 -41.08 -26.60 -27.81
C GLU B 1316 -40.62 -25.27 -28.35
N THR B 1317 -40.34 -25.27 -29.62
CA THR B 1317 -39.81 -24.08 -30.22
C THR B 1317 -40.15 -22.77 -29.60
N ASN B 1318 -41.44 -22.51 -29.50
CA ASN B 1318 -41.80 -21.17 -29.16
C ASN B 1318 -41.92 -20.87 -27.71
N LYS B 1319 -41.52 -21.82 -26.88
CA LYS B 1319 -41.54 -21.55 -25.47
C LYS B 1319 -40.14 -21.43 -24.94
N ASN B 1320 -39.13 -21.31 -25.79
CA ASN B 1320 -37.80 -21.17 -25.25
C ASN B 1320 -37.06 -20.11 -25.99
N THR B 1321 -36.02 -19.53 -25.38
CA THR B 1321 -35.21 -18.50 -25.98
C THR B 1321 -34.26 -19.16 -26.93
N ILE B 1322 -33.79 -18.44 -27.94
CA ILE B 1322 -32.81 -19.07 -28.81
C ILE B 1322 -31.77 -18.08 -29.31
N ILE B 1323 -32.13 -16.80 -29.30
CA ILE B 1323 -31.17 -15.78 -29.69
C ILE B 1323 -31.27 -14.69 -28.67
N GLY B 1324 -30.22 -13.90 -28.63
CA GLY B 1324 -30.03 -12.93 -27.59
C GLY B 1324 -30.70 -11.59 -27.67
N ASN B 1325 -29.91 -10.54 -27.54
CA ASN B 1325 -30.32 -9.16 -27.43
C ASN B 1325 -29.77 -8.21 -28.48
N THR B 1326 -30.50 -7.16 -28.75
CA THR B 1326 -30.04 -6.28 -29.81
C THR B 1326 -29.86 -7.03 -31.10
N VAL B 1327 -30.66 -8.04 -31.33
CA VAL B 1327 -30.61 -8.72 -32.61
C VAL B 1327 -30.94 -7.78 -33.76
N LEU B 1328 -30.26 -7.90 -34.89
CA LEU B 1328 -30.50 -7.08 -36.09
C LEU B 1328 -30.38 -5.62 -35.88
N TYR B 1329 -29.60 -5.16 -34.94
CA TYR B 1329 -29.46 -3.74 -34.65
C TYR B 1329 -28.88 -2.97 -35.80
N GLY B 1330 -29.72 -2.20 -36.47
CA GLY B 1330 -29.25 -1.30 -37.49
C GLY B 1330 -29.19 -1.94 -38.85
N ALA B 1331 -29.73 -3.14 -38.93
CA ALA B 1331 -29.74 -3.80 -40.22
C ALA B 1331 -30.30 -2.96 -41.34
N THR B 1332 -29.96 -3.25 -42.58
CA THR B 1332 -30.51 -2.52 -43.71
C THR B 1332 -31.08 -3.50 -44.75
N ALA B 1333 -30.73 -4.78 -44.68
CA ALA B 1333 -31.21 -5.72 -45.70
C ALA B 1333 -30.89 -7.13 -45.30
N GLY B 1334 -31.67 -8.06 -45.79
CA GLY B 1334 -31.43 -9.44 -45.58
C GLY B 1334 -32.62 -9.88 -44.80
N LYS B 1335 -32.67 -11.20 -44.67
CA LYS B 1335 -33.63 -11.97 -43.89
C LYS B 1335 -32.93 -12.61 -42.63
N LEU B 1336 -33.71 -12.88 -41.58
CA LEU B 1336 -33.29 -13.61 -40.39
C LEU B 1336 -34.49 -14.42 -39.95
N PHE B 1337 -34.34 -15.72 -39.74
CA PHE B 1337 -35.43 -16.57 -39.31
C PHE B 1337 -35.03 -17.30 -38.05
N ALA B 1338 -35.84 -17.23 -37.00
CA ALA B 1338 -35.46 -17.97 -35.80
C ALA B 1338 -36.57 -18.75 -35.05
N ALA B 1339 -36.46 -20.07 -35.08
CA ALA B 1339 -37.43 -20.86 -34.40
C ALA B 1339 -37.43 -20.69 -32.87
N GLY B 1340 -37.66 -19.49 -32.35
CA GLY B 1340 -37.67 -19.42 -30.91
C GLY B 1340 -37.75 -17.98 -30.52
N GLN B 1341 -37.70 -17.66 -29.24
CA GLN B 1341 -37.80 -16.29 -28.77
C GLN B 1341 -36.51 -15.53 -28.76
N ALA B 1342 -36.59 -14.23 -28.93
CA ALA B 1342 -35.39 -13.42 -28.91
C ALA B 1342 -35.51 -12.71 -27.62
N GLY B 1343 -34.50 -12.00 -27.23
CA GLY B 1343 -34.57 -11.38 -25.94
C GLY B 1343 -34.78 -9.93 -26.15
N GLU B 1344 -34.13 -9.10 -25.36
CA GLU B 1344 -34.32 -7.69 -25.29
C GLU B 1344 -33.89 -6.89 -26.51
N ARG B 1345 -34.56 -5.75 -26.73
CA ARG B 1345 -34.36 -4.90 -27.87
C ARG B 1345 -34.15 -5.59 -29.17
N PHE B 1346 -35.13 -6.41 -29.56
CA PHE B 1346 -35.04 -7.15 -30.79
C PHE B 1346 -35.33 -6.23 -31.93
N ALA B 1347 -34.54 -6.24 -32.99
CA ALA B 1347 -34.88 -5.43 -34.17
C ALA B 1347 -34.70 -3.96 -33.89
N VAL B 1348 -34.14 -3.66 -32.75
CA VAL B 1348 -33.86 -2.27 -32.48
C VAL B 1348 -33.21 -1.70 -33.71
N ARG B 1349 -33.63 -0.50 -34.06
CA ARG B 1349 -33.11 0.17 -35.21
C ARG B 1349 -33.12 -0.59 -36.52
N ASN B 1350 -33.95 -1.61 -36.67
CA ASN B 1350 -33.96 -2.30 -37.95
C ASN B 1350 -34.20 -1.38 -39.14
N SER B 1351 -33.28 -1.22 -40.04
CA SER B 1351 -33.72 -0.38 -41.13
C SER B 1351 -34.08 -1.07 -42.41
N GLY B 1352 -34.58 -2.29 -42.38
CA GLY B 1352 -34.80 -2.86 -43.67
C GLY B 1352 -34.54 -4.34 -43.80
N ALA B 1353 -34.58 -5.07 -42.70
CA ALA B 1353 -34.36 -6.49 -42.78
C ALA B 1353 -35.72 -7.09 -42.60
N THR B 1354 -35.92 -8.31 -43.00
CA THR B 1354 -37.22 -8.93 -42.84
C THR B 1354 -36.87 -10.03 -41.89
N VAL B 1355 -37.69 -10.29 -40.87
CA VAL B 1355 -37.39 -11.29 -39.87
C VAL B 1355 -38.62 -11.96 -39.35
N VAL B 1356 -38.52 -13.24 -39.00
CA VAL B 1356 -39.60 -13.95 -38.38
C VAL B 1356 -38.94 -14.55 -37.16
N VAL B 1357 -39.64 -14.55 -36.04
CA VAL B 1357 -39.11 -14.96 -34.77
C VAL B 1357 -40.29 -15.49 -33.96
N GLU B 1358 -40.12 -16.34 -32.95
CA GLU B 1358 -41.29 -16.85 -32.26
C GLU B 1358 -41.65 -16.23 -30.93
N GLY B 1359 -41.17 -15.03 -30.70
CA GLY B 1359 -41.50 -14.34 -29.46
C GLY B 1359 -40.41 -13.33 -29.27
N CYS B 1360 -40.41 -12.58 -28.19
CA CYS B 1360 -39.36 -11.61 -28.05
C CYS B 1360 -39.41 -10.83 -26.76
N GLY B 1361 -38.26 -10.40 -26.29
CA GLY B 1361 -38.18 -9.65 -25.06
C GLY B 1361 -38.90 -8.32 -25.06
N SER B 1362 -38.54 -7.42 -24.17
CA SER B 1362 -39.18 -6.13 -24.16
C SER B 1362 -38.42 -5.22 -25.14
N ASN B 1363 -38.92 -4.00 -25.30
CA ASN B 1363 -38.39 -3.04 -26.21
C ASN B 1363 -38.24 -3.48 -27.63
N GLY B 1364 -39.25 -4.17 -28.14
CA GLY B 1364 -39.16 -4.67 -29.50
C GLY B 1364 -39.34 -3.70 -30.64
N CYS B 1365 -38.71 -3.97 -31.77
CA CYS B 1365 -38.86 -3.13 -32.95
C CYS B 1365 -38.65 -1.64 -32.64
N GLU B 1366 -37.97 -1.29 -31.57
CA GLU B 1366 -37.80 0.10 -31.22
C GLU B 1366 -36.92 0.85 -32.19
N TYR B 1367 -37.26 2.11 -32.44
CA TYR B 1367 -36.65 2.95 -33.47
C TYR B 1367 -36.55 2.27 -34.84
N MET B 1368 -37.48 1.42 -35.22
CA MET B 1368 -37.35 0.75 -36.49
C MET B 1368 -37.74 1.76 -37.57
N THR B 1369 -37.06 1.70 -38.70
CA THR B 1369 -37.30 2.66 -39.76
C THR B 1369 -37.49 1.95 -41.09
N GLY B 1370 -37.74 0.64 -41.08
CA GLY B 1370 -37.93 -0.10 -42.30
C GLY B 1370 -37.79 -1.58 -42.09
N GLY B 1371 -38.18 -2.36 -43.08
CA GLY B 1371 -38.09 -3.78 -42.98
C GLY B 1371 -39.43 -4.19 -42.49
N THR B 1372 -39.57 -5.47 -42.30
CA THR B 1372 -40.75 -6.10 -41.79
C THR B 1372 -40.27 -7.04 -40.71
N ALA B 1373 -41.12 -7.21 -39.71
CA ALA B 1373 -40.89 -8.03 -38.56
C ALA B 1373 -42.12 -8.80 -38.19
N VAL B 1374 -42.21 -10.06 -38.55
CA VAL B 1374 -43.30 -10.90 -38.05
C VAL B 1374 -42.89 -11.48 -36.68
N ILE B 1375 -43.85 -11.73 -35.79
CA ILE B 1375 -43.52 -12.23 -34.46
C ILE B 1375 -44.46 -13.26 -33.93
N LEU B 1376 -44.06 -14.52 -34.03
CA LEU B 1376 -44.93 -15.58 -33.66
C LEU B 1376 -45.29 -15.75 -32.21
N GLY B 1377 -45.47 -14.68 -31.46
CA GLY B 1377 -45.86 -14.91 -30.09
C GLY B 1377 -45.81 -13.70 -29.20
N ARG B 1378 -45.89 -13.90 -27.88
CA ARG B 1378 -45.94 -12.83 -26.90
C ARG B 1378 -44.84 -11.86 -27.11
N VAL B 1379 -45.09 -10.60 -26.79
CA VAL B 1379 -44.10 -9.58 -27.03
C VAL B 1379 -43.97 -8.85 -25.71
N GLY B 1380 -42.84 -8.30 -25.38
CA GLY B 1380 -42.85 -7.65 -24.10
C GLY B 1380 -43.03 -6.16 -24.20
N ASP B 1381 -43.08 -5.54 -23.05
CA ASP B 1381 -43.22 -4.12 -22.93
C ASP B 1381 -42.64 -3.16 -23.89
N ASN B 1382 -43.31 -2.03 -24.02
CA ASN B 1382 -42.85 -0.96 -24.85
C ASN B 1382 -42.55 -1.40 -26.27
N PHE B 1383 -43.44 -2.19 -26.86
CA PHE B 1383 -43.16 -2.68 -28.16
C PHE B 1383 -43.31 -1.58 -29.15
N ALA B 1384 -42.44 -1.54 -30.13
CA ALA B 1384 -42.70 -0.55 -31.18
C ALA B 1384 -42.39 0.89 -30.83
N ALA B 1385 -42.09 1.16 -29.58
CA ALA B 1385 -41.68 2.51 -29.26
C ALA B 1385 -40.75 3.18 -30.23
N GLY B 1386 -41.23 4.20 -30.91
CA GLY B 1386 -40.33 5.04 -31.63
C GLY B 1386 -40.16 4.52 -33.01
N MET B 1387 -40.97 3.49 -33.28
CA MET B 1387 -40.98 2.83 -34.59
C MET B 1387 -41.70 3.69 -35.59
N THR B 1388 -40.93 4.46 -36.35
CA THR B 1388 -41.38 5.37 -37.40
C THR B 1388 -41.49 4.74 -38.80
N GLY B 1389 -41.32 3.43 -38.92
CA GLY B 1389 -41.46 2.88 -40.25
C GLY B 1389 -40.89 1.56 -40.65
N GLY B 1390 -41.77 0.62 -40.88
CA GLY B 1390 -41.42 -0.65 -41.46
C GLY B 1390 -42.74 -1.26 -41.10
N MET B 1391 -42.83 -2.55 -40.92
CA MET B 1391 -44.13 -2.98 -40.46
C MET B 1391 -43.91 -4.19 -39.59
N ALA B 1392 -44.86 -4.48 -38.72
CA ALA B 1392 -44.73 -5.64 -37.88
C ALA B 1392 -46.05 -6.36 -37.73
N TYR B 1393 -46.06 -7.66 -37.91
CA TYR B 1393 -47.26 -8.40 -37.67
C TYR B 1393 -46.94 -9.09 -36.36
N VAL B 1394 -47.95 -9.52 -35.61
CA VAL B 1394 -47.69 -10.04 -34.28
C VAL B 1394 -48.81 -10.94 -33.85
N TYR B 1395 -48.62 -12.24 -33.92
CA TYR B 1395 -49.56 -13.28 -33.50
C TYR B 1395 -49.87 -13.17 -32.04
N ASP B 1396 -51.11 -12.87 -31.70
CA ASP B 1396 -51.43 -12.62 -30.31
C ASP B 1396 -52.59 -13.41 -29.75
N LEU B 1397 -52.37 -14.65 -29.37
CA LEU B 1397 -53.42 -15.45 -28.79
C LEU B 1397 -54.24 -14.93 -27.63
N ASP B 1398 -53.86 -13.86 -26.96
CA ASP B 1398 -54.68 -13.48 -25.82
C ASP B 1398 -55.08 -12.04 -25.86
N ASP B 1399 -54.86 -11.39 -26.98
CA ASP B 1399 -55.28 -10.01 -27.06
C ASP B 1399 -54.72 -9.25 -25.90
N SER B 1400 -53.41 -9.23 -25.84
CA SER B 1400 -52.76 -8.54 -24.76
C SER B 1400 -51.84 -7.53 -25.40
N LEU B 1401 -51.65 -7.68 -26.70
CA LEU B 1401 -50.73 -6.80 -27.37
C LEU B 1401 -51.03 -5.39 -26.92
N PRO B 1402 -52.31 -5.07 -26.84
CA PRO B 1402 -52.80 -3.79 -26.35
C PRO B 1402 -52.21 -3.32 -25.04
N LEU B 1403 -51.84 -4.22 -24.15
CA LEU B 1403 -51.25 -3.80 -22.89
C LEU B 1403 -49.77 -3.68 -23.00
N TYR B 1404 -49.18 -4.16 -24.07
CA TYR B 1404 -47.74 -4.11 -24.11
C TYR B 1404 -47.17 -3.12 -25.05
N ILE B 1405 -48.01 -2.56 -25.90
CA ILE B 1405 -47.49 -1.74 -26.96
C ILE B 1405 -47.33 -0.25 -26.68
N ASN B 1406 -46.49 0.41 -27.46
CA ASN B 1406 -46.28 1.82 -27.27
C ASN B 1406 -46.83 2.71 -28.40
N ASP B 1407 -48.15 2.90 -28.32
CA ASP B 1407 -48.97 3.78 -29.13
C ASP B 1407 -48.36 4.97 -29.84
N GLU B 1408 -47.70 5.78 -29.04
CA GLU B 1408 -47.22 7.01 -29.56
C GLU B 1408 -46.96 7.12 -31.05
N SER B 1409 -46.41 6.11 -31.70
CA SER B 1409 -46.09 6.34 -33.07
C SER B 1409 -46.52 5.21 -33.91
N VAL B 1410 -47.57 4.53 -33.55
CA VAL B 1410 -47.74 3.38 -34.39
C VAL B 1410 -49.19 3.03 -34.14
N ILE B 1411 -49.78 2.17 -34.96
CA ILE B 1411 -51.14 1.81 -34.62
C ILE B 1411 -51.18 0.33 -34.83
N PHE B 1412 -52.26 -0.29 -34.38
CA PHE B 1412 -52.39 -1.68 -34.68
C PHE B 1412 -53.83 -2.00 -34.99
N GLN B 1413 -54.05 -2.89 -35.94
CA GLN B 1413 -55.37 -3.18 -36.39
C GLN B 1413 -55.36 -4.61 -36.84
N ARG B 1414 -56.52 -5.24 -36.98
CA ARG B 1414 -56.43 -6.57 -37.51
C ARG B 1414 -56.19 -6.49 -39.00
N ILE B 1415 -55.68 -7.53 -39.63
CA ILE B 1415 -55.35 -7.38 -41.02
C ILE B 1415 -56.67 -7.28 -41.70
N GLU B 1416 -56.80 -6.38 -42.68
CA GLU B 1416 -58.05 -6.14 -43.43
C GLU B 1416 -57.79 -6.29 -44.91
N VAL B 1417 -57.04 -5.39 -45.50
CA VAL B 1417 -56.64 -5.59 -46.88
C VAL B 1417 -55.95 -6.94 -47.00
N GLY B 1418 -56.10 -7.64 -48.09
CA GLY B 1418 -55.51 -8.96 -48.17
C GLY B 1418 -54.15 -8.99 -48.80
N HIS B 1419 -53.68 -7.86 -49.29
CA HIS B 1419 -52.35 -7.89 -49.87
C HIS B 1419 -51.43 -8.03 -48.70
N TYR B 1420 -51.77 -7.36 -47.61
CA TYR B 1420 -50.99 -7.51 -46.43
C TYR B 1420 -51.19 -8.91 -45.93
N GLU B 1421 -52.41 -9.30 -45.64
CA GLU B 1421 -52.60 -10.67 -45.25
C GLU B 1421 -51.80 -11.61 -46.07
N SER B 1422 -51.38 -11.25 -47.26
CA SER B 1422 -50.62 -12.23 -48.03
C SER B 1422 -49.16 -12.20 -47.74
N GLN B 1423 -48.62 -11.00 -47.56
CA GLN B 1423 -47.24 -10.85 -47.25
C GLN B 1423 -46.99 -11.66 -46.01
N LEU B 1424 -47.83 -11.48 -44.98
CA LEU B 1424 -47.66 -12.27 -43.79
C LEU B 1424 -47.52 -13.75 -44.13
N LYS B 1425 -48.62 -14.38 -44.48
CA LYS B 1425 -48.55 -15.76 -44.87
C LYS B 1425 -47.27 -16.20 -45.58
N HIS B 1426 -46.84 -15.49 -46.60
CA HIS B 1426 -45.67 -15.93 -47.33
C HIS B 1426 -44.40 -15.98 -46.51
N LEU B 1427 -44.16 -14.95 -45.68
CA LEU B 1427 -43.00 -14.91 -44.77
C LEU B 1427 -43.13 -16.15 -43.92
N ILE B 1428 -44.18 -16.24 -43.13
CA ILE B 1428 -44.35 -17.41 -42.33
C ILE B 1428 -44.10 -18.68 -43.07
N GLU B 1429 -44.35 -18.74 -44.38
CA GLU B 1429 -44.08 -20.01 -45.05
C GLU B 1429 -42.58 -20.15 -45.24
N GLU B 1430 -41.90 -19.03 -45.44
CA GLU B 1430 -40.47 -19.04 -45.60
C GLU B 1430 -39.88 -19.55 -44.29
N HIS B 1431 -40.31 -18.92 -43.20
CA HIS B 1431 -39.90 -19.27 -41.86
C HIS B 1431 -40.00 -20.77 -41.79
N VAL B 1432 -41.19 -21.31 -41.94
CA VAL B 1432 -41.27 -22.76 -41.88
C VAL B 1432 -40.19 -23.40 -42.73
N THR B 1433 -40.40 -23.40 -44.04
CA THR B 1433 -39.39 -23.90 -44.95
C THR B 1433 -37.98 -24.01 -44.34
N GLU B 1434 -37.32 -22.87 -44.13
CA GLU B 1434 -35.96 -22.85 -43.60
C GLU B 1434 -35.80 -23.65 -42.32
N THR B 1435 -36.48 -23.07 -41.36
CA THR B 1435 -36.63 -23.46 -39.98
C THR B 1435 -37.34 -24.77 -39.67
N GLN B 1436 -38.12 -25.33 -40.59
CA GLN B 1436 -38.78 -26.60 -40.29
C GLN B 1436 -39.48 -26.54 -38.94
N SER B 1437 -40.19 -25.45 -38.67
CA SER B 1437 -40.86 -25.19 -37.40
C SER B 1437 -42.29 -25.68 -37.24
N ARG B 1438 -42.54 -26.63 -36.35
CA ARG B 1438 -43.91 -27.11 -36.18
C ARG B 1438 -44.88 -25.99 -35.85
N PHE B 1439 -44.94 -25.54 -34.62
CA PHE B 1439 -45.74 -24.39 -34.27
C PHE B 1439 -46.04 -23.48 -35.43
N ALA B 1440 -45.07 -23.02 -36.17
CA ALA B 1440 -45.47 -22.18 -37.29
C ALA B 1440 -46.24 -23.05 -38.29
N ALA B 1441 -45.65 -24.16 -38.67
CA ALA B 1441 -46.31 -25.06 -39.59
C ALA B 1441 -47.75 -25.19 -39.20
N GLU B 1442 -48.07 -25.18 -37.92
CA GLU B 1442 -49.46 -25.34 -37.53
C GLU B 1442 -50.31 -24.14 -37.72
N ILE B 1443 -49.76 -22.96 -37.62
CA ILE B 1443 -50.58 -21.80 -37.78
C ILE B 1443 -50.99 -21.81 -39.22
N LEU B 1444 -50.13 -22.25 -40.11
CA LEU B 1444 -50.49 -22.25 -41.51
C LEU B 1444 -51.55 -23.27 -41.70
N ASN B 1445 -51.45 -24.43 -41.07
CA ASN B 1445 -52.53 -25.42 -41.21
C ASN B 1445 -53.92 -24.92 -40.88
N ASP B 1446 -54.01 -23.82 -40.16
CA ASP B 1446 -55.29 -23.32 -39.72
C ASP B 1446 -55.38 -21.82 -39.95
N TRP B 1447 -54.76 -21.39 -41.04
CA TRP B 1447 -54.65 -19.97 -41.36
C TRP B 1447 -55.92 -19.23 -41.08
N ALA B 1448 -56.94 -19.65 -41.82
CA ALA B 1448 -58.27 -19.08 -41.77
C ALA B 1448 -58.60 -18.55 -40.41
N ARG B 1449 -58.60 -19.42 -39.42
CA ARG B 1449 -58.98 -18.99 -38.11
C ARG B 1449 -57.84 -18.26 -37.45
N GLU B 1450 -56.63 -18.62 -37.84
CA GLU B 1450 -55.52 -18.03 -37.15
C GLU B 1450 -55.20 -16.62 -37.53
N VAL B 1451 -55.30 -16.28 -38.83
CA VAL B 1451 -54.98 -14.93 -39.29
C VAL B 1451 -55.68 -13.92 -38.44
N THR B 1452 -56.92 -14.26 -38.19
CA THR B 1452 -57.76 -13.59 -37.25
C THR B 1452 -57.04 -13.16 -35.99
N LYS B 1453 -55.91 -13.76 -35.64
CA LYS B 1453 -55.31 -13.41 -34.36
C LYS B 1453 -54.10 -12.50 -34.36
N PHE B 1454 -53.48 -12.30 -35.52
CA PHE B 1454 -52.38 -11.39 -35.61
C PHE B 1454 -52.84 -9.93 -35.40
N TRP B 1455 -51.93 -8.98 -35.57
CA TRP B 1455 -52.27 -7.59 -35.41
C TRP B 1455 -51.26 -6.94 -36.32
N GLN B 1456 -51.72 -6.08 -37.24
CA GLN B 1456 -50.82 -5.43 -38.16
C GLN B 1456 -50.42 -4.21 -37.39
N VAL B 1457 -49.13 -3.91 -37.29
CA VAL B 1457 -48.65 -2.79 -36.48
C VAL B 1457 -47.99 -1.95 -37.49
N VAL B 1458 -48.52 -0.72 -37.62
CA VAL B 1458 -48.17 0.21 -38.70
C VAL B 1458 -47.91 1.58 -38.21
N PRO B 1459 -46.74 2.05 -38.59
CA PRO B 1459 -46.25 3.34 -38.12
C PRO B 1459 -47.24 4.38 -38.56
N LYS B 1460 -47.48 5.37 -37.72
CA LYS B 1460 -48.41 6.44 -38.13
C LYS B 1460 -47.94 7.12 -39.40
N GLU B 1461 -46.81 7.79 -39.38
CA GLU B 1461 -46.28 8.40 -40.58
C GLU B 1461 -46.17 7.50 -41.81
N MET B 1462 -46.57 6.26 -41.77
CA MET B 1462 -46.41 5.56 -43.03
C MET B 1462 -47.75 5.31 -43.67
N LEU B 1463 -48.80 5.56 -42.89
CA LEU B 1463 -50.19 5.28 -43.23
C LEU B 1463 -50.56 5.77 -44.59
N ASN B 1464 -50.24 7.03 -44.82
CA ASN B 1464 -50.54 7.69 -46.06
C ASN B 1464 -49.43 7.57 -47.06
N ARG B 1465 -48.30 7.02 -46.71
CA ARG B 1465 -47.29 7.01 -47.75
C ARG B 1465 -47.38 5.67 -48.42
N LEU B 1466 -48.39 4.93 -48.08
CA LEU B 1466 -48.14 3.61 -48.48
C LEU B 1466 -48.86 3.07 -49.66
N GLU B 1467 -48.15 2.97 -50.76
CA GLU B 1467 -48.73 2.41 -51.97
C GLU B 1467 -50.06 1.74 -51.74
N VAL B 1468 -50.12 0.54 -51.17
CA VAL B 1468 -51.43 -0.07 -50.92
C VAL B 1468 -51.97 0.28 -49.55
N PRO B 1469 -52.97 1.14 -49.44
CA PRO B 1469 -53.48 1.51 -48.12
C PRO B 1469 -53.68 0.29 -47.27
N VAL B 1470 -53.72 0.48 -45.96
CA VAL B 1470 -53.79 -0.62 -45.05
C VAL B 1470 -55.19 -0.96 -44.67
N HIS B 1471 -56.09 -0.16 -45.22
CA HIS B 1471 -57.49 -0.21 -44.91
C HIS B 1471 -58.45 -0.43 -46.07
N LEU B 1472 -59.65 -0.92 -45.79
CA LEU B 1472 -60.63 -1.16 -46.85
C LEU B 1472 -60.38 -2.49 -47.57
#